data_5DT5
#
_entry.id   5DT5
#
_cell.length_a   110.073
_cell.length_b   104.599
_cell.length_c   199.186
_cell.angle_alpha   90.000
_cell.angle_beta   105.800
_cell.angle_gamma   90.000
#
_symmetry.space_group_name_H-M   'P 1 21 1'
#
loop_
_entity.id
_entity.type
_entity.pdbx_description
1 polymer Beta-glucosidase
2 non-polymer 'SULFATE ION'
3 water water
#
_entity_poly.entity_id   1
_entity_poly.type   'polypeptide(L)'
_entity_poly.pdbx_seq_one_letter_code
;MGSSHHHHHHSSGLVPRGSHMASMKFAPNFVFGTATSSYQIEGAHDEGGRTPSIWDTFCDTDGKVFEKHNGDVACDHYHR
FEEDIQHIKQLGVDTYRFSIAWPRIFPSKGQFNPEGMAFYKTLATRLQEEGIKPAVTLYHWDLPMWAHEEGGWVNRDSVD
WFLDFARVCFEELDGIVDSWITHNEPWCAGFLSYHLGQHAPGHTDMNEAVRAVHHMLLSHGKAVEMLKGEFNSATPIGIT
LNLAPKYAKTDSINDQIAMNNADGYANRWFLDPIFKGQYPVDMMNLFSKYVHTYDFIHAGDLATISTPCDFFGINFYSRN
LVEFSAASDFLHKDAYSDYDKTGMGWDIAPSEFKDLIRRLRAEYTDLPIYITENGAAFDDQLVDGKIHDQNRIDYVAQHL
QAVSDLNDEGMNIAGYYLWSLLDNFEWSFGYDKRFGIIYVDFDTQERIWKDSAHWYANVIQTHKAALPQEA
;
_entity_poly.pdbx_strand_id   A,B,C,D,E,F,G,H
#
loop_
_chem_comp.id
_chem_comp.type
_chem_comp.name
_chem_comp.formula
SO4 non-polymer 'SULFATE ION' 'O4 S -2'
#
# COMPACT_ATOMS: atom_id res chain seq x y z
N LYS A 25 -2.93 -34.93 3.92
CA LYS A 25 -1.51 -34.96 3.45
C LYS A 25 -0.71 -33.89 4.21
N PHE A 26 0.53 -34.21 4.57
CA PHE A 26 1.44 -33.26 5.24
C PHE A 26 2.82 -33.27 4.59
N ALA A 27 3.51 -32.14 4.70
CA ALA A 27 4.85 -31.98 4.12
C ALA A 27 5.88 -32.87 4.84
N PRO A 28 7.05 -33.12 4.21
CA PRO A 28 8.04 -33.99 4.86
C PRO A 28 8.67 -33.42 6.14
N ASN A 29 8.78 -32.09 6.23
CA ASN A 29 9.31 -31.40 7.41
C ASN A 29 8.28 -31.10 8.50
N PHE A 30 7.05 -31.55 8.33
CA PHE A 30 5.99 -31.35 9.32
C PHE A 30 6.27 -32.17 10.57
N VAL A 31 6.14 -31.54 11.72
CA VAL A 31 6.45 -32.14 13.02
C VAL A 31 5.16 -32.57 13.73
N PHE A 32 5.00 -33.87 13.94
CA PHE A 32 3.96 -34.37 14.84
C PHE A 32 4.52 -34.44 16.26
N GLY A 33 3.65 -34.24 17.24
CA GLY A 33 4.07 -34.23 18.63
C GLY A 33 2.98 -34.49 19.63
N THR A 34 3.39 -34.60 20.88
CA THR A 34 2.48 -34.64 22.02
C THR A 34 3.10 -33.81 23.13
N ALA A 35 2.31 -33.54 24.17
CA ALA A 35 2.70 -32.55 25.16
C ALA A 35 2.12 -32.80 26.56
N THR A 36 2.82 -32.27 27.55
CA THR A 36 2.41 -32.30 28.96
C THR A 36 2.93 -31.06 29.67
N SER A 37 2.56 -30.91 30.94
CA SER A 37 3.19 -29.93 31.83
C SER A 37 3.54 -30.59 33.16
N SER A 38 4.49 -29.98 33.86
CA SER A 38 5.14 -30.58 35.02
C SER A 38 4.21 -30.86 36.19
N TYR A 39 3.46 -29.86 36.62
CA TYR A 39 2.56 -30.05 37.77
C TYR A 39 1.39 -30.99 37.48
N GLN A 40 1.01 -31.12 36.22
CA GLN A 40 -0.08 -31.98 35.83
C GLN A 40 0.27 -33.48 35.87
N ILE A 41 1.55 -33.82 35.65
CA ILE A 41 1.97 -35.23 35.57
C ILE A 41 2.98 -35.72 36.62
N GLU A 42 3.94 -34.87 37.00
CA GLU A 42 5.14 -35.32 37.73
C GLU A 42 4.83 -35.98 39.08
N GLY A 43 4.10 -35.26 39.92
CA GLY A 43 3.89 -35.67 41.30
C GLY A 43 5.19 -35.45 42.06
N ALA A 44 5.46 -36.33 43.02
CA ALA A 44 6.68 -36.23 43.83
C ALA A 44 6.88 -34.77 44.27
N HIS A 45 5.82 -34.21 44.85
CA HIS A 45 5.66 -32.76 45.07
C HIS A 45 6.59 -32.17 46.13
N ASP A 46 6.98 -33.00 47.10
CA ASP A 46 7.91 -32.61 48.17
C ASP A 46 9.19 -33.46 48.13
N GLU A 47 9.50 -34.01 46.95
CA GLU A 47 10.68 -34.85 46.74
C GLU A 47 11.63 -34.18 45.77
N GLY A 48 12.90 -34.57 45.85
CA GLY A 48 13.96 -34.01 45.01
C GLY A 48 14.27 -32.55 45.30
N GLY A 49 14.02 -32.13 46.55
CA GLY A 49 14.21 -30.74 46.96
C GLY A 49 13.10 -29.76 46.57
N ARG A 50 12.01 -30.26 46.00
CA ARG A 50 10.92 -29.41 45.53
C ARG A 50 10.17 -28.81 46.71
N THR A 51 9.85 -27.52 46.58
CA THR A 51 9.02 -26.80 47.55
C THR A 51 7.67 -26.44 46.90
N PRO A 52 6.66 -26.05 47.71
CA PRO A 52 5.33 -25.83 47.13
C PRO A 52 5.23 -24.67 46.13
N SER A 53 4.43 -24.88 45.09
CA SER A 53 4.07 -23.83 44.12
C SER A 53 2.71 -23.26 44.51
N ILE A 54 2.34 -22.15 43.86
CA ILE A 54 0.99 -21.55 44.05
C ILE A 54 -0.14 -22.57 43.88
N TRP A 55 0.02 -23.50 42.92
CA TRP A 55 -0.98 -24.52 42.67
C TRP A 55 -1.13 -25.58 43.78
N ASP A 56 -0.06 -25.85 44.54
CA ASP A 56 -0.14 -26.71 45.71
C ASP A 56 -1.04 -26.10 46.78
N THR A 57 -0.78 -24.83 47.08
CA THR A 57 -1.57 -24.09 48.08
C THR A 57 -2.99 -23.82 47.61
N PHE A 58 -3.17 -23.54 46.32
CA PHE A 58 -4.49 -23.38 45.70
C PHE A 58 -5.37 -24.65 45.75
N CYS A 59 -4.79 -25.81 45.44
CA CYS A 59 -5.48 -27.10 45.58
C CYS A 59 -5.98 -27.38 47.01
N ASP A 60 -5.20 -26.93 47.99
CA ASP A 60 -5.56 -27.06 49.41
C ASP A 60 -6.55 -26.01 49.92
N THR A 61 -6.74 -24.94 49.15
CA THR A 61 -7.69 -23.90 49.48
C THR A 61 -9.11 -24.39 49.16
N ASP A 62 -10.02 -24.16 50.10
CA ASP A 62 -11.39 -24.69 50.04
C ASP A 62 -12.20 -24.07 48.90
N GLY A 63 -12.77 -24.92 48.05
CA GLY A 63 -13.68 -24.51 46.99
C GLY A 63 -13.05 -24.05 45.69
N LYS A 64 -11.73 -24.23 45.55
CA LYS A 64 -10.96 -23.79 44.37
C LYS A 64 -10.77 -24.87 43.30
N VAL A 65 -10.55 -26.11 43.75
CA VAL A 65 -10.29 -27.24 42.85
C VAL A 65 -11.30 -28.36 43.15
N PHE A 66 -11.68 -29.09 42.10
CA PHE A 66 -12.68 -30.16 42.18
C PHE A 66 -12.36 -31.20 43.26
N GLU A 67 -13.21 -31.24 44.30
CA GLU A 67 -13.12 -32.22 45.41
C GLU A 67 -11.74 -32.26 46.09
N LYS A 68 -11.14 -31.09 46.27
CA LYS A 68 -9.81 -30.95 46.91
C LYS A 68 -8.66 -31.72 46.23
N HIS A 69 -8.82 -32.08 44.96
CA HIS A 69 -7.79 -32.85 44.25
C HIS A 69 -6.54 -32.00 44.08
N ASN A 70 -5.39 -32.68 44.02
CA ASN A 70 -4.09 -32.01 43.91
C ASN A 70 -3.11 -32.79 43.04
N GLY A 71 -1.93 -32.22 42.83
CA GLY A 71 -0.86 -32.86 42.05
C GLY A 71 0.25 -33.47 42.88
N ASP A 72 -0.06 -33.92 44.10
CA ASP A 72 0.91 -34.57 45.00
C ASP A 72 1.51 -35.81 44.35
N VAL A 73 0.63 -36.68 43.88
CA VAL A 73 1.01 -37.93 43.19
C VAL A 73 0.86 -37.76 41.67
N ALA A 74 -0.32 -37.30 41.25
CA ALA A 74 -0.62 -37.09 39.82
C ALA A 74 -0.40 -38.38 39.03
N CYS A 75 0.32 -38.32 37.90
CA CYS A 75 0.66 -39.49 37.11
C CYS A 75 1.98 -40.14 37.54
N ASP A 76 2.60 -39.63 38.62
CA ASP A 76 3.81 -40.22 39.20
C ASP A 76 4.93 -40.31 38.14
N HIS A 77 5.00 -39.29 37.29
CA HIS A 77 5.91 -39.26 36.14
C HIS A 77 7.36 -38.98 36.55
N TYR A 78 7.57 -38.30 37.67
CA TYR A 78 8.92 -38.02 38.19
C TYR A 78 9.69 -39.31 38.46
N HIS A 79 8.98 -40.32 38.98
CA HIS A 79 9.52 -41.65 39.21
C HIS A 79 9.44 -42.55 37.97
N ARG A 80 8.30 -42.48 37.26
CA ARG A 80 8.03 -43.36 36.11
C ARG A 80 8.32 -42.73 34.75
N PHE A 81 9.29 -41.81 34.69
CA PHE A 81 9.59 -41.10 33.43
C PHE A 81 10.09 -42.02 32.31
N GLU A 82 10.77 -43.10 32.67
CA GLU A 82 11.31 -44.05 31.69
C GLU A 82 10.22 -44.83 30.97
N GLU A 83 9.23 -45.30 31.72
CA GLU A 83 8.05 -45.97 31.15
C GLU A 83 7.28 -45.05 30.20
N ASP A 84 7.13 -43.79 30.58
CA ASP A 84 6.47 -42.78 29.73
C ASP A 84 7.27 -42.42 28.48
N ILE A 85 8.61 -42.42 28.58
CA ILE A 85 9.48 -42.26 27.40
C ILE A 85 9.27 -43.36 26.37
N GLN A 86 9.07 -44.59 26.84
CA GLN A 86 8.80 -45.72 25.94
C GLN A 86 7.47 -45.55 25.22
N HIS A 87 6.43 -45.17 25.98
CA HIS A 87 5.12 -44.82 25.40
C HIS A 87 5.21 -43.73 24.32
N ILE A 88 6.07 -42.73 24.56
CA ILE A 88 6.31 -41.64 23.59
C ILE A 88 7.04 -42.18 22.37
N LYS A 89 8.13 -42.91 22.60
CA LYS A 89 8.86 -43.63 21.55
C LYS A 89 7.94 -44.56 20.71
N GLN A 90 6.99 -45.21 21.39
CA GLN A 90 6.03 -46.12 20.72
C GLN A 90 5.02 -45.38 19.83
N LEU A 91 4.58 -44.20 20.26
CA LEU A 91 3.72 -43.33 19.43
C LEU A 91 4.39 -42.86 18.13
N GLY A 92 5.71 -42.76 18.14
CA GLY A 92 6.48 -42.37 16.96
C GLY A 92 6.50 -40.86 16.70
N VAL A 93 6.18 -40.07 17.73
CA VAL A 93 6.19 -38.61 17.62
C VAL A 93 7.60 -38.05 17.40
N ASP A 94 7.69 -37.04 16.54
CA ASP A 94 8.95 -36.36 16.24
C ASP A 94 9.43 -35.53 17.43
N THR A 95 8.48 -34.98 18.18
CA THR A 95 8.79 -34.04 19.28
C THR A 95 7.91 -34.35 20.49
N TYR A 96 8.50 -34.23 21.69
CA TYR A 96 7.76 -34.28 22.95
C TYR A 96 7.92 -32.95 23.66
N ARG A 97 6.79 -32.32 23.99
CA ARG A 97 6.80 -31.04 24.71
C ARG A 97 6.51 -31.28 26.19
N PHE A 98 7.39 -30.77 27.04
CA PHE A 98 7.19 -30.79 28.49
C PHE A 98 7.63 -29.48 29.10
N SER A 99 7.17 -29.24 30.32
CA SER A 99 7.53 -28.04 31.07
C SER A 99 8.50 -28.32 32.23
N ILE A 100 9.27 -27.30 32.62
CA ILE A 100 10.19 -27.39 33.76
C ILE A 100 9.53 -26.79 35.00
N ALA A 101 9.59 -27.53 36.10
CA ALA A 101 9.08 -27.07 37.39
C ALA A 101 10.06 -26.09 38.05
N TRP A 102 9.71 -24.81 38.03
CA TRP A 102 10.47 -23.74 38.69
C TRP A 102 10.80 -24.07 40.17
N PRO A 103 9.80 -24.57 40.95
CA PRO A 103 10.12 -24.87 42.36
C PRO A 103 11.05 -26.08 42.61
N ARG A 104 11.32 -26.89 41.59
CA ARG A 104 12.42 -27.88 41.63
C ARG A 104 13.79 -27.27 41.38
N ILE A 105 13.84 -26.22 40.55
CA ILE A 105 15.11 -25.59 40.15
C ILE A 105 15.51 -24.50 41.12
N PHE A 106 14.55 -23.68 41.53
CA PHE A 106 14.76 -22.66 42.57
C PHE A 106 13.73 -22.85 43.67
N PRO A 107 13.90 -23.87 44.53
CA PRO A 107 12.99 -24.10 45.67
C PRO A 107 12.95 -22.97 46.70
N SER A 108 14.04 -22.19 46.79
CA SER A 108 14.06 -20.93 47.52
C SER A 108 14.68 -19.88 46.62
N LYS A 109 14.45 -18.61 46.95
CA LYS A 109 14.99 -17.50 46.17
C LYS A 109 16.52 -17.52 46.22
N GLY A 110 17.15 -17.48 45.05
CA GLY A 110 18.61 -17.46 44.93
C GLY A 110 19.35 -18.75 45.26
N GLN A 111 18.61 -19.84 45.53
CA GLN A 111 19.21 -21.11 45.94
C GLN A 111 18.95 -22.20 44.90
N PHE A 112 19.94 -22.39 44.02
CA PHE A 112 19.87 -23.39 42.97
C PHE A 112 19.86 -24.80 43.57
N ASN A 113 19.00 -25.65 43.01
CA ASN A 113 18.85 -27.05 43.44
C ASN A 113 19.28 -28.01 42.32
N PRO A 114 20.57 -28.43 42.31
CA PRO A 114 21.08 -29.23 41.18
C PRO A 114 20.44 -30.60 40.98
N GLU A 115 19.88 -31.18 42.05
CA GLU A 115 19.13 -32.43 41.94
C GLU A 115 17.91 -32.28 41.02
N GLY A 116 17.23 -31.14 41.14
CA GLY A 116 16.09 -30.82 40.29
C GLY A 116 16.45 -30.69 38.83
N MET A 117 17.53 -29.96 38.56
CA MET A 117 18.04 -29.76 37.19
C MET A 117 18.53 -31.07 36.54
N ALA A 118 19.07 -31.97 37.36
CA ALA A 118 19.55 -33.27 36.87
C ALA A 118 18.44 -34.08 36.23
N PHE A 119 17.28 -34.12 36.91
CA PHE A 119 16.10 -34.83 36.42
C PHE A 119 15.70 -34.43 35.01
N TYR A 120 15.67 -33.12 34.75
CA TYR A 120 15.36 -32.60 33.41
C TYR A 120 16.49 -32.83 32.41
N LYS A 121 17.73 -32.67 32.87
CA LYS A 121 18.90 -32.97 32.04
C LYS A 121 18.92 -34.45 31.61
N THR A 122 18.59 -35.34 32.54
CA THR A 122 18.45 -36.76 32.25
C THR A 122 17.27 -37.04 31.32
N LEU A 123 16.13 -36.39 31.59
CA LEU A 123 14.93 -36.53 30.75
C LEU A 123 15.17 -36.10 29.30
N ALA A 124 15.86 -34.96 29.13
CA ALA A 124 16.18 -34.44 27.79
C ALA A 124 17.21 -35.30 27.05
N THR A 125 18.21 -35.79 27.79
CA THR A 125 19.26 -36.65 27.24
C THR A 125 18.71 -37.99 26.78
N ARG A 126 17.84 -38.59 27.61
CA ARG A 126 17.16 -39.85 27.26
C ARG A 126 16.23 -39.72 26.04
N LEU A 127 15.52 -38.60 25.91
CA LEU A 127 14.67 -38.34 24.73
C LEU A 127 15.50 -38.22 23.45
N GLN A 128 16.61 -37.50 23.54
CA GLN A 128 17.58 -37.36 22.44
C GLN A 128 18.15 -38.71 21.99
N GLU A 129 18.56 -39.54 22.96
CA GLU A 129 19.01 -40.92 22.72
C GLU A 129 18.00 -41.73 21.90
N GLU A 130 16.72 -41.53 22.19
CA GLU A 130 15.62 -42.24 21.50
C GLU A 130 15.15 -41.56 20.18
N GLY A 131 15.89 -40.57 19.70
CA GLY A 131 15.53 -39.83 18.48
C GLY A 131 14.33 -38.90 18.61
N ILE A 132 14.04 -38.45 19.83
CA ILE A 132 12.89 -37.58 20.11
C ILE A 132 13.38 -36.17 20.43
N LYS A 133 12.86 -35.19 19.68
CA LYS A 133 13.23 -33.78 19.88
C LYS A 133 12.57 -33.24 21.15
N PRO A 134 13.36 -32.74 22.12
CA PRO A 134 12.74 -32.16 23.31
C PRO A 134 12.37 -30.68 23.14
N ALA A 135 11.08 -30.37 23.28
CA ALA A 135 10.56 -29.01 23.21
C ALA A 135 10.17 -28.56 24.62
N VAL A 136 10.89 -27.58 25.15
CA VAL A 136 10.81 -27.28 26.60
C VAL A 136 10.08 -25.97 26.90
N THR A 137 9.03 -26.07 27.72
CA THR A 137 8.28 -24.92 28.22
C THR A 137 8.87 -24.48 29.55
N LEU A 138 9.32 -23.23 29.63
CA LEU A 138 9.91 -22.71 30.87
C LEU A 138 8.85 -22.45 31.94
N TYR A 139 7.80 -21.72 31.58
CA TYR A 139 6.73 -21.39 32.54
C TYR A 139 5.38 -21.98 32.14
N HIS A 140 4.90 -22.95 32.92
CA HIS A 140 3.57 -23.54 32.76
C HIS A 140 2.80 -23.49 34.09
N TRP A 141 2.83 -22.30 34.70
CA TRP A 141 1.94 -21.87 35.79
C TRP A 141 2.37 -22.22 37.22
N ASP A 142 3.47 -22.95 37.36
CA ASP A 142 3.90 -23.43 38.69
C ASP A 142 4.90 -22.45 39.32
N LEU A 143 4.40 -21.27 39.66
CA LEU A 143 5.17 -20.24 40.35
C LEU A 143 5.51 -20.70 41.77
N PRO A 144 6.78 -20.51 42.21
CA PRO A 144 7.13 -20.91 43.59
C PRO A 144 6.44 -20.06 44.64
N MET A 145 6.15 -20.66 45.80
CA MET A 145 5.46 -19.93 46.88
C MET A 145 6.26 -18.75 47.43
N TRP A 146 7.59 -18.86 47.45
CA TRP A 146 8.45 -17.73 47.82
C TRP A 146 8.30 -16.51 46.90
N ALA A 147 7.99 -16.75 45.62
CA ALA A 147 7.76 -15.67 44.65
C ALA A 147 6.41 -15.03 44.90
N HIS A 148 5.38 -15.86 45.05
CA HIS A 148 4.03 -15.41 45.42
C HIS A 148 4.00 -14.51 46.64
N GLU A 149 4.76 -14.88 47.67
CA GLU A 149 4.82 -14.14 48.94
C GLU A 149 5.45 -12.75 48.84
N GLU A 150 6.24 -12.51 47.79
CA GLU A 150 6.74 -11.16 47.45
C GLU A 150 5.85 -10.42 46.43
N GLY A 151 4.63 -10.91 46.22
CA GLY A 151 3.68 -10.30 45.27
C GLY A 151 3.45 -11.10 43.99
N GLY A 152 4.35 -12.05 43.70
CA GLY A 152 4.24 -12.88 42.52
C GLY A 152 4.48 -12.08 41.25
N TRP A 153 3.70 -12.37 40.22
CA TRP A 153 3.81 -11.67 38.93
C TRP A 153 3.37 -10.20 38.97
N VAL A 154 2.63 -9.81 40.02
CA VAL A 154 2.21 -8.41 40.22
C VAL A 154 3.42 -7.51 40.48
N ASN A 155 4.44 -8.08 41.11
CA ASN A 155 5.71 -7.41 41.35
C ASN A 155 6.59 -7.44 40.10
N ARG A 156 7.18 -6.30 39.76
CA ARG A 156 8.11 -6.19 38.61
C ARG A 156 9.39 -7.02 38.81
N ASP A 157 9.78 -7.24 40.05
CA ASP A 157 10.90 -8.14 40.39
C ASP A 157 10.77 -9.54 39.78
N SER A 158 9.53 -10.01 39.62
CA SER A 158 9.23 -11.29 38.95
C SER A 158 9.86 -11.48 37.58
N VAL A 159 10.14 -10.38 36.89
CA VAL A 159 10.91 -10.42 35.63
C VAL A 159 12.33 -10.96 35.91
N ASP A 160 12.98 -10.43 36.94
CA ASP A 160 14.36 -10.82 37.30
C ASP A 160 14.47 -12.20 37.95
N TRP A 161 13.45 -12.61 38.69
CA TRP A 161 13.41 -13.96 39.28
C TRP A 161 13.29 -15.01 38.19
N PHE A 162 12.38 -14.76 37.25
CA PHE A 162 12.21 -15.62 36.08
C PHE A 162 13.45 -15.68 35.18
N LEU A 163 14.19 -14.58 35.07
CA LEU A 163 15.42 -14.56 34.28
C LEU A 163 16.54 -15.41 34.89
N ASP A 164 16.63 -15.40 36.23
CA ASP A 164 17.56 -16.28 36.94
C ASP A 164 17.22 -17.76 36.72
N PHE A 165 15.92 -18.05 36.70
CA PHE A 165 15.42 -19.38 36.38
C PHE A 165 15.74 -19.78 34.95
N ALA A 166 15.51 -18.87 34.01
CA ALA A 166 15.75 -19.16 32.59
C ALA A 166 17.24 -19.34 32.28
N ARG A 167 18.08 -18.48 32.85
CA ARG A 167 19.54 -18.51 32.69
C ARG A 167 20.12 -19.88 33.04
N VAL A 168 19.73 -20.37 34.21
CA VAL A 168 20.13 -21.67 34.71
C VAL A 168 19.65 -22.83 33.82
N CYS A 169 18.45 -22.69 33.26
CA CYS A 169 17.92 -23.66 32.29
C CYS A 169 18.67 -23.60 30.95
N PHE A 170 18.97 -22.40 30.46
CA PHE A 170 19.74 -22.25 29.21
C PHE A 170 21.16 -22.80 29.35
N GLU A 171 21.84 -22.39 30.41
CA GLU A 171 23.22 -22.81 30.70
C GLU A 171 23.40 -24.34 30.71
N GLU A 172 22.45 -25.04 31.35
CA GLU A 172 22.53 -26.50 31.55
C GLU A 172 21.87 -27.36 30.45
N LEU A 173 20.89 -26.81 29.74
CA LEU A 173 20.07 -27.61 28.80
C LEU A 173 20.05 -27.21 27.32
N ASP A 174 20.62 -26.06 26.95
CA ASP A 174 20.55 -25.55 25.57
C ASP A 174 21.27 -26.44 24.52
N GLY A 175 22.28 -27.19 24.95
CA GLY A 175 22.94 -28.18 24.10
C GLY A 175 22.09 -29.41 23.78
N ILE A 176 21.15 -29.72 24.67
CA ILE A 176 20.27 -30.89 24.55
C ILE A 176 18.94 -30.51 23.91
N VAL A 177 18.33 -29.43 24.40
CA VAL A 177 16.98 -29.00 23.99
C VAL A 177 16.92 -28.54 22.53
N ASP A 178 15.81 -28.90 21.88
CA ASP A 178 15.59 -28.61 20.46
C ASP A 178 14.88 -27.28 20.21
N SER A 179 13.92 -26.96 21.08
CA SER A 179 13.22 -25.68 21.03
C SER A 179 12.81 -25.23 22.42
N TRP A 180 12.77 -23.91 22.62
CA TRP A 180 12.36 -23.29 23.88
C TRP A 180 11.02 -22.57 23.72
N ILE A 181 10.12 -22.79 24.68
CA ILE A 181 8.90 -22.00 24.82
C ILE A 181 8.99 -21.29 26.16
N THR A 182 9.01 -19.95 26.14
CA THR A 182 9.18 -19.15 27.35
C THR A 182 7.96 -19.23 28.26
N HIS A 183 6.80 -18.90 27.69
CA HIS A 183 5.56 -18.85 28.46
C HIS A 183 4.47 -19.63 27.76
N ASN A 184 3.71 -20.36 28.56
CA ASN A 184 2.50 -21.02 28.12
C ASN A 184 1.30 -20.23 28.60
N GLU A 185 0.46 -19.79 27.66
CA GLU A 185 -0.85 -19.18 27.95
C GLU A 185 -0.81 -18.12 29.06
N PRO A 186 -0.18 -16.95 28.79
CA PRO A 186 -0.22 -15.85 29.75
C PRO A 186 -1.63 -15.30 30.09
N TRP A 187 -2.62 -15.57 29.24
CA TRP A 187 -4.03 -15.25 29.56
C TRP A 187 -4.55 -16.07 30.75
N CYS A 188 -4.23 -17.36 30.76
CA CYS A 188 -4.59 -18.23 31.89
C CYS A 188 -3.86 -17.80 33.14
N ALA A 189 -2.53 -17.80 33.06
CA ALA A 189 -1.67 -17.40 34.18
C ALA A 189 -1.92 -15.97 34.67
N GLY A 190 -2.38 -15.09 33.77
CA GLY A 190 -2.63 -13.69 34.09
C GLY A 190 -4.08 -13.41 34.42
N PHE A 191 -4.92 -13.35 33.38
CA PHE A 191 -6.33 -12.97 33.55
C PHE A 191 -7.15 -14.03 34.29
N LEU A 192 -7.07 -15.28 33.85
CA LEU A 192 -7.84 -16.34 34.49
C LEU A 192 -7.44 -16.56 35.95
N SER A 193 -6.17 -16.26 36.28
CA SER A 193 -5.64 -16.40 37.65
C SER A 193 -5.79 -15.18 38.55
N TYR A 194 -5.55 -13.99 38.01
CA TYR A 194 -5.58 -12.74 38.80
C TYR A 194 -6.83 -11.88 38.66
N HIS A 195 -7.59 -12.07 37.59
CA HIS A 195 -8.83 -11.32 37.37
C HIS A 195 -10.08 -12.16 37.63
N LEU A 196 -10.15 -13.35 37.01
CA LEU A 196 -11.33 -14.20 37.12
C LEU A 196 -11.31 -15.18 38.31
N GLY A 197 -10.16 -15.30 38.97
CA GLY A 197 -10.03 -16.10 40.19
C GLY A 197 -10.18 -17.61 40.04
N GLN A 198 -10.08 -18.11 38.81
CA GLN A 198 -10.33 -19.52 38.53
C GLN A 198 -9.07 -20.36 38.69
N HIS A 199 -7.92 -19.78 38.38
CA HIS A 199 -6.62 -20.47 38.50
C HIS A 199 -5.78 -19.79 39.56
N ALA A 200 -4.68 -20.44 39.93
CA ALA A 200 -3.84 -19.99 41.04
C ALA A 200 -3.09 -18.70 40.68
N PRO A 201 -3.00 -17.72 41.58
CA PRO A 201 -3.40 -17.81 43.00
C PRO A 201 -4.88 -17.52 43.33
N GLY A 202 -5.70 -17.27 42.32
CA GLY A 202 -7.15 -17.15 42.52
C GLY A 202 -7.61 -15.79 43.00
N HIS A 203 -6.96 -14.73 42.52
CA HIS A 203 -7.30 -13.36 42.86
C HIS A 203 -8.36 -12.85 41.89
N THR A 204 -9.05 -11.78 42.30
CA THR A 204 -10.09 -11.15 41.47
C THR A 204 -9.87 -9.64 41.48
N ASP A 205 -8.89 -9.21 40.71
CA ASP A 205 -8.40 -7.83 40.69
C ASP A 205 -7.80 -7.57 39.31
N MET A 206 -8.45 -6.72 38.52
CA MET A 206 -8.02 -6.41 37.15
C MET A 206 -6.67 -5.68 37.13
N ASN A 207 -6.40 -4.86 38.14
CA ASN A 207 -5.14 -4.13 38.23
C ASN A 207 -3.93 -5.07 38.40
N GLU A 208 -4.03 -6.00 39.35
CA GLU A 208 -3.04 -7.08 39.51
C GLU A 208 -2.87 -7.90 38.24
N ALA A 209 -3.99 -8.18 37.56
CA ALA A 209 -4.01 -8.99 36.38
C ALA A 209 -3.22 -8.42 35.20
N VAL A 210 -3.43 -7.14 34.88
CA VAL A 210 -2.69 -6.47 33.79
C VAL A 210 -1.20 -6.29 34.10
N ARG A 211 -0.89 -6.05 35.38
CA ARG A 211 0.50 -6.02 35.85
C ARG A 211 1.18 -7.39 35.78
N ALA A 212 0.42 -8.44 36.08
CA ALA A 212 0.91 -9.82 35.98
C ALA A 212 1.22 -10.19 34.53
N VAL A 213 0.28 -9.88 33.65
CA VAL A 213 0.41 -10.13 32.22
C VAL A 213 1.61 -9.42 31.63
N HIS A 214 1.75 -8.13 31.96
CA HIS A 214 2.87 -7.33 31.48
C HIS A 214 4.24 -7.86 31.90
N HIS A 215 4.34 -8.34 33.13
CA HIS A 215 5.61 -8.85 33.66
C HIS A 215 5.97 -10.22 33.09
N MET A 216 4.96 -11.04 32.81
CA MET A 216 5.13 -12.29 32.06
C MET A 216 5.61 -12.04 30.63
N LEU A 217 4.97 -11.08 29.95
CA LEU A 217 5.34 -10.75 28.56
C LEU A 217 6.73 -10.14 28.49
N LEU A 218 7.05 -9.26 29.42
CA LEU A 218 8.37 -8.67 29.54
C LEU A 218 9.46 -9.72 29.86
N SER A 219 9.13 -10.65 30.75
CA SER A 219 10.04 -11.75 31.09
C SER A 219 10.28 -12.66 29.88
N HIS A 220 9.25 -12.85 29.05
CA HIS A 220 9.40 -13.51 27.75
C HIS A 220 10.49 -12.88 26.90
N GLY A 221 10.38 -11.58 26.68
CA GLY A 221 11.29 -10.85 25.79
C GLY A 221 12.71 -10.71 26.32
N LYS A 222 12.84 -10.55 27.63
CA LYS A 222 14.14 -10.54 28.28
C LYS A 222 14.85 -11.89 28.18
N ALA A 223 14.05 -12.96 28.21
CA ALA A 223 14.57 -14.33 28.09
C ALA A 223 15.03 -14.63 26.67
N VAL A 224 14.26 -14.20 25.68
CA VAL A 224 14.63 -14.33 24.26
C VAL A 224 15.94 -13.59 23.99
N GLU A 225 15.99 -12.34 24.43
CA GLU A 225 17.21 -11.50 24.33
C GLU A 225 18.44 -12.14 25.00
N MET A 226 18.24 -12.73 26.17
CA MET A 226 19.30 -13.41 26.92
C MET A 226 19.86 -14.61 26.15
N LEU A 227 18.98 -15.43 25.59
CA LEU A 227 19.38 -16.59 24.78
C LEU A 227 20.20 -16.19 23.55
N LYS A 228 19.68 -15.24 22.79
CA LYS A 228 20.31 -14.78 21.54
C LYS A 228 21.50 -13.84 21.70
N GLY A 229 21.59 -13.18 22.86
CA GLY A 229 22.64 -12.17 23.11
C GLY A 229 23.76 -12.70 23.98
N GLU A 230 23.42 -13.08 25.20
CA GLU A 230 24.40 -13.55 26.19
C GLU A 230 24.94 -14.95 25.87
N PHE A 231 24.03 -15.88 25.64
CA PHE A 231 24.38 -17.26 25.32
C PHE A 231 24.73 -17.48 23.84
N ASN A 232 24.50 -16.47 23.00
CA ASN A 232 24.83 -16.52 21.56
C ASN A 232 24.23 -17.75 20.85
N SER A 233 23.04 -18.15 21.29
CA SER A 233 22.41 -19.41 20.85
C SER A 233 21.39 -19.18 19.74
N ALA A 234 21.41 -20.09 18.77
CA ALA A 234 20.47 -20.11 17.65
C ALA A 234 19.35 -21.14 17.84
N THR A 235 19.22 -21.67 19.06
CA THR A 235 18.13 -22.57 19.39
C THR A 235 16.81 -21.82 19.21
N PRO A 236 15.86 -22.39 18.44
CA PRO A 236 14.57 -21.70 18.24
C PRO A 236 13.84 -21.41 19.55
N ILE A 237 13.41 -20.17 19.72
CA ILE A 237 12.68 -19.75 20.91
C ILE A 237 11.42 -18.95 20.51
N GLY A 238 10.39 -19.06 21.34
CA GLY A 238 9.14 -18.32 21.11
C GLY A 238 8.22 -18.38 22.31
N ILE A 239 7.02 -17.82 22.14
CA ILE A 239 5.96 -17.86 23.14
C ILE A 239 4.81 -18.72 22.65
N THR A 240 4.02 -19.23 23.59
CA THR A 240 2.76 -19.89 23.29
C THR A 240 1.62 -19.06 23.91
N LEU A 241 0.66 -18.68 23.07
CA LEU A 241 -0.59 -18.06 23.52
C LEU A 241 -1.76 -18.98 23.24
N ASN A 242 -2.70 -19.06 24.17
CA ASN A 242 -4.00 -19.66 23.86
C ASN A 242 -4.88 -18.62 23.18
N LEU A 243 -5.46 -19.01 22.05
CA LEU A 243 -6.27 -18.12 21.22
C LEU A 243 -7.63 -18.76 20.98
N ALA A 244 -8.68 -17.98 21.24
CA ALA A 244 -10.03 -18.41 21.04
C ALA A 244 -10.72 -17.34 20.19
N PRO A 245 -11.00 -17.63 18.91
CA PRO A 245 -11.65 -16.59 18.08
C PRO A 245 -13.07 -16.29 18.54
N LYS A 246 -13.48 -15.05 18.37
CA LYS A 246 -14.74 -14.56 18.92
C LYS A 246 -15.69 -14.15 17.80
N TYR A 247 -16.96 -14.54 17.94
CA TYR A 247 -17.97 -14.28 16.91
C TYR A 247 -19.21 -13.64 17.52
N ALA A 248 -19.79 -12.71 16.75
CA ALA A 248 -20.98 -11.99 17.18
C ALA A 248 -22.22 -12.84 16.89
N LYS A 249 -23.16 -12.87 17.84
CA LYS A 249 -24.41 -13.62 17.67
C LYS A 249 -25.27 -13.05 16.55
N THR A 250 -25.34 -11.72 16.47
CA THR A 250 -26.05 -11.02 15.41
C THR A 250 -25.11 -9.97 14.78
N ASP A 251 -25.60 -9.26 13.77
CA ASP A 251 -24.82 -8.21 13.09
C ASP A 251 -25.11 -6.78 13.59
N SER A 252 -25.80 -6.66 14.72
CA SER A 252 -26.06 -5.39 15.36
C SER A 252 -24.78 -4.78 15.93
N ILE A 253 -24.80 -3.47 16.11
CA ILE A 253 -23.61 -2.72 16.54
C ILE A 253 -23.16 -3.18 17.93
N ASN A 254 -24.14 -3.35 18.81
CA ASN A 254 -23.94 -3.87 20.15
C ASN A 254 -23.16 -5.20 20.16
N ASP A 255 -23.62 -6.17 19.38
CA ASP A 255 -22.97 -7.48 19.29
C ASP A 255 -21.58 -7.42 18.64
N GLN A 256 -21.34 -6.43 17.76
CA GLN A 256 -20.00 -6.16 17.23
C GLN A 256 -19.04 -5.63 18.31
N ILE A 257 -19.56 -4.78 19.19
CA ILE A 257 -18.76 -4.27 20.31
C ILE A 257 -18.43 -5.42 21.28
N ALA A 258 -19.39 -6.30 21.50
CA ALA A 258 -19.22 -7.49 22.33
C ALA A 258 -18.13 -8.39 21.81
N MET A 259 -18.16 -8.67 20.51
CA MET A 259 -17.13 -9.49 19.83
C MET A 259 -15.77 -8.85 19.96
N ASN A 260 -15.68 -7.58 19.56
CA ASN A 260 -14.44 -6.78 19.68
C ASN A 260 -13.79 -6.85 21.08
N ASN A 261 -14.61 -6.65 22.10
CA ASN A 261 -14.13 -6.62 23.48
C ASN A 261 -13.70 -7.98 24.01
N ALA A 262 -14.45 -9.02 23.64
CA ALA A 262 -14.08 -10.41 23.92
C ALA A 262 -12.78 -10.79 23.20
N ASP A 263 -12.65 -10.36 21.94
CA ASP A 263 -11.44 -10.61 21.16
C ASP A 263 -10.23 -9.92 21.78
N GLY A 264 -10.43 -8.67 22.22
CA GLY A 264 -9.37 -7.91 22.85
C GLY A 264 -8.92 -8.44 24.21
N TYR A 265 -9.90 -8.90 25.00
CA TYR A 265 -9.62 -9.46 26.32
C TYR A 265 -8.90 -10.82 26.24
N ALA A 266 -9.30 -11.65 25.27
CA ALA A 266 -8.71 -12.99 25.09
C ALA A 266 -7.48 -13.05 24.18
N ASN A 267 -7.45 -12.23 23.13
CA ASN A 267 -6.46 -12.37 22.04
C ASN A 267 -5.55 -11.15 21.81
N ARG A 268 -6.14 -10.00 21.48
CA ARG A 268 -5.35 -8.80 21.08
C ARG A 268 -4.54 -8.17 22.19
N TRP A 269 -5.01 -8.28 23.44
CA TRP A 269 -4.20 -7.86 24.59
C TRP A 269 -2.82 -8.55 24.67
N PHE A 270 -2.70 -9.73 24.06
CA PHE A 270 -1.45 -10.50 24.06
C PHE A 270 -0.76 -10.47 22.70
N LEU A 271 -1.54 -10.51 21.62
CA LEU A 271 -0.98 -10.45 20.25
C LEU A 271 -0.38 -9.11 19.88
N ASP A 272 -1.04 -8.01 20.28
CA ASP A 272 -0.56 -6.67 19.95
C ASP A 272 0.80 -6.33 20.57
N PRO A 273 0.99 -6.57 21.88
CA PRO A 273 2.33 -6.32 22.44
C PRO A 273 3.45 -7.22 21.89
N ILE A 274 3.10 -8.46 21.55
CA ILE A 274 4.07 -9.45 21.06
C ILE A 274 4.56 -9.16 19.63
N PHE A 275 3.64 -8.75 18.75
CA PHE A 275 3.95 -8.51 17.33
C PHE A 275 3.96 -7.05 16.88
N LYS A 276 3.21 -6.18 17.56
CA LYS A 276 3.17 -4.73 17.24
C LYS A 276 3.95 -3.84 18.22
N GLY A 277 4.31 -4.37 19.39
CA GLY A 277 4.94 -3.58 20.44
C GLY A 277 4.05 -2.49 21.02
N GLN A 278 2.75 -2.77 21.11
CA GLN A 278 1.80 -1.86 21.75
C GLN A 278 0.62 -2.60 22.35
N TYR A 279 -0.01 -2.02 23.37
CA TYR A 279 -1.29 -2.54 23.88
C TYR A 279 -2.45 -1.87 23.14
N PRO A 280 -3.54 -2.61 22.87
CA PRO A 280 -4.69 -2.03 22.18
C PRO A 280 -5.43 -1.02 23.05
N VAL A 281 -5.45 0.24 22.60
CA VAL A 281 -6.02 1.35 23.38
C VAL A 281 -7.50 1.19 23.70
N ASP A 282 -8.27 0.52 22.84
CA ASP A 282 -9.68 0.25 23.12
C ASP A 282 -9.86 -0.58 24.40
N MET A 283 -9.00 -1.58 24.59
CA MET A 283 -9.04 -2.41 25.80
C MET A 283 -8.50 -1.66 27.01
N MET A 284 -7.45 -0.87 26.83
CA MET A 284 -6.94 -0.01 27.91
C MET A 284 -8.05 0.91 28.45
N ASN A 285 -8.80 1.52 27.54
CA ASN A 285 -9.93 2.36 27.92
C ASN A 285 -11.04 1.59 28.61
N LEU A 286 -11.37 0.41 28.08
CA LEU A 286 -12.36 -0.45 28.69
C LEU A 286 -11.94 -0.93 30.08
N PHE A 287 -10.68 -1.30 30.24
CA PHE A 287 -10.13 -1.70 31.55
C PHE A 287 -9.98 -0.54 32.53
N SER A 288 -10.01 0.69 32.03
CA SER A 288 -9.90 1.89 32.88
C SER A 288 -10.99 2.04 33.95
N LYS A 289 -12.07 1.27 33.85
CA LYS A 289 -13.04 1.15 34.95
C LYS A 289 -12.43 0.56 36.21
N TYR A 290 -11.32 -0.18 36.07
CA TYR A 290 -10.55 -0.70 37.20
C TYR A 290 -9.11 -0.22 37.26
N VAL A 291 -8.49 -0.01 36.11
CA VAL A 291 -7.07 0.32 36.01
C VAL A 291 -6.92 1.82 35.72
N HIS A 292 -6.40 2.55 36.71
CA HIS A 292 -6.36 4.01 36.68
C HIS A 292 -4.96 4.60 36.53
N THR A 293 -4.00 3.74 36.18
CA THR A 293 -2.68 4.19 35.72
C THR A 293 -1.96 3.03 35.02
N TYR A 294 -1.28 3.35 33.92
CA TYR A 294 -0.48 2.39 33.15
C TYR A 294 1.03 2.70 33.23
N ASP A 295 1.45 3.35 34.31
CA ASP A 295 2.87 3.65 34.57
C ASP A 295 3.73 2.42 34.91
N PHE A 296 3.10 1.26 35.10
CA PHE A 296 3.82 -0.02 35.16
C PHE A 296 4.42 -0.44 33.80
N ILE A 297 3.89 0.09 32.70
CA ILE A 297 4.51 -0.05 31.39
C ILE A 297 5.63 0.99 31.28
N HIS A 298 6.85 0.58 31.65
CA HIS A 298 8.02 1.44 31.58
C HIS A 298 8.45 1.62 30.13
N ALA A 299 9.18 2.70 29.87
CA ALA A 299 9.76 2.95 28.55
C ALA A 299 10.80 1.86 28.28
N GLY A 300 10.78 1.35 27.05
CA GLY A 300 11.64 0.23 26.63
C GLY A 300 11.02 -1.15 26.77
N ASP A 301 9.92 -1.26 27.53
CA ASP A 301 9.28 -2.55 27.83
C ASP A 301 8.67 -3.19 26.61
N LEU A 302 7.84 -2.44 25.90
CA LEU A 302 7.15 -2.96 24.72
C LEU A 302 8.05 -3.33 23.53
N ALA A 303 9.19 -2.67 23.42
CA ALA A 303 10.23 -3.03 22.43
C ALA A 303 10.85 -4.40 22.78
N THR A 304 11.10 -4.61 24.07
CA THR A 304 11.63 -5.88 24.59
C THR A 304 10.60 -7.01 24.44
N ILE A 305 9.35 -6.74 24.81
CA ILE A 305 8.24 -7.69 24.65
C ILE A 305 8.08 -8.19 23.21
N SER A 306 8.28 -7.27 22.24
CA SER A 306 8.13 -7.56 20.82
C SER A 306 9.44 -7.98 20.12
N THR A 307 10.44 -8.43 20.89
CA THR A 307 11.71 -8.88 20.32
C THR A 307 11.46 -10.03 19.35
N PRO A 308 12.16 -10.05 18.18
CA PRO A 308 11.81 -11.07 17.18
C PRO A 308 12.08 -12.51 17.65
N CYS A 309 11.13 -13.39 17.38
CA CYS A 309 11.20 -14.81 17.73
C CYS A 309 11.38 -15.67 16.47
N ASP A 310 11.64 -16.96 16.68
CA ASP A 310 11.87 -17.93 15.60
C ASP A 310 10.61 -18.64 15.13
N PHE A 311 9.64 -18.76 16.02
CA PHE A 311 8.34 -19.32 15.70
C PHE A 311 7.27 -18.67 16.58
N PHE A 312 6.02 -19.02 16.31
CA PHE A 312 4.89 -18.62 17.15
C PHE A 312 4.09 -19.84 17.58
N GLY A 313 3.90 -19.99 18.88
CA GLY A 313 3.13 -21.11 19.44
C GLY A 313 1.67 -20.73 19.61
N ILE A 314 0.76 -21.65 19.28
CA ILE A 314 -0.68 -21.47 19.47
C ILE A 314 -1.28 -22.67 20.17
N ASN A 315 -1.91 -22.43 21.32
CA ASN A 315 -2.81 -23.39 21.93
C ASN A 315 -4.25 -23.07 21.50
N PHE A 316 -4.86 -23.97 20.74
CA PHE A 316 -6.24 -23.78 20.28
C PHE A 316 -7.13 -24.91 20.78
N TYR A 317 -8.32 -24.52 21.26
CA TYR A 317 -9.33 -25.48 21.74
C TYR A 317 -10.74 -25.25 21.18
N SER A 318 -11.18 -24.00 21.13
CA SER A 318 -12.53 -23.67 20.70
C SER A 318 -12.73 -22.19 20.31
N ARG A 319 -13.91 -21.90 19.80
CA ARG A 319 -14.38 -20.53 19.58
C ARG A 319 -15.25 -20.12 20.77
N ASN A 320 -15.69 -18.86 20.77
CA ASN A 320 -16.74 -18.40 21.69
C ASN A 320 -17.71 -17.50 20.95
N LEU A 321 -18.98 -17.90 20.91
CA LEU A 321 -20.05 -17.07 20.37
C LEU A 321 -20.52 -16.14 21.50
N VAL A 322 -20.44 -14.82 21.25
CA VAL A 322 -20.78 -13.81 22.27
C VAL A 322 -21.92 -12.90 21.80
N GLU A 323 -22.61 -12.32 22.78
CA GLU A 323 -23.59 -11.25 22.56
C GLU A 323 -23.35 -10.11 23.55
N PHE A 324 -24.03 -9.00 23.30
CA PHE A 324 -23.86 -7.79 24.11
C PHE A 324 -24.60 -7.88 25.44
N SER A 325 -24.03 -7.24 26.46
CA SER A 325 -24.61 -7.18 27.79
C SER A 325 -24.41 -5.79 28.38
N ALA A 326 -25.51 -5.04 28.51
CA ALA A 326 -25.50 -3.72 29.16
C ALA A 326 -25.04 -3.75 30.63
N ALA A 327 -25.28 -4.88 31.30
CA ALA A 327 -24.90 -5.05 32.72
C ALA A 327 -23.51 -5.65 32.94
N SER A 328 -22.80 -5.98 31.87
CA SER A 328 -21.40 -6.40 31.94
C SER A 328 -20.49 -5.17 31.88
N ASP A 329 -19.45 -5.15 32.71
CA ASP A 329 -18.39 -4.12 32.63
C ASP A 329 -17.66 -4.10 31.28
N PHE A 330 -17.35 -5.28 30.73
CA PHE A 330 -16.67 -5.41 29.43
C PHE A 330 -17.62 -5.66 28.25
N LEU A 331 -18.92 -5.45 28.49
CA LEU A 331 -19.94 -5.32 27.44
C LEU A 331 -20.29 -6.60 26.69
N HIS A 332 -19.89 -7.76 27.20
CA HIS A 332 -20.17 -9.02 26.54
C HIS A 332 -20.47 -10.15 27.50
N LYS A 333 -21.33 -11.06 27.05
CA LYS A 333 -21.60 -12.33 27.72
C LYS A 333 -21.61 -13.43 26.67
N ASP A 334 -21.54 -14.67 27.14
CA ASP A 334 -21.56 -15.83 26.24
C ASP A 334 -22.99 -15.99 25.69
N ALA A 335 -23.05 -16.32 24.40
CA ALA A 335 -24.32 -16.56 23.71
C ALA A 335 -24.56 -18.06 23.58
N TYR A 336 -25.80 -18.44 23.32
CA TYR A 336 -26.13 -19.86 23.14
C TYR A 336 -25.53 -20.39 21.84
N SER A 337 -24.83 -21.53 21.95
CA SER A 337 -24.20 -22.20 20.82
C SER A 337 -24.96 -23.49 20.50
N ASP A 338 -25.25 -23.70 19.22
CA ASP A 338 -25.88 -24.95 18.75
C ASP A 338 -24.88 -25.96 18.17
N TYR A 339 -23.58 -25.64 18.26
CA TYR A 339 -22.50 -26.52 17.79
C TYR A 339 -22.41 -27.81 18.61
N ASP A 340 -21.74 -28.81 18.01
CA ASP A 340 -21.37 -30.03 18.74
C ASP A 340 -20.31 -29.68 19.77
N LYS A 341 -20.45 -30.24 20.97
CA LYS A 341 -19.64 -29.87 22.12
C LYS A 341 -18.86 -31.02 22.72
N THR A 342 -17.71 -30.68 23.33
CA THR A 342 -16.85 -31.66 23.99
C THR A 342 -17.45 -32.01 25.36
N GLY A 343 -16.74 -32.84 26.12
CA GLY A 343 -17.10 -33.11 27.53
C GLY A 343 -17.04 -31.90 28.44
N MET A 344 -16.24 -30.90 28.07
CA MET A 344 -16.13 -29.63 28.80
C MET A 344 -17.29 -28.66 28.56
N GLY A 345 -18.09 -28.92 27.53
CA GLY A 345 -19.09 -27.97 27.05
C GLY A 345 -18.53 -26.93 26.09
N TRP A 346 -17.34 -27.19 25.55
CA TRP A 346 -16.69 -26.30 24.59
C TRP A 346 -17.08 -26.69 23.17
N ASP A 347 -17.28 -25.69 22.32
CA ASP A 347 -17.62 -25.92 20.91
C ASP A 347 -16.49 -26.62 20.17
N ILE A 348 -16.87 -27.58 19.33
CA ILE A 348 -15.97 -28.21 18.36
C ILE A 348 -15.99 -27.32 17.12
N ALA A 349 -14.87 -26.67 16.83
CA ALA A 349 -14.83 -25.53 15.91
C ALA A 349 -13.57 -25.50 15.02
N PRO A 350 -13.46 -26.45 14.08
CA PRO A 350 -12.33 -26.45 13.12
C PRO A 350 -12.42 -25.38 12.03
N SER A 351 -13.64 -25.01 11.63
CA SER A 351 -13.84 -23.90 10.65
C SER A 351 -13.34 -22.56 11.19
N GLU A 352 -13.57 -22.33 12.48
CA GLU A 352 -13.17 -21.09 13.16
C GLU A 352 -11.67 -21.07 13.47
N PHE A 353 -11.07 -22.24 13.64
CA PHE A 353 -9.62 -22.41 13.69
C PHE A 353 -8.95 -21.91 12.40
N LYS A 354 -9.56 -22.26 11.26
CA LYS A 354 -9.08 -21.79 9.95
C LYS A 354 -9.20 -20.28 9.78
N ASP A 355 -10.24 -19.67 10.35
CA ASP A 355 -10.41 -18.21 10.35
C ASP A 355 -9.28 -17.54 11.14
N LEU A 356 -9.03 -18.05 12.34
CA LEU A 356 -7.97 -17.56 13.24
C LEU A 356 -6.60 -17.52 12.59
N ILE A 357 -6.21 -18.63 11.96
CA ILE A 357 -4.89 -18.74 11.32
C ILE A 357 -4.77 -17.73 10.18
N ARG A 358 -5.77 -17.69 9.31
CA ARG A 358 -5.82 -16.72 8.21
C ARG A 358 -5.64 -15.28 8.69
N ARG A 359 -6.31 -14.96 9.80
CA ARG A 359 -6.26 -13.62 10.41
C ARG A 359 -4.86 -13.27 10.91
N LEU A 360 -4.18 -14.24 11.52
CA LEU A 360 -2.82 -14.04 12.03
C LEU A 360 -1.80 -13.76 10.92
N ARG A 361 -1.97 -14.40 9.77
CA ARG A 361 -1.13 -14.14 8.60
C ARG A 361 -1.43 -12.79 7.97
N ALA A 362 -2.72 -12.43 7.92
CA ALA A 362 -3.17 -11.14 7.38
C ALA A 362 -2.76 -9.95 8.25
N GLU A 363 -2.89 -10.09 9.56
CA GLU A 363 -2.74 -8.96 10.52
C GLU A 363 -1.45 -8.92 11.34
N TYR A 364 -0.90 -10.10 11.68
CA TYR A 364 0.07 -10.20 12.79
C TYR A 364 1.48 -10.71 12.47
N THR A 365 1.59 -11.91 11.89
CA THR A 365 2.89 -12.58 11.74
C THR A 365 2.98 -13.49 10.51
N ASP A 366 4.19 -13.56 9.95
CA ASP A 366 4.55 -14.56 8.92
C ASP A 366 5.53 -15.62 9.45
N LEU A 367 5.68 -15.70 10.78
CA LEU A 367 6.54 -16.70 11.41
C LEU A 367 5.92 -18.09 11.29
N PRO A 368 6.76 -19.14 11.29
CA PRO A 368 6.19 -20.49 11.29
C PRO A 368 5.37 -20.72 12.56
N ILE A 369 4.19 -21.31 12.38
CA ILE A 369 3.26 -21.55 13.47
C ILE A 369 3.33 -23.03 13.89
N TYR A 370 3.38 -23.26 15.20
CA TYR A 370 3.26 -24.59 15.77
C TYR A 370 2.02 -24.63 16.64
N ILE A 371 1.14 -25.60 16.39
CA ILE A 371 -0.02 -25.83 17.25
C ILE A 371 0.45 -26.60 18.48
N THR A 372 0.91 -25.86 19.48
CA THR A 372 1.56 -26.44 20.65
C THR A 372 0.63 -27.14 21.65
N GLU A 373 -0.67 -26.88 21.54
CA GLU A 373 -1.70 -27.69 22.19
C GLU A 373 -2.99 -27.67 21.39
N ASN A 374 -3.46 -28.87 21.03
CA ASN A 374 -4.84 -29.07 20.59
C ASN A 374 -5.29 -30.44 21.07
N GLY A 375 -6.54 -30.52 21.52
CA GLY A 375 -7.10 -31.76 22.04
C GLY A 375 -8.45 -31.54 22.66
N ALA A 376 -9.00 -32.58 23.28
CA ALA A 376 -10.34 -32.51 23.85
C ALA A 376 -10.55 -33.48 24.99
N ALA A 377 -11.45 -33.10 25.90
CA ALA A 377 -11.88 -33.97 27.00
C ALA A 377 -13.29 -34.48 26.72
N PHE A 378 -13.45 -35.80 26.81
CA PHE A 378 -14.73 -36.48 26.68
C PHE A 378 -14.89 -37.43 27.87
N ASP A 379 -16.14 -37.78 28.18
CA ASP A 379 -16.44 -38.68 29.30
C ASP A 379 -16.00 -40.11 28.96
N ASP A 380 -14.72 -40.38 29.21
CA ASP A 380 -14.11 -41.67 28.88
C ASP A 380 -14.47 -42.73 29.92
N GLN A 381 -15.01 -43.85 29.44
CA GLN A 381 -15.37 -44.97 30.28
C GLN A 381 -14.37 -46.09 30.05
N LEU A 382 -13.64 -46.46 31.11
CA LEU A 382 -12.80 -47.66 31.07
C LEU A 382 -13.72 -48.87 31.23
N VAL A 383 -13.69 -49.75 30.24
CA VAL A 383 -14.53 -50.94 30.23
C VAL A 383 -13.70 -52.12 29.72
N ASP A 384 -13.25 -52.95 30.65
CA ASP A 384 -12.57 -54.22 30.38
C ASP A 384 -11.21 -54.01 29.70
N GLY A 385 -10.36 -53.22 30.38
CA GLY A 385 -9.02 -52.87 29.88
C GLY A 385 -9.01 -52.19 28.52
N LYS A 386 -10.04 -51.36 28.26
CA LYS A 386 -10.20 -50.70 26.97
C LYS A 386 -11.01 -49.42 27.11
N ILE A 387 -10.64 -48.41 26.31
CA ILE A 387 -11.34 -47.11 26.28
C ILE A 387 -11.65 -46.75 24.83
N HIS A 388 -12.94 -46.73 24.50
CA HIS A 388 -13.43 -46.43 23.15
C HIS A 388 -13.82 -44.96 23.04
N ASP A 389 -12.83 -44.15 22.65
CA ASP A 389 -12.98 -42.69 22.54
C ASP A 389 -13.00 -42.27 21.06
N GLN A 390 -14.05 -42.69 20.37
CA GLN A 390 -14.26 -42.36 18.95
C GLN A 390 -14.46 -40.84 18.79
N ASN A 391 -15.09 -40.23 19.79
CA ASN A 391 -15.28 -38.78 19.87
C ASN A 391 -13.98 -37.95 19.93
N ARG A 392 -12.96 -38.43 20.66
CA ARG A 392 -11.63 -37.78 20.65
C ARG A 392 -10.91 -37.94 19.31
N ILE A 393 -11.15 -39.08 18.64
CA ILE A 393 -10.56 -39.35 17.32
C ILE A 393 -11.15 -38.41 16.27
N ASP A 394 -12.47 -38.21 16.34
CA ASP A 394 -13.19 -37.26 15.48
C ASP A 394 -12.60 -35.85 15.58
N TYR A 395 -12.55 -35.35 16.81
CA TYR A 395 -12.07 -34.01 17.13
C TYR A 395 -10.70 -33.71 16.53
N VAL A 396 -9.75 -34.58 16.81
CA VAL A 396 -8.36 -34.43 16.38
C VAL A 396 -8.22 -34.55 14.86
N ALA A 397 -8.96 -35.49 14.26
CA ALA A 397 -8.95 -35.70 12.81
C ALA A 397 -9.49 -34.49 12.03
N GLN A 398 -10.54 -33.86 12.55
CA GLN A 398 -11.09 -32.63 11.95
C GLN A 398 -10.10 -31.48 11.96
N HIS A 399 -9.37 -31.34 13.06
CA HIS A 399 -8.36 -30.27 13.19
C HIS A 399 -7.13 -30.51 12.34
N LEU A 400 -6.66 -31.75 12.29
CA LEU A 400 -5.54 -32.12 11.42
C LEU A 400 -5.87 -31.95 9.93
N GLN A 401 -7.11 -32.25 9.56
CA GLN A 401 -7.62 -31.96 8.22
C GLN A 401 -7.64 -30.44 7.96
N ALA A 402 -8.06 -29.67 8.94
CA ALA A 402 -8.02 -28.20 8.87
C ALA A 402 -6.60 -27.64 8.78
N VAL A 403 -5.64 -28.29 9.47
CA VAL A 403 -4.21 -27.92 9.35
C VAL A 403 -3.68 -28.19 7.93
N SER A 404 -4.06 -29.32 7.36
CA SER A 404 -3.63 -29.72 6.01
C SER A 404 -4.20 -28.80 4.94
N ASP A 405 -5.47 -28.46 5.06
CA ASP A 405 -6.13 -27.50 4.16
C ASP A 405 -5.50 -26.10 4.21
N LEU A 406 -5.12 -25.68 5.41
CA LEU A 406 -4.45 -24.38 5.62
C LEU A 406 -3.04 -24.34 5.02
N ASN A 407 -2.30 -25.43 5.17
CA ASN A 407 -0.97 -25.55 4.56
C ASN A 407 -0.99 -25.56 3.03
N ASP A 408 -2.08 -26.05 2.45
CA ASP A 408 -2.30 -25.96 1.00
C ASP A 408 -2.50 -24.51 0.52
N GLU A 409 -3.08 -23.67 1.38
CA GLU A 409 -3.20 -22.22 1.12
C GLU A 409 -1.90 -21.43 1.31
N GLY A 410 -0.92 -22.03 1.97
CA GLY A 410 0.37 -21.40 2.26
C GLY A 410 0.48 -20.77 3.64
N MET A 411 -0.32 -21.26 4.59
CA MET A 411 -0.38 -20.68 5.94
C MET A 411 0.76 -21.12 6.87
N ASN A 412 1.54 -22.12 6.46
CA ASN A 412 2.81 -22.48 7.14
C ASN A 412 2.64 -22.84 8.62
N ILE A 413 1.85 -23.89 8.87
CA ILE A 413 1.76 -24.51 10.19
C ILE A 413 2.78 -25.65 10.17
N ALA A 414 3.94 -25.41 10.77
CA ALA A 414 5.09 -26.32 10.69
C ALA A 414 4.97 -27.56 11.59
N GLY A 415 4.14 -27.50 12.62
CA GLY A 415 3.99 -28.62 13.55
C GLY A 415 2.69 -28.59 14.32
N TYR A 416 2.43 -29.69 15.02
CA TYR A 416 1.18 -29.91 15.74
C TYR A 416 1.39 -30.85 16.93
N TYR A 417 1.12 -30.37 18.14
CA TYR A 417 1.28 -31.17 19.36
C TYR A 417 -0.07 -31.55 19.98
N LEU A 418 -0.36 -32.85 20.05
CA LEU A 418 -1.62 -33.36 20.60
C LEU A 418 -1.62 -33.30 22.14
N TRP A 419 -2.54 -32.52 22.68
CA TRP A 419 -2.74 -32.44 24.13
C TRP A 419 -3.83 -33.42 24.56
N SER A 420 -3.58 -34.34 25.52
CA SER A 420 -2.32 -34.51 26.25
C SER A 420 -1.85 -35.94 26.04
N LEU A 421 -0.59 -36.22 26.36
CA LEU A 421 -0.04 -37.58 26.25
C LEU A 421 -0.82 -38.55 27.12
N LEU A 422 -0.95 -38.20 28.40
CA LEU A 422 -1.70 -39.01 29.37
C LEU A 422 -2.80 -38.20 30.05
N ASP A 423 -3.76 -38.93 30.64
CA ASP A 423 -4.76 -38.34 31.52
C ASP A 423 -4.01 -37.76 32.70
N ASN A 424 -4.33 -36.52 33.07
CA ASN A 424 -3.54 -35.77 34.05
C ASN A 424 -4.40 -34.87 34.92
N PHE A 425 -3.76 -34.28 35.93
CA PHE A 425 -4.41 -33.30 36.80
C PHE A 425 -4.84 -32.09 35.96
N GLU A 426 -6.14 -31.97 35.69
CA GLU A 426 -6.67 -30.91 34.84
C GLU A 426 -7.12 -29.68 35.65
N TRP A 427 -6.16 -29.11 36.38
CA TRP A 427 -6.28 -27.80 37.01
C TRP A 427 -7.49 -27.71 37.96
N SER A 428 -8.40 -26.76 37.76
CA SER A 428 -9.56 -26.57 38.66
C SER A 428 -10.59 -27.71 38.60
N PHE A 429 -10.58 -28.46 37.50
CA PHE A 429 -11.42 -29.64 37.33
C PHE A 429 -10.85 -30.91 37.97
N GLY A 430 -9.56 -30.88 38.33
CA GLY A 430 -8.88 -32.02 38.92
C GLY A 430 -8.80 -33.19 37.94
N TYR A 431 -8.96 -34.40 38.47
CA TYR A 431 -8.97 -35.63 37.68
C TYR A 431 -10.37 -36.00 37.15
N ASP A 432 -11.36 -35.13 37.36
CA ASP A 432 -12.72 -35.29 36.82
C ASP A 432 -12.78 -35.28 35.30
N LYS A 433 -11.83 -34.60 34.66
CA LYS A 433 -11.72 -34.53 33.21
C LYS A 433 -10.48 -35.24 32.71
N ARG A 434 -10.58 -35.86 31.54
CA ARG A 434 -9.52 -36.66 30.95
C ARG A 434 -9.25 -36.19 29.53
N PHE A 435 -8.09 -35.55 29.33
CA PHE A 435 -7.64 -35.06 28.01
C PHE A 435 -6.69 -36.02 27.29
N GLY A 436 -6.18 -37.02 28.00
CA GLY A 436 -5.09 -37.84 27.50
C GLY A 436 -5.46 -38.71 26.32
N ILE A 437 -4.47 -38.98 25.47
CA ILE A 437 -4.56 -40.09 24.51
C ILE A 437 -4.19 -41.42 25.17
N ILE A 438 -3.41 -41.39 26.26
CA ILE A 438 -3.13 -42.58 27.08
C ILE A 438 -3.92 -42.48 28.38
N TYR A 439 -4.72 -43.50 28.67
CA TYR A 439 -5.50 -43.56 29.90
C TYR A 439 -4.58 -43.84 31.10
N VAL A 440 -4.91 -43.25 32.24
CA VAL A 440 -4.16 -43.43 33.49
C VAL A 440 -5.13 -43.72 34.63
N ASP A 441 -5.00 -44.92 35.21
CA ASP A 441 -5.66 -45.26 36.47
C ASP A 441 -4.81 -44.66 37.59
N PHE A 442 -5.40 -43.71 38.34
CA PHE A 442 -4.64 -42.89 39.28
C PHE A 442 -4.33 -43.53 40.64
N ASP A 443 -4.97 -44.65 40.95
CA ASP A 443 -4.68 -45.43 42.17
C ASP A 443 -3.65 -46.54 41.95
N THR A 444 -3.59 -47.08 40.74
CA THR A 444 -2.58 -48.09 40.35
C THR A 444 -1.40 -47.55 39.52
N GLN A 445 -1.57 -46.35 38.95
CA GLN A 445 -0.62 -45.75 37.99
C GLN A 445 -0.35 -46.57 36.72
N GLU A 446 -1.32 -47.39 36.34
CA GLU A 446 -1.24 -48.18 35.12
C GLU A 446 -1.54 -47.27 33.93
N ARG A 447 -0.67 -47.31 32.93
CA ARG A 447 -0.94 -46.67 31.64
C ARG A 447 -1.68 -47.70 30.77
N ILE A 448 -2.84 -47.29 30.28
CA ILE A 448 -3.59 -48.07 29.28
C ILE A 448 -3.80 -47.13 28.09
N TRP A 449 -3.35 -47.54 26.91
CA TRP A 449 -3.59 -46.75 25.69
C TRP A 449 -5.08 -46.67 25.38
N LYS A 450 -5.52 -45.50 24.90
CA LYS A 450 -6.86 -45.35 24.35
C LYS A 450 -6.82 -45.60 22.84
N ASP A 451 -7.99 -45.75 22.24
CA ASP A 451 -8.10 -45.95 20.79
C ASP A 451 -7.54 -44.77 19.99
N SER A 452 -7.64 -43.56 20.54
CA SER A 452 -7.07 -42.36 19.94
C SER A 452 -5.54 -42.35 19.86
N ALA A 453 -4.87 -42.96 20.84
CA ALA A 453 -3.41 -43.13 20.82
C ALA A 453 -2.97 -44.05 19.68
N HIS A 454 -3.63 -45.21 19.59
CA HIS A 454 -3.44 -46.15 18.47
C HIS A 454 -3.67 -45.47 17.12
N TRP A 455 -4.78 -44.74 17.03
CA TRP A 455 -5.10 -43.98 15.84
C TRP A 455 -4.03 -42.92 15.53
N TYR A 456 -3.61 -42.17 16.54
CA TYR A 456 -2.61 -41.11 16.37
C TYR A 456 -1.24 -41.65 15.95
N ALA A 457 -0.83 -42.75 16.57
CA ALA A 457 0.40 -43.46 16.18
C ALA A 457 0.34 -43.90 14.72
N ASN A 458 -0.79 -44.44 14.31
CA ASN A 458 -1.02 -44.85 12.92
C ASN A 458 -1.11 -43.71 11.91
N VAL A 459 -1.62 -42.56 12.33
CA VAL A 459 -1.60 -41.33 11.49
C VAL A 459 -0.16 -40.89 11.20
N ILE A 460 0.66 -40.87 12.25
CA ILE A 460 2.09 -40.54 12.13
C ILE A 460 2.80 -41.61 11.28
N GLN A 461 2.45 -42.87 11.52
CA GLN A 461 3.02 -44.01 10.79
C GLN A 461 2.67 -43.97 9.30
N THR A 462 1.39 -43.79 8.99
CA THR A 462 0.90 -43.67 7.61
C THR A 462 1.52 -42.46 6.90
N HIS A 463 1.67 -41.35 7.63
CA HIS A 463 2.38 -40.18 7.13
C HIS A 463 3.83 -40.54 6.82
N LYS A 464 4.55 -41.02 7.84
CA LYS A 464 5.97 -41.40 7.71
C LYS A 464 6.22 -42.47 6.65
N ALA A 465 5.29 -43.42 6.55
CA ALA A 465 5.41 -44.55 5.61
C ALA A 465 5.40 -44.16 4.14
N ALA A 466 4.73 -43.06 3.80
CA ALA A 466 4.66 -42.57 2.41
C ALA A 466 5.77 -41.57 2.04
N LEU A 467 6.44 -40.97 3.03
CA LEU A 467 7.49 -39.97 2.78
C LEU A 467 8.84 -40.61 2.45
N PRO A 468 9.73 -39.85 1.80
CA PRO A 468 11.10 -40.30 1.59
C PRO A 468 11.93 -40.27 2.88
N MET B 24 4.32 33.32 0.41
CA MET B 24 2.84 33.51 0.52
C MET B 24 2.22 33.81 -0.85
N LYS B 25 1.66 32.76 -1.46
CA LYS B 25 1.03 32.85 -2.78
C LYS B 25 -0.04 31.77 -2.89
N PHE B 26 -1.11 32.09 -3.60
CA PHE B 26 -2.26 31.20 -3.71
C PHE B 26 -2.62 30.99 -5.18
N ALA B 27 -2.99 29.75 -5.50
CA ALA B 27 -3.38 29.37 -6.86
C ALA B 27 -4.54 30.23 -7.38
N PRO B 28 -4.69 30.35 -8.71
CA PRO B 28 -5.73 31.24 -9.25
C PRO B 28 -7.16 30.88 -8.83
N ASN B 29 -7.43 29.59 -8.67
CA ASN B 29 -8.75 29.09 -8.22
C ASN B 29 -9.01 29.19 -6.70
N PHE B 30 -8.00 29.58 -5.92
CA PHE B 30 -8.13 29.73 -4.47
C PHE B 30 -9.18 30.78 -4.09
N VAL B 31 -10.00 30.45 -3.09
CA VAL B 31 -11.14 31.26 -2.67
C VAL B 31 -10.87 31.90 -1.31
N PHE B 32 -10.76 33.23 -1.27
CA PHE B 32 -10.76 33.97 -0.02
C PHE B 32 -12.19 34.30 0.36
N GLY B 33 -12.48 34.25 1.64
CA GLY B 33 -13.83 34.53 2.13
C GLY B 33 -13.87 35.10 3.52
N THR B 34 -15.07 35.38 3.97
CA THR B 34 -15.35 35.77 5.36
C THR B 34 -16.66 35.10 5.74
N ALA B 35 -16.97 35.09 7.04
CA ALA B 35 -18.06 34.27 7.56
C ALA B 35 -18.77 34.83 8.78
N THR B 36 -20.04 34.45 8.90
CA THR B 36 -20.88 34.77 10.07
C THR B 36 -21.87 33.63 10.34
N SER B 37 -22.62 33.76 11.43
CA SER B 37 -23.79 32.92 11.70
C SER B 37 -24.98 33.77 12.14
N SER B 38 -26.17 33.23 11.92
CA SER B 38 -27.43 34.00 11.98
C SER B 38 -27.72 34.58 13.36
N TYR B 39 -27.67 33.73 14.38
CA TYR B 39 -27.96 34.18 15.75
C TYR B 39 -26.90 35.15 16.30
N GLN B 40 -25.67 35.05 15.81
CA GLN B 40 -24.60 35.92 16.26
C GLN B 40 -24.69 37.37 15.76
N ILE B 41 -25.31 37.58 14.59
CA ILE B 41 -25.36 38.91 13.94
C ILE B 41 -26.74 39.52 13.67
N GLU B 42 -27.74 38.70 13.34
CA GLU B 42 -29.01 39.18 12.77
C GLU B 42 -29.80 40.10 13.67
N GLY B 43 -29.97 39.68 14.91
CA GLY B 43 -30.91 40.33 15.81
C GLY B 43 -32.32 40.13 15.31
N ALA B 44 -33.16 41.14 15.52
CA ALA B 44 -34.57 41.10 15.10
C ALA B 44 -35.21 39.76 15.50
N HIS B 45 -34.98 39.39 16.77
CA HIS B 45 -35.25 38.03 17.29
C HIS B 45 -36.71 37.61 17.29
N ASP B 46 -37.62 38.58 17.45
CA ASP B 46 -39.07 38.32 17.48
C ASP B 46 -39.79 38.96 16.28
N GLU B 47 -39.03 39.29 15.24
CA GLU B 47 -39.53 39.98 14.06
C GLU B 47 -39.44 39.06 12.84
N GLY B 48 -40.31 39.33 11.88
CA GLY B 48 -40.37 38.55 10.64
C GLY B 48 -40.96 37.15 10.81
N GLY B 49 -41.76 36.98 11.86
CA GLY B 49 -42.34 35.68 12.20
C GLY B 49 -41.46 34.75 13.05
N ARG B 50 -40.25 35.20 13.41
CA ARG B 50 -39.29 34.36 14.12
C ARG B 50 -39.72 34.09 15.56
N THR B 51 -39.69 32.80 15.94
CA THR B 51 -39.96 32.35 17.31
C THR B 51 -38.64 31.96 18.00
N PRO B 52 -38.64 31.80 19.34
CA PRO B 52 -37.38 31.57 20.04
C PRO B 52 -36.66 30.25 19.69
N SER B 53 -35.33 30.30 19.69
CA SER B 53 -34.49 29.10 19.58
C SER B 53 -34.02 28.68 20.97
N ILE B 54 -33.30 27.56 21.04
CA ILE B 54 -32.65 27.13 22.31
C ILE B 54 -31.73 28.19 22.90
N TRP B 55 -31.03 28.93 22.05
CA TRP B 55 -30.10 29.98 22.51
C TRP B 55 -30.78 31.22 23.12
N ASP B 56 -31.93 31.63 22.61
CA ASP B 56 -32.72 32.70 23.23
C ASP B 56 -33.04 32.36 24.69
N THR B 57 -33.50 31.14 24.92
CA THR B 57 -33.88 30.69 26.26
C THR B 57 -32.68 30.40 27.15
N PHE B 58 -31.59 29.91 26.55
CA PHE B 58 -30.30 29.74 27.22
C PHE B 58 -29.74 31.08 27.70
N CYS B 59 -29.73 32.09 26.83
CA CYS B 59 -29.30 33.46 27.19
C CYS B 59 -30.09 34.07 28.36
N ASP B 60 -31.37 33.71 28.45
CA ASP B 60 -32.25 34.15 29.54
C ASP B 60 -32.17 33.26 30.79
N THR B 61 -31.61 32.07 30.65
CA THR B 61 -31.35 31.18 31.79
C THR B 61 -30.11 31.68 32.54
N ASP B 62 -30.24 31.73 33.86
CA ASP B 62 -29.24 32.35 34.73
C ASP B 62 -27.93 31.56 34.80
N GLY B 63 -26.82 32.29 34.80
CA GLY B 63 -25.47 31.71 34.95
C GLY B 63 -24.85 31.07 33.71
N LYS B 64 -25.55 31.14 32.58
CA LYS B 64 -25.16 30.44 31.36
C LYS B 64 -24.36 31.28 30.37
N VAL B 65 -24.66 32.58 30.29
CA VAL B 65 -24.03 33.49 29.33
C VAL B 65 -23.53 34.73 30.05
N PHE B 66 -22.39 35.26 29.59
CA PHE B 66 -21.71 36.42 30.18
C PHE B 66 -22.65 37.61 30.40
N GLU B 67 -22.94 37.91 31.67
CA GLU B 67 -23.76 39.06 32.08
C GLU B 67 -25.14 39.13 31.38
N LYS B 68 -25.77 37.96 31.23
CA LYS B 68 -27.10 37.84 30.62
C LYS B 68 -27.23 38.41 29.19
N HIS B 69 -26.11 38.48 28.45
CA HIS B 69 -26.13 39.01 27.09
C HIS B 69 -26.88 38.04 26.18
N ASN B 70 -27.51 38.59 25.14
CA ASN B 70 -28.32 37.82 24.20
C ASN B 70 -28.21 38.36 22.79
N GLY B 71 -28.85 37.66 21.85
CA GLY B 71 -28.86 38.06 20.43
C GLY B 71 -30.16 38.70 19.96
N ASP B 72 -30.84 39.41 20.86
CA ASP B 72 -32.04 40.19 20.51
C ASP B 72 -31.74 41.20 19.41
N VAL B 73 -30.70 42.01 19.65
CA VAL B 73 -30.26 43.05 18.72
C VAL B 73 -29.01 42.61 17.95
N ALA B 74 -27.97 42.20 18.68
CA ALA B 74 -26.70 41.73 18.09
C ALA B 74 -26.06 42.82 17.17
N CYS B 75 -25.75 42.49 15.92
CA CYS B 75 -25.28 43.49 14.93
C CYS B 75 -26.42 44.13 14.13
N ASP B 76 -27.67 43.79 14.45
CA ASP B 76 -28.86 44.33 13.77
C ASP B 76 -28.77 44.10 12.25
N HIS B 77 -28.16 42.98 11.88
CA HIS B 77 -27.81 42.66 10.50
C HIS B 77 -29.05 42.37 9.65
N TYR B 78 -30.11 41.89 10.31
CA TYR B 78 -31.39 41.60 9.68
C TYR B 78 -32.01 42.85 9.04
N HIS B 79 -31.78 44.00 9.68
CA HIS B 79 -32.21 45.30 9.15
C HIS B 79 -31.14 45.94 8.27
N ARG B 80 -29.87 45.80 8.67
CA ARG B 80 -28.74 46.46 8.02
C ARG B 80 -27.95 45.56 7.06
N PHE B 81 -28.60 44.56 6.48
CA PHE B 81 -27.92 43.60 5.60
C PHE B 81 -27.28 44.28 4.38
N GLU B 82 -27.99 45.26 3.80
CA GLU B 82 -27.50 46.00 2.62
C GLU B 82 -26.17 46.70 2.88
N GLU B 83 -26.08 47.38 4.02
CA GLU B 83 -24.84 48.02 4.47
C GLU B 83 -23.69 47.01 4.60
N ASP B 84 -23.99 45.86 5.20
CA ASP B 84 -23.00 44.80 5.37
C ASP B 84 -22.58 44.11 4.06
N ILE B 85 -23.49 44.07 3.08
CA ILE B 85 -23.13 43.62 1.74
C ILE B 85 -22.07 44.54 1.13
N GLN B 86 -22.19 45.85 1.37
CA GLN B 86 -21.22 46.84 0.86
C GLN B 86 -19.84 46.61 1.46
N HIS B 87 -19.80 46.34 2.76
CA HIS B 87 -18.54 46.02 3.46
C HIS B 87 -17.88 44.78 2.85
N ILE B 88 -18.67 43.74 2.65
CA ILE B 88 -18.23 42.47 2.02
C ILE B 88 -17.75 42.70 0.58
N LYS B 89 -18.56 43.42 -0.18
CA LYS B 89 -18.20 43.87 -1.54
C LYS B 89 -16.87 44.64 -1.55
N GLN B 90 -16.70 45.56 -0.60
CA GLN B 90 -15.48 46.36 -0.49
C GLN B 90 -14.25 45.54 -0.09
N LEU B 91 -14.44 44.53 0.77
CA LEU B 91 -13.36 43.60 1.14
C LEU B 91 -12.77 42.86 -0.06
N GLY B 92 -13.61 42.57 -1.04
CA GLY B 92 -13.20 41.89 -2.27
C GLY B 92 -13.24 40.37 -2.17
N VAL B 93 -13.90 39.85 -1.13
CA VAL B 93 -13.98 38.39 -0.90
C VAL B 93 -14.74 37.68 -2.02
N ASP B 94 -14.18 36.55 -2.46
CA ASP B 94 -14.84 35.70 -3.44
C ASP B 94 -16.16 35.15 -2.89
N THR B 95 -16.16 34.81 -1.59
CA THR B 95 -17.25 34.09 -0.95
C THR B 95 -17.63 34.70 0.41
N TYR B 96 -18.94 34.77 0.66
CA TYR B 96 -19.46 35.14 1.97
C TYR B 96 -20.24 33.96 2.54
N ARG B 97 -19.80 33.46 3.69
CA ARG B 97 -20.48 32.36 4.39
C ARG B 97 -21.41 32.87 5.48
N PHE B 98 -22.69 32.55 5.37
CA PHE B 98 -23.67 32.85 6.42
C PHE B 98 -24.53 31.63 6.73
N SER B 99 -25.26 31.71 7.84
CA SER B 99 -26.15 30.62 8.25
C SER B 99 -27.62 31.05 8.17
N ILE B 100 -28.48 30.08 7.90
CA ILE B 100 -29.93 30.28 7.87
C ILE B 100 -30.51 29.96 9.26
N ALA B 101 -31.34 30.87 9.77
CA ALA B 101 -32.03 30.70 11.04
C ALA B 101 -33.26 29.80 10.88
N TRP B 102 -33.13 28.58 11.39
CA TRP B 102 -34.21 27.58 11.40
C TRP B 102 -35.52 28.16 11.95
N PRO B 103 -35.48 28.87 13.10
CA PRO B 103 -36.74 29.39 13.66
C PRO B 103 -37.42 30.53 12.87
N ARG B 104 -36.73 31.11 11.89
CA ARG B 104 -37.37 32.00 10.90
C ARG B 104 -38.12 31.21 9.82
N ILE B 105 -37.55 30.08 9.40
CA ILE B 105 -38.11 29.26 8.32
C ILE B 105 -39.23 28.33 8.77
N PHE B 106 -39.07 27.73 9.96
CA PHE B 106 -40.11 26.87 10.55
C PHE B 106 -40.35 27.29 12.01
N PRO B 107 -40.98 28.46 12.21
CA PRO B 107 -41.22 28.98 13.58
C PRO B 107 -42.12 28.10 14.47
N SER B 108 -43.00 27.32 13.83
CA SER B 108 -43.70 26.22 14.50
C SER B 108 -43.50 24.96 13.67
N LYS B 109 -43.76 23.80 14.28
CA LYS B 109 -43.56 22.52 13.59
C LYS B 109 -44.53 22.39 12.41
N GLY B 110 -43.97 22.12 11.23
CA GLY B 110 -44.77 21.97 10.01
C GLY B 110 -45.33 23.24 9.40
N GLN B 111 -44.99 24.40 9.99
CA GLN B 111 -45.50 25.70 9.54
C GLN B 111 -44.39 26.50 8.87
N PHE B 112 -44.41 26.48 7.54
CA PHE B 112 -43.46 27.25 6.76
C PHE B 112 -43.83 28.74 6.82
N ASN B 113 -42.82 29.57 7.07
CA ASN B 113 -42.97 31.02 7.14
C ASN B 113 -42.28 31.65 5.92
N PRO B 114 -43.05 32.06 4.89
CA PRO B 114 -42.42 32.49 3.64
C PRO B 114 -41.66 33.83 3.71
N GLU B 115 -42.05 34.68 4.66
CA GLU B 115 -41.36 35.95 4.94
C GLU B 115 -39.91 35.75 5.37
N GLY B 116 -39.67 34.70 6.14
CA GLY B 116 -38.35 34.40 6.69
C GLY B 116 -37.45 33.90 5.59
N MET B 117 -38.00 33.03 4.75
CA MET B 117 -37.29 32.54 3.58
C MET B 117 -36.96 33.67 2.59
N ALA B 118 -37.92 34.57 2.40
CA ALA B 118 -37.75 35.73 1.51
C ALA B 118 -36.49 36.55 1.79
N PHE B 119 -36.24 36.82 3.09
CA PHE B 119 -35.03 37.51 3.54
C PHE B 119 -33.74 36.88 3.01
N TYR B 120 -33.63 35.56 3.17
CA TYR B 120 -32.44 34.82 2.73
C TYR B 120 -32.33 34.73 1.21
N LYS B 121 -33.47 34.60 0.54
CA LYS B 121 -33.52 34.68 -0.92
C LYS B 121 -33.02 36.05 -1.41
N THR B 122 -33.54 37.11 -0.79
CA THR B 122 -33.09 38.49 -1.06
C THR B 122 -31.59 38.66 -0.77
N LEU B 123 -31.17 38.19 0.40
CA LEU B 123 -29.77 38.27 0.82
C LEU B 123 -28.85 37.58 -0.18
N ALA B 124 -29.20 36.36 -0.57
CA ALA B 124 -28.44 35.58 -1.53
C ALA B 124 -28.47 36.18 -2.94
N THR B 125 -29.64 36.68 -3.35
CA THR B 125 -29.80 37.34 -4.65
C THR B 125 -28.94 38.60 -4.75
N ARG B 126 -29.00 39.45 -3.74
CA ARG B 126 -28.18 40.68 -3.70
C ARG B 126 -26.67 40.39 -3.73
N LEU B 127 -26.24 39.33 -3.05
CA LEU B 127 -24.82 38.92 -3.04
C LEU B 127 -24.34 38.47 -4.42
N GLN B 128 -25.20 37.77 -5.14
CA GLN B 128 -24.93 37.39 -6.54
C GLN B 128 -24.79 38.61 -7.44
N GLU B 129 -25.64 39.62 -7.23
CA GLU B 129 -25.60 40.90 -7.95
C GLU B 129 -24.28 41.66 -7.77
N GLU B 130 -23.74 41.62 -6.56
CA GLU B 130 -22.46 42.26 -6.24
C GLU B 130 -21.23 41.36 -6.50
N GLY B 131 -21.43 40.26 -7.22
CA GLY B 131 -20.36 39.36 -7.64
C GLY B 131 -19.74 38.54 -6.51
N ILE B 132 -20.58 38.11 -5.57
CA ILE B 132 -20.13 37.37 -4.37
C ILE B 132 -20.84 36.01 -4.30
N LYS B 133 -20.05 34.95 -4.18
CA LYS B 133 -20.55 33.58 -4.07
C LYS B 133 -21.17 33.36 -2.67
N PRO B 134 -22.48 33.05 -2.59
CA PRO B 134 -23.04 32.75 -1.26
C PRO B 134 -22.77 31.30 -0.82
N ALA B 135 -22.17 31.12 0.36
CA ALA B 135 -21.96 29.81 0.99
C ALA B 135 -22.87 29.69 2.22
N VAL B 136 -23.77 28.72 2.22
CA VAL B 136 -24.86 28.70 3.19
C VAL B 136 -24.78 27.54 4.19
N THR B 137 -24.70 27.89 5.48
CA THR B 137 -24.72 26.91 6.57
C THR B 137 -26.17 26.71 6.96
N LEU B 138 -26.64 25.46 6.91
CA LEU B 138 -28.01 25.15 7.29
C LEU B 138 -28.20 25.17 8.80
N TYR B 139 -27.29 24.52 9.53
CA TYR B 139 -27.39 24.47 11.00
C TYR B 139 -26.16 25.06 11.70
N HIS B 140 -26.36 26.22 12.33
CA HIS B 140 -25.34 26.86 13.16
C HIS B 140 -25.92 27.10 14.57
N TRP B 141 -26.49 26.03 15.12
CA TRP B 141 -26.85 25.85 16.54
C TRP B 141 -28.19 26.40 17.02
N ASP B 142 -28.93 27.05 16.12
CA ASP B 142 -30.18 27.74 16.50
C ASP B 142 -31.39 26.82 16.33
N LEU B 143 -31.49 25.83 17.21
CA LEU B 143 -32.58 24.85 17.20
C LEU B 143 -33.86 25.51 17.71
N PRO B 144 -34.97 25.40 16.95
CA PRO B 144 -36.24 25.98 17.43
C PRO B 144 -36.70 25.37 18.76
N MET B 145 -37.38 26.17 19.58
CA MET B 145 -37.81 25.70 20.90
C MET B 145 -38.84 24.57 20.84
N TRP B 146 -39.68 24.58 19.81
CA TRP B 146 -40.63 23.50 19.58
C TRP B 146 -39.94 22.14 19.39
N ALA B 147 -38.80 22.13 18.68
CA ALA B 147 -38.00 20.91 18.52
C ALA B 147 -37.43 20.45 19.88
N HIS B 148 -36.84 21.39 20.61
CA HIS B 148 -36.28 21.11 21.94
C HIS B 148 -37.29 20.48 22.91
N GLU B 149 -38.51 21.00 22.89
CA GLU B 149 -39.59 20.51 23.76
C GLU B 149 -40.05 19.07 23.47
N GLU B 150 -39.79 18.58 22.26
CA GLU B 150 -39.98 17.16 21.91
C GLU B 150 -38.73 16.27 22.12
N GLY B 151 -37.72 16.78 22.84
CA GLY B 151 -36.46 16.06 23.07
C GLY B 151 -35.26 16.61 22.32
N GLY B 152 -35.51 17.42 21.30
CA GLY B 152 -34.43 18.04 20.52
C GLY B 152 -33.66 17.00 19.73
N TRP B 153 -32.34 17.20 19.62
CA TRP B 153 -31.46 16.26 18.88
C TRP B 153 -31.36 14.85 19.50
N VAL B 154 -31.68 14.72 20.78
CA VAL B 154 -31.72 13.42 21.48
C VAL B 154 -32.78 12.51 20.86
N ASN B 155 -33.87 13.11 20.39
CA ASN B 155 -34.93 12.42 19.68
C ASN B 155 -34.50 12.11 18.24
N ARG B 156 -34.80 10.90 17.75
CA ARG B 156 -34.46 10.50 16.37
C ARG B 156 -35.31 11.21 15.30
N ASP B 157 -36.48 11.70 15.69
CA ASP B 157 -37.34 12.51 14.82
C ASP B 157 -36.67 13.81 14.34
N SER B 158 -35.75 14.34 15.14
CA SER B 158 -34.88 15.48 14.78
C SER B 158 -34.19 15.37 13.42
N VAL B 159 -33.96 14.15 12.97
CA VAL B 159 -33.43 13.89 11.62
C VAL B 159 -34.46 14.37 10.58
N ASP B 160 -35.72 13.99 10.78
CA ASP B 160 -36.82 14.37 9.88
C ASP B 160 -37.23 15.84 9.97
N TRP B 161 -37.16 16.42 11.16
CA TRP B 161 -37.44 17.86 11.33
C TRP B 161 -36.43 18.70 10.56
N PHE B 162 -35.15 18.33 10.69
CA PHE B 162 -34.08 18.96 9.95
C PHE B 162 -34.21 18.77 8.44
N LEU B 163 -34.66 17.59 8.02
CA LEU B 163 -34.88 17.32 6.59
C LEU B 163 -36.02 18.13 5.96
N ASP B 164 -37.06 18.42 6.72
CA ASP B 164 -38.13 19.33 6.29
C ASP B 164 -37.60 20.74 6.10
N PHE B 165 -36.77 21.18 7.06
CA PHE B 165 -36.06 22.44 6.98
C PHE B 165 -35.12 22.54 5.77
N ALA B 166 -34.27 21.52 5.60
CA ALA B 166 -33.32 21.48 4.49
C ALA B 166 -33.96 21.39 3.11
N ARG B 167 -35.06 20.65 3.01
CA ARG B 167 -35.80 20.49 1.74
C ARG B 167 -36.30 21.84 1.22
N VAL B 168 -36.94 22.58 2.12
CA VAL B 168 -37.43 23.93 1.88
C VAL B 168 -36.33 24.90 1.42
N CYS B 169 -35.18 24.85 2.10
CA CYS B 169 -34.02 25.67 1.73
C CYS B 169 -33.46 25.30 0.36
N PHE B 170 -33.38 24.00 0.07
CA PHE B 170 -32.93 23.52 -1.23
C PHE B 170 -33.90 23.93 -2.35
N GLU B 171 -35.18 23.73 -2.12
CA GLU B 171 -36.23 24.10 -3.08
C GLU B 171 -36.13 25.57 -3.50
N GLU B 172 -36.01 26.45 -2.51
CA GLU B 172 -36.10 27.91 -2.73
C GLU B 172 -34.79 28.62 -3.08
N LEU B 173 -33.63 28.03 -2.71
CA LEU B 173 -32.32 28.71 -2.81
C LEU B 173 -31.22 28.02 -3.61
N ASP B 174 -31.42 26.77 -4.04
CA ASP B 174 -30.33 26.00 -4.65
C ASP B 174 -29.82 26.62 -5.96
N GLY B 175 -30.71 27.28 -6.71
CA GLY B 175 -30.32 28.04 -7.90
C GLY B 175 -29.43 29.24 -7.62
N ILE B 176 -29.63 29.87 -6.47
CA ILE B 176 -28.91 31.09 -6.08
C ILE B 176 -27.61 30.80 -5.31
N VAL B 177 -27.63 29.82 -4.41
CA VAL B 177 -26.51 29.56 -3.49
C VAL B 177 -25.37 28.80 -4.19
N ASP B 178 -24.13 29.17 -3.85
CA ASP B 178 -22.93 28.63 -4.49
C ASP B 178 -22.48 27.30 -3.88
N SER B 179 -22.53 27.21 -2.55
CA SER B 179 -22.18 25.99 -1.82
C SER B 179 -23.03 25.83 -0.57
N TRP B 180 -23.27 24.58 -0.17
CA TRP B 180 -24.04 24.27 1.04
C TRP B 180 -23.15 23.65 2.13
N ILE B 181 -23.40 24.04 3.37
CA ILE B 181 -22.82 23.39 4.54
C ILE B 181 -23.98 22.92 5.42
N THR B 182 -24.06 21.62 5.65
CA THR B 182 -25.17 21.04 6.41
C THR B 182 -25.11 21.43 7.88
N HIS B 183 -24.00 21.08 8.52
CA HIS B 183 -23.81 21.29 9.95
C HIS B 183 -22.50 21.97 10.21
N ASN B 184 -22.54 22.91 11.16
CA ASN B 184 -21.36 23.56 11.72
C ASN B 184 -21.06 23.01 13.11
N GLU B 185 -19.90 22.37 13.24
CA GLU B 185 -19.33 21.95 14.53
C GLU B 185 -20.29 21.10 15.38
N PRO B 186 -20.59 19.86 14.93
CA PRO B 186 -21.41 18.94 15.74
C PRO B 186 -20.83 18.62 17.13
N TRP B 187 -19.51 18.72 17.29
CA TRP B 187 -18.89 18.62 18.62
C TRP B 187 -19.45 19.67 19.59
N CYS B 188 -19.59 20.90 19.10
CA CYS B 188 -20.15 21.99 19.91
C CYS B 188 -21.64 21.77 20.16
N ALA B 189 -22.41 21.58 19.10
CA ALA B 189 -23.84 21.34 19.23
C ALA B 189 -24.19 20.04 19.99
N GLY B 190 -23.29 19.07 19.94
CA GLY B 190 -23.48 17.77 20.57
C GLY B 190 -22.87 17.67 21.96
N PHE B 191 -21.55 17.56 22.02
CA PHE B 191 -20.83 17.34 23.27
C PHE B 191 -20.77 18.59 24.16
N LEU B 192 -20.33 19.72 23.61
CA LEU B 192 -20.27 20.97 24.40
C LEU B 192 -21.65 21.40 24.90
N SER B 193 -22.71 21.01 24.18
CA SER B 193 -24.08 21.38 24.52
C SER B 193 -24.86 20.38 25.38
N TYR B 194 -24.65 19.08 25.12
CA TYR B 194 -25.38 18.01 25.84
C TYR B 194 -24.58 17.17 26.84
N HIS B 195 -23.24 17.30 26.83
CA HIS B 195 -22.36 16.61 27.79
C HIS B 195 -21.73 17.57 28.80
N LEU B 196 -21.05 18.59 28.29
CA LEU B 196 -20.32 19.55 29.14
C LEU B 196 -21.23 20.67 29.69
N GLY B 197 -22.33 20.95 28.99
CA GLY B 197 -23.34 21.90 29.47
C GLY B 197 -22.97 23.36 29.35
N GLN B 198 -22.08 23.67 28.41
CA GLN B 198 -21.58 25.04 28.21
C GLN B 198 -22.41 25.80 27.17
N HIS B 199 -22.85 25.11 26.13
CA HIS B 199 -23.69 25.69 25.08
C HIS B 199 -25.12 25.17 25.24
N ALA B 200 -26.05 25.75 24.49
CA ALA B 200 -27.47 25.44 24.59
C ALA B 200 -27.78 24.03 24.05
N PRO B 201 -28.61 23.22 24.74
CA PRO B 201 -29.42 23.63 25.91
C PRO B 201 -28.79 23.43 27.30
N GLY B 202 -27.49 23.12 27.35
CA GLY B 202 -26.74 23.12 28.60
C GLY B 202 -26.91 21.88 29.47
N HIS B 203 -27.12 20.74 28.83
CA HIS B 203 -27.31 19.48 29.55
C HIS B 203 -25.96 18.82 29.85
N THR B 204 -25.96 17.95 30.86
CA THR B 204 -24.77 17.18 31.24
C THR B 204 -25.12 15.69 31.33
N ASP B 205 -25.17 15.06 30.17
CA ASP B 205 -25.63 13.68 30.03
C ASP B 205 -24.97 13.07 28.79
N MET B 206 -23.98 12.20 29.02
CA MET B 206 -23.22 11.59 27.92
C MET B 206 -24.10 10.77 26.98
N ASN B 207 -25.15 10.17 27.51
CA ASN B 207 -26.08 9.38 26.70
C ASN B 207 -26.90 10.24 25.74
N GLU B 208 -27.45 11.33 26.25
CA GLU B 208 -28.09 12.35 25.40
C GLU B 208 -27.12 12.85 24.32
N ALA B 209 -25.88 13.11 24.72
CA ALA B 209 -24.86 13.69 23.86
C ALA B 209 -24.50 12.84 22.63
N VAL B 210 -24.29 11.54 22.83
CA VAL B 210 -23.96 10.62 21.73
C VAL B 210 -25.17 10.35 20.82
N ARG B 211 -26.38 10.41 21.38
CA ARG B 211 -27.61 10.38 20.57
C ARG B 211 -27.79 11.65 19.74
N ALA B 212 -27.44 12.80 20.31
CA ALA B 212 -27.55 14.09 19.65
C ALA B 212 -26.58 14.16 18.47
N VAL B 213 -25.31 13.89 18.75
CA VAL B 213 -24.26 13.83 17.72
C VAL B 213 -24.68 12.92 16.58
N HIS B 214 -25.13 11.71 16.91
CA HIS B 214 -25.50 10.72 15.91
C HIS B 214 -26.61 11.16 14.96
N HIS B 215 -27.63 11.81 15.53
CA HIS B 215 -28.76 12.31 14.75
C HIS B 215 -28.40 13.53 13.90
N MET B 216 -27.50 14.38 14.40
CA MET B 216 -26.95 15.49 13.59
C MET B 216 -26.17 14.97 12.40
N LEU B 217 -25.26 14.04 12.67
CA LEU B 217 -24.46 13.39 11.61
C LEU B 217 -25.30 12.64 10.62
N LEU B 218 -26.32 11.94 11.12
CA LEU B 218 -27.29 11.26 10.26
C LEU B 218 -28.16 12.24 9.46
N SER B 219 -28.52 13.37 10.05
CA SER B 219 -29.26 14.42 9.33
C SER B 219 -28.41 15.11 8.26
N HIS B 220 -27.09 15.25 8.53
CA HIS B 220 -26.11 15.64 7.48
C HIS B 220 -26.18 14.73 6.26
N GLY B 221 -26.06 13.42 6.48
CA GLY B 221 -26.03 12.44 5.40
C GLY B 221 -27.32 12.33 4.60
N LYS B 222 -28.44 12.44 5.31
CA LYS B 222 -29.74 12.43 4.69
C LYS B 222 -29.97 13.66 3.79
N ALA B 223 -29.40 14.80 4.18
CA ALA B 223 -29.53 16.05 3.43
C ALA B 223 -28.64 16.06 2.18
N VAL B 224 -27.45 15.49 2.28
CA VAL B 224 -26.56 15.33 1.12
C VAL B 224 -27.26 14.41 0.12
N GLU B 225 -27.77 13.29 0.63
CA GLU B 225 -28.59 12.36 -0.19
C GLU B 225 -29.76 13.05 -0.88
N MET B 226 -30.48 13.86 -0.11
CA MET B 226 -31.63 14.61 -0.59
C MET B 226 -31.29 15.57 -1.74
N LEU B 227 -30.28 16.40 -1.53
CA LEU B 227 -29.85 17.39 -2.54
C LEU B 227 -29.37 16.73 -3.83
N LYS B 228 -28.54 15.70 -3.70
CA LYS B 228 -27.98 14.99 -4.85
C LYS B 228 -28.98 14.07 -5.57
N GLY B 229 -29.93 13.52 -4.81
CA GLY B 229 -30.89 12.53 -5.34
C GLY B 229 -32.25 13.10 -5.71
N GLU B 230 -32.93 13.69 -4.73
CA GLU B 230 -34.25 14.30 -4.96
C GLU B 230 -34.10 15.46 -5.93
N PHE B 231 -33.33 16.46 -5.53
CA PHE B 231 -33.20 17.71 -6.29
C PHE B 231 -32.32 17.55 -7.55
N ASN B 232 -31.61 16.43 -7.68
CA ASN B 232 -30.74 16.14 -8.83
C ASN B 232 -29.74 17.28 -9.06
N SER B 233 -29.25 17.85 -7.96
CA SER B 233 -28.40 19.03 -7.96
C SER B 233 -26.94 18.63 -7.84
N ALA B 234 -26.10 19.41 -8.51
CA ALA B 234 -24.64 19.24 -8.45
C ALA B 234 -23.97 20.36 -7.63
N THR B 235 -24.78 21.13 -6.90
CA THR B 235 -24.25 22.18 -6.03
C THR B 235 -23.39 21.54 -4.94
N PRO B 236 -22.13 22.01 -4.78
CA PRO B 236 -21.26 21.42 -3.76
C PRO B 236 -21.89 21.43 -2.38
N ILE B 237 -21.81 20.28 -1.69
CA ILE B 237 -22.30 20.15 -0.32
C ILE B 237 -21.28 19.43 0.55
N GLY B 238 -21.26 19.80 1.83
CA GLY B 238 -20.39 19.16 2.80
C GLY B 238 -20.73 19.49 4.23
N ILE B 239 -19.82 19.08 5.12
CA ILE B 239 -19.96 19.35 6.55
C ILE B 239 -18.77 20.19 7.03
N THR B 240 -18.98 20.90 8.13
CA THR B 240 -17.92 21.59 8.83
C THR B 240 -17.74 20.93 10.20
N LEU B 241 -16.51 20.49 10.48
CA LEU B 241 -16.12 20.01 11.81
C LEU B 241 -15.07 20.93 12.38
N ASN B 242 -15.23 21.32 13.64
CA ASN B 242 -14.12 21.96 14.38
C ASN B 242 -13.15 20.88 14.85
N LEU B 243 -11.88 21.07 14.51
CA LEU B 243 -10.84 20.09 14.79
C LEU B 243 -9.74 20.76 15.59
N ALA B 244 -9.37 20.13 16.69
CA ALA B 244 -8.32 20.63 17.56
C ALA B 244 -7.31 19.51 17.75
N PRO B 245 -6.12 19.62 17.12
CA PRO B 245 -5.14 18.53 17.31
C PRO B 245 -4.68 18.45 18.76
N LYS B 246 -4.42 17.23 19.23
CA LYS B 246 -4.10 17.00 20.65
C LYS B 246 -2.67 16.51 20.81
N TYR B 247 -1.97 17.06 21.79
CA TYR B 247 -0.57 16.71 22.03
C TYR B 247 -0.37 16.27 23.47
N ALA B 248 0.51 15.28 23.63
CA ALA B 248 0.84 14.72 24.93
C ALA B 248 1.94 15.56 25.55
N LYS B 249 1.76 15.91 26.82
CA LYS B 249 2.73 16.69 27.59
C LYS B 249 4.08 16.00 27.69
N THR B 250 4.06 14.69 27.92
CA THR B 250 5.26 13.87 27.97
C THR B 250 5.09 12.62 27.12
N ASP B 251 6.20 11.90 26.96
CA ASP B 251 6.25 10.64 26.19
C ASP B 251 5.76 9.39 26.96
N SER B 252 5.37 9.56 28.23
CA SER B 252 4.88 8.44 29.05
C SER B 252 3.61 7.81 28.47
N ILE B 253 3.42 6.53 28.76
CA ILE B 253 2.28 5.75 28.25
C ILE B 253 0.95 6.39 28.69
N ASN B 254 0.90 6.79 29.95
CA ASN B 254 -0.24 7.51 30.51
C ASN B 254 -0.63 8.76 29.69
N ASP B 255 0.36 9.57 29.34
CA ASP B 255 0.12 10.78 28.53
C ASP B 255 -0.27 10.48 27.08
N GLN B 256 0.21 9.37 26.53
CA GLN B 256 -0.23 8.90 25.20
C GLN B 256 -1.71 8.46 25.20
N ILE B 257 -2.15 7.81 26.28
CA ILE B 257 -3.56 7.44 26.44
C ILE B 257 -4.41 8.70 26.54
N ALA B 258 -3.92 9.69 27.27
CA ALA B 258 -4.61 10.98 27.44
C ALA B 258 -4.78 11.72 26.13
N MET B 259 -3.72 11.78 25.33
CA MET B 259 -3.76 12.38 23.98
C MET B 259 -4.79 11.66 23.14
N ASN B 260 -4.66 10.34 23.06
CA ASN B 260 -5.58 9.46 22.32
C ASN B 260 -7.06 9.70 22.67
N ASN B 261 -7.36 9.74 23.96
CA ASN B 261 -8.74 9.94 24.42
C ASN B 261 -9.26 11.36 24.16
N ALA B 262 -8.41 12.38 24.35
CA ALA B 262 -8.74 13.76 23.94
C ALA B 262 -8.98 13.87 22.45
N ASP B 263 -8.15 13.21 21.64
CA ASP B 263 -8.30 13.21 20.17
C ASP B 263 -9.54 12.46 19.71
N GLY B 264 -9.83 11.34 20.36
CA GLY B 264 -11.07 10.60 20.12
C GLY B 264 -12.33 11.40 20.43
N TYR B 265 -12.30 12.12 21.55
CA TYR B 265 -13.45 12.87 22.04
C TYR B 265 -13.73 14.11 21.16
N ALA B 266 -12.68 14.88 20.91
CA ALA B 266 -12.77 16.08 20.05
C ALA B 266 -12.86 15.82 18.54
N ASN B 267 -12.12 14.82 18.03
CA ASN B 267 -11.90 14.68 16.56
C ASN B 267 -12.38 13.39 15.89
N ARG B 268 -11.87 12.25 16.35
CA ARG B 268 -12.15 10.95 15.71
C ARG B 268 -13.60 10.49 15.81
N TRP B 269 -14.27 10.84 16.91
CA TRP B 269 -15.71 10.55 17.06
C TRP B 269 -16.57 11.13 15.92
N PHE B 270 -16.05 12.17 15.26
CA PHE B 270 -16.74 12.84 14.16
C PHE B 270 -16.12 12.49 12.80
N LEU B 271 -14.79 12.40 12.74
CA LEU B 271 -14.09 12.04 11.50
C LEU B 271 -14.36 10.62 11.02
N ASP B 272 -14.31 9.66 11.94
CA ASP B 272 -14.50 8.23 11.60
C ASP B 272 -15.87 7.90 11.01
N PRO B 273 -16.97 8.41 11.59
CA PRO B 273 -18.26 8.16 10.95
C PRO B 273 -18.45 8.87 9.60
N ILE B 274 -17.89 10.06 9.47
CA ILE B 274 -18.01 10.84 8.23
C ILE B 274 -17.26 10.18 7.08
N PHE B 275 -16.03 9.73 7.33
CA PHE B 275 -15.14 9.19 6.28
C PHE B 275 -14.98 7.66 6.26
N LYS B 276 -15.04 7.02 7.43
CA LYS B 276 -14.86 5.55 7.54
C LYS B 276 -16.15 4.77 7.73
N GLY B 277 -17.28 5.45 7.88
CA GLY B 277 -18.57 4.82 8.23
C GLY B 277 -18.52 3.91 9.45
N GLN B 278 -17.80 4.34 10.49
CA GLN B 278 -17.78 3.65 11.78
C GLN B 278 -17.45 4.62 12.90
N TYR B 279 -17.86 4.30 14.13
CA TYR B 279 -17.41 5.02 15.33
C TYR B 279 -16.15 4.33 15.86
N PRO B 280 -15.24 5.10 16.50
CA PRO B 280 -14.02 4.51 17.05
C PRO B 280 -14.30 3.71 18.32
N VAL B 281 -13.96 2.42 18.28
CA VAL B 281 -14.41 1.48 19.33
C VAL B 281 -13.71 1.78 20.65
N ASP B 282 -12.48 2.31 20.59
CA ASP B 282 -11.78 2.73 21.80
C ASP B 282 -12.55 3.82 22.59
N MET B 283 -13.23 4.71 21.87
CA MET B 283 -14.07 5.73 22.50
C MET B 283 -15.43 5.18 22.92
N MET B 284 -15.98 4.26 22.14
CA MET B 284 -17.20 3.56 22.53
C MET B 284 -17.03 2.85 23.87
N ASN B 285 -15.87 2.21 24.05
CA ASN B 285 -15.54 1.53 25.30
C ASN B 285 -15.31 2.50 26.45
N LEU B 286 -14.68 3.63 26.17
CA LEU B 286 -14.48 4.64 27.17
C LEU B 286 -15.82 5.28 27.57
N PHE B 287 -16.66 5.58 26.59
CA PHE B 287 -18.00 6.13 26.87
C PHE B 287 -18.97 5.15 27.55
N SER B 288 -18.65 3.84 27.53
CA SER B 288 -19.45 2.83 28.22
C SER B 288 -19.54 2.96 29.74
N LYS B 289 -18.79 3.88 30.34
CA LYS B 289 -18.97 4.25 31.74
C LYS B 289 -20.32 4.96 31.97
N TYR B 290 -20.85 5.56 30.91
CA TYR B 290 -22.16 6.20 30.91
C TYR B 290 -23.16 5.63 29.89
N VAL B 291 -22.64 5.17 28.74
CA VAL B 291 -23.48 4.75 27.62
C VAL B 291 -23.48 3.22 27.61
N HIS B 292 -24.64 2.64 27.87
CA HIS B 292 -24.74 1.20 28.11
C HIS B 292 -25.49 0.44 27.02
N THR B 293 -25.77 1.14 25.92
CA THR B 293 -26.26 0.51 24.72
C THR B 293 -26.05 1.46 23.54
N TYR B 294 -25.69 0.89 22.38
CA TYR B 294 -25.49 1.65 21.15
C TYR B 294 -26.55 1.27 20.10
N ASP B 295 -27.70 0.79 20.56
CA ASP B 295 -28.83 0.44 19.70
C ASP B 295 -29.53 1.66 19.05
N PHE B 296 -29.24 2.86 19.53
CA PHE B 296 -29.61 4.10 18.81
C PHE B 296 -28.91 4.24 17.45
N ILE B 297 -27.79 3.55 17.27
CA ILE B 297 -27.18 3.41 15.94
C ILE B 297 -27.90 2.27 15.22
N HIS B 298 -28.82 2.63 14.32
CA HIS B 298 -29.56 1.65 13.53
C HIS B 298 -28.71 1.22 12.35
N ALA B 299 -29.08 0.07 11.78
CA ALA B 299 -28.43 -0.45 10.58
C ALA B 299 -28.72 0.47 9.39
N GLY B 300 -27.68 0.76 8.62
CA GLY B 300 -27.78 1.70 7.49
C GLY B 300 -27.53 3.16 7.84
N ASP B 301 -27.32 3.47 9.13
CA ASP B 301 -27.08 4.83 9.58
C ASP B 301 -25.71 5.31 9.17
N LEU B 302 -24.69 4.52 9.51
CA LEU B 302 -23.29 4.89 9.27
C LEU B 302 -22.91 4.97 7.80
N ALA B 303 -23.60 4.21 6.95
CA ALA B 303 -23.46 4.33 5.51
C ALA B 303 -24.06 5.65 5.01
N THR B 304 -25.19 6.06 5.59
CA THR B 304 -25.80 7.35 5.27
C THR B 304 -24.95 8.51 5.78
N ILE B 305 -24.46 8.40 7.01
CA ILE B 305 -23.57 9.42 7.60
C ILE B 305 -22.33 9.68 6.73
N SER B 306 -21.78 8.60 6.17
CA SER B 306 -20.57 8.62 5.35
C SER B 306 -20.81 8.79 3.84
N THR B 307 -22.00 9.23 3.44
CA THR B 307 -22.32 9.49 2.04
C THR B 307 -21.27 10.47 1.42
N PRO B 308 -20.82 10.22 0.17
CA PRO B 308 -19.75 11.07 -0.38
C PRO B 308 -20.15 12.56 -0.50
N CYS B 309 -19.27 13.43 0.01
CA CYS B 309 -19.41 14.88 -0.14
C CYS B 309 -18.48 15.42 -1.23
N ASP B 310 -18.66 16.68 -1.57
CA ASP B 310 -17.87 17.38 -2.61
C ASP B 310 -16.66 18.11 -2.05
N PHE B 311 -16.78 18.53 -0.79
CA PHE B 311 -15.65 19.11 -0.06
C PHE B 311 -15.75 18.74 1.42
N PHE B 312 -14.65 19.00 2.14
CA PHE B 312 -14.63 18.89 3.59
C PHE B 312 -14.38 20.27 4.19
N GLY B 313 -15.19 20.65 5.16
CA GLY B 313 -15.05 21.95 5.84
C GLY B 313 -14.40 21.80 7.21
N ILE B 314 -13.44 22.68 7.50
CA ILE B 314 -12.69 22.65 8.75
C ILE B 314 -12.72 24.01 9.45
N ASN B 315 -13.26 24.04 10.66
CA ASN B 315 -13.05 25.17 11.55
C ASN B 315 -11.86 24.90 12.43
N PHE B 316 -10.82 25.72 12.30
CA PHE B 316 -9.61 25.58 13.11
C PHE B 316 -9.34 26.85 13.92
N TYR B 317 -8.92 26.64 15.17
CA TYR B 317 -8.62 27.73 16.11
C TYR B 317 -7.36 27.53 16.93
N SER B 318 -7.17 26.34 17.48
CA SER B 318 -5.99 26.05 18.30
C SER B 318 -5.73 24.55 18.46
N ARG B 319 -4.60 24.26 19.10
CA ARG B 319 -4.27 22.92 19.61
C ARG B 319 -4.70 22.82 21.08
N ASN B 320 -4.52 21.63 21.64
CA ASN B 320 -4.60 21.44 23.10
C ASN B 320 -3.50 20.50 23.55
N LEU B 321 -2.70 20.96 24.52
CA LEU B 321 -1.71 20.12 25.18
C LEU B 321 -2.42 19.47 26.37
N VAL B 322 -2.42 18.13 26.40
CA VAL B 322 -3.09 17.38 27.47
C VAL B 322 -2.12 16.49 28.25
N GLU B 323 -2.50 16.20 29.50
CA GLU B 323 -1.82 15.17 30.30
C GLU B 323 -2.84 14.24 30.96
N PHE B 324 -2.31 13.12 31.46
CA PHE B 324 -3.13 12.07 32.07
C PHE B 324 -3.74 12.51 33.40
N SER B 325 -4.95 12.04 33.66
CA SER B 325 -5.60 12.21 34.96
C SER B 325 -6.27 10.91 35.41
N ALA B 326 -5.81 10.35 36.51
CA ALA B 326 -6.38 9.12 37.07
C ALA B 326 -7.81 9.33 37.62
N ALA B 327 -8.10 10.54 38.08
CA ALA B 327 -9.44 10.89 38.59
C ALA B 327 -10.46 11.21 37.50
N SER B 328 -10.01 11.40 36.26
CA SER B 328 -10.92 11.76 35.16
C SER B 328 -11.51 10.52 34.54
N ASP B 329 -12.80 10.58 34.23
CA ASP B 329 -13.50 9.49 33.55
C ASP B 329 -12.93 9.16 32.15
N PHE B 330 -12.52 10.19 31.41
CA PHE B 330 -11.89 10.02 30.09
C PHE B 330 -10.35 10.11 30.10
N LEU B 331 -9.78 10.01 31.30
CA LEU B 331 -8.34 9.86 31.53
C LEU B 331 -7.44 11.02 31.10
N HIS B 332 -8.00 12.20 30.89
CA HIS B 332 -7.20 13.35 30.49
C HIS B 332 -7.69 14.68 31.05
N LYS B 333 -6.73 15.58 31.28
CA LYS B 333 -6.98 16.97 31.64
C LYS B 333 -6.06 17.83 30.78
N ASP B 334 -6.30 19.13 30.81
CA ASP B 334 -5.46 20.09 30.10
C ASP B 334 -4.15 20.27 30.87
N ALA B 335 -3.04 20.31 30.13
CA ALA B 335 -1.72 20.61 30.69
C ALA B 335 -1.39 22.08 30.49
N TYR B 336 -0.40 22.59 31.22
CA TYR B 336 0.06 23.97 31.05
C TYR B 336 0.72 24.17 29.67
N SER B 337 0.31 25.22 28.97
CA SER B 337 0.92 25.62 27.69
C SER B 337 1.75 26.90 27.88
N ASP B 338 2.96 26.90 27.30
CA ASP B 338 3.84 28.09 27.29
C ASP B 338 3.74 28.91 25.98
N TYR B 339 2.92 28.45 25.05
CA TYR B 339 2.70 29.11 23.75
C TYR B 339 2.13 30.52 23.89
N ASP B 340 2.35 31.34 22.86
CA ASP B 340 1.68 32.63 22.75
C ASP B 340 0.19 32.40 22.60
N LYS B 341 -0.61 33.23 23.28
CA LYS B 341 -2.04 33.00 23.40
C LYS B 341 -2.86 34.19 22.89
N THR B 342 -4.05 33.87 22.38
CA THR B 342 -5.02 34.88 21.97
C THR B 342 -5.69 35.48 23.21
N GLY B 343 -6.62 36.42 22.99
CA GLY B 343 -7.46 36.96 24.06
C GLY B 343 -8.38 35.97 24.76
N MET B 344 -8.63 34.82 24.12
CA MET B 344 -9.38 33.72 24.76
C MET B 344 -8.53 32.84 25.68
N GLY B 345 -7.21 33.00 25.63
CA GLY B 345 -6.27 32.11 26.29
C GLY B 345 -5.94 30.86 25.47
N TRP B 346 -6.34 30.86 24.19
CA TRP B 346 -6.09 29.73 23.30
C TRP B 346 -4.71 29.87 22.67
N ASP B 347 -4.01 28.75 22.54
CA ASP B 347 -2.68 28.72 21.92
C ASP B 347 -2.75 29.20 20.47
N ILE B 348 -1.76 29.98 20.06
CA ILE B 348 -1.55 30.32 18.65
C ILE B 348 -0.68 29.19 18.13
N ALA B 349 -1.19 28.45 17.14
CA ALA B 349 -0.67 27.12 16.81
C ALA B 349 -0.74 26.81 15.32
N PRO B 350 -0.02 27.59 14.47
CA PRO B 350 0.00 27.33 13.03
C PRO B 350 0.77 26.07 12.62
N SER B 351 1.82 25.71 13.36
CA SER B 351 2.54 24.44 13.11
C SER B 351 1.64 23.24 13.30
N GLU B 352 0.82 23.27 14.35
CA GLU B 352 -0.06 22.16 14.70
C GLU B 352 -1.23 22.06 13.73
N PHE B 353 -1.63 23.20 13.17
CA PHE B 353 -2.55 23.23 12.03
C PHE B 353 -2.00 22.45 10.85
N LYS B 354 -0.70 22.60 10.57
CA LYS B 354 -0.06 21.84 9.48
C LYS B 354 -0.06 20.33 9.77
N ASP B 355 0.22 19.94 11.02
CA ASP B 355 0.15 18.53 11.42
C ASP B 355 -1.24 17.95 11.13
N LEU B 356 -2.26 18.68 11.57
CA LEU B 356 -3.66 18.29 11.35
C LEU B 356 -4.03 18.05 9.89
N ILE B 357 -3.67 18.97 9.01
CA ILE B 357 -3.99 18.83 7.58
C ILE B 357 -3.27 17.61 6.98
N ARG B 358 -1.98 17.46 7.28
CA ARG B 358 -1.20 16.30 6.83
C ARG B 358 -1.82 14.97 7.28
N ARG B 359 -2.29 14.93 8.53
CA ARG B 359 -2.94 13.75 9.08
C ARG B 359 -4.24 13.36 8.34
N LEU B 360 -5.06 14.37 8.04
CA LEU B 360 -6.32 14.16 7.31
C LEU B 360 -6.11 13.58 5.91
N ARG B 361 -5.08 14.05 5.21
CA ARG B 361 -4.71 13.48 3.90
C ARG B 361 -4.18 12.04 4.06
N ALA B 362 -3.36 11.83 5.08
CA ALA B 362 -2.77 10.52 5.36
C ALA B 362 -3.75 9.46 5.88
N GLU B 363 -4.75 9.88 6.65
CA GLU B 363 -5.68 8.93 7.32
C GLU B 363 -7.15 8.97 6.85
N TYR B 364 -7.61 10.12 6.35
CA TYR B 364 -9.06 10.37 6.24
C TYR B 364 -9.64 10.68 4.87
N THR B 365 -9.14 11.72 4.19
CA THR B 365 -9.80 12.22 2.98
C THR B 365 -8.84 12.88 1.98
N ASP B 366 -9.17 12.73 0.70
CA ASP B 366 -8.47 13.44 -0.38
C ASP B 366 -9.37 14.51 -1.04
N LEU B 367 -10.50 14.82 -0.41
CA LEU B 367 -11.42 15.86 -0.88
C LEU B 367 -10.79 17.24 -0.72
N PRO B 368 -11.26 18.22 -1.53
CA PRO B 368 -10.77 19.59 -1.34
C PRO B 368 -11.20 20.16 0.00
N ILE B 369 -10.24 20.75 0.72
CA ILE B 369 -10.47 21.29 2.06
C ILE B 369 -10.72 22.79 2.00
N TYR B 370 -11.71 23.25 2.77
CA TYR B 370 -11.99 24.66 2.95
C TYR B 370 -11.88 24.98 4.43
N ILE B 371 -11.03 25.95 4.76
CA ILE B 371 -10.95 26.44 6.14
C ILE B 371 -12.13 27.38 6.36
N THR B 372 -13.27 26.78 6.70
CA THR B 372 -14.54 27.50 6.77
C THR B 372 -14.65 28.48 7.95
N GLU B 373 -13.78 28.31 8.95
CA GLU B 373 -13.54 29.31 9.97
C GLU B 373 -12.11 29.24 10.43
N ASN B 374 -11.45 30.39 10.44
CA ASN B 374 -10.23 30.62 11.21
C ASN B 374 -10.20 32.07 11.62
N GLY B 375 -9.75 32.33 12.84
CA GLY B 375 -9.66 33.69 13.36
C GLY B 375 -9.28 33.70 14.82
N ALA B 376 -9.35 34.87 15.43
CA ALA B 376 -8.90 35.04 16.81
C ALA B 376 -9.53 36.26 17.46
N ALA B 377 -9.72 36.17 18.77
CA ALA B 377 -10.18 37.28 19.58
C ALA B 377 -9.00 37.88 20.33
N PHE B 378 -8.89 39.19 20.28
CA PHE B 378 -7.91 39.96 21.05
C PHE B 378 -8.62 41.15 21.68
N ASP B 379 -7.96 41.77 22.65
CA ASP B 379 -8.49 42.94 23.34
C ASP B 379 -8.34 44.17 22.43
N ASP B 380 -9.34 44.40 21.58
CA ASP B 380 -9.32 45.50 20.62
C ASP B 380 -9.73 46.83 21.27
N GLN B 381 -8.91 47.86 21.07
CA GLN B 381 -9.19 49.21 21.56
C GLN B 381 -9.43 50.15 20.39
N LEU B 382 -10.57 50.83 20.42
CA LEU B 382 -10.88 51.88 19.45
C LEU B 382 -10.17 53.16 19.90
N VAL B 383 -9.26 53.65 19.06
CA VAL B 383 -8.43 54.84 19.35
C VAL B 383 -8.54 55.81 18.19
N ASP B 384 -9.21 56.94 18.41
CA ASP B 384 -9.31 58.02 17.41
C ASP B 384 -9.89 57.53 16.07
N GLY B 385 -10.96 56.75 16.14
CA GLY B 385 -11.62 56.19 14.96
C GLY B 385 -10.98 54.97 14.31
N LYS B 386 -9.97 54.38 14.96
CA LYS B 386 -9.20 53.25 14.40
C LYS B 386 -8.93 52.15 15.43
N ILE B 387 -8.86 50.92 14.94
CA ILE B 387 -8.52 49.74 15.76
C ILE B 387 -7.20 49.16 15.23
N HIS B 388 -6.14 49.28 16.03
CA HIS B 388 -4.81 48.78 15.66
C HIS B 388 -4.63 47.33 16.14
N ASP B 389 -5.27 46.41 15.42
CA ASP B 389 -5.26 44.97 15.77
C ASP B 389 -4.19 44.21 15.00
N GLN B 390 -2.94 44.58 15.24
CA GLN B 390 -1.77 43.98 14.60
C GLN B 390 -1.60 42.53 15.07
N ASN B 391 -1.98 42.27 16.32
CA ASN B 391 -2.02 40.90 16.87
C ASN B 391 -2.90 39.96 16.05
N ARG B 392 -4.09 40.42 15.66
CA ARG B 392 -4.98 39.65 14.78
C ARG B 392 -4.37 39.44 13.40
N ILE B 393 -3.78 40.50 12.85
CA ILE B 393 -3.12 40.43 11.54
C ILE B 393 -2.05 39.34 11.56
N ASP B 394 -1.16 39.42 12.54
CA ASP B 394 -0.15 38.37 12.82
C ASP B 394 -0.74 36.95 12.82
N TYR B 395 -1.81 36.77 13.59
CA TYR B 395 -2.48 35.47 13.74
C TYR B 395 -2.93 34.90 12.40
N VAL B 396 -3.69 35.70 11.66
CA VAL B 396 -4.23 35.30 10.35
C VAL B 396 -3.08 35.03 9.37
N ALA B 397 -2.11 35.94 9.35
CA ALA B 397 -0.94 35.86 8.46
C ALA B 397 -0.15 34.55 8.64
N GLN B 398 0.13 34.19 9.89
CA GLN B 398 0.81 32.92 10.23
C GLN B 398 0.07 31.67 9.74
N HIS B 399 -1.26 31.74 9.72
CA HIS B 399 -2.10 30.64 9.23
C HIS B 399 -2.26 30.63 7.72
N LEU B 400 -2.32 31.81 7.09
CA LEU B 400 -2.35 31.90 5.64
C LEU B 400 -1.03 31.42 5.03
N GLN B 401 0.07 31.73 5.71
CA GLN B 401 1.39 31.22 5.36
C GLN B 401 1.42 29.70 5.43
N ALA B 402 0.84 29.14 6.48
CA ALA B 402 0.71 27.69 6.63
C ALA B 402 -0.13 27.07 5.50
N VAL B 403 -1.22 27.74 5.12
CA VAL B 403 -2.07 27.30 4.00
C VAL B 403 -1.31 27.26 2.67
N SER B 404 -0.50 28.29 2.43
CA SER B 404 0.35 28.37 1.23
C SER B 404 1.39 27.27 1.21
N ASP B 405 2.14 27.14 2.32
CA ASP B 405 3.16 26.09 2.48
C ASP B 405 2.59 24.69 2.31
N LEU B 406 1.39 24.47 2.86
CA LEU B 406 0.70 23.16 2.73
C LEU B 406 0.24 22.86 1.31
N ASN B 407 -0.24 23.88 0.60
CA ASN B 407 -0.59 23.74 -0.82
C ASN B 407 0.61 23.45 -1.72
N ASP B 408 1.80 23.95 -1.34
CA ASP B 408 3.05 23.57 -2.03
C ASP B 408 3.41 22.09 -1.87
N GLU B 409 2.99 21.49 -0.75
CA GLU B 409 3.14 20.04 -0.52
C GLU B 409 2.07 19.18 -1.22
N GLY B 410 1.04 19.81 -1.77
CA GLY B 410 -0.07 19.13 -2.45
C GLY B 410 -1.26 18.81 -1.55
N MET B 411 -1.41 19.55 -0.46
CA MET B 411 -2.48 19.28 0.52
C MET B 411 -3.85 19.82 0.13
N ASN B 412 -3.92 20.59 -0.96
CA ASN B 412 -5.19 20.96 -1.60
C ASN B 412 -6.20 21.62 -0.63
N ILE B 413 -5.77 22.70 -0.01
CA ILE B 413 -6.66 23.59 0.72
C ILE B 413 -7.14 24.64 -0.28
N ALA B 414 -8.36 24.45 -0.79
CA ALA B 414 -8.90 25.27 -1.88
C ALA B 414 -9.57 26.57 -1.43
N GLY B 415 -9.63 26.84 -0.13
CA GLY B 415 -10.20 28.09 0.34
C GLY B 415 -10.02 28.36 1.81
N TYR B 416 -10.11 29.65 2.16
CA TYR B 416 -9.94 30.16 3.51
C TYR B 416 -10.98 31.25 3.79
N TYR B 417 -11.86 31.00 4.77
CA TYR B 417 -12.85 31.99 5.21
C TYR B 417 -12.45 32.55 6.58
N LEU B 418 -12.25 33.87 6.64
CA LEU B 418 -11.84 34.54 7.86
C LEU B 418 -13.02 34.75 8.81
N TRP B 419 -12.94 34.14 9.99
CA TRP B 419 -13.91 34.36 11.06
C TRP B 419 -13.43 35.52 11.94
N SER B 420 -14.20 36.58 12.11
CA SER B 420 -15.52 36.82 11.50
C SER B 420 -15.52 38.16 10.78
N LEU B 421 -16.56 38.38 9.99
CA LEU B 421 -16.77 39.67 9.30
C LEU B 421 -16.93 40.78 10.32
N LEU B 422 -17.91 40.61 11.21
CA LEU B 422 -18.27 41.59 12.23
C LEU B 422 -18.02 41.07 13.63
N ASP B 423 -17.67 41.98 14.54
CA ASP B 423 -17.76 41.71 15.97
C ASP B 423 -19.20 41.35 16.26
N ASN B 424 -19.40 40.24 16.95
CA ASN B 424 -20.73 39.65 17.08
C ASN B 424 -20.95 39.04 18.48
N PHE B 425 -22.12 38.44 18.67
CA PHE B 425 -22.46 37.74 19.90
C PHE B 425 -21.68 36.43 20.01
N GLU B 426 -20.69 36.38 20.90
CA GLU B 426 -19.77 35.24 20.99
C GLU B 426 -20.23 34.15 21.98
N TRP B 427 -21.46 33.69 21.78
CA TRP B 427 -22.03 32.54 22.50
C TRP B 427 -22.05 32.75 24.02
N SER B 428 -21.42 31.87 24.81
CA SER B 428 -21.45 31.99 26.27
C SER B 428 -20.60 33.15 26.79
N PHE B 429 -19.64 33.61 26.01
CA PHE B 429 -18.84 34.81 26.33
C PHE B 429 -19.55 36.14 26.06
N GLY B 430 -20.65 36.11 25.30
CA GLY B 430 -21.43 37.31 24.98
C GLY B 430 -20.68 38.26 24.06
N TYR B 431 -20.82 39.55 24.31
CA TYR B 431 -20.09 40.62 23.62
C TYR B 431 -18.76 41.01 24.29
N ASP B 432 -18.31 40.19 25.24
CA ASP B 432 -17.02 40.39 25.92
C ASP B 432 -15.81 40.04 25.03
N LYS B 433 -16.04 39.23 24.00
CA LYS B 433 -14.98 38.82 23.07
C LYS B 433 -15.27 39.24 21.62
N ARG B 434 -14.27 39.86 20.99
CA ARG B 434 -14.41 40.44 19.65
C ARG B 434 -13.55 39.69 18.66
N PHE B 435 -14.20 38.95 17.77
CA PHE B 435 -13.53 38.16 16.71
C PHE B 435 -13.50 38.85 15.35
N GLY B 436 -14.27 39.92 15.19
CA GLY B 436 -14.48 40.52 13.86
C GLY B 436 -13.26 41.18 13.26
N ILE B 437 -13.26 41.29 11.92
CA ILE B 437 -12.32 42.19 11.21
C ILE B 437 -12.93 43.59 11.02
N ILE B 438 -14.25 43.70 11.17
CA ILE B 438 -14.93 44.99 11.22
C ILE B 438 -15.47 45.19 12.65
N TYR B 439 -15.01 46.25 13.29
CA TYR B 439 -15.45 46.63 14.65
C TYR B 439 -16.93 47.03 14.61
N VAL B 440 -17.65 46.67 15.67
CA VAL B 440 -19.06 47.06 15.82
C VAL B 440 -19.24 47.70 17.19
N ASP B 441 -19.60 48.99 17.18
CA ASP B 441 -20.11 49.68 18.37
C ASP B 441 -21.57 49.23 18.55
N PHE B 442 -21.81 48.41 19.57
CA PHE B 442 -23.12 47.79 19.77
C PHE B 442 -24.20 48.75 20.32
N ASP B 443 -23.80 49.91 20.84
CA ASP B 443 -24.75 50.96 21.24
C ASP B 443 -25.34 51.68 20.03
N THR B 444 -24.48 52.09 19.09
CA THR B 444 -24.87 52.86 17.89
C THR B 444 -25.04 52.02 16.61
N GLN B 445 -24.58 50.76 16.65
CA GLN B 445 -24.50 49.86 15.47
C GLN B 445 -23.57 50.33 14.34
N GLU B 446 -22.60 51.20 14.68
CA GLU B 446 -21.66 51.72 13.69
C GLU B 446 -20.62 50.66 13.35
N ARG B 447 -20.37 50.47 12.06
CA ARG B 447 -19.31 49.59 11.56
C ARG B 447 -18.05 50.42 11.32
N ILE B 448 -16.94 50.00 11.93
CA ILE B 448 -15.63 50.64 11.71
C ILE B 448 -14.61 49.57 11.32
N TRP B 449 -14.01 49.71 10.15
CA TRP B 449 -12.97 48.77 9.69
C TRP B 449 -11.75 48.77 10.59
N LYS B 450 -11.39 47.59 11.12
CA LYS B 450 -10.15 47.41 11.86
C LYS B 450 -8.99 47.36 10.86
N ASP B 451 -7.77 47.53 11.37
CA ASP B 451 -6.56 47.41 10.54
C ASP B 451 -6.46 46.05 9.83
N SER B 452 -6.97 45.00 10.46
CA SER B 452 -7.02 43.65 9.87
C SER B 452 -7.90 43.54 8.64
N ALA B 453 -9.01 44.28 8.61
CA ALA B 453 -9.91 44.31 7.45
C ALA B 453 -9.26 44.96 6.22
N HIS B 454 -8.57 46.08 6.44
CA HIS B 454 -7.79 46.73 5.38
C HIS B 454 -6.65 45.85 4.91
N TRP B 455 -5.98 45.21 5.87
CA TRP B 455 -4.89 44.27 5.57
C TRP B 455 -5.39 43.04 4.78
N TYR B 456 -6.52 42.49 5.20
CA TYR B 456 -7.11 41.32 4.53
C TYR B 456 -7.62 41.65 3.12
N ALA B 457 -8.25 42.81 2.98
CA ALA B 457 -8.65 43.33 1.66
C ALA B 457 -7.47 43.48 0.70
N ASN B 458 -6.33 43.90 1.23
CA ASN B 458 -5.10 44.05 0.44
C ASN B 458 -4.42 42.73 0.11
N VAL B 459 -4.48 41.75 1.04
CA VAL B 459 -4.02 40.38 0.75
C VAL B 459 -4.80 39.74 -0.41
N ILE B 460 -6.12 39.99 -0.44
CA ILE B 460 -6.98 39.47 -1.52
C ILE B 460 -6.67 40.14 -2.86
N GLN B 461 -6.50 41.47 -2.85
CA GLN B 461 -6.12 42.22 -4.06
C GLN B 461 -4.82 41.69 -4.65
N THR B 462 -3.81 41.56 -3.79
CA THR B 462 -2.49 41.04 -4.14
C THR B 462 -2.57 39.70 -4.85
N HIS B 463 -3.37 38.79 -4.29
CA HIS B 463 -3.62 37.50 -4.90
C HIS B 463 -4.20 37.62 -6.32
N LYS B 464 -5.21 38.49 -6.47
CA LYS B 464 -5.77 38.80 -7.79
C LYS B 464 -4.79 39.62 -8.62
N PHE C 26 -46.35 -24.96 69.16
CA PHE C 26 -46.95 -23.83 68.38
C PHE C 26 -48.25 -23.35 69.03
N ALA C 27 -48.59 -22.08 68.81
CA ALA C 27 -49.78 -21.47 69.38
C ALA C 27 -51.07 -22.00 68.71
N PRO C 28 -52.25 -21.80 69.35
CA PRO C 28 -53.50 -22.32 68.76
C PRO C 28 -53.94 -21.65 67.46
N ASN C 29 -53.60 -20.37 67.31
CA ASN C 29 -53.92 -19.60 66.09
C ASN C 29 -52.91 -19.80 64.95
N PHE C 30 -51.82 -20.53 65.22
CA PHE C 30 -50.79 -20.79 64.22
C PHE C 30 -51.37 -21.54 63.03
N VAL C 31 -51.02 -21.07 61.84
CA VAL C 31 -51.48 -21.64 60.58
C VAL C 31 -50.36 -22.51 59.99
N PHE C 32 -50.70 -23.76 59.68
CA PHE C 32 -49.87 -24.61 58.82
C PHE C 32 -50.48 -24.60 57.43
N GLY C 33 -49.62 -24.58 56.41
CA GLY C 33 -50.06 -24.52 55.03
C GLY C 33 -49.13 -25.22 54.06
N THR C 34 -49.54 -25.21 52.80
CA THR C 34 -48.70 -25.61 51.67
C THR C 34 -49.04 -24.71 50.49
N ALA C 35 -48.16 -24.69 49.50
CA ALA C 35 -48.21 -23.67 48.46
C ALA C 35 -47.79 -24.16 47.08
N THR C 36 -48.37 -23.55 46.05
CA THR C 36 -48.01 -23.76 44.65
C THR C 36 -48.06 -22.43 43.88
N SER C 37 -47.67 -22.47 42.60
CA SER C 37 -47.92 -21.37 41.66
C SER C 37 -48.50 -21.89 40.34
N SER C 38 -49.21 -20.99 39.65
CA SER C 38 -50.08 -21.34 38.54
C SER C 38 -49.32 -21.99 37.38
N TYR C 39 -48.31 -21.29 36.88
CA TYR C 39 -47.54 -21.82 35.75
C TYR C 39 -46.77 -23.11 36.09
N GLN C 40 -46.36 -23.23 37.35
CA GLN C 40 -45.63 -24.41 37.81
C GLN C 40 -46.43 -25.71 37.85
N ILE C 41 -47.74 -25.62 38.04
CA ILE C 41 -48.60 -26.82 38.19
C ILE C 41 -49.76 -26.97 37.19
N GLU C 42 -50.35 -25.86 36.75
CA GLU C 42 -51.65 -25.89 36.05
C GLU C 42 -51.66 -26.64 34.73
N GLY C 43 -50.64 -26.44 33.93
CA GLY C 43 -50.66 -26.91 32.55
C GLY C 43 -51.83 -26.29 31.82
N ALA C 44 -52.39 -27.04 30.88
CA ALA C 44 -53.50 -26.57 30.04
C ALA C 44 -53.19 -25.17 29.50
N HIS C 45 -52.00 -25.04 28.92
CA HIS C 45 -51.40 -23.74 28.59
C HIS C 45 -52.14 -22.92 27.52
N ASP C 46 -52.76 -23.61 26.57
CA ASP C 46 -53.53 -22.95 25.49
C ASP C 46 -55.05 -23.17 25.60
N GLU C 47 -55.49 -23.70 26.74
CA GLU C 47 -56.89 -24.05 26.97
C GLU C 47 -57.56 -23.03 27.87
N GLY C 48 -58.88 -22.97 27.79
CA GLY C 48 -59.69 -22.07 28.62
C GLY C 48 -59.51 -20.59 28.29
N GLY C 49 -59.14 -20.30 27.05
CA GLY C 49 -58.83 -18.95 26.60
C GLY C 49 -57.48 -18.39 27.05
N ARG C 50 -56.57 -19.25 27.52
CA ARG C 50 -55.25 -18.77 27.97
C ARG C 50 -54.33 -18.50 26.77
N THR C 51 -53.65 -17.36 26.81
CA THR C 51 -52.62 -17.00 25.80
C THR C 51 -51.24 -17.09 26.47
N PRO C 52 -50.15 -17.13 25.67
CA PRO C 52 -48.83 -17.32 26.29
C PRO C 52 -48.37 -16.22 27.26
N SER C 53 -47.57 -16.63 28.25
CA SER C 53 -46.87 -15.71 29.15
C SER C 53 -45.41 -15.61 28.73
N ILE C 54 -44.67 -14.72 29.39
CA ILE C 54 -43.21 -14.60 29.17
C ILE C 54 -42.45 -15.92 29.40
N TRP C 55 -42.90 -16.71 30.37
CA TRP C 55 -42.29 -18.02 30.66
C TRP C 55 -42.51 -19.09 29.58
N ASP C 56 -43.66 -19.06 28.92
CA ASP C 56 -43.89 -19.98 27.79
C ASP C 56 -42.84 -19.73 26.70
N THR C 57 -42.71 -18.46 26.31
CA THR C 57 -41.70 -18.00 25.33
C THR C 57 -40.26 -18.24 25.82
N PHE C 58 -40.02 -17.96 27.10
CA PHE C 58 -38.70 -18.13 27.71
C PHE C 58 -38.22 -19.58 27.71
N CYS C 59 -39.15 -20.50 27.96
CA CYS C 59 -38.89 -21.95 27.84
C CYS C 59 -38.54 -22.37 26.41
N ASP C 60 -39.21 -21.74 25.45
CA ASP C 60 -39.00 -22.01 24.02
C ASP C 60 -37.86 -21.20 23.38
N THR C 61 -37.18 -20.36 24.17
CA THR C 61 -35.91 -19.75 23.77
C THR C 61 -34.78 -20.71 24.11
N ASP C 62 -33.80 -20.81 23.22
CA ASP C 62 -32.68 -21.76 23.37
C ASP C 62 -31.75 -21.38 24.52
N GLY C 63 -31.35 -22.37 25.30
CA GLY C 63 -30.35 -22.21 26.36
C GLY C 63 -30.82 -21.63 27.68
N LYS C 64 -32.11 -21.31 27.78
CA LYS C 64 -32.67 -20.61 28.94
C LYS C 64 -33.23 -21.56 30.03
N VAL C 65 -33.83 -22.67 29.61
CA VAL C 65 -34.43 -23.64 30.53
C VAL C 65 -33.84 -25.03 30.30
N PHE C 66 -33.75 -25.82 31.38
CA PHE C 66 -33.19 -27.18 31.37
C PHE C 66 -33.89 -28.05 30.32
N GLU C 67 -33.11 -28.51 29.33
CA GLU C 67 -33.59 -29.38 28.24
C GLU C 67 -34.91 -28.91 27.63
N LYS C 68 -35.07 -27.59 27.52
CA LYS C 68 -36.25 -26.95 26.90
C LYS C 68 -37.62 -27.21 27.55
N HIS C 69 -37.64 -27.61 28.82
CA HIS C 69 -38.91 -27.93 29.48
C HIS C 69 -39.80 -26.70 29.65
N ASN C 70 -41.10 -26.95 29.72
CA ASN C 70 -42.10 -25.91 29.85
C ASN C 70 -43.23 -26.33 30.78
N GLY C 71 -44.13 -25.41 31.03
CA GLY C 71 -45.36 -25.66 31.80
C GLY C 71 -46.60 -25.87 30.93
N ASP C 72 -46.45 -26.55 29.78
CA ASP C 72 -47.59 -26.89 28.91
C ASP C 72 -48.54 -27.87 29.61
N VAL C 73 -47.97 -28.98 30.06
CA VAL C 73 -48.72 -30.03 30.77
C VAL C 73 -48.53 -29.91 32.28
N ALA C 74 -47.27 -29.86 32.72
CA ALA C 74 -46.92 -29.65 34.13
C ALA C 74 -47.55 -30.73 35.05
N CYS C 75 -48.23 -30.33 36.13
CA CYS C 75 -48.98 -31.29 36.96
C CYS C 75 -50.42 -31.50 36.47
N ASP C 76 -50.79 -30.90 35.34
CA ASP C 76 -52.13 -31.01 34.76
C ASP C 76 -53.22 -30.61 35.76
N HIS C 77 -52.87 -29.65 36.62
CA HIS C 77 -53.68 -29.31 37.78
C HIS C 77 -54.96 -28.54 37.39
N TYR C 78 -54.95 -27.90 36.22
CA TYR C 78 -56.14 -27.26 35.68
C TYR C 78 -57.29 -28.25 35.52
N HIS C 79 -56.97 -29.43 34.98
CA HIS C 79 -57.94 -30.52 34.83
C HIS C 79 -58.14 -31.30 36.14
N ARG C 80 -57.05 -31.57 36.86
CA ARG C 80 -57.03 -32.49 38.02
C ARG C 80 -57.21 -31.83 39.40
N PHE C 81 -57.62 -30.55 39.44
CA PHE C 81 -57.72 -29.78 40.69
C PHE C 81 -58.51 -30.46 41.81
N GLU C 82 -59.58 -31.17 41.44
CA GLU C 82 -60.42 -31.90 42.40
C GLU C 82 -59.66 -32.98 43.17
N GLU C 83 -58.84 -33.74 42.46
CA GLU C 83 -57.95 -34.73 43.06
C GLU C 83 -57.00 -34.08 44.06
N ASP C 84 -56.36 -32.99 43.62
CA ASP C 84 -55.38 -32.27 44.45
C ASP C 84 -56.01 -31.59 45.67
N ILE C 85 -57.26 -31.13 45.54
CA ILE C 85 -58.01 -30.63 46.69
C ILE C 85 -58.16 -31.71 47.77
N GLN C 86 -58.37 -32.96 47.36
CA GLN C 86 -58.47 -34.10 48.30
C GLN C 86 -57.14 -34.37 49.00
N HIS C 87 -56.05 -34.33 48.24
CA HIS C 87 -54.69 -34.45 48.82
C HIS C 87 -54.44 -33.35 49.86
N ILE C 88 -54.78 -32.11 49.51
CA ILE C 88 -54.64 -30.96 50.43
C ILE C 88 -55.49 -31.15 51.69
N LYS C 89 -56.74 -31.56 51.49
CA LYS C 89 -57.65 -31.92 52.59
C LYS C 89 -57.08 -33.05 53.47
N GLN C 90 -56.53 -34.07 52.83
CA GLN C 90 -55.92 -35.22 53.51
C GLN C 90 -54.71 -34.82 54.36
N LEU C 91 -53.98 -33.78 53.93
CA LEU C 91 -52.83 -33.23 54.67
C LEU C 91 -53.22 -32.52 55.96
N GLY C 92 -54.45 -32.05 56.06
CA GLY C 92 -54.95 -31.37 57.25
C GLY C 92 -54.53 -29.90 57.38
N VAL C 93 -53.90 -29.36 56.34
CA VAL C 93 -53.45 -27.96 56.33
C VAL C 93 -54.60 -26.99 56.58
N ASP C 94 -54.31 -25.92 57.33
CA ASP C 94 -55.29 -24.86 57.56
C ASP C 94 -55.51 -24.04 56.29
N THR C 95 -54.43 -23.81 55.53
CA THR C 95 -54.44 -22.92 54.37
C THR C 95 -53.73 -23.55 53.17
N TYR C 96 -54.25 -23.28 51.97
CA TYR C 96 -53.60 -23.61 50.71
C TYR C 96 -53.36 -22.32 49.94
N ARG C 97 -52.09 -22.09 49.59
CA ARG C 97 -51.68 -20.92 48.82
C ARG C 97 -51.55 -21.32 47.36
N PHE C 98 -52.19 -20.57 46.47
CA PHE C 98 -52.00 -20.72 45.03
C PHE C 98 -51.97 -19.36 44.37
N SER C 99 -51.48 -19.33 43.13
CA SER C 99 -51.43 -18.11 42.35
C SER C 99 -52.45 -18.14 41.22
N ILE C 100 -52.86 -16.95 40.78
CA ILE C 100 -53.76 -16.79 39.63
C ILE C 100 -52.91 -16.46 38.40
N ALA C 101 -53.20 -17.14 37.29
CA ALA C 101 -52.54 -16.90 36.02
C ALA C 101 -53.15 -15.66 35.36
N TRP C 102 -52.35 -14.60 35.26
CA TRP C 102 -52.72 -13.37 34.56
C TRP C 102 -53.23 -13.63 33.13
N PRO C 103 -52.49 -14.45 32.33
CA PRO C 103 -52.95 -14.66 30.95
C PRO C 103 -54.28 -15.44 30.80
N ARG C 104 -54.75 -16.11 31.85
CA ARG C 104 -56.09 -16.70 31.87
C ARG C 104 -57.18 -15.66 32.11
N ILE C 105 -56.86 -14.63 32.89
CA ILE C 105 -57.82 -13.58 33.25
C ILE C 105 -57.84 -12.42 32.23
N PHE C 106 -56.66 -12.06 31.72
CA PHE C 106 -56.54 -11.08 30.64
C PHE C 106 -55.63 -11.64 29.56
N PRO C 107 -56.16 -12.55 28.71
CA PRO C 107 -55.37 -13.12 27.60
C PRO C 107 -54.97 -12.11 26.51
N SER C 108 -55.77 -11.05 26.38
CA SER C 108 -55.39 -9.86 25.61
C SER C 108 -55.65 -8.65 26.49
N LYS C 109 -55.02 -7.54 26.15
CA LYS C 109 -55.12 -6.32 26.95
C LYS C 109 -56.55 -5.80 27.00
N GLY C 110 -57.04 -5.54 28.21
CA GLY C 110 -58.40 -5.08 28.42
C GLY C 110 -59.52 -6.04 28.05
N GLN C 111 -59.17 -7.28 27.71
CA GLN C 111 -60.14 -8.28 27.23
C GLN C 111 -60.33 -9.37 28.28
N PHE C 112 -61.28 -9.13 29.18
CA PHE C 112 -61.57 -10.03 30.29
C PHE C 112 -62.11 -11.38 29.81
N ASN C 113 -61.60 -12.45 30.42
CA ASN C 113 -61.99 -13.82 30.11
C ASN C 113 -62.79 -14.40 31.29
N PRO C 114 -64.13 -14.55 31.15
CA PRO C 114 -64.89 -15.08 32.29
C PRO C 114 -64.66 -16.57 32.58
N GLU C 115 -64.23 -17.33 31.57
CA GLU C 115 -63.92 -18.75 31.76
C GLU C 115 -62.75 -18.94 32.71
N GLY C 116 -61.67 -18.21 32.45
CA GLY C 116 -60.46 -18.24 33.27
C GLY C 116 -60.73 -17.94 34.73
N MET C 117 -61.52 -16.89 34.98
CA MET C 117 -61.92 -16.52 36.34
C MET C 117 -62.79 -17.59 37.01
N ALA C 118 -63.72 -18.17 36.24
CA ALA C 118 -64.63 -19.22 36.73
C ALA C 118 -63.88 -20.40 37.38
N PHE C 119 -62.76 -20.80 36.77
CA PHE C 119 -61.89 -21.85 37.32
C PHE C 119 -61.40 -21.52 38.75
N TYR C 120 -60.85 -20.33 38.92
CA TYR C 120 -60.32 -19.89 40.23
C TYR C 120 -61.44 -19.65 41.25
N LYS C 121 -62.59 -19.21 40.77
CA LYS C 121 -63.78 -19.09 41.61
C LYS C 121 -64.26 -20.47 42.09
N THR C 122 -64.28 -21.43 41.17
CA THR C 122 -64.62 -22.82 41.51
C THR C 122 -63.63 -23.39 42.50
N LEU C 123 -62.33 -23.20 42.23
CA LEU C 123 -61.25 -23.67 43.09
C LEU C 123 -61.40 -23.16 44.53
N ALA C 124 -61.54 -21.84 44.67
CA ALA C 124 -61.65 -21.19 46.00
C ALA C 124 -62.92 -21.56 46.78
N THR C 125 -64.03 -21.75 46.09
CA THR C 125 -65.31 -22.16 46.72
C THR C 125 -65.21 -23.59 47.23
N ARG C 126 -64.66 -24.47 46.40
CA ARG C 126 -64.45 -25.87 46.77
C ARG C 126 -63.54 -26.03 47.99
N LEU C 127 -62.47 -25.25 48.04
CA LEU C 127 -61.58 -25.25 49.20
C LEU C 127 -62.30 -24.75 50.45
N GLN C 128 -63.12 -23.72 50.30
CA GLN C 128 -63.97 -23.22 51.39
C GLN C 128 -64.98 -24.28 51.89
N GLU C 129 -65.54 -25.06 50.97
CA GLU C 129 -66.43 -26.17 51.31
C GLU C 129 -65.72 -27.30 52.07
N GLU C 130 -64.46 -27.57 51.71
CA GLU C 130 -63.64 -28.60 52.39
C GLU C 130 -62.95 -28.13 53.68
N GLY C 131 -63.21 -26.89 54.11
CA GLY C 131 -62.67 -26.36 55.36
C GLY C 131 -61.24 -25.84 55.27
N ILE C 132 -60.86 -25.37 54.08
CA ILE C 132 -59.50 -24.89 53.81
C ILE C 132 -59.57 -23.39 53.49
N LYS C 133 -58.63 -22.62 54.05
CA LYS C 133 -58.51 -21.20 53.78
C LYS C 133 -57.78 -21.00 52.45
N PRO C 134 -58.38 -20.29 51.47
CA PRO C 134 -57.61 -19.95 50.27
C PRO C 134 -56.79 -18.69 50.46
N ALA C 135 -55.46 -18.83 50.37
CA ALA C 135 -54.55 -17.68 50.30
C ALA C 135 -54.16 -17.53 48.83
N VAL C 136 -54.36 -16.32 48.28
CA VAL C 136 -54.22 -16.12 46.82
C VAL C 136 -53.07 -15.15 46.49
N THR C 137 -52.17 -15.61 45.63
CA THR C 137 -51.09 -14.79 45.10
C THR C 137 -51.51 -14.23 43.74
N LEU C 138 -51.53 -12.91 43.60
CA LEU C 138 -51.89 -12.29 42.32
C LEU C 138 -50.80 -12.51 41.26
N TYR C 139 -49.59 -12.03 41.53
CA TYR C 139 -48.47 -12.18 40.59
C TYR C 139 -47.39 -13.15 41.04
N HIS C 140 -47.29 -14.29 40.34
CA HIS C 140 -46.19 -15.25 40.51
C HIS C 140 -45.49 -15.49 39.17
N TRP C 141 -45.10 -14.39 38.53
CA TRP C 141 -44.13 -14.34 37.40
C TRP C 141 -44.65 -14.63 36.01
N ASP C 142 -45.96 -14.83 35.86
CA ASP C 142 -46.53 -15.20 34.56
C ASP C 142 -47.15 -13.98 33.89
N LEU C 143 -46.27 -13.08 33.47
CA LEU C 143 -46.64 -11.87 32.76
C LEU C 143 -47.15 -12.26 31.38
N PRO C 144 -48.36 -11.80 30.99
CA PRO C 144 -48.84 -12.08 29.62
C PRO C 144 -47.88 -11.53 28.56
N MET C 145 -47.83 -12.18 27.41
CA MET C 145 -46.96 -11.73 26.31
C MET C 145 -47.30 -10.36 25.76
N TRP C 146 -48.59 -10.03 25.69
CA TRP C 146 -49.03 -8.70 25.23
C TRP C 146 -48.45 -7.56 26.07
N ALA C 147 -48.30 -7.80 27.38
CA ALA C 147 -47.68 -6.83 28.28
C ALA C 147 -46.17 -6.70 28.07
N HIS C 148 -45.52 -7.84 27.81
CA HIS C 148 -44.08 -7.86 27.50
C HIS C 148 -43.73 -7.10 26.21
N GLU C 149 -44.59 -7.23 25.19
CA GLU C 149 -44.37 -6.57 23.90
C GLU C 149 -44.51 -5.04 23.95
N GLU C 150 -45.18 -4.52 24.99
CA GLU C 150 -45.23 -3.08 25.28
C GLU C 150 -44.15 -2.58 26.26
N GLY C 151 -43.15 -3.41 26.54
CA GLY C 151 -42.07 -3.07 27.48
C GLY C 151 -42.07 -3.89 28.77
N GLY C 152 -43.22 -4.44 29.14
CA GLY C 152 -43.33 -5.27 30.34
C GLY C 152 -43.33 -4.43 31.60
N TRP C 153 -42.60 -4.90 32.61
CA TRP C 153 -42.49 -4.20 33.90
C TRP C 153 -41.65 -2.94 33.82
N VAL C 154 -40.75 -2.88 32.83
CA VAL C 154 -39.93 -1.69 32.54
C VAL C 154 -40.82 -0.48 32.24
N ASN C 155 -41.96 -0.73 31.60
CA ASN C 155 -42.96 0.29 31.29
C ASN C 155 -43.77 0.65 32.55
N ARG C 156 -43.99 1.94 32.77
CA ARG C 156 -44.78 2.42 33.90
C ARG C 156 -46.27 2.04 33.80
N ASP C 157 -46.76 1.87 32.57
CA ASP C 157 -48.14 1.40 32.31
C ASP C 157 -48.45 0.01 32.91
N SER C 158 -47.42 -0.81 33.16
CA SER C 158 -47.57 -2.11 33.85
C SER C 158 -48.24 -2.03 35.23
N VAL C 159 -48.10 -0.89 35.90
CA VAL C 159 -48.82 -0.61 37.14
C VAL C 159 -50.34 -0.62 36.91
N ASP C 160 -50.77 0.08 35.86
CA ASP C 160 -52.21 0.16 35.50
C ASP C 160 -52.74 -1.17 34.97
N TRP C 161 -51.95 -1.85 34.14
CA TRP C 161 -52.33 -3.17 33.60
C TRP C 161 -52.58 -4.15 34.75
N PHE C 162 -51.66 -4.17 35.71
CA PHE C 162 -51.77 -4.99 36.91
C PHE C 162 -52.97 -4.64 37.77
N LEU C 163 -53.28 -3.35 37.88
CA LEU C 163 -54.46 -2.90 38.63
C LEU C 163 -55.77 -3.36 38.00
N ASP C 164 -55.86 -3.31 36.68
CA ASP C 164 -57.01 -3.87 35.94
C ASP C 164 -57.18 -5.37 36.23
N PHE C 165 -56.05 -6.10 36.26
CA PHE C 165 -56.02 -7.51 36.64
C PHE C 165 -56.45 -7.72 38.09
N ALA C 166 -55.87 -6.94 39.00
CA ALA C 166 -56.17 -7.02 40.43
C ALA C 166 -57.62 -6.64 40.79
N ARG C 167 -58.15 -5.62 40.09
CA ARG C 167 -59.53 -5.15 40.28
C ARG C 167 -60.55 -6.26 40.03
N VAL C 168 -60.36 -6.93 38.90
CA VAL C 168 -61.19 -8.06 38.47
C VAL C 168 -61.16 -9.20 39.49
N CYS C 169 -59.97 -9.54 39.98
CA CYS C 169 -59.80 -10.57 41.01
C CYS C 169 -60.43 -10.19 42.36
N PHE C 170 -60.32 -8.92 42.74
CA PHE C 170 -60.97 -8.44 43.97
C PHE C 170 -62.50 -8.44 43.87
N GLU C 171 -63.00 -8.02 42.71
CA GLU C 171 -64.44 -7.98 42.44
C GLU C 171 -65.08 -9.37 42.54
N GLU C 172 -64.46 -10.35 41.89
CA GLU C 172 -65.04 -11.70 41.76
C GLU C 172 -64.72 -12.70 42.89
N LEU C 173 -63.64 -12.46 43.64
CA LEU C 173 -63.15 -13.43 44.64
C LEU C 173 -63.02 -12.98 46.10
N ASP C 174 -63.00 -11.68 46.37
CA ASP C 174 -62.72 -11.17 47.73
C ASP C 174 -63.65 -11.74 48.82
N GLY C 175 -64.89 -12.03 48.46
CA GLY C 175 -65.83 -12.73 49.37
C GLY C 175 -65.39 -14.15 49.72
N ILE C 176 -64.86 -14.87 48.72
CA ILE C 176 -64.43 -16.26 48.85
C ILE C 176 -63.02 -16.39 49.47
N VAL C 177 -62.12 -15.49 49.10
CA VAL C 177 -60.69 -15.59 49.46
C VAL C 177 -60.44 -15.18 50.91
N ASP C 178 -59.46 -15.85 51.54
CA ASP C 178 -59.10 -15.62 52.94
C ASP C 178 -58.01 -14.54 53.09
N SER C 179 -56.97 -14.63 52.26
CA SER C 179 -55.89 -13.64 52.25
C SER C 179 -55.36 -13.38 50.83
N TRP C 180 -54.86 -12.17 50.62
CA TRP C 180 -54.29 -11.75 49.32
C TRP C 180 -52.79 -11.50 49.44
N ILE C 181 -52.02 -12.07 48.51
CA ILE C 181 -50.61 -11.72 48.33
C ILE C 181 -50.49 -11.06 46.95
N THR C 182 -50.06 -9.80 46.94
CA THR C 182 -49.95 -9.01 45.72
C THR C 182 -48.86 -9.53 44.79
N HIS C 183 -47.64 -9.58 45.31
CA HIS C 183 -46.48 -10.01 44.53
C HIS C 183 -45.71 -11.08 45.25
N ASN C 184 -45.17 -12.01 44.48
CA ASN C 184 -44.26 -13.02 44.97
C ASN C 184 -42.86 -12.74 44.44
N GLU C 185 -41.93 -12.46 45.34
CA GLU C 185 -40.49 -12.37 45.03
C GLU C 185 -40.11 -11.39 43.91
N PRO C 186 -40.31 -10.09 44.14
CA PRO C 186 -39.92 -9.06 43.17
C PRO C 186 -38.42 -9.04 42.83
N TRP C 187 -37.58 -9.56 43.73
CA TRP C 187 -36.17 -9.77 43.45
C TRP C 187 -35.95 -10.73 42.29
N CYS C 188 -36.73 -11.81 42.27
CA CYS C 188 -36.67 -12.80 41.20
C CYS C 188 -37.27 -12.25 39.91
N ALA C 189 -38.51 -11.77 40.00
CA ALA C 189 -39.19 -11.17 38.85
C ALA C 189 -38.47 -9.93 38.30
N GLY C 190 -37.81 -9.18 39.19
CA GLY C 190 -37.05 -7.99 38.83
C GLY C 190 -35.59 -8.25 38.51
N PHE C 191 -34.77 -8.44 39.54
CA PHE C 191 -33.31 -8.52 39.38
C PHE C 191 -32.80 -9.81 38.71
N LEU C 192 -33.32 -10.96 39.12
CA LEU C 192 -32.94 -12.22 38.49
C LEU C 192 -33.40 -12.30 37.03
N SER C 193 -34.50 -11.60 36.72
CA SER C 193 -35.12 -11.63 35.40
C SER C 193 -34.63 -10.57 34.41
N TYR C 194 -34.42 -9.35 34.90
CA TYR C 194 -34.01 -8.22 34.05
C TYR C 194 -32.55 -7.77 34.17
N HIS C 195 -31.88 -8.16 35.26
CA HIS C 195 -30.45 -7.84 35.46
C HIS C 195 -29.53 -9.05 35.24
N LEU C 196 -29.85 -10.18 35.85
CA LEU C 196 -29.00 -11.38 35.80
C LEU C 196 -29.31 -12.34 34.65
N GLY C 197 -30.51 -12.21 34.09
CA GLY C 197 -30.89 -12.94 32.86
C GLY C 197 -31.28 -14.40 33.02
N GLN C 198 -31.47 -14.85 34.27
CA GLN C 198 -31.73 -16.26 34.57
C GLN C 198 -33.19 -16.62 34.42
N HIS C 199 -34.05 -15.69 34.82
CA HIS C 199 -35.50 -15.84 34.70
C HIS C 199 -36.06 -14.96 33.59
N ALA C 200 -37.30 -15.24 33.22
CA ALA C 200 -37.96 -14.60 32.10
C ALA C 200 -38.21 -13.11 32.37
N PRO C 201 -37.93 -12.23 31.40
CA PRO C 201 -37.60 -12.58 30.00
C PRO C 201 -36.10 -12.68 29.67
N GLY C 202 -35.26 -12.82 30.69
CA GLY C 202 -33.83 -13.09 30.50
C GLY C 202 -32.97 -11.93 30.03
N HIS C 203 -33.35 -10.70 30.40
CA HIS C 203 -32.58 -9.52 30.04
C HIS C 203 -31.42 -9.31 31.00
N THR C 204 -30.43 -8.55 30.53
CA THR C 204 -29.24 -8.23 31.33
C THR C 204 -28.99 -6.73 31.23
N ASP C 205 -29.80 -6.00 31.97
CA ASP C 205 -29.80 -4.53 31.98
C ASP C 205 -30.23 -4.06 33.37
N MET C 206 -29.31 -3.41 34.08
CA MET C 206 -29.58 -2.93 35.44
C MET C 206 -30.61 -1.81 35.46
N ASN C 207 -30.66 -1.02 34.39
CA ASN C 207 -31.60 0.08 34.27
C ASN C 207 -33.05 -0.41 34.13
N GLU C 208 -33.26 -1.37 33.25
CA GLU C 208 -34.55 -2.06 33.11
C GLU C 208 -34.98 -2.75 34.42
N ALA C 209 -34.01 -3.31 35.14
CA ALA C 209 -34.26 -4.06 36.36
C ALA C 209 -34.82 -3.21 37.51
N VAL C 210 -34.22 -2.04 37.73
CA VAL C 210 -34.66 -1.13 38.80
C VAL C 210 -36.02 -0.48 38.51
N ARG C 211 -36.30 -0.21 37.24
CA ARG C 211 -37.61 0.25 36.78
C ARG C 211 -38.67 -0.84 36.93
N ALA C 212 -38.31 -2.05 36.52
CA ALA C 212 -39.17 -3.23 36.65
C ALA C 212 -39.59 -3.45 38.11
N VAL C 213 -38.60 -3.46 39.00
CA VAL C 213 -38.83 -3.57 40.46
C VAL C 213 -39.70 -2.44 40.99
N HIS C 214 -39.37 -1.21 40.62
CA HIS C 214 -40.14 -0.04 41.09
C HIS C 214 -41.61 -0.10 40.73
N HIS C 215 -41.90 -0.55 39.52
CA HIS C 215 -43.27 -0.65 39.03
C HIS C 215 -44.02 -1.82 39.64
N MET C 216 -43.31 -2.92 39.93
CA MET C 216 -43.87 -4.04 40.70
C MET C 216 -44.26 -3.60 42.10
N LEU C 217 -43.34 -2.93 42.78
CA LEU C 217 -43.56 -2.43 44.14
C LEU C 217 -44.64 -1.35 44.21
N LEU C 218 -44.72 -0.54 43.16
CA LEU C 218 -45.76 0.49 43.05
C LEU C 218 -47.13 -0.16 42.80
N SER C 219 -47.15 -1.19 41.96
CA SER C 219 -48.40 -1.93 41.67
C SER C 219 -48.92 -2.65 42.93
N HIS C 220 -48.01 -3.18 43.73
CA HIS C 220 -48.36 -3.69 45.07
C HIS C 220 -49.09 -2.64 45.89
N GLY C 221 -48.46 -1.47 46.02
CA GLY C 221 -48.98 -0.38 46.85
C GLY C 221 -50.32 0.18 46.40
N LYS C 222 -50.50 0.28 45.09
CA LYS C 222 -51.77 0.70 44.48
C LYS C 222 -52.87 -0.35 44.70
N ALA C 223 -52.50 -1.63 44.54
CA ALA C 223 -53.43 -2.75 44.75
C ALA C 223 -53.92 -2.86 46.20
N VAL C 224 -53.05 -2.55 47.16
CA VAL C 224 -53.42 -2.51 48.58
C VAL C 224 -54.36 -1.33 48.85
N GLU C 225 -54.03 -0.17 48.30
CA GLU C 225 -54.88 1.03 48.37
C GLU C 225 -56.26 0.80 47.76
N MET C 226 -56.30 0.12 46.62
CA MET C 226 -57.55 -0.22 45.92
C MET C 226 -58.45 -1.14 46.74
N LEU C 227 -57.89 -2.21 47.30
CA LEU C 227 -58.66 -3.17 48.11
C LEU C 227 -59.33 -2.50 49.31
N LYS C 228 -58.59 -1.63 49.99
CA LYS C 228 -59.06 -0.98 51.20
C LYS C 228 -59.87 0.30 50.96
N GLY C 229 -59.64 0.95 49.82
CA GLY C 229 -60.36 2.17 49.44
C GLY C 229 -61.61 1.89 48.62
N GLU C 230 -61.42 1.59 47.34
CA GLU C 230 -62.51 1.24 46.40
C GLU C 230 -63.47 0.19 46.98
N PHE C 231 -62.95 -1.02 47.18
CA PHE C 231 -63.76 -2.18 47.56
C PHE C 231 -64.14 -2.19 49.04
N ASN C 232 -63.49 -1.32 49.83
CA ASN C 232 -63.81 -1.11 51.24
C ASN C 232 -63.56 -2.35 52.12
N SER C 233 -62.72 -3.27 51.63
CA SER C 233 -62.59 -4.59 52.22
C SER C 233 -61.55 -4.60 53.35
N ALA C 234 -61.76 -5.53 54.29
CA ALA C 234 -60.85 -5.76 55.41
C ALA C 234 -60.12 -7.10 55.31
N THR C 235 -60.13 -7.69 54.11
CA THR C 235 -59.40 -8.94 53.86
C THR C 235 -57.90 -8.66 54.04
N PRO C 236 -57.18 -9.54 54.79
CA PRO C 236 -55.74 -9.37 54.93
C PRO C 236 -55.00 -9.39 53.61
N ILE C 237 -54.18 -8.38 53.37
CA ILE C 237 -53.37 -8.28 52.16
C ILE C 237 -51.93 -7.94 52.53
N GLY C 238 -50.99 -8.40 51.71
CA GLY C 238 -49.59 -8.06 51.88
C GLY C 238 -48.74 -8.44 50.68
N ILE C 239 -47.42 -8.35 50.86
CA ILE C 239 -46.45 -8.75 49.83
C ILE C 239 -45.60 -9.89 50.38
N THR C 240 -45.00 -10.64 49.46
CA THR C 240 -44.03 -11.67 49.76
C THR C 240 -42.67 -11.31 49.13
N LEU C 241 -41.65 -11.15 49.98
CA LEU C 241 -40.27 -10.97 49.53
C LEU C 241 -39.46 -12.20 49.85
N ASN C 242 -38.70 -12.71 48.89
CA ASN C 242 -37.65 -13.68 49.24
C ASN C 242 -36.49 -12.91 49.89
N LEU C 243 -36.01 -13.44 51.00
CA LEU C 243 -34.94 -12.81 51.77
C LEU C 243 -33.85 -13.83 52.01
N ALA C 244 -32.61 -13.40 51.86
CA ALA C 244 -31.44 -14.26 52.05
C ALA C 244 -30.44 -13.44 52.86
N PRO C 245 -30.27 -13.78 54.15
CA PRO C 245 -29.30 -13.03 54.94
C PRO C 245 -27.88 -13.29 54.45
N LYS C 246 -27.03 -12.28 54.60
CA LYS C 246 -25.72 -12.24 53.98
C LYS C 246 -24.67 -12.12 55.07
N TYR C 247 -23.60 -12.90 54.95
CA TYR C 247 -22.55 -12.93 55.97
C TYR C 247 -21.17 -12.72 55.36
N ALA C 248 -20.37 -11.93 56.05
CA ALA C 248 -19.00 -11.63 55.64
C ALA C 248 -18.10 -12.80 56.00
N LYS C 249 -17.22 -13.19 55.07
CA LYS C 249 -16.27 -14.28 55.30
C LYS C 249 -15.33 -13.95 56.45
N THR C 250 -14.72 -12.78 56.37
CA THR C 250 -13.80 -12.28 57.39
C THR C 250 -14.34 -10.99 57.99
N ASP C 251 -13.70 -10.55 59.06
CA ASP C 251 -14.07 -9.30 59.75
C ASP C 251 -13.43 -8.02 59.17
N SER C 252 -12.73 -8.13 58.02
CA SER C 252 -12.08 -6.99 57.39
C SER C 252 -13.09 -6.00 56.81
N ILE C 253 -12.63 -4.77 56.60
CA ILE C 253 -13.47 -3.67 56.10
C ILE C 253 -14.04 -4.00 54.73
N ASN C 254 -13.19 -4.54 53.87
CA ASN C 254 -13.56 -5.00 52.55
C ASN C 254 -14.73 -5.99 52.53
N ASP C 255 -14.67 -6.99 53.40
CA ASP C 255 -15.74 -8.00 53.49
C ASP C 255 -17.02 -7.45 54.14
N GLN C 256 -16.90 -6.40 54.96
CA GLN C 256 -18.08 -5.69 55.49
C GLN C 256 -18.81 -4.92 54.40
N ILE C 257 -18.06 -4.32 53.47
CA ILE C 257 -18.66 -3.65 52.30
C ILE C 257 -19.36 -4.70 51.45
N ALA C 258 -18.65 -5.78 51.15
CA ALA C 258 -19.18 -6.92 50.40
C ALA C 258 -20.53 -7.43 50.93
N MET C 259 -20.60 -7.64 52.24
CA MET C 259 -21.82 -8.07 52.92
C MET C 259 -22.92 -7.02 52.83
N ASN C 260 -22.57 -5.78 53.16
CA ASN C 260 -23.46 -4.62 53.02
C ASN C 260 -24.13 -4.53 51.65
N ASN C 261 -23.33 -4.68 50.59
CA ASN C 261 -23.80 -4.60 49.21
C ASN C 261 -24.59 -5.82 48.73
N ALA C 262 -24.19 -7.02 49.15
CA ALA C 262 -24.98 -8.22 48.88
C ALA C 262 -26.35 -8.13 49.57
N ASP C 263 -26.33 -7.67 50.82
CA ASP C 263 -27.54 -7.45 51.60
C ASP C 263 -28.45 -6.40 50.98
N GLY C 264 -27.86 -5.33 50.47
CA GLY C 264 -28.61 -4.26 49.82
C GLY C 264 -29.27 -4.69 48.53
N TYR C 265 -28.48 -5.35 47.68
CA TYR C 265 -28.95 -5.92 46.41
C TYR C 265 -30.10 -6.94 46.59
N ALA C 266 -29.94 -7.84 47.55
CA ALA C 266 -30.92 -8.90 47.79
C ALA C 266 -32.12 -8.47 48.65
N ASN C 267 -31.87 -7.70 49.69
CA ASN C 267 -32.86 -7.47 50.76
C ASN C 267 -33.31 -6.03 50.99
N ARG C 268 -32.34 -5.14 51.23
CA ARG C 268 -32.65 -3.75 51.61
C ARG C 268 -33.32 -2.94 50.50
N TRP C 269 -32.93 -3.19 49.25
CA TRP C 269 -33.56 -2.56 48.09
C TRP C 269 -35.09 -2.79 48.02
N PHE C 270 -35.55 -3.88 48.63
CA PHE C 270 -36.97 -4.24 48.68
C PHE C 270 -37.63 -3.94 50.03
N LEU C 271 -36.87 -4.10 51.12
CA LEU C 271 -37.39 -3.85 52.48
C LEU C 271 -37.55 -2.36 52.79
N ASP C 272 -36.56 -1.56 52.41
CA ASP C 272 -36.59 -0.11 52.67
C ASP C 272 -37.78 0.61 52.02
N PRO C 273 -38.06 0.35 50.73
CA PRO C 273 -39.25 1.01 50.16
C PRO C 273 -40.57 0.56 50.76
N ILE C 274 -40.68 -0.74 51.03
CA ILE C 274 -41.90 -1.32 51.60
C ILE C 274 -42.18 -0.81 53.02
N PHE C 275 -41.14 -0.66 53.84
CA PHE C 275 -41.30 -0.28 55.26
C PHE C 275 -40.86 1.13 55.66
N LYS C 276 -39.89 1.70 54.95
CA LYS C 276 -39.39 3.06 55.25
C LYS C 276 -39.88 4.14 54.29
N GLY C 277 -40.45 3.74 53.15
CA GLY C 277 -40.80 4.68 52.09
C GLY C 277 -39.60 5.38 51.47
N GLN C 278 -38.51 4.64 51.28
CA GLN C 278 -37.31 5.16 50.61
C GLN C 278 -36.42 4.03 50.09
N TYR C 279 -35.65 4.29 49.03
CA TYR C 279 -34.62 3.35 48.57
C TYR C 279 -33.32 3.61 49.32
N PRO C 280 -32.49 2.58 49.53
CA PRO C 280 -31.20 2.79 50.19
C PRO C 280 -30.19 3.49 49.29
N VAL C 281 -29.77 4.69 49.69
CA VAL C 281 -28.89 5.52 48.85
C VAL C 281 -27.55 4.87 48.55
N ASP C 282 -27.02 4.08 49.48
CA ASP C 282 -25.77 3.37 49.24
C ASP C 282 -25.86 2.44 48.01
N MET C 283 -26.99 1.78 47.85
CA MET C 283 -27.23 0.97 46.66
C MET C 283 -27.51 1.82 45.41
N MET C 284 -28.23 2.91 45.57
CA MET C 284 -28.43 3.87 44.47
C MET C 284 -27.09 4.37 43.92
N ASN C 285 -26.13 4.61 44.81
CA ASN C 285 -24.79 5.05 44.43
C ASN C 285 -23.97 3.95 43.78
N LEU C 286 -24.06 2.74 44.32
CA LEU C 286 -23.46 1.55 43.71
C LEU C 286 -24.06 1.23 42.34
N PHE C 287 -25.39 1.33 42.22
CA PHE C 287 -26.04 1.10 40.92
C PHE C 287 -25.79 2.21 39.88
N SER C 288 -25.26 3.35 40.31
CA SER C 288 -24.97 4.46 39.39
C SER C 288 -23.83 4.24 38.39
N LYS C 289 -23.19 3.07 38.47
CA LYS C 289 -22.29 2.59 37.41
C LYS C 289 -23.07 2.16 36.15
N TYR C 290 -24.34 1.81 36.33
CA TYR C 290 -25.25 1.53 35.21
C TYR C 290 -26.49 2.43 35.11
N VAL C 291 -26.92 2.99 36.23
CA VAL C 291 -28.18 3.73 36.29
C VAL C 291 -27.83 5.20 36.52
N HIS C 292 -28.19 6.04 35.55
CA HIS C 292 -27.76 7.44 35.55
C HIS C 292 -28.90 8.43 35.67
N THR C 293 -30.07 7.92 36.03
CA THR C 293 -31.20 8.76 36.41
C THR C 293 -32.21 7.93 37.22
N TYR C 294 -32.71 8.52 38.30
CA TYR C 294 -33.78 7.94 39.10
C TYR C 294 -35.10 8.74 38.98
N ASP C 295 -35.33 9.32 37.79
CA ASP C 295 -36.56 10.10 37.51
C ASP C 295 -37.80 9.22 37.25
N PHE C 296 -37.58 7.92 37.05
CA PHE C 296 -38.66 6.92 37.06
C PHE C 296 -39.35 6.76 38.42
N ILE C 297 -38.67 7.16 39.50
CA ILE C 297 -39.30 7.25 40.82
C ILE C 297 -40.00 8.60 40.90
N HIS C 298 -41.31 8.62 40.66
CA HIS C 298 -42.10 9.86 40.69
C HIS C 298 -42.42 10.25 42.12
N ALA C 299 -42.93 11.46 42.28
CA ALA C 299 -43.40 11.96 43.57
C ALA C 299 -44.71 11.26 43.94
N GLY C 300 -44.78 10.75 45.17
CA GLY C 300 -45.95 9.99 45.65
C GLY C 300 -45.81 8.48 45.61
N ASP C 301 -44.93 7.97 44.74
CA ASP C 301 -44.72 6.53 44.54
C ASP C 301 -44.30 5.79 45.81
N LEU C 302 -43.30 6.32 46.51
CA LEU C 302 -42.75 5.66 47.70
C LEU C 302 -43.72 5.61 48.89
N ALA C 303 -44.54 6.65 49.04
CA ALA C 303 -45.65 6.66 50.01
C ALA C 303 -46.73 5.63 49.67
N THR C 304 -46.94 5.40 48.39
CA THR C 304 -47.86 4.36 47.90
C THR C 304 -47.25 2.96 48.09
N ILE C 305 -45.99 2.81 47.71
CA ILE C 305 -45.24 1.54 47.91
C ILE C 305 -45.26 1.11 49.38
N SER C 306 -45.11 2.08 50.30
CA SER C 306 -45.06 1.82 51.74
C SER C 306 -46.41 1.89 52.45
N THR C 307 -47.51 1.68 51.73
CA THR C 307 -48.86 1.73 52.31
C THR C 307 -49.05 0.60 53.35
N PRO C 308 -49.70 0.89 54.50
CA PRO C 308 -49.72 -0.12 55.57
C PRO C 308 -50.43 -1.43 55.19
N CYS C 309 -49.72 -2.54 55.40
CA CYS C 309 -50.24 -3.88 55.13
C CYS C 309 -50.66 -4.57 56.42
N ASP C 310 -51.33 -5.71 56.27
CA ASP C 310 -51.87 -6.48 57.40
C ASP C 310 -50.90 -7.55 57.89
N PHE C 311 -50.15 -8.12 56.97
CA PHE C 311 -49.08 -9.05 57.31
C PHE C 311 -47.88 -8.78 56.41
N PHE C 312 -46.78 -9.44 56.73
CA PHE C 312 -45.60 -9.48 55.86
C PHE C 312 -45.28 -10.93 55.54
N GLY C 313 -45.09 -11.23 54.26
CA GLY C 313 -44.74 -12.57 53.81
C GLY C 313 -43.24 -12.69 53.53
N ILE C 314 -42.66 -13.83 53.91
CA ILE C 314 -41.24 -14.11 53.64
C ILE C 314 -41.09 -15.48 52.98
N ASN C 315 -40.42 -15.51 51.84
CA ASN C 315 -39.94 -16.75 51.29
C ASN C 315 -38.50 -16.91 51.71
N PHE C 316 -38.20 -17.99 52.43
CA PHE C 316 -36.85 -18.21 52.94
C PHE C 316 -36.35 -19.57 52.49
N TYR C 317 -35.10 -19.61 52.08
CA TYR C 317 -34.46 -20.83 51.63
C TYR C 317 -33.09 -21.00 52.23
N SER C 318 -32.23 -20.00 52.08
CA SER C 318 -30.87 -20.08 52.59
C SER C 318 -30.25 -18.72 52.91
N ARG C 319 -29.04 -18.79 53.48
CA ARG C 319 -28.14 -17.65 53.63
C ARG C 319 -27.19 -17.59 52.44
N ASN C 320 -26.31 -16.61 52.42
CA ASN C 320 -25.16 -16.59 51.49
C ASN C 320 -23.95 -16.04 52.21
N LEU C 321 -22.86 -16.81 52.22
CA LEU C 321 -21.59 -16.33 52.72
C LEU C 321 -20.86 -15.65 51.55
N VAL C 322 -20.46 -14.39 51.74
CA VAL C 322 -19.85 -13.58 50.67
C VAL C 322 -18.50 -13.00 51.11
N GLU C 323 -17.65 -12.70 50.13
CA GLU C 323 -16.41 -11.93 50.37
C GLU C 323 -16.21 -10.81 49.33
N PHE C 324 -15.24 -9.95 49.60
CA PHE C 324 -14.90 -8.83 48.72
C PHE C 324 -14.26 -9.27 47.40
N SER C 325 -14.61 -8.55 46.33
CA SER C 325 -14.02 -8.72 44.99
C SER C 325 -13.76 -7.35 44.36
N ALA C 326 -12.48 -7.04 44.13
CA ALA C 326 -12.09 -5.79 43.46
C ALA C 326 -12.55 -5.72 42.00
N ALA C 327 -12.69 -6.88 41.37
CA ALA C 327 -13.10 -6.98 39.96
C ALA C 327 -14.61 -6.98 39.75
N SER C 328 -15.38 -7.07 40.84
CA SER C 328 -16.84 -7.06 40.78
C SER C 328 -17.38 -5.65 40.90
N ASP C 329 -18.31 -5.30 40.00
CA ASP C 329 -18.98 -3.99 40.01
C ASP C 329 -19.69 -3.67 41.33
N PHE C 330 -20.36 -4.67 41.92
CA PHE C 330 -21.04 -4.53 43.22
C PHE C 330 -20.20 -5.01 44.42
N LEU C 331 -18.90 -5.20 44.20
CA LEU C 331 -17.89 -5.41 45.24
C LEU C 331 -18.00 -6.69 46.08
N HIS C 332 -18.74 -7.69 45.59
CA HIS C 332 -18.83 -8.95 46.30
C HIS C 332 -18.92 -10.16 45.37
N LYS C 333 -18.44 -11.30 45.87
CA LYS C 333 -18.56 -12.59 45.19
C LYS C 333 -18.87 -13.65 46.25
N ASP C 334 -19.29 -14.82 45.81
CA ASP C 334 -19.63 -15.91 46.74
C ASP C 334 -18.37 -16.51 47.34
N ALA C 335 -18.39 -16.71 48.66
CA ALA C 335 -17.29 -17.33 49.39
C ALA C 335 -17.61 -18.79 49.69
N TYR C 336 -16.57 -19.62 49.82
CA TYR C 336 -16.75 -21.04 50.02
C TYR C 336 -17.48 -21.31 51.34
N SER C 337 -18.54 -22.11 51.28
CA SER C 337 -19.33 -22.48 52.45
C SER C 337 -19.11 -23.94 52.81
N ASP C 338 -18.82 -24.22 54.07
CA ASP C 338 -18.64 -25.59 54.57
C ASP C 338 -19.91 -26.19 55.20
N TYR C 339 -21.04 -25.51 55.06
CA TYR C 339 -22.33 -25.98 55.56
C TYR C 339 -22.85 -27.20 54.81
N ASP C 340 -23.78 -27.92 55.43
CA ASP C 340 -24.57 -28.95 54.76
C ASP C 340 -25.45 -28.28 53.70
N LYS C 341 -25.62 -28.95 52.56
CA LYS C 341 -26.30 -28.37 51.41
C LYS C 341 -27.43 -29.22 50.90
N THR C 342 -28.40 -28.56 50.26
CA THR C 342 -29.53 -29.24 49.62
C THR C 342 -29.08 -29.78 48.25
N GLY C 343 -30.01 -30.41 47.52
CA GLY C 343 -29.76 -30.82 46.13
C GLY C 343 -29.44 -29.69 45.16
N MET C 344 -29.81 -28.46 45.52
CA MET C 344 -29.50 -27.25 44.73
C MET C 344 -28.11 -26.69 44.99
N GLY C 345 -27.43 -27.18 46.02
CA GLY C 345 -26.18 -26.58 46.50
C GLY C 345 -26.37 -25.42 47.47
N TRP C 346 -27.61 -25.21 47.93
CA TRP C 346 -27.92 -24.12 48.84
C TRP C 346 -27.63 -24.53 50.30
N ASP C 347 -27.11 -23.60 51.09
CA ASP C 347 -26.78 -23.86 52.49
C ASP C 347 -28.04 -24.10 53.32
N ILE C 348 -28.02 -25.16 54.14
CA ILE C 348 -29.07 -25.43 55.10
C ILE C 348 -28.73 -24.57 56.32
N ALA C 349 -29.57 -23.56 56.58
CA ALA C 349 -29.20 -22.42 57.40
C ALA C 349 -30.32 -21.92 58.34
N PRO C 350 -30.79 -22.79 59.25
CA PRO C 350 -31.85 -22.39 60.20
C PRO C 350 -31.43 -21.33 61.21
N SER C 351 -30.18 -21.39 61.67
CA SER C 351 -29.63 -20.37 62.57
C SER C 351 -29.66 -18.96 61.96
N GLU C 352 -29.36 -18.88 60.67
CA GLU C 352 -29.33 -17.62 59.94
C GLU C 352 -30.75 -17.11 59.68
N PHE C 353 -31.69 -18.04 59.54
CA PHE C 353 -33.12 -17.72 59.50
C PHE C 353 -33.57 -16.99 60.76
N LYS C 354 -33.07 -17.43 61.91
CA LYS C 354 -33.37 -16.76 63.19
C LYS C 354 -32.75 -15.37 63.27
N ASP C 355 -31.56 -15.20 62.73
CA ASP C 355 -30.90 -13.87 62.64
C ASP C 355 -31.74 -12.90 61.85
N LEU C 356 -32.23 -13.36 60.70
CA LEU C 356 -33.06 -12.55 59.79
C LEU C 356 -34.33 -12.06 60.45
N ILE C 357 -35.08 -12.98 61.05
CA ILE C 357 -36.34 -12.62 61.71
C ILE C 357 -36.11 -11.58 62.81
N ARG C 358 -35.10 -11.80 63.64
CA ARG C 358 -34.75 -10.85 64.70
C ARG C 358 -34.42 -9.47 64.13
N ARG C 359 -33.63 -9.44 63.07
CA ARG C 359 -33.28 -8.20 62.37
C ARG C 359 -34.52 -7.42 61.90
N LEU C 360 -35.50 -8.13 61.35
CA LEU C 360 -36.73 -7.51 60.84
C LEU C 360 -37.58 -6.85 61.92
N ARG C 361 -37.70 -7.51 63.08
CA ARG C 361 -38.36 -6.90 64.24
C ARG C 361 -37.58 -5.72 64.82
N ALA C 362 -36.26 -5.83 64.83
CA ALA C 362 -35.38 -4.76 65.30
C ALA C 362 -35.42 -3.53 64.40
N GLU C 363 -35.31 -3.74 63.09
CA GLU C 363 -35.10 -2.65 62.12
C GLU C 363 -36.33 -2.21 61.32
N TYR C 364 -37.19 -3.17 60.96
CA TYR C 364 -38.20 -2.96 59.91
C TYR C 364 -39.65 -2.94 60.38
N THR C 365 -40.17 -4.08 60.84
CA THR C 365 -41.62 -4.22 61.06
C THR C 365 -42.03 -5.02 62.30
N ASP C 366 -43.23 -4.70 62.80
CA ASP C 366 -43.87 -5.43 63.90
C ASP C 366 -45.19 -6.08 63.43
N LEU C 367 -45.39 -6.22 62.12
CA LEU C 367 -46.53 -6.95 61.57
C LEU C 367 -46.38 -8.45 61.81
N PRO C 368 -47.50 -9.20 61.80
CA PRO C 368 -47.41 -10.67 61.84
C PRO C 368 -46.76 -11.24 60.58
N ILE C 369 -45.73 -12.06 60.77
CA ILE C 369 -44.98 -12.66 59.67
C ILE C 369 -45.59 -14.02 59.33
N TYR C 370 -45.68 -14.29 58.03
CA TYR C 370 -46.02 -15.60 57.49
C TYR C 370 -44.87 -16.08 56.64
N ILE C 371 -44.39 -17.30 56.92
CA ILE C 371 -43.37 -17.92 56.08
C ILE C 371 -44.10 -18.50 54.88
N THR C 372 -44.25 -17.70 53.84
CA THR C 372 -45.08 -18.04 52.68
C THR C 372 -44.46 -19.08 51.76
N GLU C 373 -43.15 -19.25 51.85
CA GLU C 373 -42.45 -20.39 51.22
C GLU C 373 -41.25 -20.79 52.06
N ASN C 374 -41.18 -22.08 52.35
CA ASN C 374 -39.95 -22.71 52.80
C ASN C 374 -40.00 -24.17 52.40
N GLY C 375 -38.86 -24.70 52.02
CA GLY C 375 -38.75 -26.07 51.56
C GLY C 375 -37.41 -26.28 50.91
N ALA C 376 -37.23 -27.45 50.34
CA ALA C 376 -35.94 -27.86 49.79
C ALA C 376 -36.09 -28.87 48.68
N ALA C 377 -35.01 -29.04 47.94
CA ALA C 377 -34.92 -30.00 46.85
C ALA C 377 -33.78 -30.95 47.14
N PHE C 378 -34.04 -32.24 46.97
CA PHE C 378 -33.06 -33.29 47.18
C PHE C 378 -33.26 -34.32 46.09
N ASP C 379 -32.27 -35.20 45.92
CA ASP C 379 -32.30 -36.18 44.84
C ASP C 379 -33.28 -37.32 45.17
N ASP C 380 -34.57 -37.04 44.94
CA ASP C 380 -35.66 -37.95 45.29
C ASP C 380 -35.84 -39.09 44.32
N GLN C 381 -35.71 -40.32 44.84
CA GLN C 381 -35.95 -41.54 44.05
C GLN C 381 -37.24 -42.21 44.49
N LEU C 382 -37.99 -42.70 43.51
CA LEU C 382 -39.12 -43.59 43.76
C LEU C 382 -38.58 -45.03 43.79
N VAL C 383 -38.78 -45.70 44.92
CA VAL C 383 -38.42 -47.10 45.08
C VAL C 383 -39.61 -47.82 45.70
N ASP C 384 -40.16 -48.80 44.97
CA ASP C 384 -41.22 -49.69 45.47
C ASP C 384 -42.48 -48.93 45.94
N GLY C 385 -42.88 -47.95 45.15
CA GLY C 385 -44.07 -47.12 45.45
C GLY C 385 -43.93 -46.09 46.57
N LYS C 386 -42.70 -45.85 47.03
CA LYS C 386 -42.42 -44.95 48.15
C LYS C 386 -41.20 -44.08 47.87
N ILE C 387 -41.24 -42.85 48.40
CA ILE C 387 -40.11 -41.90 48.30
C ILE C 387 -39.59 -41.62 49.71
N HIS C 388 -38.36 -42.06 49.97
CA HIS C 388 -37.73 -41.92 51.27
C HIS C 388 -36.92 -40.63 51.37
N ASP C 389 -37.64 -39.51 51.50
CA ASP C 389 -37.05 -38.17 51.58
C ASP C 389 -36.87 -37.70 53.04
N GLN C 390 -36.01 -38.41 53.76
CA GLN C 390 -35.66 -38.05 55.15
C GLN C 390 -34.90 -36.73 55.22
N ASN C 391 -34.02 -36.51 54.23
CA ASN C 391 -33.33 -35.24 54.03
C ASN C 391 -34.27 -34.02 54.02
N ARG C 392 -35.39 -34.14 53.32
CA ARG C 392 -36.40 -33.06 53.25
C ARG C 392 -37.14 -32.88 54.59
N ILE C 393 -37.44 -33.99 55.26
CA ILE C 393 -38.04 -33.97 56.60
C ILE C 393 -37.14 -33.21 57.56
N ASP C 394 -35.87 -33.63 57.60
CA ASP C 394 -34.85 -32.99 58.44
C ASP C 394 -34.80 -31.47 58.23
N TYR C 395 -34.69 -31.06 56.97
CA TYR C 395 -34.67 -29.64 56.59
C TYR C 395 -35.85 -28.88 57.18
N VAL C 396 -37.05 -29.34 56.87
CA VAL C 396 -38.30 -28.72 57.32
C VAL C 396 -38.39 -28.70 58.85
N ALA C 397 -37.99 -29.80 59.49
CA ALA C 397 -38.00 -29.92 60.94
C ALA C 397 -37.13 -28.86 61.64
N GLN C 398 -35.91 -28.69 61.14
CA GLN C 398 -35.00 -27.66 61.64
C GLN C 398 -35.58 -26.24 61.54
N HIS C 399 -36.30 -25.96 60.46
CA HIS C 399 -36.91 -24.64 60.26
C HIS C 399 -38.18 -24.43 61.11
N LEU C 400 -38.98 -25.50 61.24
CA LEU C 400 -40.14 -25.46 62.13
C LEU C 400 -39.75 -25.33 63.59
N GLN C 401 -38.63 -25.95 63.95
CA GLN C 401 -38.02 -25.78 65.28
C GLN C 401 -37.62 -24.34 65.51
N ALA C 402 -36.92 -23.76 64.53
CA ALA C 402 -36.53 -22.34 64.58
C ALA C 402 -37.74 -21.42 64.75
N VAL C 403 -38.82 -21.70 64.02
CA VAL C 403 -40.07 -20.91 64.12
C VAL C 403 -40.63 -20.97 65.53
N SER C 404 -40.69 -22.17 66.09
CA SER C 404 -41.15 -22.38 67.47
C SER C 404 -40.26 -21.69 68.50
N ASP C 405 -38.94 -21.70 68.26
CA ASP C 405 -37.98 -20.99 69.13
C ASP C 405 -38.15 -19.48 69.07
N LEU C 406 -38.34 -18.95 67.85
CA LEU C 406 -38.55 -17.51 67.63
C LEU C 406 -39.87 -17.00 68.20
N ASN C 407 -40.94 -17.79 68.08
CA ASN C 407 -42.23 -17.45 68.69
C ASN C 407 -42.23 -17.45 70.22
N ASP C 408 -41.29 -18.18 70.84
CA ASP C 408 -41.05 -18.09 72.29
C ASP C 408 -40.40 -16.76 72.67
N GLU C 409 -39.52 -16.25 71.80
CA GLU C 409 -38.92 -14.90 71.98
C GLU C 409 -39.88 -13.73 71.71
N GLY C 410 -41.05 -14.03 71.13
CA GLY C 410 -42.08 -13.03 70.84
C GLY C 410 -42.00 -12.45 69.43
N MET C 411 -41.39 -13.21 68.50
CA MET C 411 -41.17 -12.77 67.12
C MET C 411 -42.40 -12.88 66.21
N ASN C 412 -43.48 -13.52 66.71
CA ASN C 412 -44.81 -13.46 66.09
C ASN C 412 -44.85 -13.93 64.61
N ILE C 413 -44.28 -15.11 64.38
CA ILE C 413 -44.46 -15.81 63.10
C ILE C 413 -45.81 -16.54 63.19
N ALA C 414 -46.83 -15.94 62.58
CA ALA C 414 -48.20 -16.42 62.67
C ALA C 414 -48.51 -17.67 61.85
N GLY C 415 -47.63 -18.01 60.89
CA GLY C 415 -47.86 -19.19 60.07
C GLY C 415 -46.67 -19.61 59.24
N TYR C 416 -46.79 -20.80 58.67
CA TYR C 416 -45.74 -21.43 57.88
C TYR C 416 -46.39 -22.22 56.75
N TYR C 417 -45.92 -21.96 55.52
CA TYR C 417 -46.33 -22.74 54.34
C TYR C 417 -45.14 -23.55 53.85
N LEU C 418 -45.38 -24.83 53.60
CA LEU C 418 -44.37 -25.73 53.10
C LEU C 418 -44.38 -25.73 51.57
N TRP C 419 -43.36 -25.13 50.97
CA TRP C 419 -43.14 -25.20 49.53
C TRP C 419 -42.48 -26.56 49.24
N SER C 420 -43.06 -27.44 48.43
CA SER C 420 -44.30 -27.25 47.68
C SER C 420 -45.21 -28.45 47.84
N LEU C 421 -46.49 -28.27 47.52
CA LEU C 421 -47.46 -29.36 47.56
C LEU C 421 -47.06 -30.49 46.62
N LEU C 422 -46.85 -30.14 45.37
CA LEU C 422 -46.50 -31.09 44.32
C LEU C 422 -45.08 -30.86 43.81
N ASP C 423 -44.48 -31.91 43.26
CA ASP C 423 -43.32 -31.76 42.38
C ASP C 423 -43.81 -31.05 41.14
N ASN C 424 -43.09 -30.01 40.73
CA ASN C 424 -43.59 -29.09 39.72
C ASN C 424 -42.49 -28.63 38.75
N PHE C 425 -42.89 -27.79 37.80
CA PHE C 425 -41.95 -27.11 36.89
C PHE C 425 -41.12 -26.10 37.69
N GLU C 426 -39.85 -26.42 37.91
CA GLU C 426 -38.93 -25.59 38.69
C GLU C 426 -38.15 -24.56 37.84
N TRP C 427 -38.90 -23.77 37.06
CA TRP C 427 -38.39 -22.58 36.37
C TRP C 427 -37.24 -22.88 35.38
N SER C 428 -36.04 -22.32 35.57
CA SER C 428 -34.89 -22.61 34.70
C SER C 428 -34.33 -24.03 34.87
N PHE C 429 -34.59 -24.65 36.01
CA PHE C 429 -34.22 -26.05 36.26
C PHE C 429 -35.21 -27.07 35.69
N GLY C 430 -36.43 -26.63 35.38
CA GLY C 430 -37.43 -27.48 34.74
C GLY C 430 -37.98 -28.52 35.69
N TYR C 431 -38.02 -29.77 35.24
CA TYR C 431 -38.42 -30.94 36.04
C TYR C 431 -37.19 -31.75 36.52
N ASP C 432 -36.01 -31.16 36.41
CA ASP C 432 -34.78 -31.75 36.98
C ASP C 432 -34.73 -31.65 38.51
N LYS C 433 -35.53 -30.77 39.09
CA LYS C 433 -35.49 -30.51 40.52
C LYS C 433 -36.86 -30.70 41.15
N ARG C 434 -36.91 -31.48 42.23
CA ARG C 434 -38.16 -31.85 42.89
C ARG C 434 -38.23 -31.22 44.27
N PHE C 435 -39.14 -30.27 44.41
CA PHE C 435 -39.39 -29.55 45.69
C PHE C 435 -40.62 -30.06 46.46
N GLY C 436 -41.43 -30.92 45.84
CA GLY C 436 -42.73 -31.27 46.38
C GLY C 436 -42.72 -32.23 47.55
N ILE C 437 -43.72 -32.13 48.42
CA ILE C 437 -43.97 -33.16 49.44
C ILE C 437 -44.81 -34.32 48.88
N ILE C 438 -45.47 -34.10 47.74
CA ILE C 438 -46.15 -35.16 47.00
C ILE C 438 -45.42 -35.37 45.66
N TYR C 439 -44.95 -36.59 45.44
CA TYR C 439 -44.25 -36.97 44.22
C TYR C 439 -45.22 -36.99 43.05
N VAL C 440 -44.75 -36.54 41.89
CA VAL C 440 -45.53 -36.56 40.66
C VAL C 440 -44.73 -37.31 39.58
N ASP C 441 -45.31 -38.38 39.08
CA ASP C 441 -44.86 -39.04 37.86
C ASP C 441 -45.45 -38.23 36.69
N PHE C 442 -44.60 -37.49 36.01
CA PHE C 442 -45.05 -36.55 34.96
C PHE C 442 -45.55 -37.24 33.68
N ASP C 443 -45.15 -38.49 33.48
CA ASP C 443 -45.64 -39.30 32.37
C ASP C 443 -47.10 -39.74 32.57
N THR C 444 -47.41 -40.24 33.77
CA THR C 444 -48.76 -40.74 34.08
C THR C 444 -49.65 -39.71 34.79
N GLN C 445 -49.03 -38.64 35.33
CA GLN C 445 -49.68 -37.68 36.24
C GLN C 445 -50.17 -38.29 37.57
N GLU C 446 -49.52 -39.37 38.01
CA GLU C 446 -49.86 -40.03 39.26
C GLU C 446 -49.27 -39.25 40.43
N ARG C 447 -50.11 -38.99 41.44
CA ARG C 447 -49.65 -38.40 42.70
C ARG C 447 -49.33 -39.51 43.69
N ILE C 448 -48.11 -39.48 44.23
CA ILE C 448 -47.66 -40.44 45.25
C ILE C 448 -47.13 -39.63 46.42
N TRP C 449 -47.67 -39.87 47.61
CA TRP C 449 -47.21 -39.18 48.82
C TRP C 449 -45.78 -39.59 49.16
N LYS C 450 -44.90 -38.62 49.32
CA LYS C 450 -43.55 -38.84 49.85
C LYS C 450 -43.66 -38.98 51.37
N ASP C 451 -42.62 -39.51 51.99
CA ASP C 451 -42.55 -39.61 53.45
C ASP C 451 -42.77 -38.26 54.15
N SER C 452 -42.26 -37.18 53.54
CA SER C 452 -42.40 -35.83 54.10
C SER C 452 -43.86 -35.36 54.21
N ALA C 453 -44.72 -35.80 53.29
CA ALA C 453 -46.14 -35.47 53.32
C ALA C 453 -46.87 -36.18 54.48
N HIS C 454 -46.59 -37.47 54.65
CA HIS C 454 -47.11 -38.22 55.81
C HIS C 454 -46.65 -37.58 57.11
N TRP C 455 -45.35 -37.29 57.18
CA TRP C 455 -44.74 -36.64 58.33
C TRP C 455 -45.37 -35.29 58.65
N TYR C 456 -45.54 -34.47 57.62
CA TYR C 456 -46.10 -33.12 57.77
C TYR C 456 -47.56 -33.16 58.22
N ALA C 457 -48.34 -34.05 57.61
CA ALA C 457 -49.72 -34.31 58.05
C ALA C 457 -49.78 -34.72 59.53
N ASN C 458 -48.82 -35.55 59.94
CA ASN C 458 -48.69 -35.94 61.36
C ASN C 458 -48.23 -34.81 62.28
N VAL C 459 -47.33 -33.93 61.79
CA VAL C 459 -46.94 -32.74 62.54
C VAL C 459 -48.16 -31.86 62.83
N ILE C 460 -49.01 -31.69 61.81
CA ILE C 460 -50.23 -30.89 61.92
C ILE C 460 -51.23 -31.55 62.89
N GLN C 461 -51.45 -32.85 62.67
CA GLN C 461 -52.29 -33.68 63.55
C GLN C 461 -51.89 -33.55 65.03
N THR C 462 -50.60 -33.73 65.29
CA THR C 462 -50.01 -33.57 66.64
C THR C 462 -50.26 -32.18 67.23
N HIS C 463 -50.08 -31.15 66.42
CA HIS C 463 -50.39 -29.78 66.83
C HIS C 463 -51.88 -29.62 67.18
N LYS C 464 -52.76 -30.18 66.36
CA LYS C 464 -54.20 -30.13 66.59
C LYS C 464 -54.62 -30.88 67.86
N ALA C 465 -54.02 -32.05 68.08
CA ALA C 465 -54.26 -32.83 69.30
C ALA C 465 -53.82 -32.12 70.60
N ALA C 466 -52.85 -31.22 70.51
CA ALA C 466 -52.42 -30.40 71.64
C ALA C 466 -53.46 -29.33 72.02
N LEU C 467 -54.23 -28.86 71.04
CA LEU C 467 -55.21 -27.79 71.25
C LEU C 467 -56.41 -28.29 72.07
N PRO C 468 -56.88 -27.47 73.04
CA PRO C 468 -58.08 -27.85 73.80
C PRO C 468 -59.37 -27.75 72.99
N PHE D 26 -23.85 38.61 73.24
CA PHE D 26 -22.99 37.40 73.44
C PHE D 26 -22.75 37.13 74.94
N ALA D 27 -22.44 35.88 75.26
CA ALA D 27 -22.24 35.44 76.64
C ALA D 27 -20.90 35.91 77.22
N PRO D 28 -20.72 35.84 78.56
CA PRO D 28 -19.49 36.36 79.17
C PRO D 28 -18.18 35.66 78.81
N ASN D 29 -18.24 34.37 78.53
CA ASN D 29 -17.06 33.58 78.16
C ASN D 29 -16.79 33.51 76.66
N PHE D 30 -17.57 34.25 75.87
CA PHE D 30 -17.43 34.22 74.41
C PHE D 30 -16.09 34.82 73.98
N VAL D 31 -15.42 34.09 73.09
CA VAL D 31 -14.09 34.45 72.61
C VAL D 31 -14.22 35.04 71.21
N PHE D 32 -13.82 36.30 71.05
CA PHE D 32 -13.60 36.88 69.72
C PHE D 32 -12.13 36.70 69.33
N GLY D 33 -11.90 36.37 68.07
CA GLY D 33 -10.53 36.14 67.60
C GLY D 33 -10.30 36.54 66.17
N THR D 34 -9.07 36.35 65.74
CA THR D 34 -8.70 36.48 64.34
C THR D 34 -7.62 35.45 64.04
N ALA D 35 -7.37 35.20 62.76
CA ALA D 35 -6.62 34.02 62.35
C ALA D 35 -5.77 34.22 61.11
N THR D 36 -4.66 33.49 61.08
CA THR D 36 -3.74 33.41 59.94
C THR D 36 -3.23 31.97 59.82
N SER D 37 -2.50 31.72 58.74
CA SER D 37 -1.67 30.51 58.59
C SER D 37 -0.26 30.88 58.14
N SER D 38 0.70 30.00 58.43
CA SER D 38 2.13 30.33 58.37
C SER D 38 2.62 30.66 56.98
N TYR D 39 2.29 29.85 55.98
CA TYR D 39 2.75 30.10 54.61
C TYR D 39 2.08 31.33 53.98
N GLN D 40 0.86 31.62 54.42
CA GLN D 40 0.10 32.75 53.88
C GLN D 40 0.68 34.12 54.25
N ILE D 41 1.39 34.20 55.36
CA ILE D 41 1.88 35.48 55.89
C ILE D 41 3.38 35.60 56.22
N GLU D 42 4.06 34.50 56.54
CA GLU D 42 5.42 34.58 57.11
C GLU D 42 6.47 35.07 56.12
N GLY D 43 6.49 34.49 54.95
CA GLY D 43 7.60 34.71 54.02
C GLY D 43 8.87 34.19 54.66
N ALA D 44 9.99 34.84 54.36
CA ALA D 44 11.30 34.39 54.84
C ALA D 44 11.43 32.89 54.58
N HIS D 45 11.10 32.50 53.34
CA HIS D 45 10.89 31.10 52.95
C HIS D 45 12.13 30.20 53.10
N ASP D 46 13.30 30.80 52.93
CA ASP D 46 14.58 30.08 52.94
C ASP D 46 15.50 30.57 54.07
N GLU D 47 14.88 31.16 55.09
CA GLU D 47 15.59 31.76 56.20
C GLU D 47 15.22 31.02 57.47
N GLY D 48 16.07 31.13 58.47
CA GLY D 48 15.87 30.48 59.76
C GLY D 48 15.95 28.97 59.71
N GLY D 49 16.66 28.45 58.72
CA GLY D 49 16.78 27.00 58.48
C GLY D 49 15.60 26.32 57.80
N ARG D 50 14.66 27.12 57.27
CA ARG D 50 13.47 26.56 56.60
C ARG D 50 13.82 25.98 55.23
N THR D 51 13.30 24.79 54.94
CA THR D 51 13.42 24.15 53.62
C THR D 51 12.06 24.18 52.92
N PRO D 52 12.01 23.90 51.60
CA PRO D 52 10.72 24.06 50.91
C PRO D 52 9.58 23.13 51.37
N SER D 53 8.35 23.64 51.34
CA SER D 53 7.14 22.83 51.45
C SER D 53 6.59 22.52 50.06
N ILE D 54 5.60 21.62 50.01
CA ILE D 54 4.85 21.36 48.77
C ILE D 54 4.28 22.61 48.09
N TRP D 55 3.93 23.63 48.87
CA TRP D 55 3.39 24.89 48.32
C TRP D 55 4.41 25.78 47.64
N ASP D 56 5.66 25.77 48.13
CA ASP D 56 6.77 26.48 47.44
C ASP D 56 6.97 25.92 46.03
N THR D 57 7.07 24.59 45.95
CA THR D 57 7.22 23.87 44.69
C THR D 57 5.99 24.01 43.78
N PHE D 58 4.80 23.93 44.38
CA PHE D 58 3.53 24.13 43.66
C PHE D 58 3.40 25.53 43.05
N CYS D 59 3.86 26.54 43.77
CA CYS D 59 3.90 27.92 43.25
C CYS D 59 4.88 28.12 42.07
N ASP D 60 5.94 27.31 42.06
CA ASP D 60 6.93 27.32 40.97
C ASP D 60 6.53 26.45 39.78
N THR D 61 5.54 25.58 39.99
CA THR D 61 4.96 24.78 38.91
C THR D 61 4.03 25.64 38.07
N ASP D 62 4.18 25.56 36.75
CA ASP D 62 3.45 26.39 35.80
C ASP D 62 1.95 26.08 35.78
N GLY D 63 1.14 27.13 35.74
CA GLY D 63 -0.32 27.01 35.58
C GLY D 63 -1.13 26.70 36.83
N LYS D 64 -0.45 26.50 37.96
CA LYS D 64 -1.09 26.08 39.21
C LYS D 64 -1.59 27.25 40.06
N VAL D 65 -0.81 28.32 40.13
CA VAL D 65 -1.11 29.48 40.98
C VAL D 65 -1.20 30.75 40.12
N PHE D 66 -2.07 31.67 40.54
CA PHE D 66 -2.36 32.93 39.83
C PHE D 66 -1.10 33.76 39.53
N GLU D 67 -0.77 33.85 38.24
CA GLU D 67 0.40 34.63 37.75
C GLU D 67 1.71 34.30 38.47
N LYS D 68 1.93 33.02 38.71
CA LYS D 68 3.15 32.51 39.37
C LYS D 68 3.45 33.10 40.75
N HIS D 69 2.44 33.62 41.43
CA HIS D 69 2.64 34.21 42.75
C HIS D 69 3.02 33.14 43.76
N ASN D 70 3.71 33.56 44.81
CA ASN D 70 4.25 32.63 45.79
C ASN D 70 4.27 33.27 47.18
N GLY D 71 4.64 32.46 48.17
CA GLY D 71 4.79 32.92 49.55
C GLY D 71 6.23 33.12 49.98
N ASP D 72 7.08 33.59 49.05
CA ASP D 72 8.50 33.88 49.34
C ASP D 72 8.63 35.01 50.35
N VAL D 73 7.92 36.10 50.08
CA VAL D 73 7.85 37.27 50.97
C VAL D 73 6.54 37.27 51.74
N ALA D 74 5.43 37.06 51.05
CA ALA D 74 4.09 37.07 51.64
C ALA D 74 3.79 38.41 52.34
N CYS D 75 3.43 38.39 53.62
CA CYS D 75 3.28 39.59 54.44
C CYS D 75 4.53 39.90 55.24
N ASP D 76 5.59 39.12 55.03
CA ASP D 76 6.90 39.32 55.68
C ASP D 76 6.78 39.29 57.21
N HIS D 77 5.88 38.42 57.67
CA HIS D 77 5.48 38.38 59.08
C HIS D 77 6.54 37.74 59.98
N TYR D 78 7.40 36.90 59.40
CA TYR D 78 8.55 36.34 60.14
C TYR D 78 9.46 37.44 60.72
N HIS D 79 9.70 38.48 59.92
CA HIS D 79 10.49 39.64 60.36
C HIS D 79 9.68 40.73 61.08
N ARG D 80 8.42 40.92 60.67
CA ARG D 80 7.56 42.00 61.19
C ARG D 80 6.54 41.55 62.24
N PHE D 81 6.79 40.41 62.89
CA PHE D 81 5.82 39.82 63.84
C PHE D 81 5.44 40.74 65.00
N GLU D 82 6.41 41.53 65.48
CA GLU D 82 6.19 42.48 66.58
C GLU D 82 5.18 43.57 66.22
N GLU D 83 5.28 44.10 65.00
CA GLU D 83 4.31 45.07 64.48
C GLU D 83 2.91 44.45 64.41
N ASP D 84 2.83 43.24 63.86
CA ASP D 84 1.54 42.55 63.71
C ASP D 84 0.91 42.17 65.05
N ILE D 85 1.73 41.88 66.05
CA ILE D 85 1.25 41.70 67.44
C ILE D 85 0.57 42.96 67.97
N GLN D 86 1.16 44.13 67.72
CA GLN D 86 0.56 45.40 68.13
C GLN D 86 -0.79 45.64 67.44
N HIS D 87 -0.88 45.27 66.16
CA HIS D 87 -2.15 45.34 65.43
C HIS D 87 -3.23 44.44 66.05
N ILE D 88 -2.83 43.24 66.46
CA ILE D 88 -3.71 42.27 67.13
C ILE D 88 -4.14 42.79 68.50
N LYS D 89 -3.16 43.30 69.25
CA LYS D 89 -3.40 43.94 70.54
C LYS D 89 -4.38 45.11 70.43
N GLN D 90 -4.20 45.94 69.41
CA GLN D 90 -5.05 47.11 69.18
C GLN D 90 -6.46 46.71 68.72
N LEU D 91 -6.58 45.59 68.01
CA LEU D 91 -7.88 44.98 67.72
C LEU D 91 -8.67 44.56 68.96
N GLY D 92 -7.98 44.22 70.04
CA GLY D 92 -8.61 43.83 71.31
C GLY D 92 -9.13 42.40 71.35
N VAL D 93 -8.75 41.59 70.35
CA VAL D 93 -9.18 40.18 70.30
C VAL D 93 -8.68 39.42 71.53
N ASP D 94 -9.49 38.45 71.96
CA ASP D 94 -9.15 37.60 73.09
C ASP D 94 -8.09 36.58 72.67
N THR D 95 -8.25 36.05 71.46
CA THR D 95 -7.43 34.96 70.93
C THR D 95 -6.86 35.34 69.57
N TYR D 96 -5.65 34.86 69.27
CA TYR D 96 -5.05 34.90 67.94
C TYR D 96 -4.73 33.47 67.53
N ARG D 97 -5.28 33.06 66.39
CA ARG D 97 -5.02 31.75 65.83
C ARG D 97 -3.97 31.83 64.72
N PHE D 98 -2.86 31.13 64.91
CA PHE D 98 -1.81 31.02 63.88
C PHE D 98 -1.43 29.56 63.71
N SER D 99 -0.69 29.26 62.64
CA SER D 99 -0.20 27.89 62.38
C SER D 99 1.33 27.84 62.48
N ILE D 100 1.84 26.64 62.77
CA ILE D 100 3.28 26.39 62.82
C ILE D 100 3.72 25.77 61.49
N ALA D 101 4.73 26.38 60.87
CA ALA D 101 5.36 25.85 59.67
C ALA D 101 6.18 24.61 59.99
N TRP D 102 5.69 23.45 59.55
CA TRP D 102 6.38 22.17 59.68
C TRP D 102 7.84 22.23 59.17
N PRO D 103 8.07 22.79 57.95
CA PRO D 103 9.46 22.82 57.44
C PRO D 103 10.44 23.72 58.23
N ARG D 104 9.94 24.64 59.04
CA ARG D 104 10.78 25.37 59.98
C ARG D 104 11.23 24.52 61.16
N ILE D 105 10.40 23.55 61.55
CA ILE D 105 10.67 22.71 62.74
C ILE D 105 11.43 21.45 62.36
N PHE D 106 11.00 20.78 61.30
CA PHE D 106 11.72 19.62 60.76
C PHE D 106 12.05 19.87 59.29
N PRO D 107 13.06 20.71 59.02
CA PRO D 107 13.47 20.98 57.62
C PRO D 107 14.02 19.77 56.88
N SER D 108 14.43 18.75 57.62
CA SER D 108 14.74 17.43 57.08
C SER D 108 14.19 16.37 58.01
N LYS D 109 13.99 15.16 57.49
CA LYS D 109 13.43 14.07 58.28
C LYS D 109 14.32 13.74 59.46
N GLY D 110 13.74 13.77 60.66
CA GLY D 110 14.47 13.49 61.90
C GLY D 110 15.33 14.60 62.46
N GLN D 111 15.65 15.63 61.66
CA GLN D 111 16.49 16.74 62.11
C GLN D 111 15.65 17.87 62.71
N PHE D 112 15.70 18.01 64.03
CA PHE D 112 15.05 19.11 64.73
C PHE D 112 15.83 20.41 64.54
N ASN D 113 15.11 21.50 64.31
CA ASN D 113 15.69 22.83 64.11
C ASN D 113 15.25 23.80 65.23
N PRO D 114 16.13 24.05 66.23
CA PRO D 114 15.72 24.89 67.38
C PRO D 114 15.53 26.40 67.08
N GLU D 115 16.16 26.90 66.03
CA GLU D 115 15.95 28.29 65.59
C GLU D 115 14.50 28.52 65.12
N GLY D 116 13.96 27.56 64.39
CA GLY D 116 12.58 27.62 63.92
C GLY D 116 11.56 27.54 65.04
N MET D 117 11.83 26.68 66.02
CA MET D 117 10.96 26.54 67.19
C MET D 117 10.98 27.78 68.06
N ALA D 118 12.17 28.37 68.22
CA ALA D 118 12.36 29.59 69.00
C ALA D 118 11.47 30.74 68.53
N PHE D 119 11.31 30.88 67.22
CA PHE D 119 10.43 31.90 66.64
C PHE D 119 8.99 31.79 67.16
N TYR D 120 8.44 30.58 67.09
CA TYR D 120 7.08 30.32 67.56
C TYR D 120 6.94 30.40 69.09
N LYS D 121 8.00 30.05 69.81
CA LYS D 121 8.05 30.20 71.26
C LYS D 121 8.03 31.68 71.64
N THR D 122 8.85 32.46 70.95
CA THR D 122 8.90 33.91 71.12
C THR D 122 7.55 34.56 70.77
N LEU D 123 6.97 34.14 69.65
CA LEU D 123 5.65 34.63 69.23
C LEU D 123 4.57 34.38 70.29
N ALA D 124 4.48 33.13 70.74
CA ALA D 124 3.50 32.72 71.76
C ALA D 124 3.69 33.44 73.10
N THR D 125 4.95 33.57 73.52
CA THR D 125 5.31 34.26 74.77
C THR D 125 4.92 35.74 74.73
N ARG D 126 5.30 36.41 73.65
CA ARG D 126 4.94 37.81 73.41
C ARG D 126 3.41 38.04 73.41
N LEU D 127 2.66 37.13 72.79
CA LEU D 127 1.19 37.17 72.80
C LEU D 127 0.60 37.02 74.21
N GLN D 128 1.20 36.15 75.02
CA GLN D 128 0.81 35.98 76.42
C GLN D 128 1.10 37.22 77.27
N GLU D 129 2.24 37.85 77.02
CA GLU D 129 2.61 39.11 77.70
C GLU D 129 1.66 40.27 77.36
N GLU D 130 1.16 40.28 76.14
CA GLU D 130 0.18 41.30 75.70
C GLU D 130 -1.29 40.94 76.01
N GLY D 131 -1.52 39.87 76.78
CA GLY D 131 -2.85 39.46 77.21
C GLY D 131 -3.70 38.76 76.16
N ILE D 132 -3.04 38.06 75.24
CA ILE D 132 -3.69 37.40 74.10
C ILE D 132 -3.48 35.89 74.20
N LYS D 133 -4.54 35.13 73.94
CA LYS D 133 -4.51 33.67 74.00
C LYS D 133 -3.98 33.09 72.68
N PRO D 134 -2.86 32.33 72.73
CA PRO D 134 -2.41 31.71 71.46
C PRO D 134 -3.17 30.40 71.17
N ALA D 135 -3.92 30.41 70.06
CA ALA D 135 -4.56 29.20 69.54
C ALA D 135 -3.70 28.74 68.36
N VAL D 136 -3.16 27.52 68.45
CA VAL D 136 -2.13 27.06 67.50
C VAL D 136 -2.63 25.92 66.63
N THR D 137 -2.49 26.10 65.32
CA THR D 137 -2.82 25.07 64.32
C THR D 137 -1.53 24.34 63.99
N LEU D 138 -1.52 23.00 64.09
CA LEU D 138 -0.31 22.22 63.80
C LEU D 138 -0.08 22.07 62.30
N TYR D 139 -1.10 21.59 61.59
CA TYR D 139 -1.02 21.43 60.14
C TYR D 139 -1.98 22.36 59.39
N HIS D 140 -1.41 23.33 58.68
CA HIS D 140 -2.17 24.20 57.76
C HIS D 140 -1.57 24.14 56.34
N TRP D 141 -1.36 22.91 55.89
CA TRP D 141 -1.10 22.54 54.48
C TRP D 141 0.36 22.63 53.99
N ASP D 142 1.28 23.01 54.85
CA ASP D 142 2.68 23.18 54.44
C ASP D 142 3.51 21.95 54.80
N LEU D 143 3.26 20.87 54.07
CA LEU D 143 4.00 19.62 54.18
C LEU D 143 5.41 19.81 53.66
N PRO D 144 6.44 19.46 54.46
CA PRO D 144 7.82 19.53 53.95
C PRO D 144 8.01 18.71 52.70
N MET D 145 8.86 19.20 51.79
CA MET D 145 9.14 18.48 50.54
C MET D 145 9.68 17.07 50.76
N TRP D 146 10.52 16.90 51.78
CA TRP D 146 11.07 15.57 52.08
C TRP D 146 9.98 14.54 52.37
N ALA D 147 8.91 14.98 53.03
CA ALA D 147 7.77 14.11 53.31
C ALA D 147 7.00 13.77 52.03
N HIS D 148 6.81 14.76 51.16
CA HIS D 148 6.21 14.54 49.85
C HIS D 148 6.99 13.52 49.02
N GLU D 149 8.31 13.65 48.98
CA GLU D 149 9.17 12.75 48.18
C GLU D 149 9.13 11.28 48.62
N GLU D 150 8.69 11.01 49.86
CA GLU D 150 8.39 9.65 50.33
C GLU D 150 6.91 9.21 50.15
N GLY D 151 6.13 9.97 49.37
CA GLY D 151 4.71 9.68 49.15
C GLY D 151 3.74 10.63 49.85
N GLY D 152 4.22 11.33 50.87
CA GLY D 152 3.44 12.36 51.54
C GLY D 152 2.36 11.76 52.40
N TRP D 153 1.17 12.38 52.35
CA TRP D 153 0.01 11.91 53.11
C TRP D 153 -0.55 10.58 52.60
N VAL D 154 -0.24 10.23 51.36
CA VAL D 154 -0.62 8.91 50.79
C VAL D 154 0.08 7.75 51.53
N ASN D 155 1.28 8.03 52.07
CA ASN D 155 2.07 7.05 52.80
C ASN D 155 1.61 6.98 54.25
N ARG D 156 1.42 5.77 54.76
CA ARG D 156 0.99 5.57 56.16
C ARG D 156 2.02 6.08 57.18
N ASP D 157 3.30 6.11 56.80
CA ASP D 157 4.35 6.71 57.64
C ASP D 157 4.11 8.18 58.00
N SER D 158 3.42 8.92 57.13
CA SER D 158 3.03 10.32 57.41
C SER D 158 2.40 10.51 58.78
N VAL D 159 1.64 9.52 59.23
CA VAL D 159 1.09 9.53 60.60
C VAL D 159 2.21 9.71 61.64
N ASP D 160 3.30 8.96 61.47
CA ASP D 160 4.44 9.01 62.38
C ASP D 160 5.29 10.28 62.23
N TRP D 161 5.52 10.70 60.99
CA TRP D 161 6.24 11.96 60.72
C TRP D 161 5.52 13.11 61.45
N PHE D 162 4.21 13.19 61.24
CA PHE D 162 3.38 14.21 61.88
C PHE D 162 3.40 14.14 63.41
N LEU D 163 3.48 12.93 63.96
CA LEU D 163 3.58 12.74 65.41
C LEU D 163 4.90 13.23 66.01
N ASP D 164 6.00 13.06 65.27
CA ASP D 164 7.29 13.61 65.67
C ASP D 164 7.26 15.14 65.71
N PHE D 165 6.60 15.72 64.70
CA PHE D 165 6.38 17.16 64.63
C PHE D 165 5.47 17.68 65.77
N ALA D 166 4.38 16.97 66.02
CA ALA D 166 3.43 17.33 67.08
C ALA D 166 4.03 17.21 68.48
N ARG D 167 4.77 16.12 68.72
CA ARG D 167 5.50 15.88 69.97
C ARG D 167 6.39 17.04 70.36
N VAL D 168 7.21 17.46 69.41
CA VAL D 168 8.17 18.55 69.58
C VAL D 168 7.46 19.87 69.93
N CYS D 169 6.35 20.15 69.24
CA CYS D 169 5.54 21.32 69.52
C CYS D 169 4.90 21.25 70.90
N PHE D 170 4.39 20.08 71.27
CA PHE D 170 3.82 19.88 72.61
C PHE D 170 4.87 20.06 73.70
N GLU D 171 6.04 19.44 73.52
CA GLU D 171 7.15 19.52 74.48
C GLU D 171 7.60 20.96 74.75
N GLU D 172 7.72 21.76 73.69
CA GLU D 172 8.25 23.11 73.79
C GLU D 172 7.21 24.22 74.04
N LEU D 173 5.97 23.99 73.62
CA LEU D 173 4.94 25.07 73.62
C LEU D 173 3.67 24.85 74.46
N ASP D 174 3.44 23.66 75.00
CA ASP D 174 2.18 23.35 75.69
C ASP D 174 1.92 24.25 76.91
N GLY D 175 2.98 24.59 77.63
CA GLY D 175 2.90 25.54 78.74
C GLY D 175 2.44 26.92 78.31
N ILE D 176 2.91 27.37 77.16
CA ILE D 176 2.65 28.72 76.64
C ILE D 176 1.31 28.79 75.89
N VAL D 177 0.96 27.72 75.17
CA VAL D 177 -0.19 27.72 74.26
C VAL D 177 -1.53 27.49 75.00
N ASP D 178 -2.57 28.17 74.53
CA ASP D 178 -3.91 28.17 75.15
C ASP D 178 -4.81 27.06 74.61
N SER D 179 -4.69 26.77 73.32
CA SER D 179 -5.44 25.69 72.67
C SER D 179 -4.70 25.16 71.45
N TRP D 180 -4.89 23.88 71.17
CA TRP D 180 -4.29 23.21 70.01
C TRP D 180 -5.36 22.86 68.97
N ILE D 181 -5.04 23.11 67.70
CA ILE D 181 -5.79 22.57 66.57
C ILE D 181 -4.82 21.67 65.82
N THR D 182 -5.20 20.41 65.62
CA THR D 182 -4.34 19.44 64.96
C THR D 182 -4.25 19.68 63.45
N HIS D 183 -5.42 19.69 62.82
CA HIS D 183 -5.53 19.79 61.38
C HIS D 183 -6.57 20.84 60.99
N ASN D 184 -6.26 21.57 59.92
CA ASN D 184 -7.14 22.57 59.35
C ASN D 184 -7.58 22.08 57.98
N GLU D 185 -8.89 21.83 57.85
CA GLU D 185 -9.52 21.53 56.55
C GLU D 185 -8.90 20.35 55.78
N PRO D 186 -8.96 19.14 56.35
CA PRO D 186 -8.50 17.93 55.63
C PRO D 186 -9.20 17.67 54.30
N TRP D 187 -10.41 18.22 54.12
CA TRP D 187 -11.05 18.25 52.81
C TRP D 187 -10.18 18.95 51.76
N CYS D 188 -9.56 20.08 52.12
CA CYS D 188 -8.68 20.81 51.20
C CYS D 188 -7.35 20.10 51.00
N ALA D 189 -6.67 19.82 52.10
CA ALA D 189 -5.38 19.14 52.08
C ALA D 189 -5.46 17.72 51.49
N GLY D 190 -6.63 17.08 51.61
CA GLY D 190 -6.91 15.77 51.02
C GLY D 190 -7.57 15.82 49.66
N PHE D 191 -8.86 16.16 49.62
CA PHE D 191 -9.63 16.07 48.37
C PHE D 191 -9.30 17.15 47.34
N LEU D 192 -9.18 18.40 47.77
CA LEU D 192 -8.85 19.51 46.85
C LEU D 192 -7.40 19.44 46.35
N SER D 193 -6.54 18.78 47.14
CA SER D 193 -5.12 18.64 46.84
C SER D 193 -4.75 17.37 46.06
N TYR D 194 -5.36 16.24 46.43
CA TYR D 194 -5.04 14.92 45.82
C TYR D 194 -6.07 14.38 44.82
N HIS D 195 -7.31 14.84 44.90
CA HIS D 195 -8.35 14.42 43.95
C HIS D 195 -8.62 15.46 42.86
N LEU D 196 -8.88 16.70 43.28
CA LEU D 196 -9.31 17.75 42.34
C LEU D 196 -8.16 18.51 41.70
N GLY D 197 -6.99 18.48 42.33
CA GLY D 197 -5.75 18.99 41.75
C GLY D 197 -5.54 20.49 41.83
N GLN D 198 -6.33 21.15 42.68
CA GLN D 198 -6.33 22.61 42.81
C GLN D 198 -5.31 23.13 43.80
N HIS D 199 -5.05 22.35 44.84
CA HIS D 199 -4.08 22.67 45.87
C HIS D 199 -2.93 21.67 45.83
N ALA D 200 -1.82 22.04 46.48
CA ALA D 200 -0.58 21.27 46.44
C ALA D 200 -0.75 19.91 47.14
N PRO D 201 -0.19 18.83 46.60
CA PRO D 201 0.73 18.83 45.46
C PRO D 201 0.07 18.82 44.07
N GLY D 202 -1.25 18.94 44.00
CA GLY D 202 -1.96 19.08 42.74
C GLY D 202 -2.21 17.78 42.00
N HIS D 203 -2.39 16.69 42.73
CA HIS D 203 -2.70 15.38 42.12
C HIS D 203 -4.17 15.24 41.80
N THR D 204 -4.47 14.33 40.87
CA THR D 204 -5.85 13.99 40.49
C THR D 204 -6.01 12.47 40.51
N ASP D 205 -6.16 11.95 41.72
CA ASP D 205 -6.23 10.52 41.98
C ASP D 205 -7.08 10.30 43.24
N MET D 206 -8.24 9.67 43.08
CA MET D 206 -9.17 9.43 44.20
C MET D 206 -8.61 8.44 45.21
N ASN D 207 -7.82 7.49 44.74
CA ASN D 207 -7.20 6.49 45.59
C ASN D 207 -6.18 7.10 46.56
N GLU D 208 -5.28 7.92 46.02
CA GLU D 208 -4.36 8.76 46.82
C GLU D 208 -5.10 9.69 47.79
N ALA D 209 -6.22 10.25 47.33
CA ALA D 209 -6.99 11.22 48.11
C ALA D 209 -7.60 10.64 49.39
N VAL D 210 -8.22 9.46 49.28
CA VAL D 210 -8.82 8.77 50.44
C VAL D 210 -7.78 8.27 51.45
N ARG D 211 -6.63 7.83 50.94
CA ARG D 211 -5.49 7.47 51.79
C ARG D 211 -4.93 8.68 52.54
N ALA D 212 -4.78 9.79 51.82
CA ALA D 212 -4.30 11.04 52.39
C ALA D 212 -5.21 11.50 53.54
N VAL D 213 -6.51 11.57 53.26
CA VAL D 213 -7.50 11.97 54.26
C VAL D 213 -7.46 11.05 55.48
N HIS D 214 -7.45 9.73 55.24
CA HIS D 214 -7.42 8.75 56.31
C HIS D 214 -6.22 8.93 57.24
N HIS D 215 -5.05 9.13 56.64
CA HIS D 215 -3.81 9.32 57.39
C HIS D 215 -3.79 10.65 58.15
N MET D 216 -4.31 11.71 57.53
CA MET D 216 -4.48 13.00 58.22
C MET D 216 -5.38 12.86 59.45
N LEU D 217 -6.53 12.24 59.26
CA LEU D 217 -7.48 12.00 60.35
C LEU D 217 -6.91 11.08 61.42
N LEU D 218 -6.13 10.08 60.98
CA LEU D 218 -5.48 9.15 61.90
C LEU D 218 -4.39 9.86 62.69
N SER D 219 -3.66 10.76 62.03
CA SER D 219 -2.62 11.55 62.69
C SER D 219 -3.21 12.50 63.73
N HIS D 220 -4.38 13.07 63.41
CA HIS D 220 -5.15 13.87 64.37
C HIS D 220 -5.40 13.09 65.65
N GLY D 221 -5.99 11.90 65.51
CA GLY D 221 -6.37 11.06 66.64
C GLY D 221 -5.20 10.59 67.49
N LYS D 222 -4.10 10.24 66.83
CA LYS D 222 -2.86 9.88 67.52
C LYS D 222 -2.27 11.06 68.31
N ALA D 223 -2.35 12.27 67.73
CA ALA D 223 -1.83 13.49 68.37
C ALA D 223 -2.61 13.86 69.63
N VAL D 224 -3.93 13.74 69.55
CA VAL D 224 -4.84 13.96 70.69
C VAL D 224 -4.56 12.96 71.81
N GLU D 225 -4.39 11.70 71.44
CA GLU D 225 -3.99 10.64 72.38
C GLU D 225 -2.63 10.90 73.03
N MET D 226 -1.66 11.36 72.23
CA MET D 226 -0.32 11.70 72.73
C MET D 226 -0.33 12.86 73.73
N LEU D 227 -1.15 13.87 73.47
CA LEU D 227 -1.24 15.05 74.36
C LEU D 227 -1.85 14.69 75.71
N LYS D 228 -2.96 13.95 75.68
CA LYS D 228 -3.67 13.52 76.88
C LYS D 228 -3.04 12.32 77.60
N GLY D 229 -2.34 11.47 76.85
CA GLY D 229 -1.74 10.24 77.39
C GLY D 229 -0.31 10.41 77.86
N GLU D 230 0.60 10.64 76.91
CA GLU D 230 2.03 10.81 77.20
C GLU D 230 2.31 12.08 78.01
N PHE D 231 1.88 13.22 77.46
CA PHE D 231 2.10 14.53 78.08
C PHE D 231 1.20 14.81 79.29
N ASN D 232 0.12 14.05 79.42
CA ASN D 232 -0.83 14.16 80.54
C ASN D 232 -1.41 15.59 80.66
N SER D 233 -1.62 16.22 79.51
CA SER D 233 -2.01 17.63 79.43
C SER D 233 -3.51 17.77 79.29
N ALA D 234 -4.05 18.82 79.92
CA ALA D 234 -5.45 19.17 79.83
C ALA D 234 -5.70 20.33 78.84
N THR D 235 -4.65 20.80 78.18
CA THR D 235 -4.78 21.86 77.16
C THR D 235 -5.84 21.42 76.14
N PRO D 236 -6.87 22.27 75.91
CA PRO D 236 -7.90 21.93 74.93
C PRO D 236 -7.32 21.65 73.54
N ILE D 237 -7.78 20.56 72.93
CA ILE D 237 -7.33 20.14 71.61
C ILE D 237 -8.53 19.67 70.79
N GLY D 238 -8.46 19.89 69.48
CA GLY D 238 -9.50 19.46 68.57
C GLY D 238 -9.09 19.62 67.11
N ILE D 239 -9.99 19.23 66.21
CA ILE D 239 -9.79 19.37 64.77
C ILE D 239 -10.64 20.52 64.23
N THR D 240 -10.22 21.04 63.08
CA THR D 240 -10.97 22.04 62.32
C THR D 240 -11.36 21.43 60.98
N LEU D 241 -12.66 21.36 60.73
CA LEU D 241 -13.20 20.95 59.44
C LEU D 241 -13.87 22.12 58.76
N ASN D 242 -13.64 22.30 57.46
CA ASN D 242 -14.48 23.22 56.69
C ASN D 242 -15.75 22.49 56.33
N LEU D 243 -16.88 23.17 56.49
CA LEU D 243 -18.18 22.57 56.27
C LEU D 243 -19.03 23.49 55.42
N ALA D 244 -19.57 22.93 54.34
CA ALA D 244 -20.41 23.64 53.40
C ALA D 244 -21.71 22.86 53.29
N PRO D 245 -22.80 23.35 53.92
CA PRO D 245 -24.07 22.65 53.78
C PRO D 245 -24.56 22.67 52.34
N LYS D 246 -25.17 21.57 51.92
CA LYS D 246 -25.55 21.35 50.53
C LYS D 246 -27.06 21.31 50.44
N TYR D 247 -27.60 21.87 49.35
CA TYR D 247 -29.04 21.99 49.14
C TYR D 247 -29.42 21.58 47.74
N ALA D 248 -30.52 20.84 47.64
CA ALA D 248 -31.07 20.40 46.37
C ALA D 248 -31.76 21.57 45.67
N LYS D 249 -31.56 21.67 44.36
CA LYS D 249 -32.21 22.70 43.54
C LYS D 249 -33.71 22.48 43.49
N THR D 250 -34.11 21.25 43.17
CA THR D 250 -35.52 20.83 43.18
C THR D 250 -35.74 19.70 44.18
N ASP D 251 -37.01 19.33 44.35
CA ASP D 251 -37.40 18.23 45.25
C ASP D 251 -37.32 16.83 44.62
N SER D 252 -36.92 16.74 43.35
CA SER D 252 -36.86 15.47 42.63
C SER D 252 -35.85 14.51 43.26
N ILE D 253 -36.04 13.21 43.01
CA ILE D 253 -35.20 12.16 43.58
C ILE D 253 -33.75 12.37 43.15
N ASN D 254 -33.55 12.57 41.86
CA ASN D 254 -32.24 12.90 41.32
C ASN D 254 -31.51 13.99 42.11
N ASP D 255 -32.17 15.11 42.31
CA ASP D 255 -31.59 16.22 43.07
C ASP D 255 -31.33 15.91 44.56
N GLN D 256 -32.12 15.01 45.17
CA GLN D 256 -31.85 14.56 46.54
C GLN D 256 -30.59 13.70 46.62
N ILE D 257 -30.37 12.86 45.61
CA ILE D 257 -29.15 12.05 45.50
C ILE D 257 -27.94 12.98 45.37
N ALA D 258 -28.06 13.97 44.47
CA ALA D 258 -27.02 14.96 44.22
C ALA D 258 -26.59 15.67 45.50
N MET D 259 -27.57 16.17 46.24
CA MET D 259 -27.35 16.81 47.55
C MET D 259 -26.73 15.85 48.56
N ASN D 260 -27.28 14.65 48.65
CA ASN D 260 -26.73 13.57 49.48
C ASN D 260 -25.24 13.33 49.20
N ASN D 261 -24.91 13.18 47.92
CA ASN D 261 -23.54 12.89 47.50
C ASN D 261 -22.56 14.03 47.69
N ALA D 262 -23.03 15.26 47.46
CA ALA D 262 -22.22 16.46 47.69
C ALA D 262 -21.96 16.66 49.19
N ASP D 263 -22.99 16.38 49.99
CA ASP D 263 -22.85 16.47 51.44
C ASP D 263 -21.88 15.41 51.97
N GLY D 264 -21.95 14.21 51.42
CA GLY D 264 -21.02 13.14 51.79
C GLY D 264 -19.58 13.39 51.42
N TYR D 265 -19.37 13.90 50.21
CA TYR D 265 -18.03 14.22 49.70
C TYR D 265 -17.38 15.32 50.53
N ALA D 266 -18.14 16.38 50.80
CA ALA D 266 -17.63 17.56 51.51
C ALA D 266 -17.66 17.47 53.03
N ASN D 267 -18.69 16.80 53.58
CA ASN D 267 -18.97 16.87 55.02
C ASN D 267 -18.94 15.53 55.76
N ARG D 268 -19.82 14.61 55.38
CA ARG D 268 -19.99 13.36 56.13
C ARG D 268 -18.78 12.44 56.12
N TRP D 269 -18.00 12.47 55.04
CA TRP D 269 -16.76 11.68 54.93
C TRP D 269 -15.77 12.01 56.04
N PHE D 270 -15.82 13.26 56.53
CA PHE D 270 -14.95 13.75 57.60
C PHE D 270 -15.65 13.78 58.96
N LEU D 271 -16.96 14.05 58.98
CA LEU D 271 -17.73 14.08 60.24
C LEU D 271 -17.98 12.69 60.83
N ASP D 272 -18.35 11.74 59.99
CA ASP D 272 -18.63 10.37 60.43
C ASP D 272 -17.42 9.70 61.13
N PRO D 273 -16.23 9.72 60.51
CA PRO D 273 -15.09 9.11 61.23
C PRO D 273 -14.73 9.80 62.53
N ILE D 274 -14.79 11.13 62.54
CA ILE D 274 -14.44 11.94 63.73
C ILE D 274 -15.43 11.75 64.90
N PHE D 275 -16.72 11.59 64.61
CA PHE D 275 -17.76 11.50 65.67
C PHE D 275 -18.48 10.15 65.82
N LYS D 276 -18.47 9.32 64.78
CA LYS D 276 -19.10 7.98 64.82
C LYS D 276 -18.11 6.81 64.74
N GLY D 277 -16.84 7.11 64.47
CA GLY D 277 -15.84 6.07 64.24
C GLY D 277 -16.14 5.19 63.04
N GLN D 278 -16.69 5.76 61.98
CA GLN D 278 -16.96 5.01 60.74
C GLN D 278 -17.00 5.91 59.51
N TYR D 279 -16.70 5.35 58.34
CA TYR D 279 -16.86 6.05 57.06
C TYR D 279 -18.27 5.77 56.52
N PRO D 280 -18.89 6.76 55.84
CA PRO D 280 -20.22 6.54 55.28
C PRO D 280 -20.20 5.60 54.09
N VAL D 281 -20.92 4.47 54.19
CA VAL D 281 -20.85 3.40 53.18
C VAL D 281 -21.40 3.81 51.81
N ASP D 282 -22.35 4.76 51.80
CA ASP D 282 -22.89 5.27 50.54
C ASP D 282 -21.81 5.99 49.71
N MET D 283 -20.88 6.66 50.39
CA MET D 283 -19.76 7.31 49.72
C MET D 283 -18.65 6.33 49.35
N MET D 284 -18.37 5.36 50.22
CA MET D 284 -17.43 4.26 49.89
C MET D 284 -17.87 3.53 48.61
N ASN D 285 -19.17 3.30 48.49
CA ASN D 285 -19.73 2.67 47.28
C ASN D 285 -19.63 3.55 46.04
N LEU D 286 -19.84 4.85 46.21
CA LEU D 286 -19.70 5.82 45.13
C LEU D 286 -18.24 6.00 44.72
N PHE D 287 -17.34 6.05 45.69
CA PHE D 287 -15.90 6.15 45.41
C PHE D 287 -15.30 4.86 44.83
N SER D 288 -16.03 3.74 44.91
CA SER D 288 -15.57 2.46 44.34
C SER D 288 -15.42 2.42 42.81
N LYS D 289 -15.92 3.46 42.13
CA LYS D 289 -15.58 3.70 40.72
C LYS D 289 -14.08 3.94 40.50
N TYR D 290 -13.41 4.45 41.54
CA TYR D 290 -11.95 4.66 41.54
C TYR D 290 -11.17 3.92 42.63
N VAL D 291 -11.80 3.63 43.76
CA VAL D 291 -11.14 3.05 44.94
C VAL D 291 -11.58 1.60 45.11
N HIS D 292 -10.69 0.68 44.79
CA HIS D 292 -11.05 -0.75 44.67
C HIS D 292 -10.57 -1.64 45.82
N THR D 293 -10.18 -1.01 46.92
CA THR D 293 -9.92 -1.70 48.17
C THR D 293 -9.78 -0.68 49.28
N TYR D 294 -10.34 -0.98 50.44
CA TYR D 294 -10.23 -0.12 51.63
C TYR D 294 -9.35 -0.73 52.74
N ASP D 295 -8.35 -1.51 52.35
CA ASP D 295 -7.44 -2.15 53.33
C ASP D 295 -6.45 -1.17 53.99
N PHE D 296 -6.29 0.01 53.40
CA PHE D 296 -5.61 1.14 54.09
C PHE D 296 -6.27 1.56 55.42
N ILE D 297 -7.55 1.24 55.59
CA ILE D 297 -8.22 1.39 56.89
C ILE D 297 -7.91 0.15 57.76
N HIS D 298 -6.94 0.28 58.66
CA HIS D 298 -6.48 -0.81 59.52
C HIS D 298 -7.40 -0.93 60.72
N ALA D 299 -7.38 -2.09 61.37
CA ALA D 299 -8.12 -2.32 62.61
C ALA D 299 -7.58 -1.43 63.73
N GLY D 300 -8.47 -0.73 64.43
CA GLY D 300 -8.10 0.24 65.46
C GLY D 300 -8.08 1.71 65.02
N ASP D 301 -7.89 1.96 63.73
CA ASP D 301 -7.74 3.31 63.19
C ASP D 301 -8.93 4.22 63.49
N LEU D 302 -10.13 3.74 63.20
CA LEU D 302 -11.35 4.54 63.36
C LEU D 302 -11.67 4.90 64.82
N ALA D 303 -11.27 4.02 65.75
CA ALA D 303 -11.39 4.30 67.19
C ALA D 303 -10.38 5.36 67.65
N THR D 304 -9.21 5.37 67.03
CA THR D 304 -8.22 6.43 67.26
C THR D 304 -8.69 7.75 66.65
N ILE D 305 -9.16 7.70 65.39
CA ILE D 305 -9.70 8.89 64.70
C ILE D 305 -10.84 9.55 65.49
N SER D 306 -11.70 8.72 66.09
CA SER D 306 -12.86 9.20 66.85
C SER D 306 -12.60 9.42 68.35
N THR D 307 -11.32 9.53 68.73
CA THR D 307 -10.94 9.77 70.12
C THR D 307 -11.60 11.08 70.62
N PRO D 308 -12.09 11.10 71.89
CA PRO D 308 -12.81 12.29 72.35
C PRO D 308 -11.95 13.55 72.45
N CYS D 309 -12.48 14.64 71.90
CA CYS D 309 -11.82 15.95 71.89
C CYS D 309 -12.54 16.90 72.84
N ASP D 310 -11.92 18.07 73.07
CA ASP D 310 -12.45 19.09 73.97
C ASP D 310 -13.41 20.07 73.29
N PHE D 311 -13.14 20.36 72.02
CA PHE D 311 -13.96 21.25 71.21
C PHE D 311 -14.00 20.77 69.77
N PHE D 312 -14.97 21.26 69.01
CA PHE D 312 -15.02 21.05 67.57
C PHE D 312 -14.83 22.38 66.85
N GLY D 313 -13.96 22.38 65.83
CA GLY D 313 -13.64 23.57 65.07
C GLY D 313 -14.34 23.57 63.72
N ILE D 314 -14.94 24.69 63.36
CA ILE D 314 -15.61 24.83 62.07
C ILE D 314 -15.07 26.03 61.31
N ASN D 315 -14.62 25.78 60.08
CA ASN D 315 -14.38 26.83 59.10
C ASN D 315 -15.62 26.89 58.23
N PHE D 316 -16.34 28.01 58.28
CA PHE D 316 -17.52 28.18 57.47
C PHE D 316 -17.37 29.39 56.57
N TYR D 317 -17.87 29.24 55.36
CA TYR D 317 -17.80 30.31 54.35
C TYR D 317 -19.11 30.48 53.61
N SER D 318 -19.68 29.38 53.13
CA SER D 318 -20.90 29.43 52.33
C SER D 318 -21.63 28.09 52.30
N ARG D 319 -22.73 28.08 51.56
CA ARG D 319 -23.46 26.87 51.17
C ARG D 319 -23.08 26.53 49.74
N ASN D 320 -23.62 25.43 49.23
CA ASN D 320 -23.63 25.13 47.81
C ASN D 320 -24.97 24.57 47.38
N LEU D 321 -25.64 25.25 46.46
CA LEU D 321 -26.83 24.73 45.81
C LEU D 321 -26.38 23.81 44.68
N VAL D 322 -26.89 22.57 44.69
CA VAL D 322 -26.48 21.55 43.72
C VAL D 322 -27.68 20.93 43.03
N GLU D 323 -27.45 20.41 41.82
CA GLU D 323 -28.43 19.61 41.11
C GLU D 323 -27.75 18.35 40.57
N PHE D 324 -28.58 17.45 40.05
CA PHE D 324 -28.13 16.17 39.53
C PHE D 324 -27.42 16.33 38.19
N SER D 325 -26.46 15.45 37.94
CA SER D 325 -25.73 15.39 36.67
C SER D 325 -25.45 13.92 36.34
N ALA D 326 -26.09 13.44 35.26
CA ALA D 326 -25.87 12.07 34.77
C ALA D 326 -24.44 11.81 34.25
N ALA D 327 -23.78 12.85 33.76
CA ALA D 327 -22.41 12.76 33.24
C ALA D 327 -21.33 12.87 34.31
N SER D 328 -21.73 13.23 35.54
CA SER D 328 -20.81 13.30 36.67
C SER D 328 -20.69 11.96 37.37
N ASP D 329 -19.46 11.61 37.77
CA ASP D 329 -19.17 10.35 38.47
C ASP D 329 -19.80 10.25 39.86
N PHE D 330 -19.83 11.38 40.56
CA PHE D 330 -20.45 11.48 41.89
C PHE D 330 -21.87 12.06 41.85
N LEU D 331 -22.43 12.16 40.65
CA LEU D 331 -23.86 12.44 40.39
C LEU D 331 -24.33 13.85 40.75
N HIS D 332 -23.42 14.83 40.81
CA HIS D 332 -23.81 16.19 41.13
C HIS D 332 -22.92 17.29 40.53
N LYS D 333 -23.55 18.41 40.20
CA LYS D 333 -22.88 19.60 39.69
C LYS D 333 -23.45 20.83 40.41
N ASP D 334 -22.74 21.95 40.35
CA ASP D 334 -23.22 23.20 40.94
C ASP D 334 -24.43 23.71 40.16
N ALA D 335 -25.44 24.16 40.91
CA ALA D 335 -26.66 24.74 40.32
C ALA D 335 -26.61 26.26 40.47
N TYR D 336 -27.26 26.96 39.55
CA TYR D 336 -27.26 28.43 39.58
C TYR D 336 -27.85 28.95 40.89
N SER D 337 -27.15 29.86 41.54
CA SER D 337 -27.63 30.48 42.77
C SER D 337 -27.99 31.96 42.54
N ASP D 338 -29.18 32.36 43.00
CA ASP D 338 -29.62 33.76 42.91
C ASP D 338 -29.29 34.60 44.16
N TYR D 339 -28.50 34.03 45.07
CA TYR D 339 -28.08 34.72 46.29
C TYR D 339 -27.08 35.83 46.00
N ASP D 340 -27.01 36.78 46.92
CA ASP D 340 -25.92 37.75 46.94
C ASP D 340 -24.61 37.01 47.18
N LYS D 341 -23.57 37.44 46.45
CA LYS D 341 -22.30 36.73 46.42
C LYS D 341 -21.15 37.59 46.90
N THR D 342 -20.09 36.93 47.36
CA THR D 342 -18.82 37.60 47.69
C THR D 342 -18.03 37.86 46.41
N GLY D 343 -16.86 38.48 46.54
CA GLY D 343 -15.90 38.63 45.43
C GLY D 343 -15.37 37.32 44.85
N MET D 344 -15.45 36.23 45.62
CA MET D 344 -15.11 34.88 45.13
C MET D 344 -16.21 34.26 44.26
N GLY D 345 -17.41 34.84 44.27
CA GLY D 345 -18.59 34.21 43.69
C GLY D 345 -19.35 33.32 44.67
N TRP D 346 -18.88 33.25 45.91
CA TRP D 346 -19.50 32.38 46.92
C TRP D 346 -20.77 33.01 47.50
N ASP D 347 -21.80 32.19 47.73
CA ASP D 347 -23.06 32.65 48.29
C ASP D 347 -22.86 33.16 49.72
N ILE D 348 -23.48 34.29 50.03
CA ILE D 348 -23.54 34.82 51.39
C ILE D 348 -24.73 34.13 52.04
N ALA D 349 -24.46 33.30 53.04
CA ALA D 349 -25.41 32.26 53.47
C ALA D 349 -25.54 32.09 54.99
N PRO D 350 -25.91 33.15 55.72
CA PRO D 350 -26.04 33.08 57.17
C PRO D 350 -27.20 32.19 57.67
N SER D 351 -28.29 32.10 56.91
CA SER D 351 -29.40 31.19 57.25
C SER D 351 -28.97 29.72 57.19
N GLU D 352 -28.20 29.38 56.16
CA GLU D 352 -27.75 28.00 55.92
C GLU D 352 -26.70 27.59 56.96
N PHE D 353 -25.87 28.54 57.38
CA PHE D 353 -24.98 28.38 58.52
C PHE D 353 -25.73 27.89 59.78
N LYS D 354 -26.88 28.51 60.06
CA LYS D 354 -27.74 28.09 61.16
C LYS D 354 -28.25 26.66 61.02
N ASP D 355 -28.61 26.26 59.79
CA ASP D 355 -29.03 24.87 59.51
C ASP D 355 -27.94 23.87 59.84
N LEU D 356 -26.71 24.19 59.42
CA LEU D 356 -25.52 23.36 59.67
C LEU D 356 -25.29 23.12 61.16
N ILE D 357 -25.34 24.19 61.94
CA ILE D 357 -25.04 24.11 63.37
C ILE D 357 -26.10 23.28 64.10
N ARG D 358 -27.38 23.49 63.77
CA ARG D 358 -28.48 22.69 64.31
C ARG D 358 -28.35 21.20 63.95
N ARG D 359 -27.97 20.94 62.71
CA ARG D 359 -27.74 19.58 62.24
C ARG D 359 -26.63 18.88 63.02
N LEU D 360 -25.53 19.59 63.26
CA LEU D 360 -24.39 19.05 64.02
C LEU D 360 -24.80 18.64 65.45
N ARG D 361 -25.53 19.51 66.14
CA ARG D 361 -26.08 19.18 67.47
C ARG D 361 -27.02 17.98 67.43
N ALA D 362 -27.90 17.95 66.44
CA ALA D 362 -28.88 16.88 66.28
C ALA D 362 -28.28 15.52 65.94
N GLU D 363 -27.25 15.50 65.09
CA GLU D 363 -26.70 14.25 64.53
C GLU D 363 -25.32 13.81 65.02
N TYR D 364 -24.48 14.75 65.47
CA TYR D 364 -23.03 14.47 65.61
C TYR D 364 -22.40 14.69 66.98
N THR D 365 -22.54 15.89 67.53
CA THR D 365 -21.74 16.28 68.69
C THR D 365 -22.41 17.30 69.60
N ASP D 366 -22.04 17.27 70.87
CA ASP D 366 -22.43 18.31 71.84
C ASP D 366 -21.22 19.05 72.42
N LEU D 367 -20.07 18.93 71.76
CA LEU D 367 -18.88 19.69 72.14
C LEU D 367 -19.09 21.16 71.90
N PRO D 368 -18.37 22.03 72.66
CA PRO D 368 -18.39 23.45 72.33
C PRO D 368 -17.80 23.71 70.95
N ILE D 369 -18.52 24.47 70.14
CA ILE D 369 -18.11 24.78 68.77
C ILE D 369 -17.40 26.13 68.77
N TYR D 370 -16.32 26.21 68.00
CA TYR D 370 -15.63 27.46 67.72
C TYR D 370 -15.62 27.66 66.22
N ILE D 371 -16.06 28.82 65.75
CA ILE D 371 -15.92 29.17 64.33
C ILE D 371 -14.49 29.64 64.15
N THR D 372 -13.62 28.70 63.76
CA THR D 372 -12.18 28.96 63.67
C THR D 372 -11.80 29.73 62.41
N GLU D 373 -12.68 29.72 61.41
CA GLU D 373 -12.58 30.65 60.28
C GLU D 373 -13.96 31.04 59.77
N ASN D 374 -14.17 32.35 59.67
CA ASN D 374 -15.25 32.95 58.89
C ASN D 374 -14.78 34.29 58.37
N GLY D 375 -15.20 34.63 57.15
CA GLY D 375 -14.75 35.84 56.48
C GLY D 375 -15.10 35.85 55.02
N ALA D 376 -14.61 36.85 54.29
CA ALA D 376 -14.99 37.05 52.89
C ALA D 376 -13.98 37.89 52.13
N ALA D 377 -13.94 37.67 50.81
CA ALA D 377 -13.12 38.46 49.90
C ALA D 377 -14.05 39.31 49.05
N PHE D 378 -13.73 40.59 48.96
CA PHE D 378 -14.43 41.56 48.12
C PHE D 378 -13.38 42.41 47.41
N ASP D 379 -13.78 43.04 46.31
CA ASP D 379 -12.85 43.86 45.49
C ASP D 379 -12.49 45.16 46.22
N ASP D 380 -11.53 45.06 47.15
CA ASP D 380 -11.09 46.20 47.95
C ASP D 380 -10.27 47.19 47.12
N GLN D 381 -10.65 48.47 47.23
CA GLN D 381 -9.92 49.58 46.63
C GLN D 381 -9.37 50.46 47.74
N LEU D 382 -8.06 50.72 47.70
CA LEU D 382 -7.44 51.72 48.60
C LEU D 382 -7.71 53.09 48.01
N VAL D 383 -8.36 53.95 48.80
CA VAL D 383 -8.75 55.29 48.35
C VAL D 383 -8.45 56.30 49.46
N ASP D 384 -7.46 57.17 49.20
CA ASP D 384 -7.05 58.23 50.14
C ASP D 384 -6.64 57.69 51.51
N GLY D 385 -5.87 56.60 51.50
CA GLY D 385 -5.39 55.96 52.72
C GLY D 385 -6.44 55.22 53.54
N LYS D 386 -7.58 54.90 52.93
CA LYS D 386 -8.68 54.20 53.59
C LYS D 386 -9.29 53.15 52.67
N ILE D 387 -9.75 52.05 53.25
CA ILE D 387 -10.45 50.97 52.53
C ILE D 387 -11.89 50.86 53.05
N HIS D 388 -12.84 51.20 52.18
CA HIS D 388 -14.26 51.26 52.53
C HIS D 388 -14.97 49.93 52.24
N ASP D 389 -14.68 48.94 53.10
CA ASP D 389 -15.21 47.57 52.94
C ASP D 389 -16.48 47.33 53.76
N GLN D 390 -17.53 48.07 53.40
CA GLN D 390 -18.85 47.93 54.01
C GLN D 390 -19.47 46.58 53.68
N ASN D 391 -19.21 46.10 52.46
CA ASN D 391 -19.53 44.73 52.03
C ASN D 391 -19.01 43.62 52.96
N ARG D 392 -17.75 43.75 53.41
CA ARG D 392 -17.16 42.79 54.36
C ARG D 392 -17.76 42.95 55.76
N ILE D 393 -17.96 44.19 56.17
CA ILE D 393 -18.66 44.50 57.44
C ILE D 393 -20.03 43.81 57.49
N ASP D 394 -20.79 43.98 56.42
CA ASP D 394 -22.14 43.41 56.29
C ASP D 394 -22.11 41.89 56.43
N TYR D 395 -21.21 41.25 55.68
CA TYR D 395 -21.01 39.80 55.73
C TYR D 395 -20.77 39.28 57.15
N VAL D 396 -19.77 39.86 57.81
CA VAL D 396 -19.37 39.44 59.16
C VAL D 396 -20.50 39.68 60.17
N ALA D 397 -21.17 40.83 60.04
CA ALA D 397 -22.30 41.19 60.91
C ALA D 397 -23.43 40.16 60.85
N GLN D 398 -23.80 39.73 59.65
CA GLN D 398 -24.85 38.72 59.46
C GLN D 398 -24.51 37.36 60.10
N HIS D 399 -23.23 36.96 60.04
CA HIS D 399 -22.79 35.71 60.66
C HIS D 399 -22.66 35.79 62.17
N LEU D 400 -22.19 36.93 62.68
CA LEU D 400 -22.17 37.19 64.13
C LEU D 400 -23.56 37.28 64.75
N GLN D 401 -24.51 37.79 63.96
CA GLN D 401 -25.93 37.80 64.33
C GLN D 401 -26.47 36.38 64.42
N ALA D 402 -26.17 35.58 63.40
CA ALA D 402 -26.52 34.16 63.37
C ALA D 402 -25.94 33.38 64.57
N VAL D 403 -24.69 33.66 64.91
CA VAL D 403 -24.04 33.05 66.08
C VAL D 403 -24.80 33.38 67.37
N SER D 404 -25.12 34.66 67.55
CA SER D 404 -25.90 35.14 68.69
C SER D 404 -27.28 34.49 68.78
N ASP D 405 -27.98 34.41 67.64
CA ASP D 405 -29.29 33.72 67.54
C ASP D 405 -29.22 32.24 67.90
N LEU D 406 -28.21 31.54 67.35
CA LEU D 406 -27.98 30.13 67.68
C LEU D 406 -27.65 29.87 69.15
N ASN D 407 -26.89 30.79 69.76
CA ASN D 407 -26.55 30.69 71.20
C ASN D 407 -27.75 30.97 72.12
N ASP D 408 -28.75 31.70 71.63
CA ASP D 408 -30.05 31.84 72.32
C ASP D 408 -30.84 30.52 72.28
N GLU D 409 -30.65 29.74 71.22
CA GLU D 409 -31.24 28.38 71.09
C GLU D 409 -30.50 27.29 71.87
N GLY D 410 -29.39 27.62 72.54
CA GLY D 410 -28.56 26.65 73.26
C GLY D 410 -27.60 25.85 72.39
N MET D 411 -27.20 26.40 71.24
CA MET D 411 -26.29 25.70 70.32
C MET D 411 -24.82 25.74 70.73
N ASN D 412 -24.46 26.58 71.69
CA ASN D 412 -23.13 26.57 72.33
C ASN D 412 -21.94 26.76 71.35
N ILE D 413 -22.00 27.86 70.60
CA ILE D 413 -20.85 28.35 69.84
C ILE D 413 -20.04 29.22 70.79
N ALA D 414 -18.92 28.69 71.27
CA ALA D 414 -18.11 29.36 72.30
C ALA D 414 -17.14 30.43 71.78
N GLY D 415 -17.00 30.57 70.46
CA GLY D 415 -16.09 31.57 69.91
C GLY D 415 -16.14 31.75 68.41
N TYR D 416 -15.58 32.87 67.96
CA TYR D 416 -15.59 33.27 66.55
C TYR D 416 -14.23 33.86 66.19
N TYR D 417 -13.56 33.29 65.19
CA TYR D 417 -12.30 33.85 64.68
C TYR D 417 -12.55 34.42 63.27
N LEU D 418 -12.24 35.70 63.09
CA LEU D 418 -12.41 36.37 61.80
C LEU D 418 -11.22 36.06 60.88
N TRP D 419 -11.50 35.35 59.79
CA TRP D 419 -10.52 35.13 58.75
C TRP D 419 -10.57 36.31 57.78
N SER D 420 -9.52 37.11 57.62
CA SER D 420 -8.21 36.95 58.25
C SER D 420 -7.80 38.28 58.86
N LEU D 421 -6.79 38.25 59.72
CA LEU D 421 -6.14 39.45 60.24
C LEU D 421 -5.58 40.34 59.11
N LEU D 422 -4.75 39.73 58.26
CA LEU D 422 -4.06 40.42 57.15
C LEU D 422 -4.49 39.90 55.80
N ASP D 423 -4.53 40.79 54.81
CA ASP D 423 -4.51 40.37 53.41
C ASP D 423 -3.26 39.52 53.25
N ASN D 424 -3.40 38.38 52.58
CA ASN D 424 -2.33 37.38 52.54
C ASN D 424 -2.30 36.60 51.23
N PHE D 425 -1.34 35.69 51.14
CA PHE D 425 -1.24 34.76 50.01
C PHE D 425 -2.42 33.79 50.04
N GLU D 426 -3.40 34.01 49.17
CA GLU D 426 -4.63 33.21 49.13
C GLU D 426 -4.53 31.99 48.19
N TRP D 427 -3.49 31.18 48.41
CA TRP D 427 -3.34 29.87 47.77
C TRP D 427 -3.28 29.94 46.23
N SER D 428 -4.10 29.17 45.52
CA SER D 428 -4.10 29.18 44.05
C SER D 428 -4.55 30.51 43.42
N PHE D 429 -5.23 31.35 44.20
CA PHE D 429 -5.62 32.71 43.77
C PHE D 429 -4.54 33.78 44.03
N GLY D 430 -3.53 33.43 44.82
CA GLY D 430 -2.38 34.31 45.03
C GLY D 430 -2.74 35.53 45.85
N TYR D 431 -2.22 36.69 45.43
CA TYR D 431 -2.57 37.99 46.00
C TYR D 431 -3.72 38.71 45.27
N ASP D 432 -4.43 37.99 44.40
CA ASP D 432 -5.57 38.53 43.66
C ASP D 432 -6.85 38.65 44.51
N LYS D 433 -6.90 37.93 45.63
CA LYS D 433 -8.06 37.94 46.52
C LYS D 433 -7.67 38.32 47.94
N ARG D 434 -8.44 39.26 48.51
CA ARG D 434 -8.11 39.92 49.76
C ARG D 434 -9.16 39.60 50.83
N PHE D 435 -8.78 38.77 51.79
CA PHE D 435 -9.66 38.33 52.89
C PHE D 435 -9.44 39.11 54.19
N GLY D 436 -8.37 39.89 54.23
CA GLY D 436 -7.95 40.54 55.45
C GLY D 436 -8.85 41.66 55.92
N ILE D 437 -8.88 41.86 57.24
CA ILE D 437 -9.46 43.07 57.83
C ILE D 437 -8.44 44.22 57.87
N ILE D 438 -7.15 43.88 57.87
CA ILE D 438 -6.07 44.87 57.66
C ILE D 438 -5.55 44.74 56.23
N TYR D 439 -5.43 45.88 55.55
CA TYR D 439 -4.92 45.94 54.19
C TYR D 439 -3.39 45.86 54.20
N VAL D 440 -2.84 45.11 53.26
CA VAL D 440 -1.40 45.01 53.08
C VAL D 440 -1.06 45.41 51.65
N ASP D 441 -0.26 46.48 51.53
CA ASP D 441 0.34 46.85 50.24
C ASP D 441 1.56 45.94 50.10
N PHE D 442 1.41 44.89 49.27
CA PHE D 442 2.48 43.90 49.06
C PHE D 442 3.73 44.46 48.38
N ASP D 443 3.59 45.58 47.67
CA ASP D 443 4.74 46.30 47.10
C ASP D 443 5.61 46.97 48.16
N THR D 444 4.99 47.39 49.27
CA THR D 444 5.69 48.12 50.35
C THR D 444 5.64 47.47 51.75
N GLN D 445 4.83 46.43 51.90
CA GLN D 445 4.53 45.76 53.19
C GLN D 445 3.82 46.64 54.23
N GLU D 446 3.16 47.71 53.77
CA GLU D 446 2.48 48.63 54.68
C GLU D 446 1.17 47.99 55.13
N ARG D 447 0.95 47.98 56.43
CA ARG D 447 -0.35 47.62 57.00
C ARG D 447 -1.21 48.88 57.04
N ILE D 448 -2.44 48.79 56.55
CA ILE D 448 -3.44 49.87 56.64
C ILE D 448 -4.77 49.27 57.10
N TRP D 449 -5.28 49.73 58.24
CA TRP D 449 -6.56 49.23 58.76
C TRP D 449 -7.71 49.53 57.81
N LYS D 450 -8.44 48.50 57.42
CA LYS D 450 -9.68 48.68 56.65
C LYS D 450 -10.79 49.10 57.62
N ASP D 451 -11.87 49.64 57.10
CA ASP D 451 -13.07 49.98 57.91
C ASP D 451 -13.60 48.79 58.74
N SER D 452 -13.54 47.59 58.17
CA SER D 452 -13.92 46.36 58.89
C SER D 452 -13.13 46.13 60.16
N ALA D 453 -11.83 46.42 60.12
CA ALA D 453 -10.94 46.24 61.28
C ALA D 453 -11.32 47.15 62.45
N HIS D 454 -11.55 48.42 62.13
CA HIS D 454 -12.06 49.40 63.11
C HIS D 454 -13.42 48.95 63.68
N TRP D 455 -14.32 48.59 62.78
CA TRP D 455 -15.65 48.09 63.12
C TRP D 455 -15.58 46.88 64.05
N TYR D 456 -14.81 45.87 63.65
CA TYR D 456 -14.61 44.65 64.43
C TYR D 456 -14.04 44.93 65.82
N ALA D 457 -13.07 45.85 65.91
CA ALA D 457 -12.51 46.25 67.20
C ALA D 457 -13.57 46.89 68.12
N ASN D 458 -14.45 47.67 67.52
CA ASN D 458 -15.55 48.29 68.26
C ASN D 458 -16.59 47.28 68.74
N VAL D 459 -16.92 46.28 67.91
CA VAL D 459 -17.83 45.19 68.29
C VAL D 459 -17.33 44.47 69.54
N ILE D 460 -16.03 44.17 69.56
CA ILE D 460 -15.39 43.53 70.71
C ILE D 460 -15.45 44.46 71.93
N GLN D 461 -15.15 45.73 71.71
CA GLN D 461 -15.25 46.77 72.75
C GLN D 461 -16.66 46.84 73.34
N THR D 462 -17.67 46.89 72.47
CA THR D 462 -19.07 46.92 72.90
C THR D 462 -19.44 45.71 73.74
N HIS D 463 -18.99 44.53 73.33
CA HIS D 463 -19.17 43.30 74.08
C HIS D 463 -18.48 43.32 75.45
N LYS D 464 -17.26 43.88 75.51
CA LYS D 464 -16.53 44.00 76.77
C LYS D 464 -17.24 44.95 77.75
N ALA D 465 -17.70 46.09 77.23
CA ALA D 465 -18.45 47.07 78.02
C ALA D 465 -19.77 46.52 78.61
N ALA D 466 -20.34 45.51 77.95
CA ALA D 466 -21.52 44.81 78.44
C ALA D 466 -21.26 43.93 79.68
N LEU D 467 -20.06 43.38 79.79
CA LEU D 467 -19.71 42.47 80.89
C LEU D 467 -19.36 43.24 82.15
N PRO D 468 -19.77 42.72 83.33
CA PRO D 468 -19.40 43.41 84.57
C PRO D 468 -17.97 43.06 85.02
N PHE E 26 -30.64 11.57 -23.96
CA PHE E 26 -30.56 10.22 -24.61
C PHE E 26 -31.82 9.88 -25.41
N ALA E 27 -31.62 9.49 -26.67
CA ALA E 27 -32.71 9.10 -27.59
C ALA E 27 -33.36 7.76 -27.19
N PRO E 28 -34.52 7.41 -27.78
CA PRO E 28 -35.27 6.23 -27.28
C PRO E 28 -34.78 4.87 -27.78
N ASN E 29 -34.04 4.85 -28.90
CA ASN E 29 -33.39 3.64 -29.39
C ASN E 29 -31.98 3.45 -28.80
N PHE E 30 -31.61 4.30 -27.85
CA PHE E 30 -30.32 4.16 -27.17
C PHE E 30 -30.32 2.96 -26.22
N VAL E 31 -29.39 2.05 -26.45
CA VAL E 31 -29.26 0.84 -25.66
C VAL E 31 -28.31 1.08 -24.48
N PHE E 32 -28.84 0.94 -23.26
CA PHE E 32 -28.01 0.84 -22.07
C PHE E 32 -27.78 -0.64 -21.77
N GLY E 33 -26.58 -0.95 -21.30
CA GLY E 33 -26.19 -2.33 -21.05
C GLY E 33 -25.16 -2.47 -19.95
N THR E 34 -24.86 -3.73 -19.63
CA THR E 34 -23.75 -4.09 -18.75
C THR E 34 -23.12 -5.36 -19.33
N ALA E 35 -21.91 -5.69 -18.88
CA ALA E 35 -21.10 -6.69 -19.56
C ALA E 35 -20.17 -7.49 -18.66
N THR E 36 -19.91 -8.73 -19.06
CA THR E 36 -18.96 -9.63 -18.39
C THR E 36 -18.23 -10.49 -19.42
N SER E 37 -17.24 -11.25 -18.96
CA SER E 37 -16.65 -12.33 -19.76
C SER E 37 -16.63 -13.65 -18.99
N SER E 38 -16.55 -14.75 -19.73
CA SER E 38 -16.75 -16.10 -19.19
C SER E 38 -15.73 -16.51 -18.13
N TYR E 39 -14.44 -16.41 -18.45
CA TYR E 39 -13.40 -16.79 -17.48
C TYR E 39 -13.35 -15.89 -16.24
N GLN E 40 -13.74 -14.64 -16.40
CA GLN E 40 -13.70 -13.68 -15.30
C GLN E 40 -14.73 -13.94 -14.20
N ILE E 41 -15.89 -14.48 -14.58
CA ILE E 41 -17.02 -14.69 -13.64
C ILE E 41 -17.42 -16.16 -13.38
N GLU E 42 -17.39 -17.01 -14.41
CA GLU E 42 -18.06 -18.32 -14.36
C GLU E 42 -17.58 -19.22 -13.23
N GLY E 43 -16.28 -19.44 -13.17
CA GLY E 43 -15.71 -20.44 -12.28
C GLY E 43 -16.06 -21.82 -12.81
N ALA E 44 -16.18 -22.79 -11.90
CA ALA E 44 -16.51 -24.17 -12.27
C ALA E 44 -15.58 -24.64 -13.41
N HIS E 45 -14.28 -24.42 -13.19
CA HIS E 45 -13.26 -24.52 -14.25
C HIS E 45 -13.02 -25.93 -14.80
N ASP E 46 -13.27 -26.93 -13.97
CA ASP E 46 -13.13 -28.35 -14.37
C ASP E 46 -14.49 -29.09 -14.39
N GLU E 47 -15.58 -28.32 -14.41
CA GLU E 47 -16.94 -28.86 -14.34
C GLU E 47 -17.69 -28.60 -15.62
N GLY E 48 -18.67 -29.48 -15.92
CA GLY E 48 -19.43 -29.42 -17.16
C GLY E 48 -18.60 -29.79 -18.38
N GLY E 49 -17.61 -30.67 -18.19
CA GLY E 49 -16.72 -31.10 -19.25
C GLY E 49 -15.72 -30.07 -19.75
N ARG E 50 -15.41 -29.06 -18.94
CA ARG E 50 -14.49 -27.99 -19.33
C ARG E 50 -13.04 -28.40 -19.05
N THR E 51 -12.17 -28.16 -20.03
CA THR E 51 -10.73 -28.41 -19.92
C THR E 51 -10.00 -27.06 -19.77
N PRO E 52 -8.73 -27.09 -19.32
CA PRO E 52 -8.01 -25.82 -19.09
C PRO E 52 -7.79 -24.97 -20.34
N SER E 53 -7.94 -23.65 -20.17
CA SER E 53 -7.56 -22.66 -21.19
C SER E 53 -6.13 -22.20 -20.94
N ILE E 54 -5.63 -21.36 -21.85
CA ILE E 54 -4.32 -20.69 -21.67
C ILE E 54 -4.24 -19.89 -20.37
N TRP E 55 -5.35 -19.28 -19.96
CA TRP E 55 -5.39 -18.48 -18.74
C TRP E 55 -5.30 -19.31 -17.46
N ASP E 56 -5.92 -20.49 -17.45
CA ASP E 56 -5.78 -21.44 -16.33
C ASP E 56 -4.32 -21.75 -16.04
N THR E 57 -3.57 -22.07 -17.10
CA THR E 57 -2.13 -22.38 -17.02
C THR E 57 -1.28 -21.13 -16.73
N PHE E 58 -1.66 -20.00 -17.33
CA PHE E 58 -0.98 -18.71 -17.10
C PHE E 58 -1.08 -18.26 -15.64
N CYS E 59 -2.26 -18.42 -15.04
CA CYS E 59 -2.45 -18.16 -13.60
C CYS E 59 -1.55 -19.03 -12.69
N ASP E 60 -1.30 -20.27 -13.11
CA ASP E 60 -0.43 -21.21 -12.38
C ASP E 60 1.06 -20.92 -12.60
N THR E 61 1.40 -20.30 -13.73
CA THR E 61 2.79 -19.93 -14.05
C THR E 61 3.28 -18.84 -13.09
N ASP E 62 4.49 -19.03 -12.57
CA ASP E 62 5.07 -18.14 -11.56
C ASP E 62 5.36 -16.72 -12.09
N GLY E 63 4.93 -15.71 -11.32
CA GLY E 63 5.19 -14.31 -11.63
C GLY E 63 4.20 -13.61 -12.56
N LYS E 64 3.26 -14.35 -13.12
CA LYS E 64 2.41 -13.86 -14.21
C LYS E 64 1.13 -13.16 -13.75
N VAL E 65 0.54 -13.64 -12.64
CA VAL E 65 -0.73 -13.12 -12.15
C VAL E 65 -0.61 -12.83 -10.65
N PHE E 66 -1.24 -11.74 -10.23
CA PHE E 66 -1.20 -11.26 -8.84
C PHE E 66 -1.44 -12.39 -7.84
N GLU E 67 -0.46 -12.63 -6.97
CA GLU E 67 -0.51 -13.63 -5.89
C GLU E 67 -1.07 -15.01 -6.31
N LYS E 68 -0.75 -15.44 -7.53
CA LYS E 68 -1.22 -16.70 -8.12
C LYS E 68 -2.75 -16.86 -8.25
N HIS E 69 -3.49 -15.75 -8.21
CA HIS E 69 -4.96 -15.82 -8.31
C HIS E 69 -5.40 -16.41 -9.63
N ASN E 70 -6.58 -17.01 -9.64
CA ASN E 70 -7.10 -17.72 -10.80
C ASN E 70 -8.62 -17.68 -10.87
N GLY E 71 -9.16 -18.16 -11.98
CA GLY E 71 -10.61 -18.26 -12.21
C GLY E 71 -11.20 -19.63 -11.96
N ASP E 72 -10.71 -20.34 -10.93
CA ASP E 72 -11.29 -21.64 -10.55
C ASP E 72 -12.72 -21.49 -10.03
N VAL E 73 -12.90 -20.54 -9.11
CA VAL E 73 -14.20 -20.25 -8.50
C VAL E 73 -14.78 -18.95 -9.06
N ALA E 74 -13.99 -17.88 -8.99
CA ALA E 74 -14.38 -16.57 -9.53
C ALA E 74 -15.67 -16.04 -8.87
N CYS E 75 -16.66 -15.61 -9.64
CA CYS E 75 -17.97 -15.22 -9.08
C CYS E 75 -18.94 -16.38 -8.91
N ASP E 76 -18.50 -17.61 -9.22
CA ASP E 76 -19.34 -18.81 -9.17
C ASP E 76 -20.61 -18.62 -9.99
N HIS E 77 -20.46 -17.92 -11.12
CA HIS E 77 -21.59 -17.54 -11.97
C HIS E 77 -22.19 -18.75 -12.67
N TYR E 78 -21.36 -19.75 -12.96
CA TYR E 78 -21.83 -20.99 -13.58
C TYR E 78 -23.00 -21.61 -12.81
N HIS E 79 -22.83 -21.69 -11.49
CA HIS E 79 -23.90 -22.17 -10.61
C HIS E 79 -24.94 -21.12 -10.28
N ARG E 80 -24.50 -19.88 -10.09
CA ARG E 80 -25.38 -18.80 -9.60
C ARG E 80 -25.96 -17.89 -10.69
N PHE E 81 -25.93 -18.32 -11.95
CA PHE E 81 -26.42 -17.50 -13.07
C PHE E 81 -27.84 -16.95 -12.87
N GLU E 82 -28.72 -17.75 -12.27
CA GLU E 82 -30.11 -17.35 -12.01
C GLU E 82 -30.24 -16.11 -11.12
N GLU E 83 -29.46 -16.09 -10.04
CA GLU E 83 -29.37 -14.93 -9.16
C GLU E 83 -28.88 -13.69 -9.90
N ASP E 84 -27.85 -13.86 -10.74
CA ASP E 84 -27.27 -12.75 -11.49
C ASP E 84 -28.20 -12.23 -12.59
N ILE E 85 -29.01 -13.12 -13.17
CA ILE E 85 -30.08 -12.70 -14.09
C ILE E 85 -31.09 -11.76 -13.41
N GLN E 86 -31.39 -11.99 -12.13
CA GLN E 86 -32.30 -11.13 -11.37
C GLN E 86 -31.70 -9.74 -11.09
N HIS E 87 -30.40 -9.70 -10.79
CA HIS E 87 -29.65 -8.44 -10.67
C HIS E 87 -29.64 -7.63 -11.97
N ILE E 88 -29.42 -8.32 -13.08
CA ILE E 88 -29.44 -7.71 -14.42
C ILE E 88 -30.84 -7.18 -14.75
N LYS E 89 -31.86 -8.00 -14.48
CA LYS E 89 -33.26 -7.59 -14.62
C LYS E 89 -33.58 -6.37 -13.75
N GLN E 90 -33.11 -6.35 -12.51
CA GLN E 90 -33.35 -5.23 -11.59
C GLN E 90 -32.67 -3.93 -12.04
N LEU E 91 -31.47 -4.03 -12.62
CA LEU E 91 -30.78 -2.87 -13.21
C LEU E 91 -31.63 -2.18 -14.28
N GLY E 92 -32.38 -2.98 -15.03
CA GLY E 92 -33.25 -2.47 -16.09
C GLY E 92 -32.53 -2.26 -17.41
N VAL E 93 -31.32 -2.84 -17.53
CA VAL E 93 -30.56 -2.78 -18.78
C VAL E 93 -31.32 -3.41 -19.95
N ASP E 94 -31.24 -2.77 -21.11
CA ASP E 94 -31.77 -3.30 -22.36
C ASP E 94 -31.05 -4.59 -22.74
N THR E 95 -29.71 -4.55 -22.67
CA THR E 95 -28.83 -5.63 -23.17
C THR E 95 -27.84 -6.08 -22.09
N TYR E 96 -27.59 -7.38 -22.05
CA TYR E 96 -26.53 -7.97 -21.23
C TYR E 96 -25.52 -8.68 -22.15
N ARG E 97 -24.27 -8.21 -22.12
CA ARG E 97 -23.18 -8.79 -22.91
C ARG E 97 -22.42 -9.82 -22.09
N PHE E 98 -22.28 -11.03 -22.63
CA PHE E 98 -21.43 -12.05 -22.01
C PHE E 98 -20.64 -12.77 -23.09
N SER E 99 -19.61 -13.49 -22.69
CA SER E 99 -18.79 -14.28 -23.61
C SER E 99 -19.07 -15.77 -23.45
N ILE E 100 -18.77 -16.54 -24.50
CA ILE E 100 -18.82 -18.00 -24.46
C ILE E 100 -17.42 -18.55 -24.24
N ALA E 101 -17.30 -19.44 -23.25
CA ALA E 101 -16.05 -20.14 -22.99
C ALA E 101 -15.83 -21.21 -24.04
N TRP E 102 -14.77 -21.03 -24.81
CA TRP E 102 -14.33 -22.00 -25.81
C TRP E 102 -14.11 -23.40 -25.21
N PRO E 103 -13.29 -23.51 -24.14
CA PRO E 103 -12.98 -24.85 -23.62
C PRO E 103 -14.16 -25.63 -22.99
N ARG E 104 -15.29 -24.96 -22.79
CA ARG E 104 -16.55 -25.65 -22.49
C ARG E 104 -17.16 -26.28 -23.74
N ILE E 105 -17.10 -25.58 -24.87
CA ILE E 105 -17.74 -26.03 -26.12
C ILE E 105 -16.86 -27.02 -26.86
N PHE E 106 -15.56 -26.73 -26.95
CA PHE E 106 -14.58 -27.65 -27.54
C PHE E 106 -13.46 -27.97 -26.53
N PRO E 107 -13.77 -28.83 -25.53
CA PRO E 107 -12.79 -29.34 -24.57
C PRO E 107 -11.65 -30.13 -25.21
N SER E 108 -11.92 -30.72 -26.36
CA SER E 108 -10.91 -31.38 -27.18
C SER E 108 -11.20 -31.07 -28.64
N LYS E 109 -10.16 -31.11 -29.46
CA LYS E 109 -10.25 -30.74 -30.87
C LYS E 109 -11.18 -31.69 -31.64
N GLY E 110 -12.28 -31.13 -32.17
CA GLY E 110 -13.32 -31.91 -32.84
C GLY E 110 -14.44 -32.36 -31.90
N GLN E 111 -14.08 -32.77 -30.69
CA GLN E 111 -15.03 -33.27 -29.69
C GLN E 111 -15.88 -32.17 -29.05
N PHE E 112 -17.06 -31.97 -29.62
CA PHE E 112 -18.07 -31.06 -29.07
C PHE E 112 -18.69 -31.67 -27.80
N ASN E 113 -18.80 -30.84 -26.77
CA ASN E 113 -19.36 -31.20 -25.47
C ASN E 113 -20.70 -30.45 -25.33
N PRO E 114 -21.85 -31.17 -25.41
CA PRO E 114 -23.14 -30.45 -25.46
C PRO E 114 -23.66 -29.96 -24.11
N GLU E 115 -23.06 -30.41 -23.02
CA GLU E 115 -23.37 -29.93 -21.68
C GLU E 115 -22.93 -28.48 -21.50
N GLY E 116 -21.86 -28.12 -22.20
CA GLY E 116 -21.33 -26.76 -22.19
C GLY E 116 -22.23 -25.82 -22.96
N MET E 117 -22.66 -26.24 -24.15
CA MET E 117 -23.61 -25.46 -24.96
C MET E 117 -24.99 -25.36 -24.31
N ALA E 118 -25.38 -26.39 -23.54
CA ALA E 118 -26.64 -26.38 -22.79
C ALA E 118 -26.70 -25.19 -21.84
N PHE E 119 -25.64 -25.02 -21.06
CA PHE E 119 -25.50 -23.89 -20.14
C PHE E 119 -25.82 -22.55 -20.79
N TYR E 120 -25.24 -22.32 -21.97
CA TYR E 120 -25.40 -21.04 -22.68
C TYR E 120 -26.75 -20.89 -23.34
N LYS E 121 -27.29 -21.99 -23.86
CA LYS E 121 -28.65 -22.00 -24.42
C LYS E 121 -29.68 -21.65 -23.33
N THR E 122 -29.51 -22.23 -22.15
CA THR E 122 -30.37 -21.94 -20.99
C THR E 122 -30.25 -20.47 -20.55
N LEU E 123 -29.00 -20.03 -20.34
CA LEU E 123 -28.68 -18.66 -19.96
C LEU E 123 -29.33 -17.69 -20.94
N ALA E 124 -29.02 -17.87 -22.22
CA ALA E 124 -29.57 -17.06 -23.31
C ALA E 124 -31.11 -17.01 -23.30
N THR E 125 -31.72 -18.18 -23.16
CA THR E 125 -33.18 -18.32 -23.12
C THR E 125 -33.83 -17.56 -21.94
N ARG E 126 -33.26 -17.72 -20.76
CA ARG E 126 -33.77 -17.05 -19.55
C ARG E 126 -33.69 -15.54 -19.66
N LEU E 127 -32.66 -15.01 -20.34
CA LEU E 127 -32.51 -13.57 -20.56
C LEU E 127 -33.64 -13.02 -21.44
N GLN E 128 -34.00 -13.79 -22.46
CA GLN E 128 -35.08 -13.42 -23.39
C GLN E 128 -36.44 -13.50 -22.69
N GLU E 129 -36.61 -14.52 -21.85
CA GLU E 129 -37.79 -14.64 -20.98
C GLU E 129 -38.03 -13.43 -20.06
N GLU E 130 -36.95 -12.79 -19.62
CA GLU E 130 -37.02 -11.61 -18.74
C GLU E 130 -36.95 -10.26 -19.49
N GLY E 131 -37.00 -10.30 -20.81
CA GLY E 131 -36.99 -9.09 -21.64
C GLY E 131 -35.64 -8.40 -21.72
N ILE E 132 -34.57 -9.20 -21.82
CA ILE E 132 -33.19 -8.72 -21.90
C ILE E 132 -32.59 -9.24 -23.20
N LYS E 133 -32.05 -8.33 -24.00
CA LYS E 133 -31.37 -8.69 -25.26
C LYS E 133 -30.04 -9.37 -24.95
N PRO E 134 -29.85 -10.63 -25.40
CA PRO E 134 -28.54 -11.25 -25.24
C PRO E 134 -27.55 -10.84 -26.32
N ALA E 135 -26.43 -10.24 -25.90
CA ALA E 135 -25.33 -9.90 -26.79
C ALA E 135 -24.19 -10.86 -26.44
N VAL E 136 -23.70 -11.59 -27.43
CA VAL E 136 -22.70 -12.63 -27.18
C VAL E 136 -21.37 -12.32 -27.83
N THR E 137 -20.31 -12.50 -27.05
CA THR E 137 -18.93 -12.39 -27.48
C THR E 137 -18.39 -13.81 -27.66
N LEU E 138 -17.88 -14.12 -28.85
CA LEU E 138 -17.37 -15.47 -29.12
C LEU E 138 -15.99 -15.72 -28.52
N TYR E 139 -15.09 -14.73 -28.66
CA TYR E 139 -13.75 -14.85 -28.11
C TYR E 139 -13.41 -13.72 -27.15
N HIS E 140 -13.28 -14.07 -25.86
CA HIS E 140 -12.78 -13.18 -24.82
C HIS E 140 -11.58 -13.84 -24.12
N TRP E 141 -10.63 -14.30 -24.94
CA TRP E 141 -9.24 -14.64 -24.56
C TRP E 141 -8.99 -16.05 -24.00
N ASP E 142 -10.05 -16.83 -23.82
CA ASP E 142 -9.94 -18.17 -23.21
C ASP E 142 -9.70 -19.25 -24.26
N LEU E 143 -8.46 -19.27 -24.77
CA LEU E 143 -8.04 -20.25 -25.78
C LEU E 143 -7.84 -21.61 -25.11
N PRO E 144 -8.43 -22.68 -25.67
CA PRO E 144 -8.17 -24.01 -25.12
C PRO E 144 -6.68 -24.39 -25.16
N MET E 145 -6.25 -25.16 -24.17
CA MET E 145 -4.85 -25.58 -24.11
C MET E 145 -4.43 -26.49 -25.28
N TRP E 146 -5.37 -27.27 -25.83
CA TRP E 146 -5.10 -28.10 -27.01
C TRP E 146 -4.73 -27.27 -28.24
N ALA E 147 -5.34 -26.08 -28.37
CA ALA E 147 -5.04 -25.16 -29.48
C ALA E 147 -3.65 -24.54 -29.32
N HIS E 148 -3.37 -24.05 -28.11
CA HIS E 148 -2.06 -23.49 -27.74
C HIS E 148 -0.90 -24.44 -28.02
N GLU E 149 -1.11 -25.72 -27.71
CA GLU E 149 -0.08 -26.75 -27.92
C GLU E 149 0.27 -27.01 -29.40
N GLU E 150 -0.67 -26.70 -30.30
CA GLU E 150 -0.42 -26.70 -31.75
C GLU E 150 0.05 -25.33 -32.32
N GLY E 151 0.56 -24.44 -31.45
CA GLY E 151 0.99 -23.10 -31.85
C GLY E 151 0.10 -21.95 -31.38
N GLY E 152 -1.19 -22.24 -31.19
CA GLY E 152 -2.17 -21.23 -30.78
C GLY E 152 -2.57 -20.35 -31.97
N TRP E 153 -2.71 -19.05 -31.72
CA TRP E 153 -3.05 -18.08 -32.77
C TRP E 153 -1.93 -17.81 -33.78
N VAL E 154 -0.68 -18.09 -33.39
CA VAL E 154 0.48 -17.99 -34.29
C VAL E 154 0.29 -18.90 -35.51
N ASN E 155 -0.30 -20.06 -35.26
CA ASN E 155 -0.66 -21.03 -36.30
C ASN E 155 -1.89 -20.57 -37.08
N ARG E 156 -1.84 -20.65 -38.40
CA ARG E 156 -2.95 -20.26 -39.28
C ARG E 156 -4.16 -21.22 -39.19
N ASP E 157 -3.92 -22.46 -38.76
CA ASP E 157 -5.00 -23.41 -38.43
C ASP E 157 -5.97 -22.89 -37.35
N SER E 158 -5.51 -21.95 -36.52
CA SER E 158 -6.35 -21.24 -35.55
C SER E 158 -7.59 -20.57 -36.13
N VAL E 159 -7.53 -20.17 -37.40
CA VAL E 159 -8.70 -19.60 -38.09
C VAL E 159 -9.80 -20.66 -38.21
N ASP E 160 -9.41 -21.86 -38.61
CA ASP E 160 -10.35 -22.99 -38.77
C ASP E 160 -10.88 -23.51 -37.43
N TRP E 161 -10.01 -23.54 -36.42
CA TRP E 161 -10.41 -23.98 -35.06
C TRP E 161 -11.50 -23.08 -34.50
N PHE E 162 -11.28 -21.78 -34.64
CA PHE E 162 -12.26 -20.77 -34.22
C PHE E 162 -13.57 -20.90 -34.99
N LEU E 163 -13.50 -21.14 -36.29
CA LEU E 163 -14.70 -21.32 -37.10
C LEU E 163 -15.51 -22.55 -36.70
N ASP E 164 -14.83 -23.63 -36.31
CA ASP E 164 -15.49 -24.83 -35.78
C ASP E 164 -16.25 -24.51 -34.48
N PHE E 165 -15.62 -23.71 -33.64
CA PHE E 165 -16.25 -23.20 -32.41
C PHE E 165 -17.37 -22.19 -32.69
N ALA E 166 -17.16 -21.29 -33.66
CA ALA E 166 -18.16 -20.28 -34.03
C ALA E 166 -19.40 -20.89 -34.69
N ARG E 167 -19.18 -21.89 -35.54
CA ARG E 167 -20.25 -22.60 -36.25
C ARG E 167 -21.24 -23.22 -35.27
N VAL E 168 -20.70 -24.01 -34.35
CA VAL E 168 -21.46 -24.68 -33.30
C VAL E 168 -22.30 -23.69 -32.48
N CYS E 169 -21.76 -22.50 -32.25
CA CYS E 169 -22.46 -21.43 -31.52
C CYS E 169 -23.58 -20.77 -32.33
N PHE E 170 -23.32 -20.48 -33.60
CA PHE E 170 -24.35 -19.88 -34.50
C PHE E 170 -25.55 -20.81 -34.68
N GLU E 171 -25.26 -22.09 -34.86
CA GLU E 171 -26.28 -23.12 -35.02
C GLU E 171 -27.21 -23.15 -33.80
N GLU E 172 -26.62 -23.29 -32.63
CA GLU E 172 -27.35 -23.51 -31.38
C GLU E 172 -28.00 -22.25 -30.76
N LEU E 173 -27.57 -21.05 -31.17
CA LEU E 173 -27.99 -19.81 -30.47
C LEU E 173 -28.47 -18.62 -31.30
N ASP E 174 -28.28 -18.62 -32.62
CA ASP E 174 -28.61 -17.43 -33.44
C ASP E 174 -30.08 -17.00 -33.34
N GLY E 175 -30.97 -17.98 -33.16
CA GLY E 175 -32.39 -17.71 -32.89
C GLY E 175 -32.61 -16.98 -31.56
N ILE E 176 -31.83 -17.37 -30.55
CA ILE E 176 -31.89 -16.75 -29.23
C ILE E 176 -31.23 -15.37 -29.29
N VAL E 177 -29.96 -15.34 -29.71
CA VAL E 177 -29.09 -14.17 -29.55
C VAL E 177 -29.58 -12.92 -30.31
N ASP E 178 -29.35 -11.76 -29.72
CA ASP E 178 -29.69 -10.46 -30.32
C ASP E 178 -28.60 -9.95 -31.24
N SER E 179 -27.35 -9.99 -30.76
CA SER E 179 -26.19 -9.53 -31.53
C SER E 179 -24.94 -10.35 -31.22
N TRP E 180 -24.08 -10.48 -32.23
CA TRP E 180 -22.81 -11.24 -32.11
C TRP E 180 -21.61 -10.30 -32.10
N ILE E 181 -20.64 -10.63 -31.25
CA ILE E 181 -19.31 -10.00 -31.29
C ILE E 181 -18.33 -11.14 -31.48
N THR E 182 -17.53 -11.06 -32.54
CA THR E 182 -16.58 -12.12 -32.87
C THR E 182 -15.42 -12.12 -31.90
N HIS E 183 -14.72 -10.98 -31.83
CA HIS E 183 -13.50 -10.84 -31.05
C HIS E 183 -13.57 -9.62 -30.15
N ASN E 184 -13.12 -9.79 -28.91
CA ASN E 184 -12.96 -8.71 -27.95
C ASN E 184 -11.48 -8.37 -27.79
N GLU E 185 -11.10 -7.17 -28.22
CA GLU E 185 -9.75 -6.60 -28.00
C GLU E 185 -8.60 -7.48 -28.54
N PRO E 186 -8.49 -7.59 -29.88
CA PRO E 186 -7.37 -8.35 -30.47
C PRO E 186 -5.97 -7.81 -30.14
N TRP E 187 -5.87 -6.51 -29.83
CA TRP E 187 -4.64 -5.92 -29.29
C TRP E 187 -4.20 -6.60 -27.99
N CYS E 188 -5.14 -6.81 -27.07
CA CYS E 188 -4.85 -7.50 -25.80
C CYS E 188 -4.49 -8.97 -26.01
N ALA E 189 -5.29 -9.67 -26.81
CA ALA E 189 -5.07 -11.09 -27.09
C ALA E 189 -3.87 -11.35 -28.00
N GLY E 190 -3.55 -10.37 -28.85
CA GLY E 190 -2.39 -10.44 -29.76
C GLY E 190 -1.14 -9.79 -29.18
N PHE E 191 -1.11 -8.46 -29.19
CA PHE E 191 0.09 -7.70 -28.82
C PHE E 191 0.45 -7.79 -27.32
N LEU E 192 -0.53 -7.54 -26.44
CA LEU E 192 -0.30 -7.63 -25.00
C LEU E 192 0.01 -9.06 -24.51
N SER E 193 -0.41 -10.06 -25.29
CA SER E 193 -0.20 -11.48 -24.97
C SER E 193 1.06 -12.11 -25.59
N TYR E 194 1.30 -11.81 -26.87
CA TYR E 194 2.42 -12.41 -27.64
C TYR E 194 3.64 -11.50 -27.87
N HIS E 195 3.49 -10.20 -27.65
CA HIS E 195 4.62 -9.25 -27.77
C HIS E 195 5.12 -8.70 -26.43
N LEU E 196 4.20 -8.23 -25.60
CA LEU E 196 4.54 -7.61 -24.32
C LEU E 196 4.57 -8.60 -23.15
N GLY E 197 3.99 -9.79 -23.36
CA GLY E 197 4.09 -10.90 -22.40
C GLY E 197 3.28 -10.75 -21.11
N GLN E 198 2.32 -9.83 -21.10
CA GLN E 198 1.56 -9.51 -19.89
C GLN E 198 0.34 -10.40 -19.71
N HIS E 199 -0.32 -10.73 -20.82
CA HIS E 199 -1.45 -11.65 -20.86
C HIS E 199 -1.03 -13.00 -21.45
N ALA E 200 -1.91 -13.99 -21.27
CA ALA E 200 -1.65 -15.37 -21.70
C ALA E 200 -1.60 -15.48 -23.22
N PRO E 201 -0.66 -16.25 -23.79
CA PRO E 201 0.23 -17.17 -23.07
C PRO E 201 1.52 -16.57 -22.47
N GLY E 202 1.73 -15.26 -22.63
CA GLY E 202 2.87 -14.56 -22.02
C GLY E 202 4.17 -14.56 -22.79
N HIS E 203 4.07 -14.58 -24.11
CA HIS E 203 5.24 -14.60 -25.00
C HIS E 203 5.76 -13.19 -25.28
N THR E 204 7.02 -13.11 -25.69
CA THR E 204 7.64 -11.84 -26.08
C THR E 204 8.35 -12.01 -27.43
N ASP E 205 7.54 -11.97 -28.48
CA ASP E 205 7.99 -12.19 -29.86
C ASP E 205 7.06 -11.42 -30.82
N MET E 206 7.60 -10.38 -31.44
CA MET E 206 6.82 -9.52 -32.36
C MET E 206 6.31 -10.28 -33.59
N ASN E 207 7.08 -11.26 -34.04
CA ASN E 207 6.70 -12.06 -35.19
C ASN E 207 5.51 -12.98 -34.90
N GLU E 208 5.49 -13.59 -33.73
CA GLU E 208 4.33 -14.36 -33.26
C GLU E 208 3.08 -13.47 -33.10
N ALA E 209 3.30 -12.24 -32.63
CA ALA E 209 2.24 -11.28 -32.33
C ALA E 209 1.46 -10.81 -33.56
N VAL E 210 2.18 -10.45 -34.62
CA VAL E 210 1.54 -9.99 -35.87
C VAL E 210 0.80 -11.12 -36.59
N ARG E 211 1.33 -12.34 -36.46
CA ARG E 211 0.67 -13.54 -36.97
C ARG E 211 -0.60 -13.82 -36.15
N ALA E 212 -0.45 -13.81 -34.83
CA ALA E 212 -1.58 -13.98 -33.91
C ALA E 212 -2.72 -13.00 -34.17
N VAL E 213 -2.39 -11.73 -34.34
CA VAL E 213 -3.38 -10.68 -34.62
C VAL E 213 -4.05 -10.93 -35.96
N HIS E 214 -3.24 -11.19 -36.99
CA HIS E 214 -3.75 -11.40 -38.35
C HIS E 214 -4.75 -12.56 -38.42
N HIS E 215 -4.44 -13.64 -37.73
CA HIS E 215 -5.30 -14.83 -37.71
C HIS E 215 -6.58 -14.61 -36.87
N MET E 216 -6.52 -13.76 -35.85
CA MET E 216 -7.73 -13.32 -35.15
C MET E 216 -8.62 -12.48 -36.06
N LEU E 217 -8.02 -11.47 -36.69
CA LEU E 217 -8.72 -10.60 -37.63
C LEU E 217 -9.31 -11.37 -38.80
N LEU E 218 -8.55 -12.34 -39.32
CA LEU E 218 -9.04 -13.22 -40.39
C LEU E 218 -10.19 -14.12 -39.91
N SER E 219 -10.04 -14.69 -38.71
CA SER E 219 -11.09 -15.51 -38.10
C SER E 219 -12.37 -14.73 -37.78
N HIS E 220 -12.25 -13.43 -37.54
CA HIS E 220 -13.40 -12.52 -37.45
C HIS E 220 -14.15 -12.47 -38.78
N GLY E 221 -13.44 -12.04 -39.83
CA GLY E 221 -14.03 -11.87 -41.16
C GLY E 221 -14.68 -13.13 -41.70
N LYS E 222 -14.01 -14.26 -41.52
CA LYS E 222 -14.56 -15.56 -41.92
C LYS E 222 -15.82 -15.94 -41.12
N ALA E 223 -15.82 -15.65 -39.82
CA ALA E 223 -17.00 -15.87 -38.98
C ALA E 223 -18.20 -15.02 -39.39
N VAL E 224 -17.93 -13.77 -39.78
CA VAL E 224 -18.96 -12.86 -40.31
C VAL E 224 -19.56 -13.47 -41.56
N GLU E 225 -18.70 -13.76 -42.54
CA GLU E 225 -19.09 -14.35 -43.82
C GLU E 225 -19.90 -15.64 -43.66
N MET E 226 -19.47 -16.51 -42.77
CA MET E 226 -20.20 -17.75 -42.47
C MET E 226 -21.59 -17.47 -41.89
N LEU E 227 -21.72 -16.40 -41.12
CA LEU E 227 -23.01 -16.04 -40.50
C LEU E 227 -24.02 -15.51 -41.52
N LYS E 228 -23.56 -14.65 -42.43
CA LYS E 228 -24.44 -14.02 -43.44
C LYS E 228 -24.64 -14.89 -44.68
N GLY E 229 -23.75 -15.86 -44.89
CA GLY E 229 -23.74 -16.69 -46.09
C GLY E 229 -24.18 -18.11 -45.82
N GLU E 230 -23.39 -18.79 -45.00
CA GLU E 230 -23.58 -20.23 -44.75
C GLU E 230 -24.71 -20.47 -43.72
N PHE E 231 -25.16 -19.39 -43.05
CA PHE E 231 -26.37 -19.39 -42.22
C PHE E 231 -27.50 -18.46 -42.70
N ASN E 232 -27.22 -17.61 -43.70
CA ASN E 232 -28.21 -16.68 -44.28
C ASN E 232 -28.88 -15.77 -43.22
N SER E 233 -28.14 -15.47 -42.16
CA SER E 233 -28.69 -14.76 -41.01
C SER E 233 -28.49 -13.26 -41.16
N ALA E 234 -29.44 -12.50 -40.62
CA ALA E 234 -29.37 -11.03 -40.56
C ALA E 234 -29.19 -10.54 -39.10
N THR E 235 -28.72 -11.43 -38.23
CA THR E 235 -28.37 -11.07 -36.86
C THR E 235 -27.14 -10.16 -36.88
N PRO E 236 -27.23 -8.95 -36.29
CA PRO E 236 -26.09 -8.02 -36.28
C PRO E 236 -24.81 -8.63 -35.73
N ILE E 237 -23.72 -8.51 -36.51
CA ILE E 237 -22.42 -9.04 -36.13
C ILE E 237 -21.33 -7.98 -36.35
N GLY E 238 -20.33 -7.99 -35.47
CA GLY E 238 -19.21 -7.06 -35.58
C GLY E 238 -18.07 -7.43 -34.66
N ILE E 239 -17.05 -6.57 -34.63
CA ILE E 239 -15.88 -6.76 -33.78
C ILE E 239 -15.82 -5.66 -32.73
N THR E 240 -15.20 -5.99 -31.60
CA THR E 240 -14.87 -5.03 -30.56
C THR E 240 -13.36 -4.79 -30.53
N LEU E 241 -12.95 -3.54 -30.73
CA LEU E 241 -11.55 -3.12 -30.58
C LEU E 241 -11.44 -2.21 -29.39
N ASN E 242 -10.48 -2.47 -28.50
CA ASN E 242 -10.07 -1.44 -27.55
C ASN E 242 -9.24 -0.39 -28.29
N LEU E 243 -9.56 0.87 -28.00
CA LEU E 243 -8.92 2.00 -28.64
C LEU E 243 -8.50 2.95 -27.54
N ALA E 244 -7.28 3.45 -27.66
CA ALA E 244 -6.71 4.43 -26.74
C ALA E 244 -6.11 5.52 -27.62
N PRO E 245 -6.68 6.73 -27.60
CA PRO E 245 -6.10 7.80 -28.41
C PRO E 245 -4.79 8.30 -27.81
N LYS E 246 -3.86 8.68 -28.69
CA LYS E 246 -2.50 9.00 -28.28
C LYS E 246 -2.23 10.48 -28.48
N TYR E 247 -1.43 11.04 -27.58
CA TYR E 247 -1.13 12.48 -27.60
C TYR E 247 0.36 12.73 -27.38
N ALA E 248 0.87 13.71 -28.11
CA ALA E 248 2.27 14.08 -28.02
C ALA E 248 2.45 15.05 -26.85
N LYS E 249 3.52 14.84 -26.09
CA LYS E 249 3.88 15.70 -24.97
C LYS E 249 4.22 17.12 -25.43
N THR E 250 5.07 17.24 -26.43
CA THR E 250 5.44 18.54 -27.03
C THR E 250 5.04 18.57 -28.49
N ASP E 251 5.25 19.73 -29.11
CA ASP E 251 5.02 19.91 -30.54
C ASP E 251 6.24 19.60 -31.43
N SER E 252 7.32 19.10 -30.83
CA SER E 252 8.53 18.73 -31.60
C SER E 252 8.24 17.60 -32.58
N ILE E 253 9.04 17.55 -33.64
CA ILE E 253 8.88 16.52 -34.68
C ILE E 253 9.02 15.13 -34.05
N ASN E 254 9.96 15.00 -33.14
CA ASN E 254 10.22 13.76 -32.42
C ASN E 254 8.97 13.24 -31.68
N ASP E 255 8.30 14.12 -30.95
CA ASP E 255 7.08 13.74 -30.22
C ASP E 255 5.88 13.44 -31.12
N GLN E 256 5.87 13.99 -32.34
CA GLN E 256 4.84 13.65 -33.34
C GLN E 256 5.03 12.24 -33.90
N ILE E 257 6.28 11.87 -34.17
CA ILE E 257 6.62 10.50 -34.60
C ILE E 257 6.19 9.53 -33.50
N ALA E 258 6.55 9.86 -32.26
CA ALA E 258 6.17 9.09 -31.09
C ALA E 258 4.65 8.87 -31.00
N MET E 259 3.89 9.96 -31.11
CA MET E 259 2.42 9.90 -31.11
C MET E 259 1.87 8.99 -32.20
N ASN E 260 2.37 9.19 -33.42
CA ASN E 260 2.01 8.41 -34.59
C ASN E 260 2.25 6.91 -34.39
N ASN E 261 3.44 6.58 -33.91
CA ASN E 261 3.82 5.18 -33.68
C ASN E 261 3.07 4.51 -32.53
N ALA E 262 2.82 5.27 -31.46
CA ALA E 262 1.97 4.78 -30.36
C ALA E 262 0.55 4.53 -30.86
N ASP E 263 0.05 5.46 -31.68
CA ASP E 263 -1.27 5.35 -32.30
C ASP E 263 -1.37 4.19 -33.28
N GLY E 264 -0.33 3.99 -34.08
CA GLY E 264 -0.29 2.86 -35.01
C GLY E 264 -0.32 1.52 -34.30
N TYR E 265 0.53 1.38 -33.30
CA TYR E 265 0.67 0.15 -32.51
C TYR E 265 -0.63 -0.24 -31.78
N ALA E 266 -1.28 0.74 -31.17
CA ALA E 266 -2.51 0.50 -30.40
C ALA E 266 -3.81 0.50 -31.24
N ASN E 267 -3.87 1.34 -32.27
CA ASN E 267 -5.13 1.61 -32.99
C ASN E 267 -5.15 1.30 -34.48
N ARG E 268 -4.30 1.97 -35.27
CA ARG E 268 -4.34 1.85 -36.74
C ARG E 268 -4.07 0.45 -37.26
N TRP E 269 -3.11 -0.26 -36.65
CA TRP E 269 -2.83 -1.66 -37.01
C TRP E 269 -4.07 -2.55 -37.02
N PHE E 270 -5.06 -2.18 -36.22
CA PHE E 270 -6.33 -2.91 -36.11
C PHE E 270 -7.46 -2.25 -36.89
N LEU E 271 -7.47 -0.92 -36.94
CA LEU E 271 -8.51 -0.17 -37.67
C LEU E 271 -8.35 -0.27 -39.18
N ASP E 272 -7.13 -0.01 -39.68
CA ASP E 272 -6.87 -0.03 -41.13
C ASP E 272 -7.31 -1.34 -41.82
N PRO E 273 -6.90 -2.51 -41.29
CA PRO E 273 -7.35 -3.76 -41.93
C PRO E 273 -8.86 -3.89 -41.94
N ILE E 274 -9.47 -3.61 -40.79
CA ILE E 274 -10.92 -3.70 -40.59
C ILE E 274 -11.72 -2.82 -41.55
N PHE E 275 -11.30 -1.57 -41.73
CA PHE E 275 -12.06 -0.59 -42.54
C PHE E 275 -11.45 -0.17 -43.88
N LYS E 276 -10.14 -0.39 -44.07
CA LYS E 276 -9.45 -0.07 -45.34
C LYS E 276 -9.00 -1.29 -46.14
N GLY E 277 -9.05 -2.48 -45.53
CA GLY E 277 -8.51 -3.70 -46.13
C GLY E 277 -7.01 -3.64 -46.43
N GLN E 278 -6.27 -3.01 -45.53
CA GLN E 278 -4.80 -2.93 -45.62
C GLN E 278 -4.19 -2.71 -44.24
N TYR E 279 -2.92 -3.06 -44.09
CA TYR E 279 -2.15 -2.70 -42.89
C TYR E 279 -1.47 -1.35 -43.13
N PRO E 280 -1.23 -0.58 -42.05
CA PRO E 280 -0.51 0.68 -42.20
C PRO E 280 0.97 0.40 -42.42
N VAL E 281 1.51 0.93 -43.52
CA VAL E 281 2.84 0.57 -44.00
C VAL E 281 3.91 1.20 -43.11
N ASP E 282 3.57 2.34 -42.51
CA ASP E 282 4.46 3.00 -41.54
C ASP E 282 4.77 2.10 -40.33
N MET E 283 3.80 1.28 -39.94
CA MET E 283 4.00 0.32 -38.85
C MET E 283 4.65 -0.97 -39.32
N MET E 284 4.31 -1.43 -40.53
CA MET E 284 5.01 -2.57 -41.15
C MET E 284 6.52 -2.33 -41.21
N ASN E 285 6.90 -1.15 -41.69
CA ASN E 285 8.32 -0.74 -41.73
C ASN E 285 8.97 -0.64 -40.35
N LEU E 286 8.23 -0.12 -39.37
CA LEU E 286 8.70 -0.03 -37.99
C LEU E 286 8.86 -1.41 -37.34
N PHE E 287 7.90 -2.30 -37.61
CA PHE E 287 7.97 -3.70 -37.16
C PHE E 287 8.98 -4.55 -37.93
N SER E 288 9.54 -4.04 -39.03
CA SER E 288 10.59 -4.74 -39.78
C SER E 288 11.95 -4.83 -39.08
N LYS E 289 12.08 -4.27 -37.88
CA LYS E 289 13.23 -4.53 -37.02
C LYS E 289 13.19 -5.95 -36.45
N TYR E 290 11.98 -6.48 -36.30
CA TYR E 290 11.75 -7.88 -35.85
C TYR E 290 11.08 -8.79 -36.88
N VAL E 291 10.22 -8.22 -37.72
CA VAL E 291 9.39 -8.96 -38.68
C VAL E 291 9.98 -8.75 -40.08
N HIS E 292 10.49 -9.81 -40.68
CA HIS E 292 11.27 -9.71 -41.93
C HIS E 292 10.59 -10.29 -43.15
N THR E 293 9.35 -10.72 -42.97
CA THR E 293 8.52 -11.15 -44.07
C THR E 293 7.05 -11.04 -43.65
N TYR E 294 6.22 -10.64 -44.59
CA TYR E 294 4.78 -10.54 -44.40
C TYR E 294 4.03 -11.52 -45.31
N ASP E 295 4.67 -12.65 -45.63
CA ASP E 295 4.04 -13.69 -46.47
C ASP E 295 2.90 -14.45 -45.75
N PHE E 296 2.89 -14.40 -44.42
CA PHE E 296 1.74 -14.88 -43.62
C PHE E 296 0.42 -14.19 -43.99
N ILE E 297 0.49 -12.95 -44.48
CA ILE E 297 -0.67 -12.27 -45.08
C ILE E 297 -0.86 -12.82 -46.50
N HIS E 298 -1.77 -13.80 -46.63
CA HIS E 298 -2.06 -14.43 -47.91
C HIS E 298 -2.97 -13.57 -48.77
N ALA E 299 -2.98 -13.84 -50.07
CA ALA E 299 -3.86 -13.12 -51.00
C ALA E 299 -5.32 -13.42 -50.68
N GLY E 300 -6.12 -12.37 -50.61
CA GLY E 300 -7.53 -12.48 -50.24
C GLY E 300 -7.83 -12.40 -48.75
N ASP E 301 -6.80 -12.37 -47.91
CA ASP E 301 -6.98 -12.28 -46.45
C ASP E 301 -7.57 -10.94 -46.03
N LEU E 302 -6.96 -9.86 -46.49
CA LEU E 302 -7.39 -8.51 -46.14
C LEU E 302 -8.81 -8.14 -46.61
N ALA E 303 -9.23 -8.70 -47.74
CA ALA E 303 -10.61 -8.54 -48.22
C ALA E 303 -11.62 -9.24 -47.29
N THR E 304 -11.26 -10.43 -46.83
CA THR E 304 -12.03 -11.17 -45.82
C THR E 304 -12.09 -10.41 -44.50
N ILE E 305 -10.93 -9.96 -44.02
CA ILE E 305 -10.83 -9.17 -42.78
C ILE E 305 -11.74 -7.93 -42.79
N SER E 306 -11.79 -7.26 -43.94
CA SER E 306 -12.57 -6.02 -44.11
C SER E 306 -14.04 -6.23 -44.51
N THR E 307 -14.54 -7.46 -44.43
CA THR E 307 -15.90 -7.78 -44.85
C THR E 307 -16.91 -6.89 -44.08
N PRO E 308 -17.91 -6.32 -44.79
CA PRO E 308 -18.78 -5.34 -44.12
C PRO E 308 -19.47 -5.90 -42.87
N CYS E 309 -19.53 -5.09 -41.82
CA CYS E 309 -20.17 -5.43 -40.56
C CYS E 309 -21.34 -4.50 -40.27
N ASP E 310 -22.20 -4.90 -39.33
CA ASP E 310 -23.44 -4.16 -39.01
C ASP E 310 -23.19 -3.00 -38.04
N PHE E 311 -22.30 -3.23 -37.08
CA PHE E 311 -21.91 -2.22 -36.10
C PHE E 311 -20.42 -2.31 -35.80
N PHE E 312 -19.88 -1.25 -35.23
CA PHE E 312 -18.49 -1.24 -34.75
C PHE E 312 -18.46 -1.16 -33.22
N GLY E 313 -17.81 -2.14 -32.59
CA GLY E 313 -17.66 -2.17 -31.14
C GLY E 313 -16.40 -1.45 -30.66
N ILE E 314 -16.53 -0.65 -29.62
CA ILE E 314 -15.40 0.09 -29.02
C ILE E 314 -15.31 -0.12 -27.51
N ASN E 315 -14.20 -0.68 -27.05
CA ASN E 315 -13.86 -0.66 -25.63
C ASN E 315 -12.96 0.52 -25.34
N PHE E 316 -13.47 1.50 -24.59
CA PHE E 316 -12.69 2.69 -24.25
C PHE E 316 -12.48 2.81 -22.76
N TYR E 317 -11.25 3.18 -22.40
CA TYR E 317 -10.86 3.37 -21.00
C TYR E 317 -10.09 4.65 -20.74
N SER E 318 -9.12 4.97 -21.59
CA SER E 318 -8.25 6.12 -21.36
C SER E 318 -7.48 6.54 -22.61
N ARG E 319 -6.81 7.70 -22.47
CA ARG E 319 -5.80 8.16 -23.41
C ARG E 319 -4.43 7.69 -22.95
N ASN E 320 -3.43 7.94 -23.79
CA ASN E 320 -2.03 7.86 -23.37
C ASN E 320 -1.26 9.06 -23.90
N LEU E 321 -0.61 9.78 -22.98
CA LEU E 321 0.34 10.83 -23.33
C LEU E 321 1.70 10.16 -23.51
N VAL E 322 2.33 10.42 -24.65
CA VAL E 322 3.64 9.82 -24.98
C VAL E 322 4.67 10.88 -25.32
N GLU E 323 5.94 10.50 -25.24
CA GLU E 323 7.04 11.29 -25.80
C GLU E 323 8.01 10.40 -26.57
N PHE E 324 8.94 11.04 -27.28
CA PHE E 324 9.93 10.34 -28.07
C PHE E 324 10.99 9.71 -27.18
N SER E 325 11.48 8.55 -27.61
CA SER E 325 12.63 7.88 -27.01
C SER E 325 13.53 7.31 -28.11
N ALA E 326 14.77 7.79 -28.14
CA ALA E 326 15.78 7.34 -29.10
C ALA E 326 16.17 5.88 -28.89
N ALA E 327 16.14 5.42 -27.64
CA ALA E 327 16.49 4.06 -27.24
C ALA E 327 15.39 3.02 -27.47
N SER E 328 14.17 3.48 -27.76
CA SER E 328 13.04 2.58 -27.98
C SER E 328 12.99 2.15 -29.43
N ASP E 329 12.76 0.85 -29.65
CA ASP E 329 12.57 0.26 -30.99
C ASP E 329 11.43 0.89 -31.80
N PHE E 330 10.33 1.19 -31.13
CA PHE E 330 9.18 1.84 -31.76
C PHE E 330 9.11 3.35 -31.48
N LEU E 331 10.23 3.92 -31.04
CA LEU E 331 10.45 5.37 -30.95
C LEU E 331 9.56 6.15 -29.97
N HIS E 332 8.98 5.48 -29.00
CA HIS E 332 8.12 6.15 -28.01
C HIS E 332 8.14 5.48 -26.64
N LYS E 333 7.92 6.31 -25.62
CA LYS E 333 7.70 5.89 -24.24
C LYS E 333 6.58 6.72 -23.66
N ASP E 334 6.11 6.34 -22.47
CA ASP E 334 5.04 7.05 -21.78
C ASP E 334 5.57 8.33 -21.15
N ALA E 335 4.83 9.42 -21.30
CA ALA E 335 5.17 10.70 -20.68
C ALA E 335 4.44 10.86 -19.35
N TYR E 336 4.90 11.80 -18.54
CA TYR E 336 4.24 12.10 -17.27
C TYR E 336 2.88 12.77 -17.55
N SER E 337 1.84 12.23 -16.94
CA SER E 337 0.49 12.78 -17.03
C SER E 337 0.11 13.45 -15.71
N ASP E 338 -0.41 14.68 -15.79
CA ASP E 338 -0.96 15.38 -14.62
C ASP E 338 -2.48 15.18 -14.40
N TYR E 339 -3.12 14.37 -15.24
CA TYR E 339 -4.57 14.13 -15.18
C TYR E 339 -4.98 13.40 -13.91
N ASP E 340 -6.26 13.54 -13.56
CA ASP E 340 -6.89 12.70 -12.54
C ASP E 340 -6.86 11.25 -13.02
N LYS E 341 -6.62 10.34 -12.08
CA LYS E 341 -6.37 8.95 -12.40
C LYS E 341 -7.28 7.98 -11.65
N THR E 342 -7.49 6.82 -12.26
CA THR E 342 -8.29 5.74 -11.65
C THR E 342 -7.42 4.93 -10.69
N GLY E 343 -8.02 3.93 -10.05
CA GLY E 343 -7.28 2.96 -9.22
C GLY E 343 -6.21 2.16 -9.95
N MET E 344 -6.30 2.10 -11.28
CA MET E 344 -5.26 1.49 -12.13
C MET E 344 -4.09 2.42 -12.47
N GLY E 345 -4.19 3.70 -12.09
CA GLY E 345 -3.27 4.73 -12.54
C GLY E 345 -3.53 5.20 -13.97
N TRP E 346 -4.70 4.88 -14.51
CA TRP E 346 -5.07 5.30 -15.88
C TRP E 346 -5.66 6.70 -15.82
N ASP E 347 -5.37 7.51 -16.84
CA ASP E 347 -5.96 8.84 -16.96
C ASP E 347 -7.47 8.75 -17.13
N ILE E 348 -8.17 9.71 -16.53
CA ILE E 348 -9.61 9.91 -16.74
C ILE E 348 -9.72 10.96 -17.84
N ALA E 349 -10.21 10.53 -19.02
CA ALA E 349 -10.00 11.27 -20.26
C ALA E 349 -11.23 11.32 -21.20
N PRO E 350 -12.36 11.91 -20.72
CA PRO E 350 -13.57 11.99 -21.54
C PRO E 350 -13.49 12.95 -22.73
N SER E 351 -12.70 14.00 -22.62
CA SER E 351 -12.47 14.94 -23.74
C SER E 351 -11.71 14.26 -24.88
N GLU E 352 -10.80 13.35 -24.52
CA GLU E 352 -10.02 12.59 -25.51
C GLU E 352 -10.85 11.45 -26.10
N PHE E 353 -11.82 10.94 -25.34
CA PHE E 353 -12.84 10.03 -25.86
C PHE E 353 -13.67 10.66 -26.99
N LYS E 354 -13.93 11.95 -26.89
CA LYS E 354 -14.64 12.70 -27.93
C LYS E 354 -13.78 12.91 -29.19
N ASP E 355 -12.49 13.16 -29.00
CA ASP E 355 -11.53 13.25 -30.11
C ASP E 355 -11.53 11.97 -30.94
N LEU E 356 -11.41 10.83 -30.25
CA LEU E 356 -11.42 9.50 -30.86
C LEU E 356 -12.64 9.22 -31.73
N ILE E 357 -13.84 9.49 -31.19
CA ILE E 357 -15.09 9.20 -31.91
C ILE E 357 -15.23 10.07 -33.17
N ARG E 358 -14.88 11.35 -33.07
CA ARG E 358 -14.84 12.26 -34.22
C ARG E 358 -13.88 11.77 -35.32
N ARG E 359 -12.68 11.34 -34.89
CA ARG E 359 -11.66 10.82 -35.81
C ARG E 359 -12.15 9.60 -36.58
N LEU E 360 -12.86 8.71 -35.90
CA LEU E 360 -13.42 7.51 -36.54
C LEU E 360 -14.44 7.82 -37.64
N ARG E 361 -15.33 8.78 -37.39
CA ARG E 361 -16.29 9.23 -38.41
C ARG E 361 -15.61 9.95 -39.58
N ALA E 362 -14.57 10.73 -39.27
CA ALA E 362 -13.79 11.43 -40.28
C ALA E 362 -12.93 10.52 -41.17
N GLU E 363 -12.28 9.53 -40.55
CA GLU E 363 -11.27 8.70 -41.24
C GLU E 363 -11.68 7.26 -41.59
N TYR E 364 -12.61 6.67 -40.83
CA TYR E 364 -12.79 5.20 -40.83
C TYR E 364 -14.17 4.66 -41.19
N THR E 365 -15.18 5.02 -40.42
CA THR E 365 -16.48 4.34 -40.49
C THR E 365 -17.69 5.22 -40.16
N ASP E 366 -18.78 4.96 -40.86
CA ASP E 366 -20.08 5.57 -40.57
C ASP E 366 -21.07 4.56 -40.00
N LEU E 367 -20.58 3.38 -39.61
CA LEU E 367 -21.39 2.36 -38.94
C LEU E 367 -21.84 2.81 -37.54
N PRO E 368 -22.97 2.27 -37.05
CA PRO E 368 -23.41 2.61 -35.69
C PRO E 368 -22.44 2.07 -34.62
N ILE E 369 -21.93 2.98 -33.79
CA ILE E 369 -20.94 2.63 -32.77
C ILE E 369 -21.63 2.22 -31.47
N TYR E 370 -21.13 1.14 -30.86
CA TYR E 370 -21.52 0.72 -29.52
C TYR E 370 -20.29 0.75 -28.62
N ILE E 371 -20.42 1.40 -27.47
CA ILE E 371 -19.38 1.37 -26.45
C ILE E 371 -19.54 0.08 -25.66
N THR E 372 -18.94 -1.00 -26.18
CA THR E 372 -19.12 -2.35 -25.62
C THR E 372 -18.42 -2.57 -24.27
N GLU E 373 -17.45 -1.71 -23.94
CA GLU E 373 -16.93 -1.61 -22.59
C GLU E 373 -16.53 -0.19 -22.27
N ASN E 374 -17.04 0.32 -21.16
CA ASN E 374 -16.47 1.48 -20.51
C ASN E 374 -16.73 1.42 -19.02
N GLY E 375 -15.68 1.68 -18.24
CA GLY E 375 -15.77 1.59 -16.78
C GLY E 375 -14.45 1.88 -16.13
N ALA E 376 -14.38 1.65 -14.82
CA ALA E 376 -13.21 2.03 -14.05
C ALA E 376 -13.04 1.20 -12.80
N ALA E 377 -11.79 1.08 -12.36
CA ALA E 377 -11.45 0.43 -11.10
C ALA E 377 -11.09 1.48 -10.07
N PHE E 378 -11.58 1.28 -8.86
CA PHE E 378 -11.35 2.16 -7.73
C PHE E 378 -11.32 1.31 -6.46
N ASP E 379 -10.72 1.87 -5.41
CA ASP E 379 -10.50 1.13 -4.18
C ASP E 379 -11.79 1.09 -3.35
N ASP E 380 -12.65 0.12 -3.68
CA ASP E 380 -13.97 0.01 -3.09
C ASP E 380 -13.93 -0.60 -1.69
N GLN E 381 -14.34 0.19 -0.71
CA GLN E 381 -14.45 -0.25 0.69
C GLN E 381 -15.90 -0.57 1.00
N LEU E 382 -16.14 -1.78 1.50
CA LEU E 382 -17.46 -2.18 1.99
C LEU E 382 -17.61 -1.73 3.44
N VAL E 383 -18.60 -0.88 3.69
CA VAL E 383 -18.85 -0.33 5.03
C VAL E 383 -20.35 -0.34 5.30
N ASP E 384 -20.75 -0.97 6.41
CA ASP E 384 -22.15 -0.98 6.90
C ASP E 384 -23.17 -1.36 5.81
N GLY E 385 -22.83 -2.38 5.03
CA GLY E 385 -23.69 -2.88 3.97
C GLY E 385 -23.81 -2.04 2.71
N LYS E 386 -22.92 -1.06 2.54
CA LYS E 386 -22.92 -0.18 1.36
C LYS E 386 -21.50 0.04 0.83
N ILE E 387 -21.41 0.31 -0.47
CA ILE E 387 -20.16 0.71 -1.12
C ILE E 387 -20.32 2.10 -1.74
N HIS E 388 -19.66 3.10 -1.15
CA HIS E 388 -19.72 4.49 -1.62
C HIS E 388 -18.67 4.77 -2.69
N ASP E 389 -18.98 4.36 -3.92
CA ASP E 389 -18.06 4.52 -5.06
C ASP E 389 -18.45 5.72 -5.94
N GLN E 390 -18.47 6.90 -5.33
CA GLN E 390 -18.72 8.17 -6.04
C GLN E 390 -17.73 8.40 -7.16
N ASN E 391 -16.48 8.02 -6.93
CA ASN E 391 -15.43 8.06 -7.96
C ASN E 391 -15.81 7.33 -9.25
N ARG E 392 -16.39 6.14 -9.13
CA ARG E 392 -16.88 5.39 -10.28
C ARG E 392 -18.10 6.02 -10.95
N ILE E 393 -19.02 6.54 -10.14
CA ILE E 393 -20.19 7.29 -10.64
C ILE E 393 -19.76 8.49 -11.48
N ASP E 394 -18.83 9.27 -10.92
CA ASP E 394 -18.21 10.42 -11.60
C ASP E 394 -17.61 10.04 -12.95
N TYR E 395 -16.82 8.98 -12.96
CA TYR E 395 -16.15 8.49 -14.18
C TYR E 395 -17.18 8.16 -15.26
N VAL E 396 -18.17 7.35 -14.92
CA VAL E 396 -19.22 6.94 -15.85
C VAL E 396 -20.07 8.13 -16.32
N ALA E 397 -20.41 9.02 -15.38
CA ALA E 397 -21.23 10.20 -15.67
C ALA E 397 -20.57 11.15 -16.70
N GLN E 398 -19.26 11.36 -16.54
CA GLN E 398 -18.49 12.15 -17.49
C GLN E 398 -18.45 11.55 -18.90
N HIS E 399 -18.37 10.22 -18.98
CA HIS E 399 -18.34 9.51 -20.28
C HIS E 399 -19.71 9.35 -20.93
N LEU E 400 -20.76 9.20 -20.12
CA LEU E 400 -22.14 9.26 -20.64
C LEU E 400 -22.54 10.66 -21.10
N GLN E 401 -22.04 11.69 -20.41
CA GLN E 401 -22.24 13.08 -20.82
C GLN E 401 -21.54 13.37 -22.15
N ALA E 402 -20.32 12.86 -22.30
CA ALA E 402 -19.60 12.91 -23.59
C ALA E 402 -20.41 12.26 -24.70
N VAL E 403 -20.93 11.04 -24.46
CA VAL E 403 -21.76 10.32 -25.44
C VAL E 403 -22.95 11.17 -25.91
N SER E 404 -23.68 11.73 -24.94
CA SER E 404 -24.81 12.62 -25.22
C SER E 404 -24.43 13.85 -26.04
N ASP E 405 -23.27 14.43 -25.73
CA ASP E 405 -22.71 15.57 -26.49
C ASP E 405 -22.24 15.20 -27.89
N LEU E 406 -21.72 13.99 -28.06
CA LEU E 406 -21.30 13.47 -29.38
C LEU E 406 -22.51 13.15 -30.27
N ASN E 407 -23.54 12.52 -29.71
CA ASN E 407 -24.77 12.23 -30.45
C ASN E 407 -25.57 13.49 -30.83
N ASP E 408 -25.38 14.58 -30.07
CA ASP E 408 -25.83 15.91 -30.48
C ASP E 408 -25.11 16.45 -31.73
N GLU E 409 -23.89 15.96 -31.98
CA GLU E 409 -23.10 16.29 -33.18
C GLU E 409 -23.27 15.29 -34.33
N GLY E 410 -24.20 14.34 -34.20
CA GLY E 410 -24.48 13.35 -35.24
C GLY E 410 -23.49 12.21 -35.34
N MET E 411 -22.82 11.89 -34.23
CA MET E 411 -21.77 10.85 -34.20
C MET E 411 -22.31 9.41 -34.07
N ASN E 412 -23.61 9.27 -33.83
CA ASN E 412 -24.31 7.97 -33.92
C ASN E 412 -23.71 6.84 -33.05
N ILE E 413 -23.55 7.14 -31.76
CA ILE E 413 -23.26 6.11 -30.76
C ILE E 413 -24.62 5.54 -30.33
N ALA E 414 -24.91 4.33 -30.80
CA ALA E 414 -26.22 3.69 -30.61
C ALA E 414 -26.41 3.05 -29.23
N GLY E 415 -25.32 2.75 -28.54
CA GLY E 415 -25.39 2.10 -27.23
C GLY E 415 -24.17 2.28 -26.34
N TYR E 416 -24.34 1.87 -25.09
CA TYR E 416 -23.29 1.96 -24.06
C TYR E 416 -23.45 0.78 -23.11
N TYR E 417 -22.41 -0.06 -23.03
CA TYR E 417 -22.35 -1.14 -22.04
C TYR E 417 -21.35 -0.77 -20.94
N LEU E 418 -21.82 -0.78 -19.70
CA LEU E 418 -20.98 -0.45 -18.55
C LEU E 418 -20.20 -1.69 -18.13
N TRP E 419 -18.88 -1.59 -18.14
CA TRP E 419 -18.00 -2.63 -17.61
C TRP E 419 -17.66 -2.35 -16.13
N SER E 420 -17.91 -3.26 -15.19
CA SER E 420 -18.54 -4.57 -15.39
C SER E 420 -19.74 -4.70 -14.46
N LEU E 421 -20.55 -5.73 -14.71
CA LEU E 421 -21.71 -6.05 -13.87
C LEU E 421 -21.25 -6.41 -12.46
N LEU E 422 -20.31 -7.36 -12.39
CA LEU E 422 -19.78 -7.87 -11.13
C LEU E 422 -18.31 -7.55 -10.96
N ASP E 423 -17.87 -7.43 -9.71
CA ASP E 423 -16.46 -7.49 -9.36
C ASP E 423 -15.99 -8.89 -9.73
N ASN E 424 -14.93 -8.98 -10.54
CA ASN E 424 -14.52 -10.24 -11.15
C ASN E 424 -13.00 -10.46 -11.12
N PHE E 425 -12.56 -11.62 -11.63
CA PHE E 425 -11.14 -11.89 -11.86
C PHE E 425 -10.62 -10.94 -12.93
N GLU E 426 -9.77 -9.99 -12.54
CA GLU E 426 -9.26 -8.94 -13.45
C GLU E 426 -7.89 -9.27 -14.06
N TRP E 427 -7.79 -10.46 -14.66
CA TRP E 427 -6.63 -10.87 -15.47
C TRP E 427 -5.34 -10.89 -14.63
N SER E 428 -4.27 -10.21 -15.07
CA SER E 428 -2.98 -10.25 -14.36
C SER E 428 -3.01 -9.58 -12.98
N PHE E 429 -3.97 -8.69 -12.76
CA PHE E 429 -4.20 -8.08 -11.45
C PHE E 429 -5.04 -8.95 -10.48
N GLY E 430 -5.63 -10.03 -10.98
CA GLY E 430 -6.39 -10.97 -10.16
C GLY E 430 -7.62 -10.32 -9.55
N TYR E 431 -7.89 -10.63 -8.29
CA TYR E 431 -8.94 -9.98 -7.48
C TYR E 431 -8.46 -8.76 -6.68
N ASP E 432 -7.29 -8.23 -7.02
CA ASP E 432 -6.77 -6.99 -6.41
C ASP E 432 -7.47 -5.73 -6.94
N LYS E 433 -8.15 -5.85 -8.08
CA LYS E 433 -8.84 -4.71 -8.71
C LYS E 433 -10.31 -5.01 -8.92
N ARG E 434 -11.15 -4.01 -8.62
CA ARG E 434 -12.61 -4.14 -8.66
C ARG E 434 -13.21 -3.17 -9.66
N PHE E 435 -13.71 -3.70 -10.78
CA PHE E 435 -14.37 -2.92 -11.85
C PHE E 435 -15.90 -2.93 -11.75
N GLY E 436 -16.45 -3.84 -10.94
CA GLY E 436 -17.88 -4.08 -10.92
C GLY E 436 -18.73 -2.92 -10.42
N ILE E 437 -19.97 -2.86 -10.89
CA ILE E 437 -21.01 -2.03 -10.26
C ILE E 437 -21.71 -2.79 -9.13
N ILE E 438 -21.61 -4.11 -9.13
CA ILE E 438 -22.10 -4.96 -8.03
C ILE E 438 -20.90 -5.57 -7.31
N TYR E 439 -20.79 -5.29 -6.02
CA TYR E 439 -19.73 -5.81 -5.16
C TYR E 439 -19.88 -7.32 -4.99
N VAL E 440 -18.75 -8.02 -4.93
CA VAL E 440 -18.72 -9.47 -4.74
C VAL E 440 -17.76 -9.81 -3.61
N ASP E 441 -18.30 -10.32 -2.50
CA ASP E 441 -17.50 -10.94 -1.45
C ASP E 441 -17.12 -12.32 -1.98
N PHE E 442 -15.85 -12.51 -2.34
CA PHE E 442 -15.41 -13.75 -2.97
C PHE E 442 -15.34 -14.94 -2.00
N ASP E 443 -15.31 -14.68 -0.69
CA ASP E 443 -15.47 -15.73 0.33
C ASP E 443 -16.85 -16.38 0.27
N THR E 444 -17.88 -15.56 0.44
CA THR E 444 -19.27 -16.05 0.54
C THR E 444 -20.04 -16.03 -0.77
N GLN E 445 -19.47 -15.39 -1.81
CA GLN E 445 -20.15 -15.13 -3.09
C GLN E 445 -21.38 -14.22 -2.99
N GLU E 446 -21.43 -13.42 -1.93
CA GLU E 446 -22.54 -12.48 -1.73
C GLU E 446 -22.44 -11.31 -2.72
N ARG E 447 -23.51 -11.09 -3.47
CA ARG E 447 -23.66 -9.89 -4.29
C ARG E 447 -24.22 -8.75 -3.43
N ILE E 448 -23.57 -7.59 -3.48
CA ILE E 448 -24.05 -6.37 -2.82
C ILE E 448 -23.95 -5.20 -3.79
N TRP E 449 -25.10 -4.59 -4.09
CA TRP E 449 -25.17 -3.44 -5.00
C TRP E 449 -24.37 -2.24 -4.50
N LYS E 450 -23.46 -1.74 -5.33
CA LYS E 450 -22.71 -0.53 -5.03
C LYS E 450 -23.61 0.68 -5.31
N ASP E 451 -23.17 1.84 -4.85
CA ASP E 451 -23.87 3.10 -5.14
C ASP E 451 -23.95 3.38 -6.66
N SER E 452 -22.94 2.95 -7.41
CA SER E 452 -22.94 3.13 -8.88
C SER E 452 -24.05 2.33 -9.57
N ALA E 453 -24.33 1.13 -9.06
CA ALA E 453 -25.39 0.29 -9.63
C ALA E 453 -26.77 0.93 -9.48
N HIS E 454 -27.08 1.41 -8.27
CA HIS E 454 -28.31 2.16 -8.01
C HIS E 454 -28.39 3.42 -8.87
N TRP E 455 -27.28 4.15 -8.94
CA TRP E 455 -27.18 5.35 -9.78
C TRP E 455 -27.44 5.04 -11.25
N TYR E 456 -26.81 3.98 -11.76
CA TYR E 456 -26.93 3.56 -13.15
C TYR E 456 -28.35 3.09 -13.50
N ALA E 457 -28.95 2.29 -12.62
CA ALA E 457 -30.35 1.84 -12.79
C ALA E 457 -31.33 3.03 -12.86
N ASN E 458 -31.05 4.08 -12.09
CA ASN E 458 -31.84 5.33 -12.13
C ASN E 458 -31.58 6.18 -13.38
N VAL E 459 -30.34 6.16 -13.90
CA VAL E 459 -30.04 6.82 -15.19
C VAL E 459 -30.85 6.20 -16.33
N ILE E 460 -30.85 4.87 -16.37
CA ILE E 460 -31.61 4.13 -17.39
C ILE E 460 -33.08 4.47 -17.28
N GLN E 461 -33.61 4.31 -16.07
CA GLN E 461 -35.00 4.63 -15.75
C GLN E 461 -35.39 6.05 -16.18
N THR E 462 -34.50 7.00 -15.94
CA THR E 462 -34.68 8.40 -16.38
C THR E 462 -34.37 8.52 -17.88
N HIS E 463 -35.13 7.79 -18.70
CA HIS E 463 -34.91 7.72 -20.14
C HIS E 463 -35.97 6.86 -20.83
N PHE F 26 2.20 20.14 -79.72
CA PHE F 26 2.71 21.07 -78.66
C PHE F 26 2.03 22.44 -78.72
N ALA F 27 1.82 23.03 -77.56
CA ALA F 27 1.20 24.36 -77.43
C ALA F 27 2.18 25.46 -77.87
N PRO F 28 1.67 26.67 -78.18
CA PRO F 28 2.55 27.75 -78.66
C PRO F 28 3.57 28.23 -77.61
N ASN F 29 3.16 28.23 -76.35
CA ASN F 29 4.03 28.66 -75.23
C ASN F 29 5.01 27.60 -74.74
N PHE F 30 4.86 26.37 -75.20
CA PHE F 30 5.79 25.28 -74.86
C PHE F 30 7.22 25.64 -75.23
N VAL F 31 8.12 25.56 -74.25
CA VAL F 31 9.54 25.86 -74.46
C VAL F 31 10.30 24.55 -74.72
N PHE F 32 11.11 24.56 -75.78
CA PHE F 32 12.09 23.52 -75.99
C PHE F 32 13.42 24.07 -75.49
N GLY F 33 14.19 23.20 -74.84
CA GLY F 33 15.50 23.58 -74.32
C GLY F 33 16.51 22.48 -74.38
N THR F 34 17.72 22.81 -73.94
CA THR F 34 18.79 21.84 -73.72
C THR F 34 19.52 22.22 -72.44
N ALA F 35 20.32 21.30 -71.91
CA ALA F 35 20.89 21.51 -70.56
C ALA F 35 22.28 20.92 -70.33
N THR F 36 23.06 21.63 -69.52
CA THR F 36 24.38 21.22 -69.05
C THR F 36 24.56 21.56 -67.56
N SER F 37 25.72 21.18 -67.02
CA SER F 37 26.18 21.65 -65.70
C SER F 37 27.64 22.03 -65.74
N SER F 38 28.02 22.95 -64.85
CA SER F 38 29.36 23.57 -64.84
C SER F 38 30.53 22.60 -64.81
N TYR F 39 30.58 21.78 -63.77
CA TYR F 39 31.70 20.85 -63.59
C TYR F 39 31.81 19.85 -64.73
N GLN F 40 30.67 19.46 -65.31
CA GLN F 40 30.64 18.51 -66.42
C GLN F 40 31.22 19.04 -67.74
N ILE F 41 31.12 20.35 -67.99
CA ILE F 41 31.57 20.95 -69.28
C ILE F 41 32.70 21.99 -69.22
N GLU F 42 32.78 22.77 -68.13
CA GLU F 42 33.57 24.01 -68.13
C GLU F 42 35.06 23.83 -68.29
N GLY F 43 35.61 22.86 -67.57
CA GLY F 43 37.05 22.71 -67.46
C GLY F 43 37.63 23.91 -66.74
N ALA F 44 38.84 24.31 -67.14
CA ALA F 44 39.53 25.46 -66.56
C ALA F 44 39.39 25.41 -65.02
N HIS F 45 39.76 24.26 -64.46
CA HIS F 45 39.47 23.90 -63.06
C HIS F 45 40.24 24.73 -62.03
N ASP F 46 41.43 25.22 -62.41
CA ASP F 46 42.25 26.07 -61.53
C ASP F 46 42.44 27.50 -62.09
N GLU F 47 41.65 27.86 -63.09
CA GLU F 47 41.72 29.18 -63.75
C GLU F 47 40.57 30.08 -63.33
N GLY F 48 40.80 31.38 -63.45
CA GLY F 48 39.81 32.41 -63.07
C GLY F 48 39.55 32.50 -61.59
N GLY F 49 40.54 32.10 -60.77
CA GLY F 49 40.41 32.06 -59.32
C GLY F 49 39.66 30.87 -58.72
N ARG F 50 39.31 29.88 -59.55
CA ARG F 50 38.56 28.71 -59.09
C ARG F 50 39.41 27.79 -58.21
N THR F 51 38.85 27.38 -57.07
CA THR F 51 39.48 26.43 -56.15
C THR F 51 38.73 25.09 -56.18
N PRO F 52 39.35 23.99 -55.67
CA PRO F 52 38.73 22.67 -55.89
C PRO F 52 37.37 22.45 -55.21
N SER F 53 36.49 21.73 -55.89
CA SER F 53 35.23 21.25 -55.32
C SER F 53 35.42 19.83 -54.80
N ILE F 54 34.41 19.33 -54.09
CA ILE F 54 34.37 17.90 -53.67
C ILE F 54 34.59 16.92 -54.81
N TRP F 55 34.08 17.24 -56.00
CA TRP F 55 34.22 16.37 -57.16
C TRP F 55 35.66 16.26 -57.71
N ASP F 56 36.40 17.37 -57.69
CA ASP F 56 37.82 17.36 -58.07
C ASP F 56 38.62 16.37 -57.22
N THR F 57 38.43 16.46 -55.91
CA THR F 57 39.05 15.55 -54.94
C THR F 57 38.55 14.10 -55.05
N PHE F 58 37.25 13.94 -55.28
CA PHE F 58 36.61 12.64 -55.47
C PHE F 58 37.12 11.88 -56.71
N CYS F 59 37.35 12.62 -57.80
CA CYS F 59 38.00 12.06 -59.00
C CYS F 59 39.42 11.53 -58.74
N ASP F 60 40.17 12.23 -57.89
CA ASP F 60 41.52 11.82 -57.47
C ASP F 60 41.54 10.66 -56.48
N THR F 61 40.44 10.45 -55.77
CA THR F 61 40.32 9.35 -54.79
C THR F 61 40.15 7.98 -55.48
N ASP F 62 41.03 7.05 -55.14
CA ASP F 62 41.12 5.74 -55.80
C ASP F 62 39.81 4.92 -55.77
N GLY F 63 39.41 4.41 -56.94
CA GLY F 63 38.24 3.54 -57.06
C GLY F 63 36.87 4.22 -57.11
N LYS F 64 36.84 5.55 -57.20
CA LYS F 64 35.60 6.32 -57.15
C LYS F 64 35.03 6.67 -58.52
N VAL F 65 35.90 7.06 -59.46
CA VAL F 65 35.50 7.46 -60.82
C VAL F 65 36.20 6.57 -61.85
N PHE F 66 35.52 6.30 -62.96
CA PHE F 66 36.06 5.53 -64.09
C PHE F 66 37.44 6.01 -64.52
N GLU F 67 38.43 5.11 -64.43
CA GLU F 67 39.83 5.34 -64.87
C GLU F 67 40.45 6.68 -64.45
N LYS F 68 40.12 7.12 -63.24
CA LYS F 68 40.61 8.40 -62.68
C LYS F 68 40.28 9.65 -63.52
N HIS F 69 39.22 9.59 -64.32
CA HIS F 69 38.84 10.71 -65.18
C HIS F 69 38.30 11.84 -64.31
N ASN F 70 38.52 13.07 -64.76
CA ASN F 70 38.14 14.26 -64.01
C ASN F 70 37.67 15.38 -64.92
N GLY F 71 37.19 16.47 -64.32
CA GLY F 71 36.75 17.65 -65.05
C GLY F 71 37.77 18.78 -65.14
N ASP F 72 39.07 18.45 -65.16
CA ASP F 72 40.15 19.44 -65.35
C ASP F 72 39.95 20.24 -66.63
N VAL F 73 39.79 19.51 -67.73
CA VAL F 73 39.60 20.10 -69.06
C VAL F 73 38.15 19.99 -69.51
N ALA F 74 37.62 18.77 -69.46
CA ALA F 74 36.22 18.48 -69.83
C ALA F 74 35.91 18.92 -71.28
N CYS F 75 34.90 19.75 -71.50
CA CYS F 75 34.61 20.30 -72.84
C CYS F 75 35.24 21.67 -73.07
N ASP F 76 36.13 22.10 -72.16
CA ASP F 76 36.84 23.39 -72.27
C ASP F 76 35.86 24.57 -72.51
N HIS F 77 34.67 24.46 -71.92
CA HIS F 77 33.56 25.38 -72.20
C HIS F 77 33.77 26.78 -71.60
N TYR F 78 34.57 26.86 -70.53
CA TYR F 78 34.96 28.15 -69.94
C TYR F 78 35.68 29.05 -70.95
N HIS F 79 36.52 28.44 -71.79
CA HIS F 79 37.20 29.15 -72.87
C HIS F 79 36.33 29.25 -74.12
N ARG F 80 35.68 28.15 -74.49
CA ARG F 80 34.96 28.02 -75.77
C ARG F 80 33.45 28.29 -75.66
N PHE F 81 33.02 29.11 -74.70
CA PHE F 81 31.58 29.38 -74.50
C PHE F 81 30.89 30.04 -75.70
N GLU F 82 31.61 30.91 -76.41
CA GLU F 82 31.07 31.60 -77.59
C GLU F 82 30.72 30.62 -78.71
N GLU F 83 31.62 29.68 -78.98
CA GLU F 83 31.37 28.59 -79.94
C GLU F 83 30.12 27.78 -79.57
N ASP F 84 29.98 27.47 -78.29
CA ASP F 84 28.83 26.69 -77.82
C ASP F 84 27.52 27.49 -77.84
N ILE F 85 27.59 28.80 -77.63
CA ILE F 85 26.44 29.69 -77.83
C ILE F 85 25.92 29.61 -79.28
N GLN F 86 26.83 29.58 -80.25
CA GLN F 86 26.45 29.43 -81.66
C GLN F 86 25.77 28.09 -81.95
N HIS F 87 26.29 27.02 -81.36
CA HIS F 87 25.65 25.69 -81.46
C HIS F 87 24.23 25.70 -80.88
N ILE F 88 24.07 26.38 -79.74
CA ILE F 88 22.76 26.53 -79.07
C ILE F 88 21.80 27.38 -79.89
N LYS F 89 22.32 28.50 -80.41
CA LYS F 89 21.58 29.38 -81.32
C LYS F 89 21.10 28.61 -82.55
N GLN F 90 22.01 27.85 -83.17
CA GLN F 90 21.71 27.07 -84.37
C GLN F 90 20.66 25.96 -84.13
N LEU F 91 20.66 25.39 -82.92
CA LEU F 91 19.62 24.42 -82.52
C LEU F 91 18.20 25.01 -82.48
N GLY F 92 18.10 26.31 -82.22
CA GLY F 92 16.82 27.00 -82.18
C GLY F 92 16.06 26.86 -80.87
N VAL F 93 16.74 26.35 -79.84
CA VAL F 93 16.13 26.20 -78.50
C VAL F 93 15.66 27.55 -77.94
N ASP F 94 14.49 27.52 -77.30
CA ASP F 94 13.95 28.70 -76.61
C ASP F 94 14.78 29.03 -75.36
N THR F 95 15.31 27.99 -74.70
CA THR F 95 15.96 28.12 -73.40
C THR F 95 17.21 27.25 -73.30
N TYR F 96 18.26 27.80 -72.70
CA TYR F 96 19.47 27.05 -72.36
C TYR F 96 19.59 26.97 -70.84
N ARG F 97 19.73 25.74 -70.32
CA ARG F 97 19.88 25.54 -68.87
C ARG F 97 21.31 25.19 -68.51
N PHE F 98 21.95 26.03 -67.71
CA PHE F 98 23.30 25.77 -67.21
C PHE F 98 23.33 25.91 -65.69
N SER F 99 24.46 25.52 -65.10
CA SER F 99 24.67 25.66 -63.66
C SER F 99 25.83 26.61 -63.38
N ILE F 100 25.81 27.23 -62.21
CA ILE F 100 26.90 28.10 -61.75
C ILE F 100 27.82 27.30 -60.82
N ALA F 101 29.13 27.43 -61.06
CA ALA F 101 30.16 26.84 -60.23
C ALA F 101 30.37 27.66 -58.96
N TRP F 102 29.91 27.13 -57.84
CA TRP F 102 30.10 27.72 -56.51
C TRP F 102 31.59 28.02 -56.19
N PRO F 103 32.52 27.06 -56.46
CA PRO F 103 33.94 27.38 -56.23
C PRO F 103 34.58 28.45 -57.13
N ARG F 104 33.88 28.89 -58.18
CA ARG F 104 34.28 30.08 -58.95
C ARG F 104 33.86 31.37 -58.26
N ILE F 105 32.67 31.36 -57.66
CA ILE F 105 32.06 32.56 -57.05
C ILE F 105 32.57 32.80 -55.64
N PHE F 106 32.60 31.74 -54.83
CA PHE F 106 33.22 31.77 -53.50
C PHE F 106 34.32 30.71 -53.42
N PRO F 107 35.50 31.00 -54.00
CA PRO F 107 36.64 30.06 -53.92
C PRO F 107 37.18 29.83 -52.50
N SER F 108 36.98 30.80 -51.61
CA SER F 108 37.19 30.64 -50.17
C SER F 108 35.97 31.20 -49.45
N LYS F 109 35.79 30.80 -48.19
CA LYS F 109 34.64 31.24 -47.40
C LYS F 109 34.66 32.76 -47.19
N GLY F 110 33.58 33.42 -47.62
CA GLY F 110 33.43 34.87 -47.46
C GLY F 110 34.25 35.76 -48.39
N GLN F 111 34.95 35.16 -49.36
CA GLN F 111 35.81 35.88 -50.30
C GLN F 111 35.21 35.79 -51.69
N PHE F 112 34.42 36.80 -52.03
CA PHE F 112 33.76 36.88 -53.32
C PHE F 112 34.80 37.11 -54.42
N ASN F 113 34.54 36.49 -55.58
CA ASN F 113 35.45 36.49 -56.72
C ASN F 113 34.71 37.08 -57.92
N PRO F 114 34.90 38.40 -58.20
CA PRO F 114 34.15 39.02 -59.30
C PRO F 114 34.50 38.47 -60.70
N GLU F 115 35.74 38.02 -60.89
CA GLU F 115 36.18 37.39 -62.15
C GLU F 115 35.34 36.15 -62.49
N GLY F 116 35.08 35.33 -61.48
CA GLY F 116 34.19 34.18 -61.61
C GLY F 116 32.76 34.55 -61.96
N MET F 117 32.26 35.59 -61.32
CA MET F 117 30.89 36.08 -61.58
C MET F 117 30.75 36.74 -62.96
N ALA F 118 31.80 37.44 -63.41
CA ALA F 118 31.81 38.10 -64.72
C ALA F 118 31.54 37.14 -65.87
N PHE F 119 32.16 35.96 -65.80
CA PHE F 119 31.97 34.90 -66.80
C PHE F 119 30.49 34.54 -67.00
N TYR F 120 29.80 34.27 -65.89
CA TYR F 120 28.37 33.91 -65.93
C TYR F 120 27.47 35.08 -66.31
N LYS F 121 27.86 36.29 -65.93
CA LYS F 121 27.18 37.53 -66.37
C LYS F 121 27.31 37.69 -67.89
N THR F 122 28.54 37.57 -68.38
CA THR F 122 28.83 37.59 -69.82
C THR F 122 27.99 36.53 -70.56
N LEU F 123 28.06 35.30 -70.06
CA LEU F 123 27.34 34.16 -70.66
C LEU F 123 25.84 34.42 -70.80
N ALA F 124 25.24 34.86 -69.71
CA ALA F 124 23.81 35.19 -69.65
C ALA F 124 23.44 36.39 -70.52
N THR F 125 24.29 37.40 -70.54
CA THR F 125 24.12 38.58 -71.40
C THR F 125 24.18 38.19 -72.87
N ARG F 126 25.20 37.42 -73.24
CA ARG F 126 25.36 36.92 -74.60
C ARG F 126 24.17 36.05 -75.06
N LEU F 127 23.65 35.22 -74.17
CA LEU F 127 22.45 34.39 -74.48
C LEU F 127 21.19 35.22 -74.72
N GLN F 128 21.05 36.31 -73.96
CA GLN F 128 19.94 37.26 -74.15
C GLN F 128 20.02 38.02 -75.49
N GLU F 129 21.23 38.40 -75.89
CA GLU F 129 21.48 39.05 -77.18
C GLU F 129 21.11 38.14 -78.37
N GLU F 130 21.38 36.84 -78.25
CA GLU F 130 21.03 35.85 -79.28
C GLU F 130 19.60 35.28 -79.17
N GLY F 131 18.77 35.89 -78.33
CA GLY F 131 17.36 35.50 -78.18
C GLY F 131 17.11 34.21 -77.44
N ILE F 132 17.99 33.88 -76.48
CA ILE F 132 17.93 32.61 -75.74
C ILE F 132 17.69 32.90 -74.25
N LYS F 133 16.67 32.24 -73.68
CA LYS F 133 16.29 32.42 -72.28
C LYS F 133 17.26 31.66 -71.36
N PRO F 134 17.95 32.38 -70.44
CA PRO F 134 18.83 31.65 -69.52
C PRO F 134 18.10 31.07 -68.31
N ALA F 135 18.17 29.75 -68.16
CA ALA F 135 17.63 29.04 -67.00
C ALA F 135 18.83 28.56 -66.16
N VAL F 136 18.96 29.10 -64.95
CA VAL F 136 20.20 28.94 -64.18
C VAL F 136 19.99 28.07 -62.94
N THR F 137 20.77 27.00 -62.87
CA THR F 137 20.83 26.12 -61.70
C THR F 137 21.92 26.63 -60.76
N LEU F 138 21.57 26.83 -59.48
CA LEU F 138 22.53 27.32 -58.50
C LEU F 138 23.43 26.19 -58.01
N TYR F 139 22.84 25.07 -57.62
CA TYR F 139 23.62 23.93 -57.13
C TYR F 139 23.48 22.71 -58.03
N HIS F 140 24.56 22.36 -58.73
CA HIS F 140 24.66 21.11 -59.48
C HIS F 140 25.88 20.32 -59.00
N TRP F 141 25.94 20.14 -57.68
CA TRP F 141 26.79 19.17 -56.94
C TRP F 141 28.24 19.59 -56.68
N ASP F 142 28.62 20.80 -57.10
CA ASP F 142 30.03 21.23 -57.02
C ASP F 142 30.26 22.07 -55.77
N LEU F 143 30.20 21.38 -54.63
CA LEU F 143 30.39 21.99 -53.31
C LEU F 143 31.87 22.33 -53.13
N PRO F 144 32.17 23.55 -52.63
CA PRO F 144 33.59 23.91 -52.44
C PRO F 144 34.27 23.07 -51.34
N MET F 145 35.56 22.81 -51.51
CA MET F 145 36.32 22.01 -50.55
C MET F 145 36.39 22.64 -49.15
N TRP F 146 36.37 23.96 -49.08
CA TRP F 146 36.30 24.67 -47.79
C TRP F 146 35.00 24.37 -47.01
N ALA F 147 33.89 24.23 -47.73
CA ALA F 147 32.60 23.88 -47.12
C ALA F 147 32.58 22.42 -46.65
N HIS F 148 33.10 21.52 -47.48
CA HIS F 148 33.29 20.12 -47.11
C HIS F 148 34.11 19.93 -45.84
N GLU F 149 35.21 20.69 -45.71
CA GLU F 149 36.10 20.58 -44.56
C GLU F 149 35.49 21.03 -43.22
N GLU F 150 34.40 21.81 -43.28
CA GLU F 150 33.58 22.14 -42.09
C GLU F 150 32.33 21.23 -41.91
N GLY F 151 32.31 20.08 -42.60
CA GLY F 151 31.17 19.14 -42.54
C GLY F 151 30.33 19.03 -43.80
N GLY F 152 30.35 20.07 -44.63
CA GLY F 152 29.57 20.10 -45.86
C GLY F 152 28.08 20.25 -45.58
N TRP F 153 27.26 19.55 -46.35
CA TRP F 153 25.80 19.61 -46.20
C TRP F 153 25.25 19.01 -44.90
N VAL F 154 26.04 18.16 -44.25
CA VAL F 154 25.72 17.58 -42.94
C VAL F 154 25.63 18.68 -41.88
N ASN F 155 26.45 19.72 -42.03
CA ASN F 155 26.46 20.86 -41.14
C ASN F 155 25.30 21.81 -41.48
N ARG F 156 24.57 22.25 -40.46
CA ARG F 156 23.44 23.18 -40.66
C ARG F 156 23.87 24.55 -41.20
N ASP F 157 25.10 24.95 -40.90
CA ASP F 157 25.71 26.18 -41.43
C ASP F 157 25.75 26.25 -42.97
N SER F 158 25.77 25.08 -43.62
CA SER F 158 25.66 24.97 -45.09
C SER F 158 24.44 25.65 -45.71
N VAL F 159 23.37 25.78 -44.92
CA VAL F 159 22.20 26.58 -45.34
C VAL F 159 22.66 28.02 -45.60
N ASP F 160 23.41 28.58 -44.65
CA ASP F 160 23.88 29.97 -44.72
C ASP F 160 24.98 30.18 -45.77
N TRP F 161 25.91 29.24 -45.88
CA TRP F 161 26.96 29.30 -46.93
C TRP F 161 26.32 29.34 -48.32
N PHE F 162 25.36 28.45 -48.54
CA PHE F 162 24.58 28.44 -49.77
C PHE F 162 23.81 29.74 -50.03
N LEU F 163 23.26 30.34 -48.98
CA LEU F 163 22.50 31.58 -49.09
C LEU F 163 23.36 32.80 -49.45
N ASP F 164 24.58 32.85 -48.93
CA ASP F 164 25.55 33.88 -49.32
C ASP F 164 25.93 33.76 -50.81
N PHE F 165 26.03 32.52 -51.28
CA PHE F 165 26.22 32.20 -52.71
C PHE F 165 25.00 32.57 -53.56
N ALA F 166 23.80 32.20 -53.07
CA ALA F 166 22.56 32.51 -53.78
C ALA F 166 22.25 34.01 -53.86
N ARG F 167 22.60 34.76 -52.81
CA ARG F 167 22.42 36.22 -52.74
C ARG F 167 23.22 36.98 -53.80
N VAL F 168 24.52 36.67 -53.82
CA VAL F 168 25.47 37.20 -54.79
C VAL F 168 25.00 36.97 -56.23
N CYS F 169 24.53 35.75 -56.50
CA CYS F 169 23.99 35.39 -57.81
C CYS F 169 22.71 36.16 -58.18
N PHE F 170 21.81 36.34 -57.21
CA PHE F 170 20.59 37.14 -57.41
C PHE F 170 20.91 38.62 -57.64
N GLU F 171 21.81 39.17 -56.83
CA GLU F 171 22.19 40.59 -56.93
C GLU F 171 22.78 40.96 -58.30
N GLU F 172 23.61 40.08 -58.85
CA GLU F 172 24.31 40.35 -60.12
C GLU F 172 23.54 39.91 -61.38
N LEU F 173 22.78 38.82 -61.29
CA LEU F 173 22.20 38.16 -62.49
C LEU F 173 20.68 38.15 -62.65
N ASP F 174 19.92 38.53 -61.63
CA ASP F 174 18.45 38.39 -61.65
C ASP F 174 17.75 39.19 -62.77
N GLY F 175 18.30 40.35 -63.11
CA GLY F 175 17.83 41.14 -64.25
C GLY F 175 18.04 40.48 -65.61
N ILE F 176 19.14 39.71 -65.72
CA ILE F 176 19.49 39.02 -66.97
C ILE F 176 18.76 37.68 -67.08
N VAL F 177 18.79 36.91 -65.99
CA VAL F 177 18.31 35.53 -65.98
C VAL F 177 16.79 35.44 -66.14
N ASP F 178 16.33 34.38 -66.82
CA ASP F 178 14.91 34.14 -67.09
C ASP F 178 14.24 33.30 -66.00
N SER F 179 14.88 32.20 -65.62
CA SER F 179 14.39 31.33 -64.54
C SER F 179 15.52 30.82 -63.64
N TRP F 180 15.21 30.63 -62.36
CA TRP F 180 16.16 30.11 -61.37
C TRP F 180 15.78 28.71 -60.93
N ILE F 181 16.78 27.83 -60.84
CA ILE F 181 16.62 26.50 -60.23
C ILE F 181 17.59 26.47 -59.05
N THR F 182 17.06 26.26 -57.85
CA THR F 182 17.86 26.28 -56.62
C THR F 182 18.77 25.05 -56.49
N HIS F 183 18.16 23.87 -56.64
CA HIS F 183 18.86 22.61 -56.49
C HIS F 183 18.51 21.62 -57.57
N ASN F 184 19.54 20.96 -58.09
CA ASN F 184 19.39 19.84 -59.00
C ASN F 184 19.61 18.52 -58.28
N GLU F 185 18.55 17.71 -58.22
CA GLU F 185 18.62 16.31 -57.79
C GLU F 185 19.19 16.09 -56.38
N PRO F 186 18.50 16.61 -55.34
CA PRO F 186 18.96 16.41 -53.96
C PRO F 186 19.10 14.95 -53.52
N TRP F 187 18.34 14.04 -54.14
CA TRP F 187 18.54 12.60 -53.97
C TRP F 187 19.97 12.16 -54.32
N CYS F 188 20.51 12.68 -55.42
CA CYS F 188 21.89 12.37 -55.81
C CYS F 188 22.91 13.00 -54.86
N ALA F 189 22.75 14.30 -54.63
CA ALA F 189 23.69 15.04 -53.77
C ALA F 189 23.61 14.63 -52.31
N GLY F 190 22.43 14.17 -51.89
CA GLY F 190 22.20 13.70 -50.52
C GLY F 190 22.35 12.19 -50.33
N PHE F 191 21.44 11.41 -50.91
CA PHE F 191 21.43 9.95 -50.71
C PHE F 191 22.48 9.18 -51.51
N LEU F 192 22.62 9.46 -52.79
CA LEU F 192 23.64 8.79 -53.59
C LEU F 192 25.07 9.17 -53.14
N SER F 193 25.22 10.37 -52.59
CA SER F 193 26.52 10.89 -52.16
C SER F 193 26.93 10.60 -50.72
N TYR F 194 25.98 10.64 -49.78
CA TYR F 194 26.25 10.45 -48.35
C TYR F 194 25.75 9.13 -47.72
N HIS F 195 24.84 8.43 -48.39
CA HIS F 195 24.36 7.13 -47.94
C HIS F 195 24.94 5.97 -48.75
N LEU F 196 24.86 6.06 -50.08
CA LEU F 196 25.32 4.98 -50.97
C LEU F 196 26.78 5.12 -51.40
N GLY F 197 27.37 6.29 -51.19
CA GLY F 197 28.80 6.50 -51.42
C GLY F 197 29.30 6.48 -52.85
N GLN F 198 28.38 6.71 -53.81
CA GLN F 198 28.70 6.64 -55.25
C GLN F 198 29.12 7.98 -55.85
N HIS F 199 28.55 9.06 -55.32
CA HIS F 199 28.91 10.42 -55.73
C HIS F 199 29.60 11.14 -54.57
N ALA F 200 30.32 12.21 -54.92
CA ALA F 200 31.12 12.98 -53.95
C ALA F 200 30.26 13.55 -52.81
N PRO F 201 30.72 13.46 -51.55
CA PRO F 201 32.07 13.04 -51.16
C PRO F 201 32.27 11.54 -50.91
N GLY F 202 31.28 10.72 -51.22
CA GLY F 202 31.42 9.26 -51.18
C GLY F 202 31.28 8.62 -49.81
N HIS F 203 30.40 9.19 -48.98
CA HIS F 203 30.19 8.71 -47.61
C HIS F 203 29.09 7.66 -47.57
N THR F 204 29.14 6.82 -46.54
CA THR F 204 28.17 5.74 -46.33
C THR F 204 27.65 5.83 -44.90
N ASP F 205 26.73 6.78 -44.70
CA ASP F 205 26.18 7.09 -43.39
C ASP F 205 24.77 7.70 -43.55
N MET F 206 23.74 6.96 -43.14
CA MET F 206 22.35 7.37 -43.32
C MET F 206 21.99 8.62 -42.49
N ASN F 207 22.65 8.76 -41.34
CA ASN F 207 22.46 9.92 -40.49
C ASN F 207 22.98 11.20 -41.12
N GLU F 208 24.17 11.12 -41.74
CA GLU F 208 24.72 12.23 -42.52
C GLU F 208 23.79 12.58 -43.69
N ALA F 209 23.31 11.54 -44.38
CA ALA F 209 22.48 11.69 -45.56
C ALA F 209 21.19 12.48 -45.32
N VAL F 210 20.43 12.07 -44.31
CA VAL F 210 19.16 12.77 -44.00
C VAL F 210 19.37 14.22 -43.55
N ARG F 211 20.47 14.48 -42.84
CA ARG F 211 20.89 15.84 -42.52
C ARG F 211 21.26 16.64 -43.77
N ALA F 212 22.04 16.02 -44.65
CA ALA F 212 22.46 16.63 -45.90
C ALA F 212 21.26 17.01 -46.76
N VAL F 213 20.35 16.07 -46.96
CA VAL F 213 19.10 16.31 -47.71
C VAL F 213 18.28 17.43 -47.10
N HIS F 214 18.07 17.39 -45.79
CA HIS F 214 17.29 18.40 -45.09
C HIS F 214 17.85 19.82 -45.27
N HIS F 215 19.15 19.96 -45.12
CA HIS F 215 19.81 21.27 -45.29
C HIS F 215 19.78 21.77 -46.73
N MET F 216 19.83 20.87 -47.70
CA MET F 216 19.65 21.21 -49.11
C MET F 216 18.22 21.71 -49.37
N LEU F 217 17.24 20.95 -48.90
CA LEU F 217 15.83 21.34 -49.01
C LEU F 217 15.52 22.63 -48.24
N LEU F 218 16.18 22.82 -47.10
CA LEU F 218 16.04 24.04 -46.31
C LEU F 218 16.68 25.25 -46.99
N SER F 219 17.86 25.05 -47.57
CA SER F 219 18.52 26.09 -48.36
C SER F 219 17.70 26.50 -49.60
N HIS F 220 17.03 25.53 -50.22
CA HIS F 220 16.06 25.80 -51.31
C HIS F 220 14.97 26.77 -50.85
N GLY F 221 14.32 26.43 -49.75
CA GLY F 221 13.22 27.22 -49.20
C GLY F 221 13.63 28.62 -48.81
N LYS F 222 14.77 28.75 -48.14
CA LYS F 222 15.35 30.03 -47.80
C LYS F 222 15.73 30.87 -49.03
N ALA F 223 16.27 30.23 -50.06
CA ALA F 223 16.67 30.92 -51.30
C ALA F 223 15.47 31.52 -52.04
N VAL F 224 14.40 30.73 -52.17
CA VAL F 224 13.13 31.18 -52.76
C VAL F 224 12.56 32.38 -51.98
N GLU F 225 12.49 32.23 -50.65
CA GLU F 225 12.07 33.31 -49.75
C GLU F 225 12.90 34.59 -49.88
N MET F 226 14.21 34.43 -50.07
CA MET F 226 15.13 35.55 -50.26
C MET F 226 14.85 36.30 -51.58
N LEU F 227 14.66 35.55 -52.66
CA LEU F 227 14.38 36.12 -53.98
C LEU F 227 13.06 36.90 -54.01
N LYS F 228 12.00 36.31 -53.45
CA LYS F 228 10.68 36.93 -53.45
C LYS F 228 10.49 38.00 -52.37
N GLY F 229 11.20 37.87 -51.25
CA GLY F 229 11.07 38.79 -50.12
C GLY F 229 12.08 39.93 -50.13
N GLU F 230 13.36 39.58 -50.16
CA GLU F 230 14.45 40.56 -50.02
C GLU F 230 14.71 41.31 -51.31
N PHE F 231 14.82 40.57 -52.41
CA PHE F 231 15.05 41.13 -53.74
C PHE F 231 13.75 41.54 -54.44
N ASN F 232 12.60 41.10 -53.89
CA ASN F 232 11.28 41.48 -54.41
C ASN F 232 11.06 41.07 -55.87
N SER F 233 11.72 39.98 -56.26
CA SER F 233 11.77 39.57 -57.66
C SER F 233 10.64 38.60 -57.97
N ALA F 234 10.03 38.79 -59.14
CA ALA F 234 9.02 37.90 -59.68
C ALA F 234 9.61 36.85 -60.64
N THR F 235 10.94 36.81 -60.78
CA THR F 235 11.62 35.81 -61.62
C THR F 235 11.19 34.42 -61.17
N PRO F 236 10.68 33.59 -62.12
CA PRO F 236 10.30 32.22 -61.77
C PRO F 236 11.43 31.43 -61.10
N ILE F 237 11.13 30.84 -59.95
CA ILE F 237 12.08 30.03 -59.20
C ILE F 237 11.45 28.71 -58.76
N GLY F 238 12.26 27.65 -58.72
CA GLY F 238 11.81 26.33 -58.32
C GLY F 238 12.95 25.37 -58.03
N ILE F 239 12.59 24.11 -57.80
CA ILE F 239 13.55 23.04 -57.54
C ILE F 239 13.44 21.97 -58.62
N THR F 240 14.55 21.26 -58.82
CA THR F 240 14.59 20.09 -59.69
C THR F 240 14.82 18.85 -58.84
N LEU F 241 13.94 17.88 -59.00
CA LEU F 241 14.06 16.57 -58.38
C LEU F 241 14.11 15.51 -59.46
N ASN F 242 15.12 14.63 -59.40
CA ASN F 242 15.04 13.41 -60.20
C ASN F 242 14.01 12.47 -59.58
N LEU F 243 13.13 11.94 -60.43
CA LEU F 243 12.06 11.07 -60.00
C LEU F 243 12.08 9.82 -60.86
N ALA F 244 12.11 8.67 -60.20
CA ALA F 244 12.09 7.37 -60.85
C ALA F 244 10.92 6.59 -60.27
N PRO F 245 9.83 6.42 -61.05
CA PRO F 245 8.70 5.67 -60.50
C PRO F 245 9.06 4.20 -60.27
N LYS F 246 8.51 3.64 -59.20
CA LYS F 246 8.87 2.30 -58.73
C LYS F 246 7.72 1.32 -58.92
N TYR F 247 8.05 0.09 -59.31
CA TYR F 247 7.05 -0.94 -59.66
C TYR F 247 7.36 -2.27 -59.00
N ALA F 248 6.30 -2.95 -58.56
CA ALA F 248 6.42 -4.25 -57.91
C ALA F 248 6.56 -5.34 -58.97
N LYS F 249 7.47 -6.28 -58.72
CA LYS F 249 7.67 -7.43 -59.61
C LYS F 249 6.40 -8.29 -59.67
N THR F 250 5.95 -8.73 -58.50
CA THR F 250 4.70 -9.48 -58.36
C THR F 250 3.69 -8.63 -57.59
N ASP F 251 2.51 -9.20 -57.35
CA ASP F 251 1.43 -8.52 -56.61
C ASP F 251 1.31 -8.99 -55.14
N SER F 252 2.32 -9.69 -54.64
CA SER F 252 2.33 -10.12 -53.25
C SER F 252 2.51 -8.92 -52.31
N ILE F 253 2.16 -9.11 -51.05
CA ILE F 253 2.20 -8.06 -50.03
C ILE F 253 3.64 -7.58 -49.81
N ASN F 254 4.55 -8.54 -49.71
CA ASN F 254 5.98 -8.26 -49.63
C ASN F 254 6.45 -7.31 -50.75
N ASP F 255 6.10 -7.59 -51.99
CA ASP F 255 6.52 -6.76 -53.12
C ASP F 255 5.84 -5.39 -53.17
N GLN F 256 4.65 -5.27 -52.57
CA GLN F 256 4.01 -3.97 -52.40
C GLN F 256 4.77 -3.10 -51.40
N ILE F 257 5.28 -3.72 -50.33
CA ILE F 257 6.12 -3.03 -49.34
C ILE F 257 7.42 -2.56 -49.99
N ALA F 258 8.09 -3.47 -50.69
CA ALA F 258 9.31 -3.16 -51.45
C ALA F 258 9.16 -1.91 -52.31
N MET F 259 8.11 -1.90 -53.12
CA MET F 259 7.78 -0.77 -54.02
C MET F 259 7.52 0.52 -53.24
N ASN F 260 6.70 0.42 -52.19
CA ASN F 260 6.42 1.55 -51.29
C ASN F 260 7.67 2.17 -50.70
N ASN F 261 8.57 1.32 -50.23
CA ASN F 261 9.82 1.74 -49.63
C ASN F 261 10.81 2.33 -50.64
N ALA F 262 10.94 1.69 -51.80
CA ALA F 262 11.76 2.23 -52.91
C ALA F 262 11.25 3.61 -53.31
N ASP F 263 9.93 3.71 -53.46
CA ASP F 263 9.28 4.99 -53.81
C ASP F 263 9.47 6.06 -52.73
N GLY F 264 9.44 5.66 -51.46
CA GLY F 264 9.74 6.58 -50.35
C GLY F 264 11.18 7.08 -50.38
N TYR F 265 12.12 6.15 -50.54
CA TYR F 265 13.54 6.46 -50.54
C TYR F 265 13.95 7.34 -51.74
N ALA F 266 13.41 7.04 -52.91
CA ALA F 266 13.73 7.80 -54.14
C ALA F 266 12.91 9.09 -54.30
N ASN F 267 11.60 9.02 -53.97
CA ASN F 267 10.63 10.06 -54.37
C ASN F 267 9.91 10.79 -53.23
N ARG F 268 9.18 10.05 -52.39
CA ARG F 268 8.32 10.66 -51.36
C ARG F 268 9.05 11.44 -50.26
N TRP F 269 10.26 11.01 -49.94
CA TRP F 269 11.13 11.73 -49.00
C TRP F 269 11.38 13.19 -49.41
N PHE F 270 11.35 13.45 -50.72
CA PHE F 270 11.62 14.78 -51.29
C PHE F 270 10.35 15.52 -51.69
N LEU F 271 9.40 14.80 -52.28
CA LEU F 271 8.11 15.38 -52.71
C LEU F 271 7.26 15.86 -51.52
N ASP F 272 7.18 15.03 -50.47
CA ASP F 272 6.36 15.36 -49.30
C ASP F 272 6.81 16.65 -48.60
N PRO F 273 8.10 16.79 -48.25
CA PRO F 273 8.50 18.07 -47.64
C PRO F 273 8.25 19.30 -48.52
N ILE F 274 8.61 19.17 -49.79
CA ILE F 274 8.44 20.26 -50.77
C ILE F 274 6.97 20.68 -50.95
N PHE F 275 6.08 19.72 -51.09
CA PHE F 275 4.67 20.01 -51.41
C PHE F 275 3.68 19.90 -50.24
N LYS F 276 3.96 19.02 -49.27
CA LYS F 276 3.09 18.84 -48.09
C LYS F 276 3.60 19.50 -46.81
N GLY F 277 4.86 19.90 -46.79
CA GLY F 277 5.51 20.41 -45.58
C GLY F 277 5.67 19.37 -44.49
N GLN F 278 5.93 18.12 -44.88
CA GLN F 278 6.22 17.04 -43.94
C GLN F 278 7.08 15.94 -44.57
N TYR F 279 7.77 15.17 -43.74
CA TYR F 279 8.49 13.97 -44.20
C TYR F 279 7.55 12.77 -44.06
N PRO F 280 7.67 11.76 -44.95
CA PRO F 280 6.81 10.59 -44.83
C PRO F 280 7.20 9.72 -43.63
N VAL F 281 6.27 9.57 -42.67
CA VAL F 281 6.56 8.90 -41.39
C VAL F 281 6.91 7.41 -41.55
N ASP F 282 6.38 6.76 -42.58
CA ASP F 282 6.76 5.38 -42.91
C ASP F 282 8.26 5.21 -43.22
N MET F 283 8.86 6.26 -43.79
CA MET F 283 10.29 6.28 -44.10
C MET F 283 11.13 6.75 -42.93
N MET F 284 10.55 7.62 -42.10
CA MET F 284 11.19 8.01 -40.84
C MET F 284 11.34 6.80 -39.93
N ASN F 285 10.30 5.98 -39.87
CA ASN F 285 10.33 4.71 -39.13
C ASN F 285 11.29 3.68 -39.73
N LEU F 286 11.34 3.61 -41.05
CA LEU F 286 12.26 2.70 -41.73
C LEU F 286 13.71 3.12 -41.50
N PHE F 287 13.99 4.41 -41.72
CA PHE F 287 15.33 4.96 -41.48
C PHE F 287 15.77 4.97 -40.01
N SER F 288 14.83 4.77 -39.10
CA SER F 288 15.11 4.68 -37.66
C SER F 288 15.91 3.45 -37.20
N LYS F 289 16.25 2.55 -38.12
CA LYS F 289 17.29 1.54 -37.88
C LYS F 289 18.68 2.19 -37.78
N TYR F 290 18.85 3.34 -38.43
CA TYR F 290 20.10 4.13 -38.37
C TYR F 290 19.94 5.52 -37.74
N VAL F 291 18.76 6.10 -37.88
CA VAL F 291 18.52 7.51 -37.52
C VAL F 291 17.63 7.52 -36.27
N HIS F 292 18.23 7.86 -35.15
CA HIS F 292 17.60 7.70 -33.84
C HIS F 292 17.10 9.00 -33.22
N THR F 293 17.24 10.10 -33.96
CA THR F 293 16.64 11.36 -33.57
C THR F 293 16.43 12.24 -34.81
N TYR F 294 15.29 12.93 -34.85
CA TYR F 294 14.96 13.88 -35.92
C TYR F 294 14.95 15.32 -35.39
N ASP F 295 15.83 15.60 -34.44
CA ASP F 295 15.93 16.94 -33.83
C ASP F 295 16.67 17.96 -34.72
N PHE F 296 17.39 17.47 -35.74
CA PHE F 296 17.92 18.34 -36.81
C PHE F 296 16.82 19.06 -37.60
N ILE F 297 15.62 18.48 -37.65
CA ILE F 297 14.46 19.16 -38.24
C ILE F 297 13.92 20.17 -37.21
N HIS F 298 14.39 21.42 -37.31
CA HIS F 298 13.99 22.48 -36.38
C HIS F 298 12.58 22.96 -36.71
N ALA F 299 11.93 23.57 -35.72
CA ALA F 299 10.61 24.17 -35.91
C ALA F 299 10.68 25.33 -36.91
N GLY F 300 9.77 25.32 -37.86
CA GLY F 300 9.76 26.29 -38.97
C GLY F 300 10.45 25.82 -40.24
N ASP F 301 11.24 24.76 -40.16
CA ASP F 301 12.02 24.27 -41.31
C ASP F 301 11.14 23.80 -42.46
N LEU F 302 10.14 22.96 -42.14
CA LEU F 302 9.27 22.38 -43.16
C LEU F 302 8.31 23.38 -43.83
N ALA F 303 7.93 24.44 -43.11
CA ALA F 303 7.17 25.56 -43.69
C ALA F 303 8.02 26.37 -44.68
N THR F 304 9.29 26.55 -44.36
CA THR F 304 10.26 27.18 -45.26
C THR F 304 10.52 26.30 -46.48
N ILE F 305 10.86 25.03 -46.24
CA ILE F 305 11.09 24.04 -47.32
C ILE F 305 9.92 24.00 -48.31
N SER F 306 8.70 24.02 -47.76
CA SER F 306 7.48 23.96 -48.56
C SER F 306 6.95 25.32 -49.04
N THR F 307 7.79 26.34 -49.08
CA THR F 307 7.40 27.67 -49.56
C THR F 307 6.91 27.57 -51.02
N PRO F 308 5.81 28.28 -51.39
CA PRO F 308 5.26 28.12 -52.74
C PRO F 308 6.20 28.59 -53.84
N CYS F 309 6.37 27.75 -54.86
CA CYS F 309 7.24 28.03 -56.02
C CYS F 309 6.40 28.33 -57.26
N ASP F 310 7.07 28.76 -58.33
CA ASP F 310 6.40 29.12 -59.60
C ASP F 310 6.25 27.93 -60.54
N PHE F 311 7.25 27.03 -60.51
CA PHE F 311 7.20 25.81 -61.29
C PHE F 311 7.78 24.65 -60.49
N PHE F 312 7.61 23.44 -61.02
CA PHE F 312 8.24 22.25 -60.48
C PHE F 312 9.11 21.59 -61.56
N GLY F 313 10.39 21.38 -61.24
CA GLY F 313 11.36 20.80 -62.18
C GLY F 313 11.51 19.31 -61.96
N ILE F 314 11.44 18.54 -63.05
CA ILE F 314 11.60 17.08 -63.00
C ILE F 314 12.73 16.64 -63.95
N ASN F 315 13.71 15.94 -63.39
CA ASN F 315 14.67 15.16 -64.19
C ASN F 315 14.15 13.74 -64.25
N PHE F 316 13.86 13.26 -65.45
CA PHE F 316 13.38 11.90 -65.64
C PHE F 316 14.27 11.12 -66.59
N TYR F 317 14.54 9.87 -66.22
CA TYR F 317 15.38 8.97 -67.02
C TYR F 317 14.79 7.59 -67.18
N SER F 318 14.37 6.97 -66.07
CA SER F 318 13.82 5.63 -66.11
C SER F 318 12.93 5.28 -64.92
N ARG F 319 12.39 4.07 -64.99
CA ARG F 319 11.69 3.42 -63.89
C ARG F 319 12.64 2.47 -63.19
N ASN F 320 12.17 1.88 -62.09
CA ASN F 320 12.85 0.75 -61.45
C ASN F 320 11.84 -0.32 -61.03
N LEU F 321 12.00 -1.52 -61.59
CA LEU F 321 11.23 -2.67 -61.15
C LEU F 321 11.94 -3.27 -59.95
N VAL F 322 11.23 -3.36 -58.83
CA VAL F 322 11.80 -3.87 -57.56
C VAL F 322 11.07 -5.11 -57.05
N GLU F 323 11.71 -5.81 -56.13
CA GLU F 323 11.10 -6.94 -55.40
C GLU F 323 11.56 -6.91 -53.95
N PHE F 324 10.89 -7.70 -53.13
CA PHE F 324 11.16 -7.75 -51.69
C PHE F 324 12.46 -8.48 -51.36
N SER F 325 13.12 -8.03 -50.30
CA SER F 325 14.31 -8.68 -49.74
C SER F 325 14.29 -8.63 -48.21
N ALA F 326 14.22 -9.80 -47.59
CA ALA F 326 14.25 -9.91 -46.13
C ALA F 326 15.60 -9.50 -45.53
N ALA F 327 16.67 -9.70 -46.30
CA ALA F 327 18.04 -9.33 -45.89
C ALA F 327 18.34 -7.82 -46.03
N SER F 328 17.51 -7.09 -46.75
CA SER F 328 17.70 -5.65 -46.94
C SER F 328 17.12 -4.84 -45.79
N ASP F 329 17.89 -3.87 -45.31
CA ASP F 329 17.43 -2.96 -44.25
C ASP F 329 16.17 -2.15 -44.61
N PHE F 330 16.05 -1.76 -45.89
CA PHE F 330 14.88 -1.05 -46.41
C PHE F 330 13.91 -1.94 -47.20
N LEU F 331 14.10 -3.25 -47.08
CA LEU F 331 13.15 -4.28 -47.56
C LEU F 331 12.93 -4.34 -49.08
N HIS F 332 13.90 -3.88 -49.88
CA HIS F 332 13.79 -3.97 -51.34
C HIS F 332 15.14 -4.05 -52.04
N LYS F 333 15.16 -4.79 -53.15
CA LYS F 333 16.30 -4.88 -54.07
C LYS F 333 15.74 -4.69 -55.47
N ASP F 334 16.63 -4.50 -56.43
CA ASP F 334 16.24 -4.42 -57.84
C ASP F 334 15.82 -5.82 -58.33
N ALA F 335 14.83 -5.86 -59.20
CA ALA F 335 14.38 -7.09 -59.85
C ALA F 335 14.88 -7.10 -61.29
N TYR F 336 14.91 -8.28 -61.89
CA TYR F 336 15.31 -8.42 -63.30
C TYR F 336 14.32 -7.68 -64.18
N SER F 337 14.84 -6.81 -65.04
CA SER F 337 14.02 -6.06 -65.99
C SER F 337 14.28 -6.59 -67.40
N ASP F 338 13.20 -6.84 -68.12
CA ASP F 338 13.24 -7.37 -69.49
C ASP F 338 12.93 -6.31 -70.57
N TYR F 339 12.94 -5.05 -70.16
CA TYR F 339 12.69 -3.90 -71.05
C TYR F 339 13.85 -3.67 -71.99
N ASP F 340 13.60 -2.90 -73.05
CA ASP F 340 14.67 -2.33 -73.86
C ASP F 340 15.47 -1.36 -72.99
N LYS F 341 16.79 -1.43 -73.09
CA LYS F 341 17.69 -0.67 -72.22
C LYS F 341 18.61 0.27 -72.98
N THR F 342 19.01 1.35 -72.31
CA THR F 342 19.99 2.29 -72.85
C THR F 342 21.41 1.73 -72.69
N GLY F 343 22.41 2.48 -73.15
CA GLY F 343 23.82 2.15 -72.92
C GLY F 343 24.24 2.04 -71.45
N MET F 344 23.49 2.70 -70.57
CA MET F 344 23.68 2.63 -69.12
C MET F 344 23.10 1.37 -68.47
N GLY F 345 22.29 0.61 -69.22
CA GLY F 345 21.50 -0.48 -68.65
C GLY F 345 20.26 -0.01 -67.92
N TRP F 346 19.78 1.19 -68.25
CA TRP F 346 18.54 1.75 -67.68
C TRP F 346 17.37 1.41 -68.60
N ASP F 347 16.21 1.11 -68.02
CA ASP F 347 15.00 0.80 -68.78
C ASP F 347 14.53 2.02 -69.56
N ILE F 348 14.10 1.81 -70.80
CA ILE F 348 13.43 2.84 -71.60
C ILE F 348 11.95 2.72 -71.25
N ALA F 349 11.41 3.79 -70.66
CA ALA F 349 10.15 3.70 -69.92
C ALA F 349 9.24 4.94 -70.06
N PRO F 350 8.77 5.23 -71.30
CA PRO F 350 7.86 6.36 -71.53
C PRO F 350 6.45 6.16 -70.96
N SER F 351 5.97 4.92 -70.90
CA SER F 351 4.68 4.61 -70.28
C SER F 351 4.68 4.88 -68.77
N GLU F 352 5.82 4.60 -68.12
CA GLU F 352 5.97 4.82 -66.68
C GLU F 352 6.19 6.30 -66.36
N PHE F 353 6.77 7.04 -67.31
CA PHE F 353 6.84 8.51 -67.25
C PHE F 353 5.46 9.14 -67.20
N LYS F 354 4.52 8.58 -67.97
CA LYS F 354 3.14 9.05 -67.97
C LYS F 354 2.43 8.76 -66.64
N ASP F 355 2.71 7.59 -66.06
CA ASP F 355 2.18 7.22 -64.73
C ASP F 355 2.62 8.21 -63.65
N LEU F 356 3.89 8.62 -63.71
CA LEU F 356 4.48 9.57 -62.76
C LEU F 356 3.82 10.95 -62.80
N ILE F 357 3.66 11.50 -64.00
CA ILE F 357 3.10 12.84 -64.16
C ILE F 357 1.64 12.90 -63.67
N ARG F 358 0.84 11.91 -64.06
CA ARG F 358 -0.54 11.74 -63.57
C ARG F 358 -0.60 11.65 -62.04
N ARG F 359 0.32 10.91 -61.45
CA ARG F 359 0.41 10.77 -59.99
C ARG F 359 0.70 12.11 -59.31
N LEU F 360 1.61 12.89 -59.90
CA LEU F 360 1.99 14.20 -59.33
C LEU F 360 0.82 15.18 -59.33
N ARG F 361 0.06 15.22 -60.41
CA ARG F 361 -1.17 16.04 -60.48
C ARG F 361 -2.24 15.56 -59.50
N ALA F 362 -2.39 14.26 -59.39
CA ALA F 362 -3.38 13.64 -58.49
C ALA F 362 -3.06 13.81 -56.99
N GLU F 363 -1.79 13.68 -56.64
CA GLU F 363 -1.35 13.66 -55.24
C GLU F 363 -0.63 14.91 -54.73
N TYR F 364 0.05 15.66 -55.61
CA TYR F 364 1.08 16.61 -55.16
C TYR F 364 0.93 18.08 -55.58
N THR F 365 0.85 18.34 -56.88
CA THR F 365 0.98 19.71 -57.38
C THR F 365 0.24 19.97 -58.69
N ASP F 366 -0.28 21.19 -58.80
CA ASP F 366 -0.88 21.71 -60.04
C ASP F 366 -0.01 22.82 -60.66
N LEU F 367 1.25 22.96 -60.19
CA LEU F 367 2.20 23.90 -60.77
C LEU F 367 2.60 23.44 -62.17
N PRO F 368 2.99 24.38 -63.05
CA PRO F 368 3.52 23.97 -64.34
C PRO F 368 4.79 23.14 -64.17
N ILE F 369 4.84 22.00 -64.88
CA ILE F 369 5.99 21.09 -64.83
C ILE F 369 6.91 21.39 -66.02
N TYR F 370 8.20 21.45 -65.73
CA TYR F 370 9.26 21.52 -66.76
C TYR F 370 10.09 20.24 -66.63
N ILE F 371 10.25 19.51 -67.73
CA ILE F 371 11.17 18.37 -67.77
C ILE F 371 12.56 18.96 -67.97
N THR F 372 13.23 19.23 -66.86
CA THR F 372 14.52 19.92 -66.86
C THR F 372 15.71 19.05 -67.27
N GLU F 373 15.52 17.73 -67.22
CA GLU F 373 16.45 16.78 -67.86
C GLU F 373 15.67 15.58 -68.37
N ASN F 374 15.90 15.25 -69.63
CA ASN F 374 15.59 13.95 -70.19
C ASN F 374 16.56 13.68 -71.34
N GLY F 375 16.99 12.43 -71.43
CA GLY F 375 18.00 12.03 -72.42
C GLY F 375 18.50 10.64 -72.14
N ALA F 376 19.48 10.21 -72.92
CA ALA F 376 19.97 8.84 -72.84
C ALA F 376 21.38 8.70 -73.40
N ALA F 377 22.13 7.78 -72.80
CA ALA F 377 23.47 7.43 -73.26
C ALA F 377 23.42 6.11 -74.02
N PHE F 378 23.99 6.12 -75.21
CA PHE F 378 24.07 4.97 -76.10
C PHE F 378 25.50 4.88 -76.61
N ASP F 379 25.87 3.71 -77.13
CA ASP F 379 27.21 3.52 -77.69
C ASP F 379 27.31 4.23 -79.05
N ASP F 380 27.84 5.46 -79.00
CA ASP F 380 27.96 6.33 -80.17
C ASP F 380 29.24 6.03 -80.93
N GLN F 381 29.11 5.85 -82.24
CA GLN F 381 30.25 5.64 -83.14
C GLN F 381 30.34 6.81 -84.11
N LEU F 382 31.48 7.50 -84.08
CA LEU F 382 31.82 8.48 -85.10
C LEU F 382 32.30 7.73 -86.34
N VAL F 383 31.55 7.86 -87.43
CA VAL F 383 31.89 7.24 -88.71
C VAL F 383 31.82 8.30 -89.80
N ASP F 384 32.97 8.65 -90.37
CA ASP F 384 33.08 9.59 -91.49
C ASP F 384 32.45 10.96 -91.19
N GLY F 385 32.81 11.51 -90.04
CA GLY F 385 32.32 12.81 -89.58
C GLY F 385 30.87 12.88 -89.14
N LYS F 386 30.23 11.71 -88.98
CA LYS F 386 28.81 11.62 -88.66
C LYS F 386 28.56 10.57 -87.57
N ILE F 387 27.62 10.87 -86.69
CA ILE F 387 27.21 9.97 -85.61
C ILE F 387 25.74 9.57 -85.85
N HIS F 388 25.53 8.31 -86.22
CA HIS F 388 24.20 7.79 -86.52
C HIS F 388 23.55 7.25 -85.24
N ASP F 389 23.07 8.17 -84.40
CA ASP F 389 22.49 7.82 -83.08
C ASP F 389 20.95 7.75 -83.13
N GLN F 390 20.45 6.86 -83.99
CA GLN F 390 19.01 6.62 -84.17
C GLN F 390 18.37 6.16 -82.86
N ASN F 391 19.08 5.29 -82.14
CA ASN F 391 18.68 4.85 -80.79
C ASN F 391 18.37 5.99 -79.81
N ARG F 392 19.16 7.06 -79.83
CA ARG F 392 18.89 8.27 -79.04
C ARG F 392 17.67 9.03 -79.56
N ILE F 393 17.50 9.06 -80.90
CA ILE F 393 16.35 9.73 -81.54
C ILE F 393 15.05 9.09 -81.08
N ASP F 394 14.99 7.76 -81.20
CA ASP F 394 13.84 6.95 -80.75
C ASP F 394 13.51 7.14 -79.28
N TYR F 395 14.53 7.28 -78.44
CA TYR F 395 14.35 7.50 -77.00
C TYR F 395 13.66 8.85 -76.73
N VAL F 396 14.22 9.91 -77.30
CA VAL F 396 13.68 11.27 -77.13
C VAL F 396 12.30 11.42 -77.78
N ALA F 397 12.10 10.77 -78.93
CA ALA F 397 10.81 10.77 -79.63
C ALA F 397 9.68 10.12 -78.81
N GLN F 398 9.98 9.00 -78.15
CA GLN F 398 9.00 8.31 -77.32
C GLN F 398 8.58 9.12 -76.08
N HIS F 399 9.50 9.91 -75.56
CA HIS F 399 9.24 10.77 -74.39
C HIS F 399 8.56 12.09 -74.77
N LEU F 400 8.95 12.68 -75.90
CA LEU F 400 8.26 13.86 -76.43
C LEU F 400 6.82 13.56 -76.85
N GLN F 401 6.60 12.36 -77.41
CA GLN F 401 5.26 11.87 -77.71
C GLN F 401 4.43 11.75 -76.42
N ALA F 402 5.04 11.19 -75.38
CA ALA F 402 4.41 11.06 -74.06
C ALA F 402 4.07 12.41 -73.44
N VAL F 403 4.95 13.40 -73.61
CA VAL F 403 4.68 14.78 -73.17
C VAL F 403 3.46 15.36 -73.87
N SER F 404 3.39 15.19 -75.19
CA SER F 404 2.28 15.69 -76.00
C SER F 404 0.95 15.04 -75.59
N ASP F 405 0.97 13.72 -75.47
CA ASP F 405 -0.20 12.93 -75.02
C ASP F 405 -0.69 13.32 -73.62
N LEU F 406 0.25 13.61 -72.71
CA LEU F 406 -0.07 14.06 -71.35
C LEU F 406 -0.70 15.45 -71.32
N ASN F 407 -0.15 16.37 -72.12
CA ASN F 407 -0.70 17.72 -72.23
C ASN F 407 -2.08 17.80 -72.91
N ASP F 408 -2.48 16.75 -73.63
CA ASP F 408 -3.86 16.60 -74.12
C ASP F 408 -4.84 16.28 -73.00
N GLU F 409 -4.40 15.48 -72.02
CA GLU F 409 -5.16 15.23 -70.78
C GLU F 409 -5.22 16.47 -69.86
N GLY F 410 -4.37 17.46 -70.12
CA GLY F 410 -4.30 18.69 -69.33
C GLY F 410 -3.30 18.61 -68.18
N MET F 411 -2.23 17.84 -68.38
CA MET F 411 -1.19 17.65 -67.36
C MET F 411 -0.19 18.83 -67.27
N ASN F 412 -0.25 19.77 -68.21
CA ASN F 412 0.48 21.04 -68.12
C ASN F 412 2.00 20.90 -67.90
N ILE F 413 2.63 20.10 -68.76
CA ILE F 413 4.09 20.12 -68.90
C ILE F 413 4.38 21.30 -69.83
N ALA F 414 4.95 22.36 -69.27
CA ALA F 414 5.19 23.62 -70.00
C ALA F 414 6.55 23.71 -70.71
N GLY F 415 7.42 22.72 -70.49
CA GLY F 415 8.73 22.70 -71.16
C GLY F 415 9.50 21.39 -71.06
N TYR F 416 10.41 21.19 -72.02
CA TYR F 416 11.25 19.99 -72.11
C TYR F 416 12.67 20.41 -72.45
N TYR F 417 13.61 20.13 -71.54
CA TYR F 417 15.04 20.36 -71.77
C TYR F 417 15.74 19.03 -72.04
N LEU F 418 16.38 18.91 -73.21
CA LEU F 418 17.09 17.69 -73.60
C LEU F 418 18.47 17.64 -72.95
N TRP F 419 18.70 16.61 -72.13
CA TRP F 419 20.01 16.34 -71.56
C TRP F 419 20.81 15.42 -72.50
N SER F 420 22.00 15.80 -72.97
CA SER F 420 22.66 17.09 -72.75
C SER F 420 22.99 17.72 -74.11
N LEU F 421 23.39 18.99 -74.06
CA LEU F 421 23.87 19.72 -75.23
C LEU F 421 25.11 19.06 -75.82
N LEU F 422 26.08 18.81 -74.96
CA LEU F 422 27.38 18.23 -75.31
C LEU F 422 27.64 16.92 -74.58
N ASP F 423 28.38 16.03 -75.23
CA ASP F 423 29.04 14.93 -74.54
C ASP F 423 29.93 15.54 -73.48
N ASN F 424 29.88 14.97 -72.28
CA ASN F 424 30.51 15.61 -71.11
C ASN F 424 30.97 14.61 -70.05
N PHE F 425 31.69 15.13 -69.07
CA PHE F 425 32.16 14.35 -67.93
C PHE F 425 30.96 13.80 -67.13
N GLU F 426 30.70 12.51 -67.27
CA GLU F 426 29.50 11.87 -66.72
C GLU F 426 29.69 11.27 -65.32
N TRP F 427 30.16 12.12 -64.40
CA TRP F 427 30.30 11.79 -62.97
C TRP F 427 31.15 10.52 -62.74
N SER F 428 30.64 9.51 -62.03
CA SER F 428 31.43 8.31 -61.70
C SER F 428 31.77 7.41 -62.89
N PHE F 429 31.05 7.58 -64.00
CA PHE F 429 31.39 6.95 -65.29
C PHE F 429 32.43 7.69 -66.13
N GLY F 430 32.78 8.92 -65.74
CA GLY F 430 33.75 9.72 -66.49
C GLY F 430 33.31 9.97 -67.92
N TYR F 431 34.26 9.93 -68.85
CA TYR F 431 34.00 10.09 -70.30
C TYR F 431 33.67 8.79 -71.03
N ASP F 432 33.45 7.72 -70.28
CA ASP F 432 33.01 6.44 -70.82
C ASP F 432 31.54 6.41 -71.30
N LYS F 433 30.77 7.44 -70.99
CA LYS F 433 29.35 7.50 -71.38
C LYS F 433 29.00 8.83 -72.01
N ARG F 434 28.28 8.78 -73.13
CA ARG F 434 27.98 9.96 -73.96
C ARG F 434 26.47 10.21 -73.98
N PHE F 435 26.05 11.28 -73.31
CA PHE F 435 24.65 11.73 -73.27
C PHE F 435 24.31 12.81 -74.31
N GLY F 436 25.34 13.44 -74.87
CA GLY F 436 25.16 14.64 -75.69
C GLY F 436 24.37 14.42 -76.97
N ILE F 437 23.79 15.50 -77.47
CA ILE F 437 23.30 15.55 -78.86
C ILE F 437 24.40 16.06 -79.81
N ILE F 438 25.38 16.79 -79.27
CA ILE F 438 26.58 17.17 -80.01
C ILE F 438 27.75 16.32 -79.52
N TYR F 439 28.38 15.60 -80.45
CA TYR F 439 29.57 14.80 -80.18
C TYR F 439 30.74 15.72 -79.83
N VAL F 440 31.55 15.32 -78.86
CA VAL F 440 32.76 16.04 -78.49
C VAL F 440 33.93 15.07 -78.54
N ASP F 441 34.87 15.33 -79.45
CA ASP F 441 36.18 14.72 -79.43
C ASP F 441 36.92 15.41 -78.29
N PHE F 442 37.17 14.69 -77.21
CA PHE F 442 37.82 15.27 -76.03
C PHE F 442 39.32 15.51 -76.18
N ASP F 443 39.94 14.93 -77.20
CA ASP F 443 41.36 15.18 -77.49
C ASP F 443 41.57 16.48 -78.29
N THR F 444 40.72 16.75 -79.28
CA THR F 444 40.80 17.98 -80.09
C THR F 444 39.82 19.09 -79.69
N GLN F 445 38.87 18.78 -78.80
CA GLN F 445 37.74 19.67 -78.46
C GLN F 445 36.79 20.00 -79.62
N GLU F 446 36.74 19.13 -80.63
CA GLU F 446 35.91 19.36 -81.81
C GLU F 446 34.45 19.03 -81.51
N ARG F 447 33.56 19.94 -81.87
CA ARG F 447 32.11 19.71 -81.77
C ARG F 447 31.55 19.25 -83.11
N ILE F 448 31.01 18.03 -83.12
CA ILE F 448 30.38 17.46 -84.30
C ILE F 448 28.93 17.17 -83.93
N TRP F 449 28.00 17.70 -84.70
CA TRP F 449 26.57 17.45 -84.50
C TRP F 449 26.21 16.01 -84.80
N LYS F 450 25.61 15.32 -83.82
CA LYS F 450 25.07 13.99 -84.04
C LYS F 450 23.75 14.11 -84.77
N ASP F 451 23.26 12.99 -85.29
CA ASP F 451 21.97 12.96 -85.99
C ASP F 451 20.79 13.41 -85.10
N SER F 452 20.90 13.17 -83.80
CA SER F 452 19.87 13.60 -82.85
C SER F 452 19.78 15.11 -82.70
N ALA F 453 20.93 15.80 -82.81
CA ALA F 453 20.96 17.26 -82.74
C ALA F 453 20.23 17.93 -83.91
N HIS F 454 20.43 17.41 -85.11
CA HIS F 454 19.71 17.90 -86.30
C HIS F 454 18.22 17.62 -86.15
N TRP F 455 17.91 16.37 -85.81
CA TRP F 455 16.54 15.93 -85.58
C TRP F 455 15.81 16.80 -84.55
N TYR F 456 16.53 17.17 -83.50
CA TYR F 456 15.97 18.01 -82.45
C TYR F 456 15.73 19.44 -82.95
N ALA F 457 16.73 19.99 -83.64
CA ALA F 457 16.62 21.29 -84.29
C ALA F 457 15.44 21.34 -85.27
N ASN F 458 15.20 20.23 -85.97
CA ASN F 458 14.06 20.11 -86.87
C ASN F 458 12.74 20.13 -86.09
N VAL F 459 12.61 19.24 -85.11
CA VAL F 459 11.43 19.15 -84.22
C VAL F 459 11.01 20.53 -83.66
N ILE F 460 12.01 21.32 -83.27
CA ILE F 460 11.79 22.69 -82.80
C ILE F 460 11.26 23.61 -83.92
N GLN F 461 11.85 23.49 -85.11
CA GLN F 461 11.43 24.23 -86.30
C GLN F 461 9.96 23.95 -86.66
N THR F 462 9.61 22.66 -86.73
CA THR F 462 8.26 22.23 -87.12
C THR F 462 7.19 22.62 -86.08
N HIS F 463 7.64 22.83 -84.83
CA HIS F 463 6.78 23.41 -83.80
C HIS F 463 6.56 24.89 -84.06
N LYS F 464 7.65 25.62 -84.26
CA LYS F 464 7.60 27.06 -84.56
C LYS F 464 7.03 27.31 -85.96
N MET G 24 32.86 -17.59 11.18
CA MET G 24 33.08 -16.27 10.48
C MET G 24 34.01 -15.38 11.29
N LYS G 25 35.10 -14.96 10.67
CA LYS G 25 35.98 -13.90 11.18
C LYS G 25 37.11 -13.60 10.20
N PHE G 26 37.80 -12.48 10.45
CA PHE G 26 38.67 -11.84 9.48
C PHE G 26 40.11 -11.76 9.96
N ALA G 27 40.99 -11.25 9.10
CA ALA G 27 42.41 -11.09 9.39
C ALA G 27 42.67 -9.81 10.21
N PRO G 28 43.92 -9.54 10.63
CA PRO G 28 44.18 -8.29 11.37
C PRO G 28 44.12 -7.01 10.53
N ASN G 29 44.59 -7.07 9.29
CA ASN G 29 44.59 -5.92 8.37
C ASN G 29 43.25 -5.61 7.68
N PHE G 30 42.22 -6.42 7.92
CA PHE G 30 40.90 -6.22 7.33
C PHE G 30 40.23 -4.93 7.81
N VAL G 31 39.61 -4.21 6.87
CA VAL G 31 39.01 -2.89 7.13
C VAL G 31 37.48 -2.97 7.12
N PHE G 32 36.87 -2.72 8.28
CA PHE G 32 35.42 -2.50 8.39
C PHE G 32 35.13 -1.03 8.22
N GLY G 33 34.10 -0.71 7.44
CA GLY G 33 33.71 0.67 7.20
C GLY G 33 32.22 0.88 7.04
N THR G 34 31.85 2.14 6.88
CA THR G 34 30.51 2.52 6.48
C THR G 34 30.62 3.66 5.48
N ALA G 35 29.54 3.90 4.73
CA ALA G 35 29.58 4.76 3.55
C ALA G 35 28.32 5.59 3.34
N THR G 36 28.51 6.81 2.84
CA THR G 36 27.44 7.71 2.41
C THR G 36 27.84 8.37 1.10
N SER G 37 26.92 9.16 0.53
CA SER G 37 27.25 10.08 -0.57
C SER G 37 26.69 11.47 -0.29
N SER G 38 27.32 12.47 -0.91
CA SER G 38 27.09 13.89 -0.62
C SER G 38 25.62 14.33 -0.73
N TYR G 39 25.05 14.19 -1.92
CA TYR G 39 23.67 14.64 -2.16
C TYR G 39 22.62 13.86 -1.34
N GLN G 40 22.92 12.60 -1.04
CA GLN G 40 21.99 11.77 -0.26
C GLN G 40 21.82 12.22 1.20
N ILE G 41 22.88 12.80 1.78
CA ILE G 41 22.88 13.15 3.21
C ILE G 41 23.02 14.65 3.57
N GLU G 42 23.78 15.40 2.76
CA GLU G 42 24.24 16.75 3.16
C GLU G 42 23.10 17.75 3.38
N GLY G 43 22.22 17.85 2.40
CA GLY G 43 21.25 18.93 2.37
C GLY G 43 21.99 20.24 2.13
N ALA G 44 21.48 21.32 2.72
CA ALA G 44 22.07 22.66 2.55
C ALA G 44 22.40 22.89 1.07
N HIS G 45 21.38 22.73 0.24
CA HIS G 45 21.54 22.62 -1.22
C HIS G 45 21.92 23.93 -1.92
N ASP G 46 21.49 25.06 -1.36
CA ASP G 46 21.83 26.40 -1.90
C ASP G 46 22.74 27.20 -0.95
N GLU G 47 23.29 26.53 0.06
CA GLU G 47 24.14 27.17 1.06
C GLU G 47 25.61 26.84 0.84
N GLY G 48 26.49 27.73 1.33
CA GLY G 48 27.94 27.56 1.17
C GLY G 48 28.43 27.74 -0.25
N GLY G 49 27.69 28.52 -1.05
CA GLY G 49 28.02 28.75 -2.45
C GLY G 49 27.71 27.60 -3.40
N ARG G 50 26.92 26.62 -2.95
CA ARG G 50 26.57 25.47 -3.78
C ARG G 50 25.47 25.87 -4.77
N THR G 51 25.69 25.50 -6.04
CA THR G 51 24.71 25.68 -7.11
C THR G 51 24.08 24.31 -7.44
N PRO G 52 22.95 24.30 -8.18
CA PRO G 52 22.26 23.02 -8.43
C PRO G 52 23.02 22.00 -9.28
N SER G 53 22.83 20.72 -8.94
CA SER G 53 23.29 19.59 -9.75
C SER G 53 22.15 19.05 -10.60
N ILE G 54 22.49 18.10 -11.47
CA ILE G 54 21.51 17.38 -12.29
C ILE G 54 20.39 16.70 -11.47
N TRP G 55 20.72 16.26 -10.26
CA TRP G 55 19.72 15.62 -9.37
C TRP G 55 18.72 16.58 -8.75
N ASP G 56 19.13 17.82 -8.48
CA ASP G 56 18.23 18.85 -7.98
C ASP G 56 17.12 19.12 -8.98
N THR G 57 17.52 19.34 -10.23
CA THR G 57 16.58 19.56 -11.34
C THR G 57 15.77 18.29 -11.65
N PHE G 58 16.44 17.13 -11.61
CA PHE G 58 15.77 15.84 -11.81
C PHE G 58 14.68 15.58 -10.77
N CYS G 59 14.97 15.86 -9.52
CA CYS G 59 13.99 15.73 -8.42
C CYS G 59 12.76 16.59 -8.61
N ASP G 60 12.94 17.78 -9.20
CA ASP G 60 11.83 18.69 -9.49
C ASP G 60 11.12 18.40 -10.82
N THR G 61 11.71 17.55 -11.66
CA THR G 61 11.05 17.10 -12.89
C THR G 61 9.93 16.11 -12.54
N ASP G 62 8.78 16.30 -13.16
CA ASP G 62 7.58 15.51 -12.85
C ASP G 62 7.70 14.04 -13.30
N GLY G 63 7.35 13.14 -12.39
CA GLY G 63 7.33 11.69 -12.67
C GLY G 63 8.66 10.96 -12.54
N LYS G 64 9.72 11.66 -12.15
CA LYS G 64 11.07 11.09 -12.10
C LYS G 64 11.45 10.52 -10.73
N VAL G 65 11.07 11.22 -9.67
CA VAL G 65 11.40 10.83 -8.30
C VAL G 65 10.15 10.68 -7.46
N PHE G 66 10.17 9.71 -6.56
CA PHE G 66 9.06 9.37 -5.67
C PHE G 66 8.49 10.61 -4.96
N GLU G 67 7.26 10.97 -5.32
CA GLU G 67 6.51 12.07 -4.70
C GLU G 67 7.27 13.41 -4.64
N LYS G 68 8.01 13.70 -5.71
CA LYS G 68 8.80 14.95 -5.83
C LYS G 68 9.82 15.17 -4.69
N HIS G 69 10.29 14.08 -4.08
CA HIS G 69 11.26 14.18 -2.98
C HIS G 69 12.62 14.62 -3.51
N ASN G 70 13.36 15.33 -2.68
CA ASN G 70 14.63 15.95 -3.08
C ASN G 70 15.64 15.96 -1.96
N GLY G 71 16.86 16.36 -2.29
CA GLY G 71 17.95 16.50 -1.32
C GLY G 71 18.20 17.93 -0.85
N ASP G 72 17.12 18.71 -0.69
CA ASP G 72 17.24 20.08 -0.18
C ASP G 72 17.72 20.13 1.27
N VAL G 73 17.11 19.26 2.09
CA VAL G 73 17.45 19.11 3.50
C VAL G 73 18.12 17.77 3.80
N ALA G 74 17.55 16.69 3.28
CA ALA G 74 18.12 15.33 3.42
C ALA G 74 18.34 14.95 4.91
N CYS G 75 19.54 14.54 5.29
CA CYS G 75 19.87 14.28 6.70
C CYS G 75 20.44 15.51 7.44
N ASP G 76 20.46 16.67 6.78
CA ASP G 76 21.01 17.92 7.33
C ASP G 76 22.48 17.77 7.80
N HIS G 77 23.21 16.87 7.15
CA HIS G 77 24.55 16.49 7.55
C HIS G 77 25.59 17.60 7.35
N TYR G 78 25.33 18.53 6.43
CA TYR G 78 26.22 19.68 6.23
C TYR G 78 26.42 20.48 7.51
N HIS G 79 25.34 20.62 8.28
CA HIS G 79 25.37 21.28 9.59
C HIS G 79 25.67 20.32 10.75
N ARG G 80 25.20 19.09 10.64
CA ARG G 80 25.28 18.09 11.71
C ARG G 80 26.40 17.07 11.54
N PHE G 81 27.42 17.41 10.74
CA PHE G 81 28.54 16.49 10.49
C PHE G 81 29.29 16.09 11.78
N GLU G 82 29.37 17.00 12.74
CA GLU G 82 30.03 16.72 14.03
C GLU G 82 29.31 15.62 14.82
N GLU G 83 27.98 15.72 14.89
CA GLU G 83 27.13 14.70 15.50
C GLU G 83 27.27 13.34 14.81
N ASP G 84 27.36 13.35 13.49
CA ASP G 84 27.51 12.13 12.69
C ASP G 84 28.90 11.52 12.78
N ILE G 85 29.93 12.38 12.93
CA ILE G 85 31.29 11.90 13.22
C ILE G 85 31.31 11.11 14.54
N GLN G 86 30.60 11.59 15.56
CA GLN G 86 30.49 10.87 16.85
C GLN G 86 29.80 9.52 16.70
N HIS G 87 28.75 9.46 15.87
CA HIS G 87 28.09 8.18 15.54
C HIS G 87 29.03 7.20 14.85
N ILE G 88 29.79 7.70 13.88
CA ILE G 88 30.82 6.91 13.17
C ILE G 88 31.90 6.43 14.15
N LYS G 89 32.41 7.37 14.96
CA LYS G 89 33.40 7.08 16.01
C LYS G 89 32.91 5.99 16.96
N GLN G 90 31.64 6.06 17.35
CA GLN G 90 31.03 5.10 18.27
C GLN G 90 30.81 3.71 17.65
N LEU G 91 30.50 3.65 16.36
CA LEU G 91 30.46 2.39 15.59
C LEU G 91 31.80 1.64 15.63
N GLY G 92 32.90 2.40 15.73
CA GLY G 92 34.25 1.83 15.79
C GLY G 92 34.83 1.49 14.43
N VAL G 93 34.22 1.98 13.35
CA VAL G 93 34.67 1.68 11.99
C VAL G 93 36.10 2.19 11.73
N ASP G 94 36.86 1.40 10.98
CA ASP G 94 38.22 1.77 10.56
C ASP G 94 38.21 2.91 9.54
N THR G 95 37.24 2.86 8.63
CA THR G 95 37.17 3.77 7.49
C THR G 95 35.75 4.31 7.28
N TYR G 96 35.62 5.61 7.06
CA TYR G 96 34.36 6.23 6.66
C TYR G 96 34.45 6.74 5.22
N ARG G 97 33.63 6.18 4.33
CA ARG G 97 33.57 6.58 2.94
C ARG G 97 32.49 7.65 2.73
N PHE G 98 32.90 8.80 2.18
CA PHE G 98 31.97 9.85 1.77
C PHE G 98 32.36 10.37 0.40
N SER G 99 31.43 11.08 -0.24
CA SER G 99 31.69 11.69 -1.55
C SER G 99 31.79 13.21 -1.43
N ILE G 100 32.49 13.82 -2.39
CA ILE G 100 32.59 15.27 -2.48
C ILE G 100 31.57 15.77 -3.52
N ALA G 101 30.81 16.78 -3.12
CA ALA G 101 29.88 17.46 -4.02
C ALA G 101 30.65 18.37 -4.97
N TRP G 102 30.68 17.98 -6.25
CA TRP G 102 31.24 18.80 -7.33
C TRP G 102 30.70 20.25 -7.32
N PRO G 103 29.35 20.43 -7.28
CA PRO G 103 28.82 21.80 -7.34
C PRO G 103 29.08 22.69 -6.11
N ARG G 104 29.60 22.12 -5.02
CA ARG G 104 30.18 22.91 -3.91
C ARG G 104 31.57 23.44 -4.24
N ILE G 105 32.37 22.65 -4.96
CA ILE G 105 33.76 22.99 -5.26
C ILE G 105 33.86 23.89 -6.49
N PHE G 106 33.21 23.47 -7.58
CA PHE G 106 33.09 24.28 -8.79
C PHE G 106 31.61 24.59 -9.08
N PRO G 107 31.01 25.54 -8.30
CA PRO G 107 29.61 25.92 -8.53
C PRO G 107 29.36 26.56 -9.89
N SER G 108 30.37 27.23 -10.42
CA SER G 108 30.39 27.71 -11.79
C SER G 108 31.67 27.18 -12.45
N LYS G 109 31.68 27.18 -13.78
CA LYS G 109 32.81 26.62 -14.55
C LYS G 109 34.08 27.43 -14.34
N GLY G 110 35.16 26.76 -13.94
CA GLY G 110 36.43 27.43 -13.65
C GLY G 110 36.50 28.15 -12.31
N GLN G 111 35.34 28.52 -11.76
CA GLN G 111 35.26 29.29 -10.52
C GLN G 111 35.33 28.37 -9.31
N PHE G 112 36.44 28.49 -8.58
CA PHE G 112 36.68 27.72 -7.39
C PHE G 112 36.03 28.42 -6.19
N ASN G 113 35.34 27.61 -5.37
CA ASN G 113 34.69 28.05 -4.15
C ASN G 113 35.45 27.42 -2.96
N PRO G 114 36.38 28.18 -2.33
CA PRO G 114 37.18 27.61 -1.24
C PRO G 114 36.40 27.28 0.04
N GLU G 115 35.28 27.96 0.26
CA GLU G 115 34.36 27.66 1.38
C GLU G 115 33.85 26.22 1.35
N GLY G 116 33.58 25.73 0.14
CA GLY G 116 33.13 24.35 -0.06
C GLY G 116 34.24 23.37 0.22
N MET G 117 35.44 23.68 -0.26
CA MET G 117 36.61 22.83 -0.03
C MET G 117 36.99 22.77 1.45
N ALA G 118 36.78 23.88 2.16
CA ALA G 118 37.00 23.97 3.60
C ALA G 118 36.23 22.88 4.35
N PHE G 119 34.92 22.84 4.11
CA PHE G 119 34.02 21.85 4.71
C PHE G 119 34.55 20.42 4.65
N TYR G 120 34.99 20.00 3.47
CA TYR G 120 35.55 18.65 3.26
C TYR G 120 36.94 18.50 3.86
N LYS G 121 37.70 19.60 3.92
CA LYS G 121 38.97 19.61 4.64
C LYS G 121 38.75 19.44 6.14
N THR G 122 37.86 20.25 6.69
CA THR G 122 37.44 20.20 8.09
C THR G 122 37.02 18.78 8.46
N LEU G 123 36.06 18.24 7.71
CA LEU G 123 35.53 16.90 7.92
C LEU G 123 36.65 15.86 7.97
N ALA G 124 37.47 15.84 6.92
CA ALA G 124 38.59 14.89 6.80
C ALA G 124 39.59 15.05 7.95
N THR G 125 39.91 16.30 8.27
CA THR G 125 40.79 16.63 9.40
C THR G 125 40.19 16.15 10.74
N ARG G 126 38.89 16.36 10.92
CA ARG G 126 38.18 15.90 12.12
C ARG G 126 38.12 14.37 12.21
N LEU G 127 37.89 13.71 11.08
CA LEU G 127 37.92 12.24 11.01
C LEU G 127 39.29 11.66 11.37
N GLN G 128 40.36 12.30 10.89
CA GLN G 128 41.73 11.90 11.21
C GLN G 128 42.05 12.04 12.70
N GLU G 129 41.59 13.14 13.30
CA GLU G 129 41.73 13.38 14.76
C GLU G 129 41.05 12.31 15.61
N GLU G 130 39.89 11.83 15.18
CA GLU G 130 39.14 10.77 15.88
C GLU G 130 39.62 9.33 15.56
N GLY G 131 40.68 9.20 14.77
CA GLY G 131 41.27 7.90 14.43
C GLY G 131 40.49 7.13 13.38
N ILE G 132 39.95 7.85 12.40
CA ILE G 132 39.14 7.27 11.32
C ILE G 132 39.79 7.61 9.98
N LYS G 133 39.97 6.60 9.13
CA LYS G 133 40.53 6.76 7.80
C LYS G 133 39.47 7.36 6.86
N PRO G 134 39.74 8.54 6.26
CA PRO G 134 38.78 9.04 5.27
C PRO G 134 39.01 8.44 3.88
N ALA G 135 38.04 7.67 3.39
CA ALA G 135 38.00 7.24 1.99
C ALA G 135 37.10 8.22 1.25
N VAL G 136 37.59 8.79 0.15
CA VAL G 136 36.87 9.87 -0.55
C VAL G 136 36.49 9.48 -1.97
N THR G 137 35.21 9.67 -2.30
CA THR G 137 34.68 9.44 -3.64
C THR G 137 34.59 10.80 -4.34
N LEU G 138 35.24 10.92 -5.50
CA LEU G 138 35.22 12.18 -6.26
C LEU G 138 33.87 12.38 -6.94
N TYR G 139 33.38 11.37 -7.65
CA TYR G 139 32.09 11.45 -8.35
C TYR G 139 31.06 10.44 -7.85
N HIS G 140 30.01 10.95 -7.22
CA HIS G 140 28.83 10.15 -6.85
C HIS G 140 27.58 10.82 -7.42
N TRP G 141 27.58 10.94 -8.74
CA TRP G 141 26.43 11.33 -9.58
C TRP G 141 26.00 12.79 -9.45
N ASP G 142 26.88 13.61 -8.89
CA ASP G 142 26.53 14.97 -8.47
C ASP G 142 27.01 16.02 -9.49
N LEU G 143 26.69 15.80 -10.77
CA LEU G 143 27.18 16.67 -11.85
C LEU G 143 26.55 18.06 -11.79
N PRO G 144 27.37 19.14 -11.77
CA PRO G 144 26.84 20.52 -11.81
C PRO G 144 25.99 20.81 -13.06
N MET G 145 25.02 21.69 -12.91
CA MET G 145 24.09 22.05 -14.00
C MET G 145 24.75 22.78 -15.17
N TRP G 146 25.81 23.53 -14.89
CA TRP G 146 26.59 24.19 -15.94
C TRP G 146 27.27 23.17 -16.88
N ALA G 147 27.74 22.07 -16.30
CA ALA G 147 28.34 20.96 -17.07
C ALA G 147 27.30 20.26 -17.95
N HIS G 148 26.11 20.04 -17.38
CA HIS G 148 24.99 19.44 -18.10
C HIS G 148 24.53 20.26 -19.30
N GLU G 149 24.50 21.59 -19.12
CA GLU G 149 24.06 22.51 -20.18
C GLU G 149 24.99 22.57 -21.40
N GLU G 150 26.26 22.21 -21.20
CA GLU G 150 27.22 22.01 -22.31
C GLU G 150 27.26 20.55 -22.80
N GLY G 151 26.23 19.75 -22.51
CA GLY G 151 26.16 18.34 -22.94
C GLY G 151 26.43 17.29 -21.86
N GLY G 152 27.00 17.72 -20.74
CA GLY G 152 27.31 16.80 -19.63
C GLY G 152 28.40 15.82 -20.00
N TRP G 153 28.24 14.57 -19.54
CA TRP G 153 29.19 13.49 -19.84
C TRP G 153 29.24 13.05 -21.30
N VAL G 154 28.19 13.35 -22.05
CA VAL G 154 28.15 13.08 -23.51
C VAL G 154 29.27 13.86 -24.21
N ASN G 155 29.53 15.07 -23.76
CA ASN G 155 30.62 15.91 -24.24
C ASN G 155 31.96 15.40 -23.74
N ARG G 156 32.96 15.35 -24.64
CA ARG G 156 34.32 14.91 -24.30
C ARG G 156 35.03 15.88 -23.36
N ASP G 157 34.67 17.16 -23.42
CA ASP G 157 35.19 18.18 -22.50
C ASP G 157 34.92 17.88 -21.01
N SER G 158 33.94 17.01 -20.74
CA SER G 158 33.68 16.50 -19.37
C SER G 158 34.85 15.77 -18.72
N VAL G 159 35.72 15.17 -19.53
CA VAL G 159 36.98 14.60 -19.04
C VAL G 159 37.81 15.71 -18.38
N ASP G 160 37.93 16.84 -19.07
CA ASP G 160 38.73 17.98 -18.59
C ASP G 160 38.10 18.76 -17.42
N TRP G 161 36.77 18.89 -17.42
CA TRP G 161 36.06 19.55 -16.29
C TRP G 161 36.22 18.76 -15.01
N PHE G 162 36.13 17.44 -15.15
CA PHE G 162 36.35 16.52 -14.04
C PHE G 162 37.75 16.57 -13.47
N LEU G 163 38.74 16.72 -14.36
CA LEU G 163 40.15 16.82 -13.93
C LEU G 163 40.50 18.15 -13.29
N ASP G 164 39.83 19.23 -13.69
CA ASP G 164 39.93 20.51 -12.99
C ASP G 164 39.42 20.35 -11.56
N PHE G 165 38.36 19.57 -11.41
CA PHE G 165 37.80 19.23 -10.11
C PHE G 165 38.70 18.27 -9.31
N ALA G 166 39.13 17.18 -9.95
CA ALA G 166 39.98 16.16 -9.30
C ALA G 166 41.35 16.71 -8.85
N ARG G 167 41.91 17.61 -9.64
CA ARG G 167 43.21 18.26 -9.36
C ARG G 167 43.14 19.08 -8.09
N VAL G 168 42.16 19.95 -8.06
CA VAL G 168 41.86 20.80 -6.91
C VAL G 168 41.63 19.96 -5.64
N CYS G 169 40.86 18.87 -5.76
CA CYS G 169 40.63 17.94 -4.65
C CYS G 169 41.93 17.27 -4.20
N PHE G 170 42.72 16.79 -5.15
CA PHE G 170 44.06 16.26 -4.88
C PHE G 170 44.96 17.31 -4.21
N GLU G 171 44.86 18.54 -4.71
CA GLU G 171 45.60 19.69 -4.20
C GLU G 171 45.45 19.87 -2.69
N GLU G 172 44.22 20.13 -2.26
CA GLU G 172 43.93 20.59 -0.90
C GLU G 172 43.98 19.52 0.18
N LEU G 173 43.80 18.25 -0.18
CA LEU G 173 43.60 17.20 0.83
C LEU G 173 44.18 15.80 0.58
N ASP G 174 45.00 15.61 -0.44
CA ASP G 174 45.66 14.30 -0.61
C ASP G 174 46.46 13.88 0.64
N GLY G 175 46.98 14.86 1.37
CA GLY G 175 47.63 14.61 2.67
C GLY G 175 46.69 14.10 3.77
N ILE G 176 45.49 14.66 3.82
CA ILE G 176 44.51 14.35 4.87
C ILE G 176 43.71 13.08 4.56
N VAL G 177 43.46 12.83 3.27
CA VAL G 177 42.69 11.67 2.82
C VAL G 177 43.55 10.40 2.99
N ASP G 178 42.89 9.27 3.20
CA ASP G 178 43.55 7.97 3.28
C ASP G 178 43.52 7.20 1.96
N SER G 179 42.41 7.28 1.22
CA SER G 179 42.31 6.68 -0.11
C SER G 179 41.30 7.40 -1.00
N TRP G 180 41.50 7.29 -2.32
CA TRP G 180 40.66 7.94 -3.32
C TRP G 180 39.85 6.93 -4.12
N ILE G 181 38.59 7.27 -4.38
CA ILE G 181 37.75 6.56 -5.36
C ILE G 181 37.34 7.61 -6.40
N THR G 182 37.64 7.33 -7.66
CA THR G 182 37.39 8.29 -8.74
C THR G 182 35.91 8.36 -9.06
N HIS G 183 35.35 7.22 -9.45
CA HIS G 183 33.97 7.11 -9.90
C HIS G 183 33.23 6.00 -9.18
N ASN G 184 32.03 6.34 -8.70
CA ASN G 184 31.11 5.36 -8.14
C ASN G 184 30.05 4.98 -9.17
N GLU G 185 30.06 3.71 -9.58
CA GLU G 185 28.98 3.12 -10.40
C GLU G 185 28.74 3.85 -11.74
N PRO G 186 29.70 3.77 -12.68
CA PRO G 186 29.48 4.39 -14.00
C PRO G 186 28.28 3.82 -14.78
N TRP G 187 27.96 2.54 -14.56
CA TRP G 187 26.75 1.93 -15.11
C TRP G 187 25.47 2.67 -14.71
N CYS G 188 25.39 3.08 -13.45
CA CYS G 188 24.25 3.88 -12.96
C CYS G 188 24.27 5.29 -13.56
N ALA G 189 25.42 5.94 -13.45
CA ALA G 189 25.61 7.30 -13.98
C ALA G 189 25.55 7.37 -15.51
N GLY G 190 25.89 6.28 -16.19
CA GLY G 190 25.90 6.19 -17.64
C GLY G 190 24.66 5.54 -18.21
N PHE G 191 24.52 4.23 -18.04
CA PHE G 191 23.42 3.45 -18.65
C PHE G 191 22.05 3.65 -17.99
N LEU G 192 22.00 3.69 -16.66
CA LEU G 192 20.73 3.93 -15.94
C LEU G 192 20.24 5.37 -16.08
N SER G 193 21.17 6.30 -16.31
CA SER G 193 20.89 7.73 -16.44
C SER G 193 20.65 8.23 -17.87
N TYR G 194 21.41 7.70 -18.84
CA TYR G 194 21.36 8.15 -20.23
C TYR G 194 20.67 7.20 -21.22
N HIS G 195 20.62 5.91 -20.88
CA HIS G 195 19.95 4.91 -21.73
C HIS G 195 18.58 4.50 -21.19
N LEU G 196 18.52 4.19 -19.90
CA LEU G 196 17.26 3.72 -19.30
C LEU G 196 16.39 4.87 -18.79
N GLY G 197 17.01 5.98 -18.44
CA GLY G 197 16.28 7.19 -18.04
C GLY G 197 15.68 7.18 -16.65
N GLN G 198 16.20 6.31 -15.77
CA GLN G 198 15.72 6.21 -14.38
C GLN G 198 16.43 7.19 -13.43
N HIS G 199 17.68 7.48 -13.72
CA HIS G 199 18.49 8.45 -12.96
C HIS G 199 18.77 9.70 -13.78
N ALA G 200 19.24 10.75 -13.10
CA ALA G 200 19.52 12.04 -13.72
C ALA G 200 20.68 11.92 -14.74
N PRO G 201 20.59 12.59 -15.90
CA PRO G 201 19.53 13.54 -16.25
C PRO G 201 18.22 12.94 -16.81
N GLY G 202 18.16 11.61 -16.93
CA GLY G 202 16.94 10.92 -17.35
C GLY G 202 16.75 10.76 -18.85
N HIS G 203 17.84 10.66 -19.60
CA HIS G 203 17.77 10.51 -21.05
C HIS G 203 17.55 9.05 -21.41
N THR G 204 17.04 8.84 -22.62
CA THR G 204 16.86 7.51 -23.19
C THR G 204 17.47 7.49 -24.59
N ASP G 205 18.79 7.36 -24.62
CA ASP G 205 19.59 7.42 -25.84
C ASP G 205 20.85 6.57 -25.62
N MET G 206 20.95 5.45 -26.34
CA MET G 206 22.10 4.54 -26.22
C MET G 206 23.40 5.17 -26.72
N ASN G 207 23.30 6.06 -27.72
CA ASN G 207 24.47 6.76 -28.25
C ASN G 207 25.06 7.74 -27.24
N GLU G 208 24.20 8.51 -26.58
CA GLU G 208 24.63 9.39 -25.47
C GLU G 208 25.22 8.57 -24.31
N ALA G 209 24.63 7.41 -24.05
CA ALA G 209 25.03 6.53 -22.93
C ALA G 209 26.45 5.97 -23.05
N VAL G 210 26.77 5.40 -24.21
CA VAL G 210 28.13 4.86 -24.45
C VAL G 210 29.21 5.96 -24.43
N ARG G 211 28.86 7.15 -24.92
CA ARG G 211 29.76 8.32 -24.86
C ARG G 211 29.97 8.79 -23.42
N ALA G 212 28.85 8.89 -22.69
CA ALA G 212 28.87 9.24 -21.26
C ALA G 212 29.71 8.27 -20.42
N VAL G 213 29.54 6.96 -20.64
CA VAL G 213 30.34 5.93 -19.96
C VAL G 213 31.82 6.04 -20.30
N HIS G 214 32.13 6.14 -21.60
CA HIS G 214 33.51 6.27 -22.07
C HIS G 214 34.23 7.45 -21.42
N HIS G 215 33.56 8.60 -21.39
CA HIS G 215 34.15 9.82 -20.81
C HIS G 215 34.28 9.81 -19.28
N MET G 216 33.45 9.01 -18.60
CA MET G 216 33.62 8.74 -17.17
C MET G 216 34.83 7.85 -16.93
N LEU G 217 34.92 6.76 -17.68
CA LEU G 217 36.06 5.83 -17.61
C LEU G 217 37.38 6.51 -17.95
N LEU G 218 37.36 7.45 -18.90
CA LEU G 218 38.55 8.18 -19.31
C LEU G 218 38.97 9.19 -18.26
N SER G 219 38.00 9.89 -17.69
CA SER G 219 38.23 10.82 -16.58
C SER G 219 38.79 10.11 -15.33
N HIS G 220 38.40 8.85 -15.13
CA HIS G 220 39.00 7.99 -14.10
C HIS G 220 40.49 7.82 -14.38
N GLY G 221 40.80 7.26 -15.55
CA GLY G 221 42.18 6.96 -15.97
C GLY G 221 43.10 8.15 -15.90
N LYS G 222 42.64 9.28 -16.43
CA LYS G 222 43.39 10.54 -16.41
C LYS G 222 43.62 11.06 -14.98
N ALA G 223 42.64 10.88 -14.11
CA ALA G 223 42.74 11.29 -12.70
C ALA G 223 43.76 10.42 -11.92
N VAL G 224 43.81 9.13 -12.24
CA VAL G 224 44.83 8.23 -11.68
C VAL G 224 46.23 8.63 -12.15
N GLU G 225 46.38 8.77 -13.46
CA GLU G 225 47.62 9.28 -14.08
C GLU G 225 48.08 10.63 -13.52
N MET G 226 47.12 11.49 -13.20
CA MET G 226 47.40 12.80 -12.61
C MET G 226 47.92 12.72 -11.18
N LEU G 227 47.35 11.81 -10.39
CA LEU G 227 47.73 11.67 -8.99
C LEU G 227 49.14 11.11 -8.83
N LYS G 228 49.43 10.04 -9.57
CA LYS G 228 50.74 9.39 -9.52
C LYS G 228 51.82 10.16 -10.30
N GLY G 229 51.40 10.90 -11.33
CA GLY G 229 52.33 11.59 -12.24
C GLY G 229 52.55 13.06 -11.91
N GLU G 230 51.47 13.83 -11.92
CA GLU G 230 51.53 15.29 -11.76
C GLU G 230 51.82 15.68 -10.33
N PHE G 231 50.96 15.20 -9.43
CA PHE G 231 51.26 15.18 -8.00
C PHE G 231 52.15 13.94 -7.90
N ASN G 232 52.87 13.80 -6.80
CA ASN G 232 53.78 12.64 -6.69
C ASN G 232 53.14 11.44 -6.02
N SER G 233 51.89 11.62 -5.59
CA SER G 233 51.20 10.74 -4.64
C SER G 233 51.14 9.24 -4.88
N ALA G 234 51.31 8.51 -3.78
CA ALA G 234 51.17 7.07 -3.72
C ALA G 234 49.90 6.68 -2.96
N THR G 235 49.08 7.67 -2.59
CA THR G 235 47.80 7.44 -1.95
C THR G 235 47.01 6.47 -2.79
N PRO G 236 46.52 5.38 -2.18
CA PRO G 236 45.75 4.41 -2.96
C PRO G 236 44.55 5.03 -3.69
N ILE G 237 44.47 4.77 -5.00
CA ILE G 237 43.40 5.27 -5.85
C ILE G 237 42.85 4.14 -6.72
N GLY G 238 41.55 4.18 -7.00
CA GLY G 238 40.89 3.18 -7.84
C GLY G 238 39.47 3.59 -8.19
N ILE G 239 38.78 2.70 -8.90
CA ILE G 239 37.38 2.92 -9.29
C ILE G 239 36.45 1.96 -8.54
N THR G 240 35.20 2.39 -8.38
CA THR G 240 34.12 1.54 -7.87
C THR G 240 33.13 1.23 -9.00
N LEU G 241 32.92 -0.06 -9.24
CA LEU G 241 31.89 -0.54 -10.16
C LEU G 241 30.81 -1.27 -9.38
N ASN G 242 29.55 -1.03 -9.70
CA ASN G 242 28.49 -1.94 -9.27
C ASN G 242 28.47 -3.12 -10.22
N LEU G 243 28.46 -4.32 -9.65
CA LEU G 243 28.46 -5.54 -10.41
C LEU G 243 27.31 -6.41 -9.95
N ALA G 244 26.57 -6.94 -10.90
CA ALA G 244 25.45 -7.82 -10.63
C ALA G 244 25.62 -9.04 -11.52
N PRO G 245 25.99 -10.20 -10.91
CA PRO G 245 26.18 -11.39 -11.75
C PRO G 245 24.86 -11.87 -12.34
N LYS G 246 24.93 -12.39 -13.55
CA LYS G 246 23.76 -12.76 -14.33
C LYS G 246 23.73 -14.27 -14.51
N TYR G 247 22.52 -14.83 -14.50
CA TYR G 247 22.30 -16.27 -14.56
C TYR G 247 21.20 -16.59 -15.53
N ALA G 248 21.40 -17.64 -16.31
CA ALA G 248 20.42 -18.12 -17.27
C ALA G 248 19.32 -18.88 -16.52
N LYS G 249 18.08 -18.71 -16.96
CA LYS G 249 16.94 -19.43 -16.39
C LYS G 249 17.06 -20.92 -16.67
N THR G 250 17.27 -21.26 -17.94
CA THR G 250 17.49 -22.63 -18.38
C THR G 250 18.88 -22.71 -19.03
N ASP G 251 19.22 -23.88 -19.58
CA ASP G 251 20.51 -24.08 -20.25
C ASP G 251 20.41 -24.06 -21.79
N SER G 252 19.26 -23.65 -22.33
CA SER G 252 19.09 -23.54 -23.78
C SER G 252 19.98 -22.43 -24.34
N ILE G 253 20.31 -22.54 -25.62
CA ILE G 253 21.25 -21.62 -26.29
C ILE G 253 20.76 -20.19 -26.16
N ASN G 254 19.47 -19.99 -26.46
CA ASN G 254 18.80 -18.71 -26.27
C ASN G 254 19.04 -18.09 -24.89
N ASP G 255 18.88 -18.88 -23.84
CA ASP G 255 19.09 -18.38 -22.47
C ASP G 255 20.55 -18.11 -22.12
N GLN G 256 21.49 -18.82 -22.78
CA GLN G 256 22.93 -18.49 -22.66
C GLN G 256 23.25 -17.13 -23.28
N ILE G 257 22.65 -16.84 -24.44
CA ILE G 257 22.83 -15.53 -25.11
C ILE G 257 22.26 -14.40 -24.24
N ALA G 258 21.07 -14.63 -23.69
CA ALA G 258 20.43 -13.69 -22.76
C ALA G 258 21.33 -13.34 -21.58
N MET G 259 21.91 -14.38 -20.97
CA MET G 259 22.83 -14.22 -19.83
C MET G 259 24.08 -13.44 -20.23
N ASN G 260 24.71 -13.86 -21.33
CA ASN G 260 25.86 -13.18 -21.90
C ASN G 260 25.60 -11.69 -22.12
N ASN G 261 24.51 -11.37 -22.79
CA ASN G 261 24.17 -9.97 -23.10
C ASN G 261 23.80 -9.15 -21.87
N ALA G 262 23.10 -9.75 -20.92
CA ALA G 262 22.84 -9.10 -19.63
C ALA G 262 24.13 -8.90 -18.84
N ASP G 263 25.02 -9.90 -18.89
CA ASP G 263 26.34 -9.78 -18.26
C ASP G 263 27.19 -8.70 -18.93
N GLY G 264 27.19 -8.69 -20.25
CA GLY G 264 27.95 -7.70 -21.02
C GLY G 264 27.48 -6.27 -20.79
N TYR G 265 26.16 -6.09 -20.77
CA TYR G 265 25.55 -4.78 -20.57
C TYR G 265 25.85 -4.23 -19.17
N ALA G 266 25.68 -5.08 -18.17
CA ALA G 266 25.87 -4.67 -16.76
C ALA G 266 27.32 -4.70 -16.27
N ASN G 267 28.12 -5.65 -16.77
CA ASN G 267 29.46 -5.94 -16.21
C ASN G 267 30.66 -5.80 -17.16
N ARG G 268 30.72 -6.62 -18.21
CA ARG G 268 31.88 -6.66 -19.13
C ARG G 268 32.18 -5.36 -19.87
N TRP G 269 31.15 -4.57 -20.16
CA TRP G 269 31.33 -3.26 -20.80
C TRP G 269 32.19 -2.30 -19.96
N PHE G 270 32.21 -2.52 -18.64
CA PHE G 270 32.95 -1.71 -17.67
C PHE G 270 34.23 -2.40 -17.16
N LEU G 271 34.20 -3.73 -17.03
CA LEU G 271 35.37 -4.50 -16.59
C LEU G 271 36.45 -4.63 -17.68
N ASP G 272 36.03 -4.95 -18.90
CA ASP G 272 36.97 -5.11 -20.02
C ASP G 272 37.86 -3.86 -20.25
N PRO G 273 37.26 -2.66 -20.39
CA PRO G 273 38.12 -1.47 -20.58
C PRO G 273 39.06 -1.17 -19.40
N ILE G 274 38.59 -1.42 -18.19
CA ILE G 274 39.35 -1.12 -16.98
C ILE G 274 40.55 -2.06 -16.79
N PHE G 275 40.38 -3.34 -17.12
CA PHE G 275 41.43 -4.36 -16.90
C PHE G 275 42.11 -4.90 -18.16
N LYS G 276 41.38 -4.99 -19.26
CA LYS G 276 41.92 -5.49 -20.54
C LYS G 276 42.33 -4.40 -21.54
N GLY G 277 41.87 -3.17 -21.32
CA GLY G 277 42.14 -2.07 -22.24
C GLY G 277 41.43 -2.21 -23.58
N GLN G 278 40.22 -2.78 -23.55
CA GLN G 278 39.37 -2.90 -24.74
C GLN G 278 37.90 -2.97 -24.34
N TYR G 279 37.01 -2.65 -25.28
CA TYR G 279 35.57 -2.90 -25.09
C TYR G 279 35.24 -4.29 -25.63
N PRO G 280 34.22 -4.97 -25.05
CA PRO G 280 33.81 -6.26 -25.60
C PRO G 280 33.11 -6.07 -26.93
N VAL G 281 33.59 -6.78 -27.96
CA VAL G 281 33.15 -6.56 -29.34
C VAL G 281 31.75 -7.12 -29.53
N ASP G 282 31.40 -8.13 -28.72
CA ASP G 282 30.06 -8.71 -28.81
C ASP G 282 28.97 -7.72 -28.38
N MET G 283 29.29 -6.85 -27.43
CA MET G 283 28.39 -5.76 -27.02
C MET G 283 28.46 -4.56 -27.96
N MET G 284 29.61 -4.32 -28.59
CA MET G 284 29.70 -3.29 -29.63
C MET G 284 28.75 -3.63 -30.78
N ASN G 285 28.77 -4.88 -31.21
CA ASN G 285 27.86 -5.38 -32.25
C ASN G 285 26.38 -5.38 -31.86
N LEU G 286 26.08 -5.69 -30.61
CA LEU G 286 24.72 -5.64 -30.11
C LEU G 286 24.21 -4.20 -30.04
N PHE G 287 25.05 -3.31 -29.52
CA PHE G 287 24.75 -1.88 -29.46
C PHE G 287 24.70 -1.16 -30.81
N SER G 288 25.24 -1.79 -31.87
CA SER G 288 25.19 -1.23 -33.22
C SER G 288 23.79 -1.13 -33.85
N LYS G 289 22.77 -1.62 -33.16
CA LYS G 289 21.38 -1.29 -33.48
C LYS G 289 21.06 0.17 -33.20
N TYR G 290 21.81 0.80 -32.29
CA TYR G 290 21.70 2.23 -32.02
C TYR G 290 22.98 3.05 -32.25
N VAL G 291 24.14 2.41 -32.14
CA VAL G 291 25.43 3.10 -32.12
C VAL G 291 26.17 2.75 -33.42
N HIS G 292 26.24 3.72 -34.34
CA HIS G 292 26.69 3.47 -35.72
C HIS G 292 28.08 4.00 -36.04
N THR G 293 28.78 4.43 -35.00
CA THR G 293 30.19 4.76 -35.12
C THR G 293 30.81 4.78 -33.72
N TYR G 294 32.03 4.27 -33.62
CA TYR G 294 32.77 4.25 -32.36
C TYR G 294 33.98 5.19 -32.39
N ASP G 295 33.92 6.24 -33.21
CA ASP G 295 35.00 7.22 -33.33
C ASP G 295 35.16 8.14 -32.11
N PHE G 296 34.15 8.18 -31.23
CA PHE G 296 34.30 8.80 -29.91
C PHE G 296 35.37 8.11 -29.03
N ILE G 297 35.67 6.84 -29.32
CA ILE G 297 36.84 6.18 -28.75
C ILE G 297 38.07 6.61 -29.56
N HIS G 298 38.79 7.60 -29.05
CA HIS G 298 40.03 8.07 -29.65
C HIS G 298 41.17 7.07 -29.41
N ALA G 299 42.24 7.22 -30.18
CA ALA G 299 43.46 6.45 -29.98
C ALA G 299 44.13 6.89 -28.67
N GLY G 300 44.62 5.92 -27.92
CA GLY G 300 45.23 6.16 -26.61
C GLY G 300 44.27 6.16 -25.42
N ASP G 301 42.96 6.25 -25.68
CA ASP G 301 41.94 6.32 -24.62
C ASP G 301 41.89 5.08 -23.75
N LEU G 302 41.78 3.93 -24.40
CA LEU G 302 41.70 2.65 -23.70
C LEU G 302 42.92 2.28 -22.85
N ALA G 303 44.11 2.75 -23.26
CA ALA G 303 45.34 2.59 -22.47
C ALA G 303 45.29 3.45 -21.21
N THR G 304 44.78 4.67 -21.35
CA THR G 304 44.55 5.58 -20.22
C THR G 304 43.51 4.97 -19.26
N ILE G 305 42.36 4.56 -19.82
CA ILE G 305 41.28 3.94 -19.04
C ILE G 305 41.78 2.75 -18.21
N SER G 306 42.64 1.93 -18.82
CA SER G 306 43.21 0.73 -18.19
C SER G 306 44.50 0.98 -17.37
N THR G 307 44.74 2.22 -16.96
CA THR G 307 45.94 2.55 -16.17
C THR G 307 45.89 1.78 -14.83
N PRO G 308 47.04 1.24 -14.38
CA PRO G 308 46.96 0.37 -13.18
C PRO G 308 46.62 1.12 -11.91
N CYS G 309 45.78 0.49 -11.08
CA CYS G 309 45.28 1.08 -9.85
C CYS G 309 45.79 0.31 -8.65
N ASP G 310 45.61 0.90 -7.47
CA ASP G 310 46.06 0.32 -6.20
C ASP G 310 45.10 -0.74 -5.68
N PHE G 311 43.80 -0.52 -5.91
CA PHE G 311 42.75 -1.46 -5.51
C PHE G 311 41.60 -1.46 -6.50
N PHE G 312 40.72 -2.45 -6.38
CA PHE G 312 39.45 -2.48 -7.12
C PHE G 312 38.28 -2.32 -6.15
N GLY G 313 37.34 -1.45 -6.50
CA GLY G 313 36.14 -1.20 -5.70
C GLY G 313 34.92 -1.89 -6.29
N ILE G 314 34.18 -2.62 -5.46
CA ILE G 314 32.95 -3.31 -5.86
C ILE G 314 31.78 -2.88 -4.98
N ASN G 315 30.71 -2.40 -5.64
CA ASN G 315 29.41 -2.22 -5.01
C ASN G 315 28.53 -3.40 -5.39
N PHE G 316 28.23 -4.25 -4.42
CA PHE G 316 27.40 -5.43 -4.66
C PHE G 316 26.09 -5.35 -3.88
N TYR G 317 25.03 -5.87 -4.51
CA TYR G 317 23.69 -5.89 -3.93
C TYR G 317 22.96 -7.20 -4.20
N SER G 318 22.93 -7.61 -5.46
CA SER G 318 22.20 -8.82 -5.85
C SER G 318 22.61 -9.37 -7.21
N ARG G 319 22.06 -10.54 -7.52
CA ARG G 319 22.12 -11.16 -8.85
C ARG G 319 20.90 -10.76 -9.68
N ASN G 320 20.92 -11.16 -10.95
CA ASN G 320 19.73 -11.13 -11.80
C ASN G 320 19.58 -12.41 -12.57
N LEU G 321 18.42 -13.06 -12.45
CA LEU G 321 18.08 -14.22 -13.25
C LEU G 321 17.39 -13.73 -14.53
N VAL G 322 17.88 -14.18 -15.68
CA VAL G 322 17.38 -13.71 -16.97
C VAL G 322 17.00 -14.86 -17.88
N GLU G 323 16.09 -14.58 -18.81
CA GLU G 323 15.75 -15.48 -19.91
C GLU G 323 15.74 -14.72 -21.22
N PHE G 324 15.64 -15.45 -22.32
CA PHE G 324 15.71 -14.89 -23.66
C PHE G 324 14.40 -14.17 -24.04
N SER G 325 14.54 -13.15 -24.88
CA SER G 325 13.40 -12.40 -25.40
C SER G 325 13.65 -11.99 -26.84
N ALA G 326 12.94 -12.63 -27.77
CA ALA G 326 12.98 -12.29 -29.19
C ALA G 326 12.56 -10.85 -29.52
N ALA G 327 11.67 -10.29 -28.70
CA ALA G 327 11.18 -8.90 -28.85
C ALA G 327 12.12 -7.85 -28.26
N SER G 328 13.09 -8.28 -27.45
CA SER G 328 14.10 -7.40 -26.87
C SER G 328 15.21 -7.09 -27.88
N ASP G 329 15.65 -5.83 -27.88
CA ASP G 329 16.80 -5.40 -28.70
C ASP G 329 18.10 -6.07 -28.26
N PHE G 330 18.31 -6.16 -26.95
CA PHE G 330 19.49 -6.82 -26.36
C PHE G 330 19.25 -8.29 -25.95
N LEU G 331 18.16 -8.87 -26.47
CA LEU G 331 17.88 -10.31 -26.43
C LEU G 331 17.61 -10.94 -25.05
N HIS G 332 17.30 -10.11 -24.05
CA HIS G 332 17.06 -10.62 -22.69
C HIS G 332 16.01 -9.84 -21.92
N LYS G 333 15.38 -10.54 -20.97
CA LYS G 333 14.42 -9.95 -20.04
C LYS G 333 14.55 -10.64 -18.68
N ASP G 334 14.01 -9.99 -17.65
CA ASP G 334 14.05 -10.55 -16.30
C ASP G 334 13.15 -11.77 -16.18
N ALA G 335 13.68 -12.82 -15.55
CA ALA G 335 12.98 -14.07 -15.34
C ALA G 335 12.53 -14.15 -13.88
N TYR G 336 11.48 -14.92 -13.63
CA TYR G 336 10.91 -15.03 -12.29
C TYR G 336 11.91 -15.65 -11.31
N SER G 337 12.10 -14.98 -10.17
CA SER G 337 12.98 -15.44 -9.11
C SER G 337 12.16 -15.96 -7.94
N ASP G 338 12.50 -17.17 -7.47
CA ASP G 338 11.91 -17.72 -6.25
C ASP G 338 12.74 -17.46 -4.97
N TYR G 339 13.79 -16.67 -5.09
CA TYR G 339 14.67 -16.34 -3.96
C TYR G 339 13.96 -15.47 -2.91
N ASP G 340 14.54 -15.43 -1.71
CA ASP G 340 14.13 -14.46 -0.69
C ASP G 340 14.53 -13.08 -1.17
N LYS G 341 13.68 -12.09 -0.87
CA LYS G 341 13.84 -10.75 -1.41
C LYS G 341 13.87 -9.66 -0.35
N THR G 342 14.59 -8.59 -0.66
CA THR G 342 14.68 -7.41 0.20
C THR G 342 13.39 -6.60 0.05
N GLY G 343 13.33 -5.45 0.72
CA GLY G 343 12.24 -4.48 0.53
C GLY G 343 12.18 -3.89 -0.88
N MET G 344 13.32 -3.90 -1.60
CA MET G 344 13.38 -3.44 -2.99
C MET G 344 12.85 -4.46 -4.00
N GLY G 345 12.56 -5.68 -3.55
CA GLY G 345 12.27 -6.81 -4.43
C GLY G 345 13.51 -7.45 -5.05
N TRP G 346 14.69 -7.09 -4.54
CA TRP G 346 15.96 -7.60 -5.06
C TRP G 346 16.26 -8.94 -4.39
N ASP G 347 16.90 -9.85 -5.13
CA ASP G 347 17.30 -11.15 -4.58
C ASP G 347 18.37 -10.99 -3.51
N ILE G 348 18.24 -11.79 -2.46
CA ILE G 348 19.29 -11.94 -1.44
C ILE G 348 20.15 -13.08 -1.96
N ALA G 349 21.39 -12.77 -2.32
CA ALA G 349 22.22 -13.66 -3.17
C ALA G 349 23.70 -13.71 -2.76
N PRO G 350 23.99 -14.27 -1.57
CA PRO G 350 25.38 -14.38 -1.10
C PRO G 350 26.22 -15.45 -1.82
N SER G 351 25.57 -16.53 -2.28
CA SER G 351 26.25 -17.55 -3.10
C SER G 351 26.69 -17.00 -4.46
N GLU G 352 25.87 -16.15 -5.07
CA GLU G 352 26.18 -15.54 -6.37
C GLU G 352 27.25 -14.46 -6.23
N PHE G 353 27.31 -13.83 -5.07
CA PHE G 353 28.41 -12.93 -4.69
C PHE G 353 29.78 -13.63 -4.70
N LYS G 354 29.81 -14.88 -4.22
CA LYS G 354 31.03 -15.70 -4.23
C LYS G 354 31.46 -16.08 -5.65
N ASP G 355 30.50 -16.42 -6.51
CA ASP G 355 30.77 -16.69 -7.93
C ASP G 355 31.43 -15.49 -8.61
N LEU G 356 30.90 -14.31 -8.36
CA LEU G 356 31.41 -13.05 -8.93
C LEU G 356 32.87 -12.79 -8.56
N ILE G 357 33.21 -12.96 -7.29
CA ILE G 357 34.58 -12.69 -6.81
C ILE G 357 35.58 -13.70 -7.41
N ARG G 358 35.20 -14.97 -7.44
CA ARG G 358 36.00 -16.03 -8.08
C ARG G 358 36.24 -15.75 -9.57
N ARG G 359 35.19 -15.30 -10.25
CA ARG G 359 35.26 -14.93 -11.67
C ARG G 359 36.25 -13.80 -11.93
N LEU G 360 36.23 -12.79 -11.06
CA LEU G 360 37.14 -11.64 -11.18
C LEU G 360 38.61 -12.02 -11.03
N ARG G 361 38.92 -12.89 -10.06
CA ARG G 361 40.28 -13.42 -9.88
C ARG G 361 40.72 -14.33 -11.03
N ALA G 362 39.79 -15.14 -11.54
CA ALA G 362 40.05 -16.03 -12.68
C ALA G 362 40.26 -15.28 -14.00
N GLU G 363 39.45 -14.24 -14.26
CA GLU G 363 39.41 -13.57 -15.58
C GLU G 363 40.01 -12.16 -15.68
N TYR G 364 39.99 -11.40 -14.58
CA TYR G 364 40.20 -9.95 -14.66
C TYR G 364 41.37 -9.38 -13.87
N THR G 365 41.30 -9.53 -12.55
CA THR G 365 42.19 -8.80 -11.65
C THR G 365 42.59 -9.62 -10.42
N ASP G 366 43.78 -9.35 -9.92
CA ASP G 366 44.26 -9.90 -8.64
C ASP G 366 44.71 -8.76 -7.72
N LEU G 367 44.10 -7.58 -7.89
CA LEU G 367 44.31 -6.44 -7.00
C LEU G 367 43.49 -6.69 -5.72
N PRO G 368 43.84 -5.99 -4.62
CA PRO G 368 43.02 -6.12 -3.41
C PRO G 368 41.63 -5.52 -3.62
N ILE G 369 40.60 -6.34 -3.37
CA ILE G 369 39.20 -5.93 -3.55
C ILE G 369 38.65 -5.33 -2.26
N TYR G 370 37.96 -4.20 -2.39
CA TYR G 370 37.20 -3.57 -1.31
C TYR G 370 35.73 -3.56 -1.68
N ILE G 371 34.88 -4.15 -0.84
CA ILE G 371 33.44 -4.06 -1.00
C ILE G 371 33.03 -2.67 -0.51
N THR G 372 33.01 -1.72 -1.45
CA THR G 372 32.79 -0.30 -1.14
C THR G 372 31.32 0.04 -0.86
N GLU G 373 30.39 -0.79 -1.34
CA GLU G 373 29.00 -0.78 -0.86
C GLU G 373 28.44 -2.20 -0.79
N ASN G 374 27.80 -2.50 0.33
CA ASN G 374 26.88 -3.64 0.44
C ASN G 374 25.86 -3.32 1.54
N GLY G 375 24.60 -3.67 1.27
CA GLY G 375 23.53 -3.42 2.23
C GLY G 375 22.17 -3.76 1.67
N ALA G 376 21.13 -3.39 2.41
CA ALA G 376 19.76 -3.74 2.01
C ALA G 376 18.69 -2.85 2.64
N ALA G 377 17.61 -2.67 1.90
CA ALA G 377 16.46 -1.91 2.34
C ALA G 377 15.35 -2.86 2.75
N PHE G 378 14.81 -2.64 3.94
CA PHE G 378 13.67 -3.38 4.45
C PHE G 378 12.69 -2.39 5.08
N ASP G 379 11.45 -2.85 5.25
CA ASP G 379 10.37 -2.03 5.75
C ASP G 379 10.55 -1.82 7.26
N ASP G 380 11.31 -0.80 7.62
CA ASP G 380 11.70 -0.55 9.02
C ASP G 380 10.61 0.21 9.77
N GLN G 381 10.22 -0.33 10.91
CA GLN G 381 9.20 0.27 11.79
C GLN G 381 9.85 0.71 13.10
N LEU G 382 9.71 1.99 13.43
CA LEU G 382 10.16 2.54 14.72
C LEU G 382 9.10 2.28 15.80
N VAL G 383 9.44 1.43 16.76
CA VAL G 383 8.53 1.03 17.84
C VAL G 383 9.21 1.20 19.20
N ASP G 384 8.72 2.14 20.00
CA ASP G 384 9.17 2.35 21.39
C ASP G 384 10.67 2.70 21.47
N GLY G 385 11.12 3.55 20.54
CA GLY G 385 12.51 3.99 20.49
C GLY G 385 13.54 2.98 20.00
N LYS G 386 13.07 1.89 19.39
CA LYS G 386 13.91 0.84 18.82
C LYS G 386 13.45 0.44 17.41
N ILE G 387 14.42 0.11 16.56
CA ILE G 387 14.14 -0.46 15.23
C ILE G 387 14.67 -1.88 15.22
N HIS G 388 13.77 -2.85 15.08
CA HIS G 388 14.13 -4.28 15.09
C HIS G 388 14.35 -4.81 13.68
N ASP G 389 15.48 -4.43 13.08
CA ASP G 389 15.81 -4.81 11.70
C ASP G 389 16.71 -6.05 11.64
N GLN G 390 16.12 -7.17 12.08
CA GLN G 390 16.77 -8.48 12.09
C GLN G 390 16.99 -8.97 10.66
N ASN G 391 16.06 -8.62 9.77
CA ASN G 391 16.21 -8.84 8.32
C ASN G 391 17.47 -8.24 7.71
N ARG G 392 17.79 -7.00 8.07
CA ARG G 392 19.04 -6.34 7.62
C ARG G 392 20.26 -7.02 8.24
N ILE G 393 20.18 -7.28 9.55
CA ILE G 393 21.20 -8.04 10.28
C ILE G 393 21.53 -9.38 9.62
N ASP G 394 20.48 -10.11 9.24
CA ASP G 394 20.62 -11.37 8.50
C ASP G 394 21.32 -11.17 7.16
N TYR G 395 20.87 -10.16 6.40
CA TYR G 395 21.43 -9.87 5.07
C TYR G 395 22.93 -9.61 5.11
N VAL G 396 23.34 -8.71 6.01
CA VAL G 396 24.75 -8.33 6.18
C VAL G 396 25.61 -9.51 6.68
N ALA G 397 25.05 -10.28 7.61
CA ALA G 397 25.74 -11.44 8.20
C ALA G 397 26.07 -12.54 7.19
N GLN G 398 25.14 -12.82 6.27
CA GLN G 398 25.37 -13.78 5.19
C GLN G 398 26.48 -13.34 4.23
N HIS G 399 26.53 -12.04 3.94
CA HIS G 399 27.54 -11.48 3.04
C HIS G 399 28.92 -11.35 3.70
N LEU G 400 28.94 -11.01 4.99
CA LEU G 400 30.18 -11.02 5.78
C LEU G 400 30.72 -12.44 6.00
N GLN G 401 29.81 -13.42 6.07
CA GLN G 401 30.20 -14.84 6.11
C GLN G 401 30.83 -15.27 4.79
N ALA G 402 30.24 -14.82 3.68
CA ALA G 402 30.76 -15.08 2.34
C ALA G 402 32.16 -14.49 2.14
N VAL G 403 32.35 -13.23 2.55
CA VAL G 403 33.66 -12.56 2.51
C VAL G 403 34.72 -13.35 3.25
N SER G 404 34.40 -13.75 4.48
CA SER G 404 35.27 -14.57 5.33
C SER G 404 35.64 -15.89 4.66
N ASP G 405 34.63 -16.59 4.14
CA ASP G 405 34.84 -17.82 3.36
C ASP G 405 35.70 -17.60 2.12
N LEU G 406 35.51 -16.46 1.43
CA LEU G 406 36.29 -16.12 0.23
C LEU G 406 37.76 -15.80 0.57
N ASN G 407 37.99 -15.07 1.64
CA ASN G 407 39.34 -14.80 2.14
C ASN G 407 40.07 -16.02 2.70
N ASP G 408 39.31 -17.02 3.14
CA ASP G 408 39.88 -18.34 3.47
C ASP G 408 40.37 -19.09 2.21
N GLU G 409 39.85 -18.74 1.04
CA GLU G 409 40.28 -19.31 -0.25
C GLU G 409 41.34 -18.48 -0.98
N GLY G 410 41.84 -17.41 -0.35
CA GLY G 410 42.84 -16.53 -0.95
C GLY G 410 42.29 -15.61 -2.05
N MET G 411 41.04 -15.16 -1.89
CA MET G 411 40.43 -14.19 -2.82
C MET G 411 40.72 -12.73 -2.45
N ASN G 412 41.39 -12.51 -1.32
CA ASN G 412 41.98 -11.20 -0.97
C ASN G 412 40.97 -10.05 -1.05
N ILE G 413 39.93 -10.16 -0.23
CA ILE G 413 38.95 -9.10 -0.02
C ILE G 413 39.44 -8.29 1.18
N ALA G 414 39.98 -7.11 0.90
CA ALA G 414 40.68 -6.31 1.89
C ALA G 414 39.75 -5.53 2.83
N GLY G 415 38.58 -5.12 2.34
CA GLY G 415 37.67 -4.30 3.15
C GLY G 415 36.20 -4.39 2.79
N TYR G 416 35.37 -4.04 3.78
CA TYR G 416 33.91 -4.10 3.68
C TYR G 416 33.29 -2.82 4.24
N TYR G 417 32.61 -2.07 3.37
CA TYR G 417 31.89 -0.86 3.76
C TYR G 417 30.39 -1.14 3.74
N LEU G 418 29.73 -0.96 4.89
CA LEU G 418 28.30 -1.20 5.02
C LEU G 418 27.53 0.01 4.50
N TRP G 419 26.74 -0.19 3.45
CA TRP G 419 25.84 0.84 2.94
C TRP G 419 24.49 0.73 3.65
N SER G 420 23.98 1.76 4.30
CA SER G 420 24.59 3.08 4.49
C SER G 420 24.66 3.38 5.98
N LEU G 421 25.43 4.40 6.33
CA LEU G 421 25.49 4.88 7.71
C LEU G 421 24.10 5.34 8.17
N LEU G 422 23.51 6.25 7.39
CA LEU G 422 22.21 6.85 7.71
C LEU G 422 21.14 6.42 6.71
N ASP G 423 19.89 6.48 7.14
CA ASP G 423 18.75 6.48 6.22
C ASP G 423 18.84 7.78 5.44
N ASN G 424 18.77 7.70 4.12
CA ASN G 424 19.06 8.85 3.27
C ASN G 424 18.13 8.96 2.07
N PHE G 425 18.31 10.02 1.29
CA PHE G 425 17.62 10.20 0.02
C PHE G 425 18.05 9.08 -0.93
N GLU G 426 17.14 8.18 -1.26
CA GLU G 426 17.44 7.00 -2.07
C GLU G 426 17.09 7.17 -3.57
N TRP G 427 17.59 8.26 -4.14
CA TRP G 427 17.54 8.52 -5.57
C TRP G 427 16.09 8.55 -6.10
N SER G 428 15.74 7.74 -7.11
CA SER G 428 14.39 7.80 -7.68
C SER G 428 13.29 7.29 -6.74
N PHE G 429 13.66 6.54 -5.71
CA PHE G 429 12.74 6.11 -4.64
C PHE G 429 12.55 7.13 -3.51
N GLY G 430 13.43 8.12 -3.44
CA GLY G 430 13.33 9.18 -2.42
C GLY G 430 13.56 8.64 -1.02
N TYR G 431 12.76 9.14 -0.07
CA TYR G 431 12.78 8.68 1.32
C TYR G 431 11.82 7.51 1.63
N ASP G 432 11.23 6.92 0.59
CA ASP G 432 10.38 5.73 0.72
C ASP G 432 11.16 4.45 1.07
N LYS G 433 12.46 4.44 0.78
CA LYS G 433 13.32 3.29 1.09
C LYS G 433 14.42 3.67 2.06
N ARG G 434 14.66 2.79 3.04
CA ARG G 434 15.62 3.02 4.11
C ARG G 434 16.70 1.95 4.06
N PHE G 435 17.92 2.37 3.72
CA PHE G 435 19.10 1.48 3.68
C PHE G 435 19.97 1.57 4.93
N GLY G 436 19.73 2.58 5.77
CA GLY G 436 20.65 2.92 6.85
C GLY G 436 20.74 1.89 7.96
N ILE G 437 21.85 1.91 8.69
CA ILE G 437 21.98 1.20 9.97
C ILE G 437 21.59 2.12 11.13
N ILE G 438 21.69 3.43 10.91
CA ILE G 438 21.12 4.42 11.83
C ILE G 438 19.83 4.96 11.22
N TYR G 439 18.77 4.95 12.03
CA TYR G 439 17.46 5.48 11.63
C TYR G 439 17.51 7.01 11.67
N VAL G 440 16.81 7.63 10.73
CA VAL G 440 16.69 9.08 10.69
C VAL G 440 15.22 9.45 10.60
N ASP G 441 14.73 10.15 11.61
CA ASP G 441 13.45 10.83 11.54
C ASP G 441 13.69 12.13 10.76
N PHE G 442 13.24 12.18 9.51
CA PHE G 442 13.45 13.35 8.65
C PHE G 442 12.59 14.57 9.00
N ASP G 443 11.63 14.41 9.90
CA ASP G 443 10.91 15.55 10.49
C ASP G 443 11.81 16.32 11.45
N THR G 444 12.36 15.60 12.43
CA THR G 444 13.14 16.19 13.53
C THR G 444 14.66 16.12 13.36
N GLN G 445 15.12 15.37 12.35
CA GLN G 445 16.55 15.05 12.14
C GLN G 445 17.22 14.26 13.28
N GLU G 446 16.41 13.52 14.04
CA GLU G 446 16.91 12.70 15.15
C GLU G 446 17.53 11.40 14.62
N ARG G 447 18.76 11.12 15.05
CA ARG G 447 19.43 9.85 14.75
C ARG G 447 19.10 8.83 15.84
N ILE G 448 18.60 7.66 15.44
CA ILE G 448 18.30 6.56 16.37
C ILE G 448 18.94 5.28 15.84
N TRP G 449 19.89 4.73 16.60
CA TRP G 449 20.57 3.50 16.21
C TRP G 449 19.60 2.33 16.04
N LYS G 450 19.61 1.70 14.88
CA LYS G 450 18.85 0.48 14.66
C LYS G 450 19.59 -0.67 15.35
N ASP G 451 18.94 -1.82 15.42
CA ASP G 451 19.58 -3.01 15.98
C ASP G 451 20.83 -3.41 15.18
N SER G 452 20.76 -3.26 13.85
CA SER G 452 21.89 -3.54 12.96
C SER G 452 23.14 -2.73 13.30
N ALA G 453 22.95 -1.47 13.70
CA ALA G 453 24.07 -0.60 14.07
C ALA G 453 24.79 -1.09 15.34
N HIS G 454 24.02 -1.47 16.35
CA HIS G 454 24.56 -2.09 17.58
C HIS G 454 25.26 -3.40 17.25
N TRP G 455 24.59 -4.24 16.47
CA TRP G 455 25.15 -5.52 15.99
C TRP G 455 26.48 -5.33 15.24
N TYR G 456 26.50 -4.36 14.32
CA TYR G 456 27.69 -4.08 13.49
C TYR G 456 28.86 -3.52 14.31
N ALA G 457 28.55 -2.67 15.28
CA ALA G 457 29.57 -2.12 16.18
C ALA G 457 30.26 -3.21 16.98
N ASN G 458 29.50 -4.23 17.36
CA ASN G 458 30.03 -5.37 18.11
C ASN G 458 30.74 -6.42 17.24
N VAL G 459 30.34 -6.57 15.98
CA VAL G 459 31.14 -7.38 15.02
C VAL G 459 32.52 -6.75 14.82
N ILE G 460 32.56 -5.42 14.77
CA ILE G 460 33.82 -4.67 14.66
C ILE G 460 34.63 -4.74 15.96
N GLN G 461 33.96 -4.58 17.11
CA GLN G 461 34.62 -4.66 18.41
C GLN G 461 35.11 -6.07 18.73
N THR G 462 34.32 -7.07 18.32
CA THR G 462 34.67 -8.49 18.46
C THR G 462 35.87 -8.89 17.59
N HIS G 463 36.00 -8.25 16.43
CA HIS G 463 37.16 -8.44 15.55
C HIS G 463 38.50 -8.12 16.26
N LYS G 464 38.45 -7.20 17.21
CA LYS G 464 39.62 -6.76 17.99
C LYS G 464 39.66 -7.47 19.36
N PHE H 26 59.53 -29.88 -51.31
CA PHE H 26 58.36 -30.57 -50.66
C PHE H 26 58.75 -31.92 -50.08
N ALA H 27 58.03 -32.33 -49.03
CA ALA H 27 58.29 -33.59 -48.32
C ALA H 27 57.85 -34.80 -49.14
N PRO H 28 58.44 -36.00 -48.88
CA PRO H 28 58.13 -37.18 -49.72
C PRO H 28 56.67 -37.66 -49.66
N ASN H 29 56.00 -37.42 -48.53
CA ASN H 29 54.59 -37.77 -48.35
C ASN H 29 53.59 -36.76 -48.93
N PHE H 30 54.08 -35.60 -49.36
CA PHE H 30 53.23 -34.53 -49.90
C PHE H 30 52.43 -35.00 -51.12
N VAL H 31 51.17 -34.60 -51.17
CA VAL H 31 50.23 -35.01 -52.20
C VAL H 31 49.94 -33.84 -53.13
N PHE H 32 50.27 -34.01 -54.41
CA PHE H 32 49.83 -33.09 -55.45
C PHE H 32 48.54 -33.65 -56.03
N GLY H 33 47.61 -32.75 -56.35
CA GLY H 33 46.34 -33.14 -56.92
C GLY H 33 45.73 -32.10 -57.83
N THR H 34 44.63 -32.49 -58.45
CA THR H 34 43.75 -31.57 -59.15
C THR H 34 42.31 -31.89 -58.76
N ALA H 35 41.39 -30.99 -59.09
CA ALA H 35 40.03 -31.06 -58.59
C ALA H 35 38.96 -30.57 -59.58
N THR H 36 37.77 -31.16 -59.47
CA THR H 36 36.57 -30.73 -60.20
C THR H 36 35.33 -30.84 -59.30
N SER H 37 34.16 -30.47 -59.84
CA SER H 37 32.88 -30.77 -59.21
C SER H 37 31.88 -31.23 -60.26
N SER H 38 30.95 -32.10 -59.84
CA SER H 38 30.01 -32.79 -60.72
C SER H 38 29.26 -31.88 -61.70
N TYR H 39 28.46 -30.96 -61.17
CA TYR H 39 27.64 -30.08 -62.01
C TYR H 39 28.45 -29.18 -62.95
N GLN H 40 29.65 -28.78 -62.51
CA GLN H 40 30.53 -27.95 -63.32
C GLN H 40 31.06 -28.64 -64.58
N ILE H 41 31.26 -29.97 -64.51
CA ILE H 41 31.87 -30.75 -65.61
C ILE H 41 30.98 -31.80 -66.29
N GLU H 42 30.18 -32.53 -65.51
CA GLU H 42 29.49 -33.75 -65.98
C GLU H 42 28.61 -33.55 -67.20
N GLY H 43 27.69 -32.60 -67.11
CA GLY H 43 26.64 -32.47 -68.10
C GLY H 43 25.68 -33.65 -68.01
N ALA H 44 25.02 -33.96 -69.12
CA ALA H 44 24.05 -35.05 -69.18
C ALA H 44 23.01 -35.02 -68.03
N HIS H 45 22.62 -33.79 -67.67
CA HIS H 45 21.65 -33.45 -66.60
C HIS H 45 20.49 -34.42 -66.29
N ASP H 46 19.79 -34.86 -67.32
CA ASP H 46 18.66 -35.80 -67.12
C ASP H 46 19.10 -37.27 -67.11
N GLU H 47 20.08 -37.57 -67.94
CA GLU H 47 20.57 -38.93 -68.21
C GLU H 47 21.00 -39.67 -66.94
N GLY H 48 20.79 -40.98 -66.92
CA GLY H 48 21.13 -41.83 -65.77
C GLY H 48 20.17 -41.75 -64.60
N GLY H 49 18.94 -41.35 -64.86
CA GLY H 49 17.92 -41.19 -63.82
C GLY H 49 18.19 -40.03 -62.87
N ARG H 50 18.93 -39.02 -63.34
CA ARG H 50 19.26 -37.85 -62.53
C ARG H 50 18.10 -36.88 -62.60
N THR H 51 17.65 -36.39 -61.44
CA THR H 51 16.63 -35.34 -61.38
C THR H 51 17.29 -33.96 -61.34
N PRO H 52 16.49 -32.90 -61.63
CA PRO H 52 17.01 -31.54 -61.53
C PRO H 52 17.52 -31.16 -60.14
N SER H 53 18.44 -30.20 -60.12
CA SER H 53 18.99 -29.64 -58.90
C SER H 53 18.57 -28.18 -58.84
N ILE H 54 18.88 -27.54 -57.72
CA ILE H 54 18.64 -26.09 -57.58
C ILE H 54 19.38 -25.29 -58.65
N TRP H 55 20.61 -25.70 -58.98
CA TRP H 55 21.41 -25.01 -60.01
C TRP H 55 20.80 -25.08 -61.41
N ASP H 56 20.20 -26.21 -61.78
CA ASP H 56 19.52 -26.33 -63.08
C ASP H 56 18.40 -25.31 -63.23
N THR H 57 17.57 -25.21 -62.20
CA THR H 57 16.49 -24.21 -62.13
C THR H 57 17.00 -22.78 -61.93
N PHE H 58 18.05 -22.64 -61.11
CA PHE H 58 18.68 -21.36 -60.82
C PHE H 58 19.35 -20.74 -62.05
N CYS H 59 19.93 -21.58 -62.90
CA CYS H 59 20.51 -21.14 -64.18
C CYS H 59 19.46 -20.63 -65.18
N ASP H 60 18.26 -21.22 -65.14
CA ASP H 60 17.14 -20.82 -66.00
C ASP H 60 16.38 -19.59 -65.46
N THR H 61 16.49 -19.32 -64.16
CA THR H 61 15.94 -18.09 -63.59
C THR H 61 16.62 -16.89 -64.24
N ASP H 62 15.82 -15.90 -64.63
CA ASP H 62 16.31 -14.73 -65.38
C ASP H 62 17.17 -13.80 -64.53
N GLY H 63 18.36 -13.49 -65.04
CA GLY H 63 19.29 -12.54 -64.41
C GLY H 63 20.25 -13.11 -63.36
N LYS H 64 20.19 -14.42 -63.13
CA LYS H 64 20.99 -15.07 -62.09
C LYS H 64 22.37 -15.55 -62.56
N VAL H 65 22.43 -16.06 -63.78
CA VAL H 65 23.67 -16.61 -64.36
C VAL H 65 23.99 -15.88 -65.68
N PHE H 66 25.28 -15.76 -65.97
CA PHE H 66 25.80 -15.12 -67.17
C PHE H 66 25.15 -15.71 -68.44
N GLU H 67 24.45 -14.85 -69.18
CA GLU H 67 23.82 -15.19 -70.46
C GLU H 67 23.05 -16.51 -70.49
N LYS H 68 22.32 -16.79 -69.42
CA LYS H 68 21.51 -18.02 -69.28
C LYS H 68 22.28 -19.35 -69.45
N HIS H 69 23.60 -19.33 -69.18
CA HIS H 69 24.43 -20.53 -69.33
C HIS H 69 24.09 -21.55 -68.25
N ASN H 70 24.21 -22.83 -68.59
CA ASN H 70 23.83 -23.92 -67.69
C ASN H 70 24.80 -25.09 -67.75
N GLY H 71 24.59 -26.07 -66.88
CA GLY H 71 25.37 -27.31 -66.86
C GLY H 71 24.65 -28.49 -67.49
N ASP H 72 24.01 -28.26 -68.64
CA ASP H 72 23.33 -29.32 -69.40
C ASP H 72 24.36 -30.22 -70.06
N VAL H 73 25.28 -29.60 -70.79
CA VAL H 73 26.37 -30.29 -71.50
C VAL H 73 27.69 -30.16 -70.73
N ALA H 74 28.07 -28.92 -70.41
CA ALA H 74 29.28 -28.61 -69.61
C ALA H 74 30.57 -29.14 -70.26
N CYS H 75 31.34 -29.97 -69.58
CA CYS H 75 32.50 -30.66 -70.19
C CYS H 75 32.16 -32.08 -70.68
N ASP H 76 30.88 -32.45 -70.69
CA ASP H 76 30.42 -33.77 -71.15
C ASP H 76 31.20 -34.91 -70.49
N HIS H 77 31.59 -34.69 -69.23
CA HIS H 77 32.51 -35.57 -68.53
C HIS H 77 31.85 -36.89 -68.14
N TYR H 78 30.53 -36.87 -67.95
CA TYR H 78 29.75 -38.09 -67.72
C TYR H 78 29.98 -39.12 -68.82
N HIS H 79 30.01 -38.64 -70.07
CA HIS H 79 30.25 -39.49 -71.25
C HIS H 79 31.74 -39.67 -71.62
N ARG H 80 32.60 -38.78 -71.15
CA ARG H 80 34.01 -38.72 -71.57
C ARG H 80 35.02 -38.94 -70.45
N PHE H 81 34.57 -39.49 -69.32
CA PHE H 81 35.44 -39.72 -68.16
C PHE H 81 36.69 -40.57 -68.43
N GLU H 82 36.65 -41.45 -69.44
CA GLU H 82 37.83 -42.24 -69.84
C GLU H 82 38.94 -41.35 -70.38
N GLU H 83 38.61 -40.47 -71.32
CA GLU H 83 39.56 -39.48 -71.85
C GLU H 83 40.16 -38.66 -70.70
N ASP H 84 39.30 -38.10 -69.87
CA ASP H 84 39.71 -37.25 -68.75
C ASP H 84 40.53 -37.97 -67.69
N ILE H 85 40.29 -39.27 -67.51
CA ILE H 85 41.15 -40.11 -66.65
C ILE H 85 42.58 -40.18 -67.21
N GLN H 86 42.72 -40.28 -68.54
CA GLN H 86 44.05 -40.32 -69.17
C GLN H 86 44.80 -39.00 -69.03
N HIS H 87 44.09 -37.88 -69.21
CA HIS H 87 44.64 -36.54 -68.93
C HIS H 87 45.14 -36.42 -67.47
N ILE H 88 44.35 -36.94 -66.53
CA ILE H 88 44.72 -36.94 -65.10
C ILE H 88 45.92 -37.84 -64.82
N LYS H 89 45.91 -39.02 -65.45
CA LYS H 89 47.04 -39.96 -65.40
C LYS H 89 48.31 -39.32 -65.97
N GLN H 90 48.17 -38.63 -67.10
CA GLN H 90 49.29 -37.95 -67.76
C GLN H 90 49.86 -36.77 -66.95
N LEU H 91 49.00 -36.10 -66.18
CA LEU H 91 49.45 -35.05 -65.24
C LEU H 91 50.32 -35.57 -64.10
N GLY H 92 50.19 -36.85 -63.78
CA GLY H 92 50.99 -37.49 -62.74
C GLY H 92 50.56 -37.16 -61.32
N VAL H 93 49.37 -36.58 -61.17
CA VAL H 93 48.83 -36.24 -59.85
C VAL H 93 48.64 -37.47 -58.96
N ASP H 94 48.98 -37.32 -57.68
CA ASP H 94 48.78 -38.39 -56.68
C ASP H 94 47.29 -38.62 -56.42
N THR H 95 46.52 -37.54 -56.40
CA THR H 95 45.10 -37.54 -56.02
C THR H 95 44.25 -36.79 -57.05
N TYR H 96 43.04 -37.29 -57.29
CA TYR H 96 42.01 -36.58 -58.07
C TYR H 96 40.78 -36.37 -57.20
N ARG H 97 40.46 -35.11 -56.93
CA ARG H 97 39.28 -34.75 -56.16
C ARG H 97 38.10 -34.48 -57.11
N PHE H 98 37.01 -35.23 -56.93
CA PHE H 98 35.76 -34.96 -57.62
C PHE H 98 34.61 -34.98 -56.61
N SER H 99 33.42 -34.62 -57.08
CA SER H 99 32.23 -34.65 -56.25
C SER H 99 31.14 -35.57 -56.82
N ILE H 100 30.30 -36.08 -55.92
CA ILE H 100 29.15 -36.91 -56.26
C ILE H 100 27.91 -36.03 -56.26
N ALA H 101 27.18 -36.06 -57.37
CA ALA H 101 25.93 -35.33 -57.51
C ALA H 101 24.85 -36.03 -56.70
N TRP H 102 24.18 -35.25 -55.84
CA TRP H 102 23.05 -35.75 -55.05
C TRP H 102 21.87 -36.19 -55.93
N PRO H 103 21.51 -35.40 -56.96
CA PRO H 103 20.36 -35.83 -57.79
C PRO H 103 20.60 -37.09 -58.67
N ARG H 104 21.70 -37.81 -58.42
CA ARG H 104 22.05 -39.08 -59.10
C ARG H 104 21.99 -40.30 -58.18
N ILE H 105 22.03 -40.03 -56.88
CA ILE H 105 22.08 -41.01 -55.81
C ILE H 105 20.71 -41.11 -55.13
N PHE H 106 20.06 -39.97 -54.90
CA PHE H 106 18.69 -39.90 -54.42
C PHE H 106 17.93 -38.95 -55.32
N PRO H 107 17.72 -39.33 -56.60
CA PRO H 107 16.92 -38.53 -57.54
C PRO H 107 15.48 -38.20 -57.08
N SER H 108 14.94 -39.00 -56.18
CA SER H 108 13.74 -38.64 -55.44
C SER H 108 13.99 -39.03 -53.98
N LYS H 109 13.20 -38.46 -53.08
CA LYS H 109 13.42 -38.68 -51.64
C LYS H 109 13.27 -40.14 -51.24
N GLY H 110 14.34 -40.72 -50.72
CA GLY H 110 14.36 -42.14 -50.33
C GLY H 110 14.48 -43.13 -51.48
N GLN H 111 14.11 -42.73 -52.70
CA GLN H 111 14.18 -43.58 -53.88
C GLN H 111 15.61 -43.66 -54.39
N PHE H 112 16.39 -44.49 -53.70
CA PHE H 112 17.78 -44.75 -54.01
C PHE H 112 17.94 -45.27 -55.44
N ASN H 113 18.98 -44.79 -56.13
CA ASN H 113 19.23 -45.13 -57.54
C ASN H 113 20.64 -45.72 -57.73
N PRO H 114 20.74 -47.05 -57.97
CA PRO H 114 22.03 -47.71 -58.23
C PRO H 114 22.77 -47.36 -59.54
N GLU H 115 22.04 -46.99 -60.59
CA GLU H 115 22.67 -46.62 -61.89
C GLU H 115 23.68 -45.47 -61.72
N GLY H 116 23.32 -44.50 -60.90
CA GLY H 116 24.18 -43.35 -60.61
C GLY H 116 25.37 -43.72 -59.74
N MET H 117 25.12 -44.44 -58.65
CA MET H 117 26.18 -44.93 -57.75
C MET H 117 27.19 -45.82 -58.48
N ALA H 118 26.70 -46.63 -59.42
CA ALA H 118 27.54 -47.53 -60.23
C ALA H 118 28.62 -46.78 -61.01
N PHE H 119 28.21 -45.71 -61.70
CA PHE H 119 29.13 -44.79 -62.41
C PHE H 119 30.24 -44.27 -61.50
N TYR H 120 29.86 -43.76 -60.33
CA TYR H 120 30.82 -43.25 -59.35
C TYR H 120 31.66 -44.37 -58.73
N LYS H 121 31.12 -45.59 -58.76
CA LYS H 121 31.90 -46.79 -58.43
C LYS H 121 32.91 -47.13 -59.54
N THR H 122 32.48 -47.03 -60.80
CA THR H 122 33.35 -47.24 -61.97
C THR H 122 34.50 -46.25 -61.96
N LEU H 123 34.15 -44.97 -61.99
CA LEU H 123 35.09 -43.86 -62.01
C LEU H 123 36.19 -44.02 -60.95
N ALA H 124 35.76 -44.27 -59.72
CA ALA H 124 36.66 -44.49 -58.59
C ALA H 124 37.50 -45.77 -58.74
N THR H 125 36.91 -46.81 -59.32
CA THR H 125 37.65 -48.06 -59.63
C THR H 125 38.67 -47.85 -60.76
N ARG H 126 38.27 -47.15 -61.81
CA ARG H 126 39.17 -46.82 -62.94
C ARG H 126 40.35 -45.94 -62.50
N LEU H 127 40.08 -44.98 -61.62
CA LEU H 127 41.12 -44.14 -61.02
C LEU H 127 42.12 -44.96 -60.22
N GLN H 128 41.58 -45.91 -59.45
CA GLN H 128 42.39 -46.83 -58.64
C GLN H 128 43.24 -47.81 -59.45
N GLU H 129 42.67 -48.35 -60.53
CA GLU H 129 43.42 -49.20 -61.47
C GLU H 129 44.58 -48.44 -62.14
N GLU H 130 44.42 -47.13 -62.32
CA GLU H 130 45.48 -46.23 -62.80
C GLU H 130 46.45 -45.72 -61.72
N GLY H 131 46.26 -46.15 -60.46
CA GLY H 131 47.10 -45.73 -59.34
C GLY H 131 46.83 -44.33 -58.80
N ILE H 132 45.65 -43.79 -59.05
CA ILE H 132 45.27 -42.45 -58.56
C ILE H 132 44.29 -42.58 -57.41
N LYS H 133 44.58 -41.87 -56.33
CA LYS H 133 43.76 -41.85 -55.13
C LYS H 133 42.53 -40.96 -55.36
N PRO H 134 41.31 -41.55 -55.36
CA PRO H 134 40.13 -40.67 -55.52
C PRO H 134 39.69 -40.07 -54.19
N ALA H 135 39.69 -38.75 -54.12
CA ALA H 135 39.19 -38.02 -52.95
C ALA H 135 37.77 -37.55 -53.31
N VAL H 136 36.81 -37.82 -52.43
CA VAL H 136 35.39 -37.60 -52.78
C VAL H 136 34.72 -36.51 -51.94
N THR H 137 33.99 -35.65 -52.64
CA THR H 137 33.22 -34.55 -52.06
C THR H 137 31.74 -34.92 -52.16
N LEU H 138 31.08 -35.11 -51.02
CA LEU H 138 29.67 -35.49 -51.01
C LEU H 138 28.77 -34.36 -51.50
N TYR H 139 28.90 -33.18 -50.89
CA TYR H 139 28.10 -32.01 -51.27
C TYR H 139 28.92 -30.86 -51.84
N HIS H 140 28.74 -30.63 -53.14
CA HIS H 140 29.31 -29.49 -53.86
C HIS H 140 28.16 -28.71 -54.54
N TRP H 141 27.16 -28.37 -53.72
CA TRP H 141 26.10 -27.38 -54.02
C TRP H 141 24.94 -27.84 -54.91
N ASP H 142 24.93 -29.11 -55.29
CA ASP H 142 23.87 -29.65 -56.14
C ASP H 142 22.79 -30.29 -55.26
N LEU H 143 21.98 -29.41 -54.66
CA LEU H 143 20.86 -29.84 -53.83
C LEU H 143 19.76 -30.39 -54.73
N PRO H 144 19.29 -31.64 -54.48
CA PRO H 144 18.21 -32.15 -55.31
C PRO H 144 16.99 -31.23 -55.25
N MET H 145 16.33 -31.07 -56.39
CA MET H 145 15.24 -30.10 -56.51
C MET H 145 14.02 -30.40 -55.61
N TRP H 146 13.87 -31.65 -55.18
CA TRP H 146 12.83 -32.06 -54.22
C TRP H 146 13.19 -31.68 -52.79
N ALA H 147 14.49 -31.69 -52.46
CA ALA H 147 14.96 -31.33 -51.12
C ALA H 147 14.70 -29.86 -50.84
N HIS H 148 14.95 -29.02 -51.85
CA HIS H 148 14.64 -27.59 -51.81
C HIS H 148 13.19 -27.30 -51.41
N GLU H 149 12.27 -28.07 -51.97
CA GLU H 149 10.83 -27.80 -51.85
C GLU H 149 10.17 -28.38 -50.60
N GLU H 150 10.91 -29.17 -49.84
CA GLU H 150 10.58 -29.45 -48.43
C GLU H 150 11.25 -28.44 -47.48
N GLY H 151 11.79 -27.34 -48.03
CA GLY H 151 12.52 -26.33 -47.25
C GLY H 151 13.98 -26.19 -47.67
N GLY H 152 14.58 -27.28 -48.13
CA GLY H 152 16.00 -27.29 -48.48
C GLY H 152 16.83 -27.35 -47.22
N TRP H 153 17.98 -26.69 -47.22
CA TRP H 153 18.86 -26.63 -46.04
C TRP H 153 18.25 -25.86 -44.86
N VAL H 154 17.31 -24.97 -45.15
CA VAL H 154 16.56 -24.24 -44.11
C VAL H 154 15.80 -25.21 -43.20
N ASN H 155 15.29 -26.29 -43.77
CA ASN H 155 14.64 -27.36 -43.01
C ASN H 155 15.66 -28.22 -42.27
N ARG H 156 15.38 -28.51 -40.99
CA ARG H 156 16.22 -29.38 -40.17
C ARG H 156 16.22 -30.84 -40.64
N ASP H 157 15.17 -31.25 -41.35
CA ASP H 157 15.12 -32.56 -41.99
C ASP H 157 16.21 -32.77 -43.07
N SER H 158 16.82 -31.69 -43.59
CA SER H 158 17.97 -31.80 -44.51
C SER H 158 19.22 -32.46 -43.92
N VAL H 159 19.37 -32.37 -42.61
CA VAL H 159 20.41 -33.12 -41.90
C VAL H 159 20.25 -34.62 -42.16
N ASP H 160 19.00 -35.08 -42.32
CA ASP H 160 18.67 -36.49 -42.56
C ASP H 160 18.58 -36.92 -44.02
N TRP H 161 18.23 -36.01 -44.91
CA TRP H 161 18.22 -36.32 -46.35
C TRP H 161 19.66 -36.57 -46.79
N PHE H 162 20.57 -35.75 -46.26
CA PHE H 162 22.02 -35.87 -46.50
C PHE H 162 22.65 -37.11 -45.85
N LEU H 163 22.19 -37.45 -44.65
CA LEU H 163 22.75 -38.61 -43.94
C LEU H 163 22.41 -39.95 -44.60
N ASP H 164 21.20 -40.04 -45.16
CA ASP H 164 20.85 -41.16 -46.04
C ASP H 164 21.82 -41.25 -47.20
N PHE H 165 22.15 -40.09 -47.76
CA PHE H 165 23.08 -39.94 -48.87
C PHE H 165 24.49 -40.39 -48.52
N ALA H 166 25.03 -39.80 -47.45
CA ALA H 166 26.32 -40.21 -46.92
C ALA H 166 26.39 -41.73 -46.63
N ARG H 167 25.29 -42.33 -46.17
CA ARG H 167 25.26 -43.79 -45.83
C ARG H 167 25.47 -44.67 -47.02
N VAL H 168 24.75 -44.36 -48.07
CA VAL H 168 24.82 -45.11 -49.28
C VAL H 168 26.24 -45.06 -49.89
N CYS H 169 26.73 -43.85 -50.11
CA CYS H 169 28.08 -43.62 -50.63
C CYS H 169 29.10 -44.38 -49.81
N PHE H 170 29.02 -44.23 -48.49
CA PHE H 170 29.83 -44.99 -47.56
C PHE H 170 29.75 -46.50 -47.78
N GLU H 171 28.53 -47.02 -47.83
CA GLU H 171 28.31 -48.46 -48.05
C GLU H 171 28.90 -48.94 -49.36
N GLU H 172 28.62 -48.19 -50.43
CA GLU H 172 29.03 -48.58 -51.78
C GLU H 172 30.45 -48.14 -52.21
N LEU H 173 31.13 -47.33 -51.40
CA LEU H 173 32.45 -46.76 -51.82
C LEU H 173 33.61 -46.70 -50.82
N ASP H 174 33.37 -46.87 -49.52
CA ASP H 174 34.45 -46.71 -48.53
C ASP H 174 35.68 -47.64 -48.72
N GLY H 175 35.50 -48.73 -49.46
CA GLY H 175 36.61 -49.59 -49.90
C GLY H 175 37.42 -49.07 -51.09
N ILE H 176 36.74 -48.40 -52.02
CA ILE H 176 37.38 -47.86 -53.23
C ILE H 176 38.01 -46.51 -52.94
N VAL H 177 37.23 -45.65 -52.29
CA VAL H 177 37.56 -44.24 -52.10
C VAL H 177 38.67 -44.09 -51.06
N ASP H 178 39.57 -43.12 -51.30
CA ASP H 178 40.76 -42.90 -50.49
C ASP H 178 40.52 -41.93 -49.33
N SER H 179 39.79 -40.86 -49.61
CA SER H 179 39.42 -39.86 -48.58
C SER H 179 38.05 -39.25 -48.87
N TRP H 180 37.39 -38.79 -47.81
CA TRP H 180 36.04 -38.21 -47.88
C TRP H 180 36.03 -36.74 -47.46
N ILE H 181 35.40 -35.90 -48.27
CA ILE H 181 35.10 -34.51 -47.94
C ILE H 181 33.58 -34.40 -47.83
N THR H 182 33.10 -34.02 -46.66
CA THR H 182 31.64 -33.96 -46.40
C THR H 182 31.04 -32.78 -47.13
N HIS H 183 31.53 -31.59 -46.80
CA HIS H 183 30.98 -30.35 -47.32
C HIS H 183 32.03 -29.43 -47.92
N ASN H 184 31.76 -28.99 -49.15
CA ASN H 184 32.57 -27.99 -49.83
C ASN H 184 31.96 -26.60 -49.69
N GLU H 185 32.63 -25.75 -48.91
CA GLU H 185 32.31 -24.31 -48.84
C GLU H 185 30.87 -24.04 -48.37
N PRO H 186 30.58 -24.33 -47.08
CA PRO H 186 29.26 -24.02 -46.53
C PRO H 186 28.90 -22.52 -46.59
N TRP H 187 29.91 -21.64 -46.50
CA TRP H 187 29.73 -20.21 -46.73
C TRP H 187 29.04 -19.90 -48.07
N CYS H 188 29.48 -20.56 -49.14
CA CYS H 188 28.90 -20.37 -50.47
C CYS H 188 27.49 -20.95 -50.57
N ALA H 189 27.35 -22.19 -50.12
CA ALA H 189 26.06 -22.88 -50.14
C ALA H 189 25.05 -22.29 -49.16
N GLY H 190 25.55 -21.66 -48.08
CA GLY H 190 24.73 -20.99 -47.08
C GLY H 190 24.58 -19.50 -47.28
N PHE H 191 25.62 -18.75 -46.95
CA PHE H 191 25.55 -17.27 -46.95
C PHE H 191 25.45 -16.63 -48.34
N LEU H 192 26.27 -17.08 -49.28
CA LEU H 192 26.21 -16.59 -50.65
C LEU H 192 24.91 -17.00 -51.35
N SER H 193 24.36 -18.16 -50.98
CA SER H 193 23.15 -18.72 -51.60
C SER H 193 21.85 -18.22 -50.97
N TYR H 194 21.79 -18.15 -49.64
CA TYR H 194 20.56 -17.82 -48.90
C TYR H 194 20.49 -16.42 -48.29
N HIS H 195 21.64 -15.75 -48.14
CA HIS H 195 21.69 -14.37 -47.63
C HIS H 195 21.95 -13.34 -48.74
N LEU H 196 23.01 -13.56 -49.52
CA LEU H 196 23.43 -12.62 -50.57
C LEU H 196 22.69 -12.82 -51.89
N GLY H 197 22.15 -14.02 -52.11
CA GLY H 197 21.34 -14.32 -53.30
C GLY H 197 22.08 -14.48 -54.62
N GLN H 198 23.39 -14.72 -54.55
CA GLN H 198 24.24 -14.84 -55.75
C GLN H 198 24.31 -16.26 -56.29
N HIS H 199 24.28 -17.24 -55.39
CA HIS H 199 24.24 -18.67 -55.73
C HIS H 199 22.87 -19.27 -55.44
N ALA H 200 22.65 -20.49 -55.93
CA ALA H 200 21.36 -21.17 -55.84
C ALA H 200 21.04 -21.58 -54.40
N PRO H 201 19.80 -21.41 -53.94
CA PRO H 201 18.61 -21.03 -54.75
C PRO H 201 18.35 -19.52 -54.93
N GLY H 202 19.27 -18.67 -54.47
CA GLY H 202 19.20 -17.23 -54.74
C GLY H 202 18.35 -16.41 -53.79
N HIS H 203 18.26 -16.86 -52.54
CA HIS H 203 17.43 -16.19 -51.53
C HIS H 203 18.20 -15.07 -50.84
N THR H 204 17.44 -14.12 -50.27
CA THR H 204 18.02 -13.01 -49.50
C THR H 204 17.30 -12.88 -48.15
N ASP H 205 17.70 -13.76 -47.23
CA ASP H 205 17.09 -13.89 -45.91
C ASP H 205 18.15 -14.44 -44.94
N MET H 206 18.57 -13.61 -43.99
CA MET H 206 19.63 -13.98 -43.04
C MET H 206 19.21 -15.12 -42.11
N ASN H 207 17.92 -15.19 -41.82
CA ASN H 207 17.38 -16.22 -40.95
C ASN H 207 17.46 -17.61 -41.60
N GLU H 208 17.04 -17.68 -42.86
CA GLU H 208 17.21 -18.89 -43.68
C GLU H 208 18.69 -19.31 -43.80
N ALA H 209 19.57 -18.33 -43.96
CA ALA H 209 21.00 -18.56 -44.16
C ALA H 209 21.69 -19.23 -42.98
N VAL H 210 21.47 -18.70 -41.77
CA VAL H 210 22.07 -19.29 -40.55
C VAL H 210 21.55 -20.71 -40.24
N ARG H 211 20.28 -20.95 -40.53
CA ARG H 211 19.67 -22.28 -40.43
C ARG H 211 20.24 -23.25 -41.46
N ALA H 212 20.43 -22.76 -42.69
CA ALA H 212 21.05 -23.55 -43.76
C ALA H 212 22.47 -23.98 -43.41
N VAL H 213 23.28 -23.01 -42.98
CA VAL H 213 24.67 -23.26 -42.54
C VAL H 213 24.71 -24.23 -41.36
N HIS H 214 23.89 -23.99 -40.34
CA HIS H 214 23.85 -24.85 -39.16
C HIS H 214 23.55 -26.32 -39.49
N HIS H 215 22.61 -26.53 -40.41
CA HIS H 215 22.22 -27.87 -40.84
C HIS H 215 23.28 -28.55 -41.71
N MET H 216 23.90 -27.77 -42.62
CA MET H 216 25.07 -28.24 -43.36
C MET H 216 26.17 -28.69 -42.41
N LEU H 217 26.50 -27.84 -41.44
CA LEU H 217 27.52 -28.15 -40.45
C LEU H 217 27.17 -29.34 -39.58
N LEU H 218 25.89 -29.46 -39.20
CA LEU H 218 25.41 -30.58 -38.42
C LEU H 218 25.41 -31.89 -39.23
N SER H 219 25.04 -31.79 -40.50
CA SER H 219 25.08 -32.93 -41.42
C SER H 219 26.52 -33.45 -41.64
N HIS H 220 27.49 -32.53 -41.68
CA HIS H 220 28.92 -32.89 -41.67
C HIS H 220 29.28 -33.74 -40.45
N GLY H 221 28.98 -33.20 -39.27
CA GLY H 221 29.33 -33.84 -38.00
C GLY H 221 28.68 -35.19 -37.76
N LYS H 222 27.43 -35.33 -38.22
CA LYS H 222 26.73 -36.61 -38.18
C LYS H 222 27.37 -37.63 -39.15
N ALA H 223 27.71 -37.17 -40.35
CA ALA H 223 28.34 -38.02 -41.38
C ALA H 223 29.69 -38.58 -40.94
N VAL H 224 30.50 -37.75 -40.28
CA VAL H 224 31.77 -38.18 -39.72
C VAL H 224 31.56 -39.22 -38.60
N GLU H 225 30.60 -38.95 -37.71
CA GLU H 225 30.24 -39.88 -36.61
C GLU H 225 29.76 -41.23 -37.11
N MET H 226 28.91 -41.17 -38.13
CA MET H 226 28.40 -42.32 -38.82
C MET H 226 29.52 -43.21 -39.35
N LEU H 227 30.36 -42.67 -40.22
CA LEU H 227 31.48 -43.44 -40.81
C LEU H 227 32.36 -44.09 -39.74
N LYS H 228 32.72 -43.33 -38.71
CA LYS H 228 33.61 -43.83 -37.64
C LYS H 228 32.92 -44.79 -36.67
N GLY H 229 31.65 -44.51 -36.33
CA GLY H 229 30.89 -45.32 -35.36
C GLY H 229 30.10 -46.44 -36.03
N GLU H 230 29.25 -46.05 -36.98
CA GLU H 230 28.38 -47.00 -37.68
C GLU H 230 29.17 -47.99 -38.54
N PHE H 231 29.96 -47.47 -39.48
CA PHE H 231 30.72 -48.31 -40.41
C PHE H 231 32.02 -48.84 -39.80
N ASN H 232 32.52 -48.15 -38.77
CA ASN H 232 33.78 -48.51 -38.11
C ASN H 232 35.00 -48.34 -39.03
N SER H 233 34.88 -47.41 -39.98
CA SER H 233 35.94 -47.18 -40.97
C SER H 233 36.98 -46.20 -40.44
N ALA H 234 38.22 -46.37 -40.92
CA ALA H 234 39.33 -45.47 -40.61
C ALA H 234 39.70 -44.55 -41.79
N THR H 235 38.89 -44.56 -42.85
CA THR H 235 39.09 -43.72 -44.03
C THR H 235 39.12 -42.25 -43.60
N PRO H 236 40.17 -41.50 -44.01
CA PRO H 236 40.23 -40.07 -43.65
C PRO H 236 39.02 -39.30 -44.13
N ILE H 237 38.40 -38.55 -43.22
CA ILE H 237 37.22 -37.72 -43.52
C ILE H 237 37.37 -36.34 -42.88
N GLY H 238 36.82 -35.33 -43.55
CA GLY H 238 36.84 -33.96 -43.04
C GLY H 238 35.95 -33.03 -43.84
N ILE H 239 36.01 -31.74 -43.49
CA ILE H 239 35.25 -30.69 -44.19
C ILE H 239 36.19 -29.74 -44.94
N THR H 240 35.66 -29.12 -45.99
CA THR H 240 36.33 -28.05 -46.72
C THR H 240 35.60 -26.70 -46.50
N LEU H 241 36.29 -25.77 -45.85
CA LEU H 241 35.87 -24.37 -45.78
C LEU H 241 36.70 -23.52 -46.73
N ASN H 242 36.03 -22.67 -47.53
CA ASN H 242 36.73 -21.55 -48.15
C ASN H 242 36.97 -20.49 -47.09
N LEU H 243 38.20 -19.98 -47.07
CA LEU H 243 38.62 -18.99 -46.09
C LEU H 243 39.27 -17.84 -46.83
N ALA H 244 38.89 -16.63 -46.46
CA ALA H 244 39.46 -15.41 -47.02
C ALA H 244 39.84 -14.53 -45.84
N PRO H 245 41.15 -14.29 -45.62
CA PRO H 245 41.53 -13.46 -44.49
C PRO H 245 41.22 -11.99 -44.74
N LYS H 246 40.79 -11.31 -43.69
CA LYS H 246 40.25 -9.95 -43.78
C LYS H 246 41.22 -8.98 -43.13
N TYR H 247 41.34 -7.78 -43.72
CA TYR H 247 42.31 -6.77 -43.28
C TYR H 247 41.68 -5.38 -43.23
N ALA H 248 42.06 -4.62 -42.20
CA ALA H 248 41.54 -3.27 -41.97
C ALA H 248 42.34 -2.25 -42.78
N LYS H 249 41.65 -1.44 -43.58
CA LYS H 249 42.28 -0.39 -44.41
C LYS H 249 43.13 0.58 -43.60
N THR H 250 42.65 0.93 -42.40
CA THR H 250 43.37 1.80 -41.48
C THR H 250 43.41 1.14 -40.11
N ASP H 251 44.09 1.79 -39.18
CA ASP H 251 44.27 1.30 -37.80
C ASP H 251 43.19 1.81 -36.83
N SER H 252 42.17 2.50 -37.34
CA SER H 252 41.14 3.10 -36.48
C SER H 252 40.22 2.04 -35.86
N ILE H 253 39.58 2.43 -34.76
CA ILE H 253 38.70 1.53 -33.99
C ILE H 253 37.53 1.05 -34.84
N ASN H 254 36.96 1.97 -35.62
CA ASN H 254 35.95 1.64 -36.63
C ASN H 254 36.40 0.57 -37.65
N ASP H 255 37.57 0.74 -38.25
CA ASP H 255 38.07 -0.22 -39.24
C ASP H 255 38.41 -1.59 -38.62
N GLN H 256 38.78 -1.62 -37.33
CA GLN H 256 39.00 -2.88 -36.60
C GLN H 256 37.70 -3.67 -36.39
N ILE H 257 36.60 -2.96 -36.14
CA ILE H 257 35.28 -3.58 -36.00
C ILE H 257 34.83 -4.16 -37.35
N ALA H 258 35.05 -3.39 -38.41
CA ALA H 258 34.78 -3.83 -39.77
C ALA H 258 35.52 -5.13 -40.10
N MET H 259 36.81 -5.18 -39.78
CA MET H 259 37.64 -6.38 -40.01
C MET H 259 37.10 -7.56 -39.21
N ASN H 260 36.93 -7.34 -37.91
CA ASN H 260 36.37 -8.33 -36.98
C ASN H 260 35.06 -8.94 -37.48
N ASN H 261 34.13 -8.07 -37.87
CA ASN H 261 32.83 -8.50 -38.43
C ASN H 261 32.92 -9.16 -39.80
N ALA H 262 33.77 -8.64 -40.67
CA ALA H 262 34.04 -9.31 -41.96
C ALA H 262 34.57 -10.71 -41.72
N ASP H 263 35.58 -10.79 -40.86
CA ASP H 263 36.19 -12.07 -40.49
C ASP H 263 35.17 -13.01 -39.84
N GLY H 264 34.30 -12.44 -39.00
CA GLY H 264 33.24 -13.20 -38.34
C GLY H 264 32.24 -13.82 -39.29
N TYR H 265 31.83 -13.03 -40.28
CA TYR H 265 30.83 -13.45 -41.27
C TYR H 265 31.39 -14.48 -42.26
N ALA H 266 32.63 -14.29 -42.70
CA ALA H 266 33.25 -15.21 -43.67
C ALA H 266 33.88 -16.45 -43.04
N ASN H 267 34.60 -16.28 -41.93
CA ASN H 267 35.50 -17.33 -41.41
C ASN H 267 35.16 -17.89 -40.02
N ARG H 268 35.06 -17.01 -39.02
CA ARG H 268 34.88 -17.46 -37.63
C ARG H 268 33.55 -18.17 -37.36
N TRP H 269 32.51 -17.79 -38.10
CA TRP H 269 31.19 -18.44 -38.01
C TRP H 269 31.24 -19.94 -38.31
N PHE H 270 32.20 -20.34 -39.14
CA PHE H 270 32.37 -21.73 -39.58
C PHE H 270 33.50 -22.42 -38.81
N LEU H 271 34.56 -21.69 -38.49
CA LEU H 271 35.71 -22.24 -37.77
C LEU H 271 35.41 -22.51 -36.29
N ASP H 272 34.74 -21.56 -35.63
CA ASP H 272 34.41 -21.72 -34.21
C ASP H 272 33.54 -22.98 -33.92
N PRO H 273 32.45 -23.19 -34.67
CA PRO H 273 31.65 -24.41 -34.42
C PRO H 273 32.41 -25.71 -34.67
N ILE H 274 33.10 -25.77 -35.80
CA ILE H 274 33.88 -26.96 -36.21
C ILE H 274 34.94 -27.34 -35.19
N PHE H 275 35.64 -26.35 -34.64
CA PHE H 275 36.81 -26.59 -33.79
C PHE H 275 36.61 -26.34 -32.29
N LYS H 276 35.84 -25.32 -31.96
CA LYS H 276 35.57 -24.94 -30.57
C LYS H 276 34.23 -25.50 -30.04
N GLY H 277 33.34 -25.90 -30.93
CA GLY H 277 32.00 -26.35 -30.54
C GLY H 277 31.16 -25.21 -29.99
N GLN H 278 31.22 -24.06 -30.65
CA GLN H 278 30.41 -22.89 -30.31
C GLN H 278 30.36 -21.91 -31.47
N TYR H 279 29.28 -21.14 -31.58
CA TYR H 279 29.21 -20.03 -32.53
C TYR H 279 29.82 -18.80 -31.88
N PRO H 280 30.44 -17.91 -32.68
CA PRO H 280 30.99 -16.67 -32.11
C PRO H 280 29.86 -15.74 -31.68
N VAL H 281 29.85 -15.36 -30.42
CA VAL H 281 28.73 -14.61 -29.83
C VAL H 281 28.67 -13.19 -30.41
N ASP H 282 29.83 -12.63 -30.77
CA ASP H 282 29.86 -11.29 -31.37
C ASP H 282 29.07 -11.21 -32.69
N MET H 283 29.10 -12.30 -33.46
CA MET H 283 28.30 -12.40 -34.68
C MET H 283 26.83 -12.73 -34.40
N MET H 284 26.57 -13.56 -33.38
CA MET H 284 25.19 -13.84 -32.95
C MET H 284 24.46 -12.54 -32.60
N ASN H 285 25.14 -11.66 -31.89
CA ASN H 285 24.60 -10.34 -31.55
C ASN H 285 24.47 -9.37 -32.74
N LEU H 286 25.42 -9.43 -33.68
CA LEU H 286 25.33 -8.65 -34.93
C LEU H 286 24.17 -9.12 -35.80
N PHE H 287 24.11 -10.43 -36.05
CA PHE H 287 23.05 -11.06 -36.85
C PHE H 287 21.65 -10.92 -36.24
N SER H 288 21.56 -10.62 -34.94
CA SER H 288 20.26 -10.40 -34.28
C SER H 288 19.48 -9.15 -34.72
N LYS H 289 20.00 -8.40 -35.70
CA LYS H 289 19.21 -7.41 -36.43
C LYS H 289 18.16 -8.08 -37.31
N TYR H 290 18.47 -9.29 -37.75
CA TYR H 290 17.55 -10.15 -38.52
C TYR H 290 17.16 -11.47 -37.83
N VAL H 291 18.05 -12.02 -37.00
CA VAL H 291 17.88 -13.33 -36.40
C VAL H 291 17.46 -13.17 -34.93
N HIS H 292 16.17 -13.40 -34.66
CA HIS H 292 15.58 -13.11 -33.34
C HIS H 292 15.32 -14.33 -32.45
N THR H 293 15.77 -15.50 -32.89
CA THR H 293 15.84 -16.68 -32.03
C THR H 293 16.88 -17.67 -32.56
N TYR H 294 17.70 -18.20 -31.64
CA TYR H 294 18.68 -19.23 -31.97
C TYR H 294 18.27 -20.62 -31.43
N ASP H 295 16.95 -20.86 -31.37
CA ASP H 295 16.41 -22.15 -30.92
C ASP H 295 16.58 -23.29 -31.93
N PHE H 296 16.88 -22.95 -33.19
CA PHE H 296 17.28 -23.95 -34.21
C PHE H 296 18.58 -24.69 -33.86
N ILE H 297 19.44 -24.08 -33.04
CA ILE H 297 20.61 -24.77 -32.48
C ILE H 297 20.14 -25.59 -31.27
N HIS H 298 19.83 -26.85 -31.51
CA HIS H 298 19.33 -27.75 -30.45
C HIS H 298 20.48 -28.16 -29.51
N ALA H 299 20.11 -28.78 -28.40
CA ALA H 299 21.09 -29.28 -27.44
C ALA H 299 21.89 -30.45 -28.03
N GLY H 300 23.22 -30.41 -27.84
CA GLY H 300 24.13 -31.42 -28.39
C GLY H 300 24.62 -31.21 -29.81
N ASP H 301 24.04 -30.26 -30.54
CA ASP H 301 24.38 -30.04 -31.96
C ASP H 301 25.82 -29.62 -32.17
N LEU H 302 26.28 -28.69 -31.33
CA LEU H 302 27.66 -28.19 -31.39
C LEU H 302 28.72 -29.25 -31.05
N ALA H 303 28.36 -30.23 -30.22
CA ALA H 303 29.22 -31.36 -29.90
C ALA H 303 29.41 -32.28 -31.11
N THR H 304 28.33 -32.51 -31.86
CA THR H 304 28.36 -33.25 -33.12
C THR H 304 29.15 -32.49 -34.19
N ILE H 305 28.78 -31.23 -34.40
CA ILE H 305 29.45 -30.35 -35.37
C ILE H 305 30.96 -30.33 -35.18
N SER H 306 31.38 -30.31 -33.91
CA SER H 306 32.80 -30.29 -33.54
C SER H 306 33.40 -31.69 -33.29
N THR H 307 32.88 -32.72 -33.96
CA THR H 307 33.42 -34.08 -33.84
C THR H 307 34.82 -34.15 -34.48
N PRO H 308 35.77 -34.89 -33.86
CA PRO H 308 37.15 -34.86 -34.38
C PRO H 308 37.28 -35.46 -35.78
N CYS H 309 37.98 -34.73 -36.65
CA CYS H 309 38.24 -35.15 -38.03
C CYS H 309 39.70 -35.50 -38.22
N ASP H 310 40.01 -36.12 -39.35
CA ASP H 310 41.36 -36.59 -39.67
C ASP H 310 42.24 -35.51 -40.30
N PHE H 311 41.62 -34.67 -41.13
CA PHE H 311 42.30 -33.54 -41.77
C PHE H 311 41.35 -32.34 -41.81
N PHE H 312 41.92 -31.18 -42.11
CA PHE H 312 41.14 -29.96 -42.38
C PHE H 312 41.38 -29.50 -43.82
N GLY H 313 40.29 -29.31 -44.57
CA GLY H 313 40.35 -28.84 -45.95
C GLY H 313 40.20 -27.33 -46.02
N ILE H 314 41.00 -26.69 -46.87
CA ILE H 314 40.92 -25.24 -47.11
C ILE H 314 40.87 -24.96 -48.60
N ASN H 315 39.83 -24.24 -49.03
CA ASN H 315 39.79 -23.63 -50.36
C ASN H 315 40.23 -22.18 -50.23
N PHE H 316 41.36 -21.84 -50.83
CA PHE H 316 41.87 -20.47 -50.75
C PHE H 316 42.01 -19.86 -52.14
N TYR H 317 41.58 -18.60 -52.24
CA TYR H 317 41.71 -17.82 -53.48
C TYR H 317 42.31 -16.43 -53.26
N SER H 318 41.80 -15.70 -52.26
CA SER H 318 42.24 -14.33 -52.02
C SER H 318 41.97 -13.82 -50.60
N ARG H 319 42.55 -12.65 -50.33
CA ARG H 319 42.22 -11.83 -49.15
C ARG H 319 41.05 -10.90 -49.48
N ASN H 320 40.62 -10.13 -48.48
CA ASN H 320 39.73 -8.98 -48.70
C ASN H 320 40.15 -7.83 -47.81
N LEU H 321 40.38 -6.66 -48.41
CA LEU H 321 40.66 -5.43 -47.68
C LEU H 321 39.32 -4.73 -47.43
N VAL H 322 39.00 -4.50 -46.17
CA VAL H 322 37.71 -3.89 -45.76
C VAL H 322 37.89 -2.62 -44.94
N GLU H 323 36.85 -1.78 -44.96
CA GLU H 323 36.77 -0.59 -44.12
C GLU H 323 35.40 -0.49 -43.45
N PHE H 324 35.26 0.47 -42.55
CA PHE H 324 34.00 0.70 -41.84
C PHE H 324 32.93 1.35 -42.71
N SER H 325 31.68 0.98 -42.45
CA SER H 325 30.51 1.59 -43.07
C SER H 325 29.37 1.71 -42.05
N ALA H 326 29.09 2.94 -41.62
CA ALA H 326 27.96 3.24 -40.73
C ALA H 326 26.58 2.84 -41.30
N ALA H 327 26.46 2.87 -42.63
CA ALA H 327 25.23 2.46 -43.33
C ALA H 327 25.03 0.95 -43.47
N SER H 328 26.11 0.19 -43.29
CA SER H 328 26.06 -1.26 -43.43
C SER H 328 25.52 -1.90 -42.16
N ASP H 329 24.60 -2.85 -42.33
CA ASP H 329 24.06 -3.65 -41.21
C ASP H 329 25.15 -4.39 -40.41
N PHE H 330 26.14 -4.94 -41.12
CA PHE H 330 27.26 -5.65 -40.49
C PHE H 330 28.54 -4.81 -40.34
N LEU H 331 28.40 -3.50 -40.55
CA LEU H 331 29.42 -2.48 -40.24
C LEU H 331 30.68 -2.49 -41.11
N HIS H 332 30.64 -3.13 -42.28
CA HIS H 332 31.77 -3.11 -43.20
C HIS H 332 31.38 -3.07 -44.66
N LYS H 333 32.32 -2.58 -45.47
CA LYS H 333 32.26 -2.62 -46.93
C LYS H 333 33.66 -2.93 -47.46
N ASP H 334 33.74 -3.25 -48.73
CA ASP H 334 35.03 -3.46 -49.38
C ASP H 334 35.75 -2.13 -49.57
N ALA H 335 37.06 -2.13 -49.29
CA ALA H 335 37.94 -0.99 -49.54
C ALA H 335 38.69 -1.20 -50.86
N TYR H 336 39.22 -0.11 -51.41
CA TYR H 336 40.01 -0.18 -52.65
C TYR H 336 41.30 -0.98 -52.40
N SER H 337 41.60 -1.89 -53.32
CA SER H 337 42.82 -2.70 -53.28
C SER H 337 43.76 -2.27 -54.42
N ASP H 338 45.03 -2.02 -54.08
CA ASP H 338 46.06 -1.70 -55.09
C ASP H 338 46.84 -2.92 -55.61
N TYR H 339 46.54 -4.11 -55.09
CA TYR H 339 47.25 -5.36 -55.46
C TYR H 339 47.05 -5.73 -56.92
N ASP H 340 47.96 -6.56 -57.44
CA ASP H 340 47.76 -7.26 -58.70
C ASP H 340 46.55 -8.16 -58.58
N LYS H 341 45.79 -8.26 -59.66
CA LYS H 341 44.51 -8.97 -59.65
C LYS H 341 44.41 -10.03 -60.74
N THR H 342 43.59 -11.04 -60.47
CA THR H 342 43.27 -12.09 -61.43
C THR H 342 42.19 -11.56 -62.38
N GLY H 343 41.84 -12.37 -63.38
CA GLY H 343 40.73 -12.06 -64.30
C GLY H 343 39.38 -11.83 -63.63
N MET H 344 39.20 -12.39 -62.43
CA MET H 344 38.02 -12.15 -61.60
C MET H 344 37.98 -10.79 -60.90
N GLY H 345 39.10 -10.07 -60.90
CA GLY H 345 39.29 -8.88 -60.07
C GLY H 345 39.65 -9.20 -58.63
N TRP H 346 40.06 -10.44 -58.36
CA TRP H 346 40.44 -10.87 -57.01
C TRP H 346 41.92 -10.60 -56.78
N ASP H 347 42.27 -10.21 -55.56
CA ASP H 347 43.66 -9.95 -55.19
C ASP H 347 44.51 -11.22 -55.23
N ILE H 348 45.70 -11.11 -55.81
CA ILE H 348 46.70 -12.17 -55.75
C ILE H 348 47.42 -11.95 -54.42
N ALA H 349 47.28 -12.91 -53.52
CA ALA H 349 47.58 -12.67 -52.11
C ALA H 349 48.22 -13.87 -51.40
N PRO H 350 49.43 -14.29 -51.84
CA PRO H 350 50.16 -15.39 -51.20
C PRO H 350 50.69 -15.09 -49.78
N SER H 351 51.07 -13.85 -49.52
CA SER H 351 51.49 -13.45 -48.17
C SER H 351 50.35 -13.50 -47.13
N GLU H 352 49.13 -13.19 -47.57
CA GLU H 352 47.95 -13.24 -46.70
C GLU H 352 47.48 -14.68 -46.53
N PHE H 353 47.77 -15.54 -47.51
CA PHE H 353 47.63 -16.98 -47.37
C PHE H 353 48.51 -17.53 -46.23
N LYS H 354 49.74 -17.03 -46.13
CA LYS H 354 50.66 -17.43 -45.06
C LYS H 354 50.16 -16.98 -43.68
N ASP H 355 49.64 -15.76 -43.60
CA ASP H 355 49.03 -15.21 -42.38
C ASP H 355 47.91 -16.12 -41.87
N LEU H 356 47.03 -16.50 -42.80
CA LEU H 356 45.89 -17.38 -42.51
C LEU H 356 46.29 -18.73 -41.91
N ILE H 357 47.23 -19.41 -42.56
CA ILE H 357 47.68 -20.74 -42.10
C ILE H 357 48.29 -20.66 -40.70
N ARG H 358 49.12 -19.64 -40.47
CA ARG H 358 49.72 -19.39 -39.14
C ARG H 358 48.67 -19.16 -38.06
N ARG H 359 47.67 -18.35 -38.40
CA ARG H 359 46.54 -18.07 -37.50
C ARG H 359 45.78 -19.34 -37.12
N LEU H 360 45.53 -20.22 -38.09
CA LEU H 360 44.82 -21.48 -37.86
C LEU H 360 45.55 -22.43 -36.91
N ARG H 361 46.88 -22.53 -37.06
CA ARG H 361 47.70 -23.31 -36.11
C ARG H 361 47.70 -22.67 -34.72
N ALA H 362 47.84 -21.35 -34.67
CA ALA H 362 47.85 -20.60 -33.42
C ALA H 362 46.53 -20.69 -32.65
N GLU H 363 45.42 -20.52 -33.35
CA GLU H 363 44.09 -20.37 -32.73
C GLU H 363 43.16 -21.60 -32.77
N TYR H 364 43.26 -22.41 -33.83
CA TYR H 364 42.19 -23.36 -34.18
C TYR H 364 42.51 -24.87 -34.18
N THR H 365 43.57 -25.26 -34.88
CA THR H 365 43.80 -26.69 -35.13
C THR H 365 45.25 -27.06 -35.47
N ASP H 366 45.64 -28.27 -35.06
CA ASP H 366 46.92 -28.88 -35.41
C ASP H 366 46.76 -30.12 -36.30
N LEU H 367 45.59 -30.29 -36.92
CA LEU H 367 45.36 -31.34 -37.91
C LEU H 367 46.15 -31.04 -39.19
N PRO H 368 46.47 -32.09 -39.98
CA PRO H 368 47.11 -31.85 -41.29
C PRO H 368 46.15 -31.13 -42.26
N ILE H 369 46.62 -30.00 -42.78
CA ILE H 369 45.86 -29.17 -43.72
C ILE H 369 46.07 -29.64 -45.15
N TYR H 370 44.98 -29.73 -45.91
CA TYR H 370 45.03 -29.91 -47.36
C TYR H 370 44.45 -28.67 -48.02
N ILE H 371 45.16 -28.12 -49.01
CA ILE H 371 44.62 -27.05 -49.85
C ILE H 371 43.79 -27.74 -50.92
N THR H 372 42.49 -27.90 -50.63
CA THR H 372 41.58 -28.64 -51.52
C THR H 372 41.14 -27.85 -52.76
N GLU H 373 41.30 -26.53 -52.74
CA GLU H 373 41.19 -25.69 -53.95
C GLU H 373 42.12 -24.50 -53.88
N ASN H 374 42.99 -24.38 -54.87
CA ASN H 374 43.68 -23.13 -55.17
C ASN H 374 43.92 -23.03 -56.66
N GLY H 375 43.66 -21.85 -57.21
CA GLY H 375 43.81 -21.60 -58.64
C GLY H 375 43.31 -20.23 -58.99
N ALA H 376 43.24 -19.94 -60.29
CA ALA H 376 42.90 -18.60 -60.76
C ALA H 376 42.36 -18.59 -62.18
N ALA H 377 41.52 -17.60 -62.46
CA ALA H 377 40.99 -17.34 -63.80
C ALA H 377 41.70 -16.14 -64.42
N PHE H 378 42.08 -16.29 -65.68
CA PHE H 378 42.67 -15.21 -66.47
C PHE H 378 42.08 -15.24 -67.87
N ASP H 379 42.28 -14.17 -68.63
CA ASP H 379 41.73 -14.04 -69.98
C ASP H 379 42.54 -14.90 -70.96
N ASP H 380 42.25 -16.19 -70.98
CA ASP H 380 42.97 -17.16 -71.81
C ASP H 380 42.59 -17.05 -73.29
N GLN H 381 43.61 -16.91 -74.13
CA GLN H 381 43.47 -16.87 -75.59
C GLN H 381 44.08 -18.12 -76.17
N LEU H 382 43.31 -18.84 -76.98
CA LEU H 382 43.83 -19.96 -77.75
C LEU H 382 44.53 -19.38 -78.99
N VAL H 383 45.85 -19.64 -79.10
CA VAL H 383 46.66 -19.14 -80.22
C VAL H 383 47.47 -20.28 -80.84
N ASP H 384 47.07 -20.71 -82.05
CA ASP H 384 47.75 -21.75 -82.83
C ASP H 384 47.87 -23.09 -82.08
N GLY H 385 46.76 -23.53 -81.48
CA GLY H 385 46.70 -24.79 -80.75
C GLY H 385 47.38 -24.82 -79.39
N LYS H 386 47.72 -23.63 -78.86
CA LYS H 386 48.41 -23.50 -77.57
C LYS H 386 47.82 -22.34 -76.78
N ILE H 387 47.79 -22.49 -75.46
CA ILE H 387 47.32 -21.45 -74.54
C ILE H 387 48.50 -21.02 -73.67
N HIS H 388 48.98 -19.80 -73.89
CA HIS H 388 50.11 -19.25 -73.14
C HIS H 388 49.64 -18.55 -71.86
N ASP H 389 49.32 -19.37 -70.85
CA ASP H 389 48.80 -18.86 -69.57
C ASP H 389 49.89 -18.77 -68.49
N GLN H 390 50.88 -17.92 -68.76
CA GLN H 390 51.98 -17.63 -67.84
C GLN H 390 51.49 -16.97 -66.54
N ASN H 391 50.50 -16.09 -66.68
CA ASN H 391 49.81 -15.48 -65.52
C ASN H 391 49.30 -16.50 -64.48
N ARG H 392 48.68 -17.58 -64.96
CA ARG H 392 48.20 -18.68 -64.10
C ARG H 392 49.35 -19.47 -63.48
N ILE H 393 50.41 -19.74 -64.26
CA ILE H 393 51.63 -20.37 -63.74
C ILE H 393 52.22 -19.54 -62.61
N ASP H 394 52.36 -18.24 -62.86
CA ASP H 394 52.83 -17.29 -61.83
C ASP H 394 52.01 -17.37 -60.55
N TYR H 395 50.69 -17.32 -60.69
CA TYR H 395 49.76 -17.42 -59.55
C TYR H 395 49.96 -18.70 -58.74
N VAL H 396 49.96 -19.84 -59.43
CA VAL H 396 50.15 -21.15 -58.79
C VAL H 396 51.53 -21.31 -58.14
N ALA H 397 52.56 -20.79 -58.80
CA ALA H 397 53.94 -20.85 -58.30
C ALA H 397 54.13 -20.10 -56.99
N GLN H 398 53.56 -18.90 -56.89
CA GLN H 398 53.64 -18.09 -55.67
C GLN H 398 52.97 -18.75 -54.45
N HIS H 399 51.91 -19.52 -54.71
CA HIS H 399 51.18 -20.22 -53.65
C HIS H 399 51.81 -21.57 -53.29
N LEU H 400 52.41 -22.24 -54.26
CA LEU H 400 53.22 -23.43 -53.98
C LEU H 400 54.48 -23.07 -53.19
N GLN H 401 55.13 -21.97 -53.57
CA GLN H 401 56.26 -21.42 -52.80
C GLN H 401 55.84 -21.08 -51.37
N ALA H 402 54.68 -20.46 -51.22
CA ALA H 402 54.12 -20.14 -49.89
C ALA H 402 53.90 -21.40 -49.06
N VAL H 403 53.33 -22.43 -49.68
CA VAL H 403 53.14 -23.75 -49.05
C VAL H 403 54.46 -24.38 -48.59
N SER H 404 55.48 -24.33 -49.45
CA SER H 404 56.82 -24.85 -49.12
C SER H 404 57.46 -24.10 -47.95
N ASP H 405 57.38 -22.78 -47.95
CA ASP H 405 57.89 -21.93 -46.87
C ASP H 405 57.18 -22.20 -45.53
N LEU H 406 55.86 -22.35 -45.60
CA LEU H 406 55.05 -22.68 -44.42
C LEU H 406 55.39 -24.06 -43.84
N ASN H 407 55.63 -25.03 -44.72
CA ASN H 407 56.08 -26.36 -44.28
C ASN H 407 57.45 -26.37 -43.61
N ASP H 408 58.34 -25.46 -44.02
CA ASP H 408 59.65 -25.25 -43.34
C ASP H 408 59.47 -24.75 -41.90
N GLU H 409 58.44 -23.92 -41.68
CA GLU H 409 58.09 -23.42 -40.34
C GLU H 409 57.40 -24.45 -39.44
N GLY H 410 56.93 -25.56 -40.02
CA GLY H 410 56.24 -26.63 -39.29
C GLY H 410 54.73 -26.53 -39.32
N MET H 411 54.17 -25.89 -40.36
CA MET H 411 52.73 -25.66 -40.48
C MET H 411 51.95 -26.84 -41.06
N ASN H 412 52.65 -27.87 -41.52
CA ASN H 412 52.04 -29.15 -41.89
C ASN H 412 50.87 -29.04 -42.89
N ILE H 413 51.16 -28.51 -44.07
CA ILE H 413 50.25 -28.59 -45.22
C ILE H 413 50.61 -29.87 -45.97
N ALA H 414 49.76 -30.88 -45.85
CA ALA H 414 50.02 -32.22 -46.36
C ALA H 414 49.63 -32.46 -47.82
N GLY H 415 49.05 -31.45 -48.47
CA GLY H 415 48.69 -31.58 -49.87
C GLY H 415 48.15 -30.34 -50.52
N TYR H 416 48.23 -30.32 -51.86
CA TYR H 416 47.77 -29.20 -52.68
C TYR H 416 47.01 -29.72 -53.88
N TYR H 417 45.72 -29.36 -53.98
CA TYR H 417 44.93 -29.65 -55.18
C TYR H 417 44.78 -28.36 -55.99
N LEU H 418 45.12 -28.43 -57.27
CA LEU H 418 45.01 -27.31 -58.18
C LEU H 418 43.60 -27.26 -58.74
N TRP H 419 42.89 -26.17 -58.45
CA TRP H 419 41.59 -25.91 -59.06
C TRP H 419 41.79 -25.13 -60.37
N SER H 420 41.33 -25.60 -61.53
CA SER H 420 40.62 -26.86 -61.74
C SER H 420 41.32 -27.65 -62.83
N LEU H 421 40.97 -28.92 -62.97
CA LEU H 421 41.48 -29.78 -64.03
C LEU H 421 41.09 -29.20 -65.40
N LEU H 422 39.78 -28.99 -65.59
CA LEU H 422 39.21 -28.52 -66.85
C LEU H 422 38.61 -27.14 -66.71
N ASP H 423 38.60 -26.40 -67.82
CA ASP H 423 37.73 -25.22 -67.97
C ASP H 423 36.30 -25.72 -67.87
N ASN H 424 35.53 -25.12 -66.98
CA ASN H 424 34.21 -25.64 -66.61
C ASN H 424 33.15 -24.56 -66.44
N PHE H 425 31.92 -25.00 -66.14
CA PHE H 425 30.81 -24.10 -65.83
C PHE H 425 31.07 -23.38 -64.49
N GLU H 426 31.41 -22.09 -64.56
CA GLU H 426 31.83 -21.32 -63.38
C GLU H 426 30.67 -20.60 -62.66
N TRP H 427 29.65 -21.37 -62.32
CA TRP H 427 28.55 -20.92 -61.46
C TRP H 427 27.80 -19.70 -62.04
N SER H 428 27.72 -18.58 -61.31
CA SER H 428 27.01 -17.39 -61.81
C SER H 428 27.68 -16.71 -63.02
N PHE H 429 28.99 -16.93 -63.16
CA PHE H 429 29.75 -16.43 -64.33
C PHE H 429 29.63 -17.30 -65.60
N GLY H 430 29.10 -18.51 -65.46
CA GLY H 430 28.91 -19.40 -66.60
C GLY H 430 30.23 -19.90 -67.18
N TYR H 431 30.32 -19.91 -68.51
CA TYR H 431 31.56 -20.23 -69.24
C TYR H 431 32.36 -18.99 -69.67
N ASP H 432 32.04 -17.83 -69.09
CA ASP H 432 32.77 -16.59 -69.32
C ASP H 432 34.14 -16.56 -68.62
N LYS H 433 34.31 -17.40 -67.61
CA LYS H 433 35.57 -17.50 -66.86
C LYS H 433 36.16 -18.91 -66.96
N ARG H 434 37.49 -18.96 -67.03
CA ARG H 434 38.24 -20.19 -67.28
C ARG H 434 39.27 -20.40 -66.16
N PHE H 435 38.97 -21.35 -65.27
CA PHE H 435 39.87 -21.72 -64.16
C PHE H 435 40.78 -22.90 -64.48
N GLY H 436 40.52 -23.59 -65.58
CA GLY H 436 41.18 -24.87 -65.88
C GLY H 436 42.66 -24.76 -66.17
N ILE H 437 43.38 -25.86 -65.92
CA ILE H 437 44.73 -26.05 -66.47
C ILE H 437 44.68 -26.72 -67.85
N ILE H 438 43.58 -27.41 -68.14
CA ILE H 438 43.30 -27.93 -69.48
C ILE H 438 42.18 -27.10 -70.10
N TYR H 439 42.46 -26.56 -71.29
CA TYR H 439 41.48 -25.78 -72.06
C TYR H 439 40.39 -26.71 -72.61
N VAL H 440 39.15 -26.21 -72.63
CA VAL H 440 38.01 -26.95 -73.19
C VAL H 440 37.28 -26.05 -74.19
N ASP H 441 37.32 -26.46 -75.46
CA ASP H 441 36.47 -25.85 -76.49
C ASP H 441 35.09 -26.46 -76.29
N PHE H 442 34.16 -25.68 -75.76
CA PHE H 442 32.84 -26.20 -75.38
C PHE H 442 31.92 -26.56 -76.54
N ASP H 443 32.19 -26.00 -77.72
CA ASP H 443 31.48 -26.38 -78.94
C ASP H 443 31.86 -27.81 -79.39
N THR H 444 33.16 -28.09 -79.46
CA THR H 444 33.69 -29.40 -79.91
C THR H 444 34.07 -30.36 -78.78
N GLN H 445 34.07 -29.87 -77.53
CA GLN H 445 34.51 -30.64 -76.35
C GLN H 445 35.96 -31.15 -76.44
N GLU H 446 36.81 -30.44 -77.18
CA GLU H 446 38.21 -30.81 -77.37
C GLU H 446 39.02 -30.35 -76.17
N ARG H 447 39.76 -31.27 -75.56
CA ARG H 447 40.70 -30.94 -74.49
C ARG H 447 42.07 -30.58 -75.07
N ILE H 448 42.53 -29.36 -74.76
CA ILE H 448 43.87 -28.90 -75.15
C ILE H 448 44.61 -28.48 -73.87
N TRP H 449 45.76 -29.09 -73.63
CA TRP H 449 46.62 -28.72 -72.51
C TRP H 449 47.12 -27.29 -72.63
N LYS H 450 46.90 -26.49 -71.59
CA LYS H 450 47.47 -25.16 -71.48
C LYS H 450 48.92 -25.31 -71.02
N ASP H 451 49.67 -24.21 -71.09
CA ASP H 451 51.05 -24.18 -70.59
C ASP H 451 51.14 -24.53 -69.09
N SER H 452 50.13 -24.12 -68.32
CA SER H 452 50.10 -24.39 -66.88
C SER H 452 49.93 -25.87 -66.52
N ALA H 453 49.26 -26.63 -67.39
CA ALA H 453 49.14 -28.09 -67.24
C ALA H 453 50.46 -28.82 -67.41
N HIS H 454 51.17 -28.52 -68.51
CA HIS H 454 52.53 -29.03 -68.75
C HIS H 454 53.47 -28.67 -67.60
N TRP H 455 53.48 -27.37 -67.25
CA TRP H 455 54.24 -26.87 -66.11
C TRP H 455 53.92 -27.61 -64.81
N TYR H 456 52.63 -27.82 -64.54
CA TYR H 456 52.20 -28.50 -63.30
C TYR H 456 52.53 -30.00 -63.30
N ALA H 457 52.40 -30.63 -64.46
CA ALA H 457 52.88 -32.01 -64.65
C ALA H 457 54.39 -32.15 -64.37
N ASN H 458 55.17 -31.16 -64.81
CA ASN H 458 56.62 -31.16 -64.63
C ASN H 458 57.11 -30.80 -63.22
N VAL H 459 56.36 -29.98 -62.52
CA VAL H 459 56.62 -29.69 -61.09
C VAL H 459 56.48 -30.97 -60.27
N ILE H 460 55.43 -31.73 -60.56
CA ILE H 460 55.17 -33.02 -59.92
C ILE H 460 56.27 -34.03 -60.25
N GLN H 461 56.67 -34.09 -61.51
CA GLN H 461 57.78 -34.94 -61.98
C GLN H 461 59.08 -34.62 -61.23
N THR H 462 59.43 -33.33 -61.21
CA THR H 462 60.63 -32.84 -60.52
C THR H 462 60.61 -33.14 -59.02
N HIS H 463 59.42 -33.07 -58.41
CA HIS H 463 59.25 -33.49 -57.02
C HIS H 463 59.49 -35.00 -56.87
N LYS H 464 58.89 -35.80 -57.75
CA LYS H 464 59.08 -37.27 -57.75
C LYS H 464 60.54 -37.70 -57.92
N ALA H 465 61.26 -37.02 -58.81
CA ALA H 465 62.69 -37.30 -59.06
C ALA H 465 63.60 -36.98 -57.86
N ALA H 466 63.17 -36.05 -57.02
CA ALA H 466 63.86 -35.72 -55.76
C ALA H 466 63.73 -36.81 -54.69
N LEU H 467 62.71 -37.66 -54.80
CA LEU H 467 62.44 -38.68 -53.79
C LEU H 467 63.36 -39.90 -53.93
N PRO H 468 63.92 -40.38 -52.79
CA PRO H 468 64.75 -41.58 -52.81
C PRO H 468 63.94 -42.87 -53.03
S SO4 I . 5.15 30.08 20.45
O1 SO4 I . 3.76 30.58 20.52
O2 SO4 I . 5.96 30.74 21.51
O3 SO4 I . 5.16 28.62 20.67
O4 SO4 I . 5.72 30.39 19.12
S SO4 J . -23.46 -27.22 59.25
O1 SO4 J . -23.90 -28.00 60.43
O2 SO4 J . -23.04 -25.87 59.67
O3 SO4 J . -22.31 -27.90 58.61
O4 SO4 J . -24.59 -27.12 58.29
S SO4 K . -30.28 36.99 49.18
O1 SO4 K . -30.94 36.12 50.17
O2 SO4 K . -30.53 38.40 49.54
O3 SO4 K . -28.82 36.73 49.17
O4 SO4 K . -30.83 36.71 47.83
S SO4 L . -7.66 17.17 -15.05
O1 SO4 L . -8.72 17.93 -14.34
O2 SO4 L . -7.90 15.71 -14.87
O3 SO4 L . -6.34 17.52 -14.52
O4 SO4 L . -7.71 17.50 -16.49
S SO4 M . 51.18 -6.58 -55.15
O1 SO4 M . 50.84 -5.20 -54.70
O2 SO4 M . 51.72 -7.33 -53.98
O3 SO4 M . 52.19 -6.52 -56.22
O4 SO4 M . 49.96 -7.26 -55.65
#